data_2MPF
#
_entry.id   2MPF
#
_entity_poly.entity_id   1
_entity_poly.type   'polypeptide(L)'
_entity_poly.pdbx_seq_one_letter_code
;GPSSPMELNGPLREEIVNFNCRKLVASMPLFANADPNFVTAMLTKLKFEVFQPGDYIIREGTIGKKMYFIQHGVVSVLTK
GNKEMKLSDGSYFGEICLLTRGRRTASVRADTYCRLYSLSVDNFNEVLEEYPMMRRAFETVAIDRLDRIGKKNSILLH
;
_entity_poly.pdbx_strand_id   A
#
# COMPACT_ATOMS: atom_id res chain seq x y z
N ASN A 20 11.97 12.50 -8.87
CA ASN A 20 10.78 11.87 -8.27
C ASN A 20 10.95 10.37 -7.92
N CYS A 21 9.97 9.81 -7.22
CA CYS A 21 9.96 8.48 -6.60
C CYS A 21 9.82 7.28 -7.56
N ARG A 22 10.47 7.34 -8.74
CA ARG A 22 10.46 6.32 -9.81
C ARG A 22 10.77 4.91 -9.29
N LYS A 23 11.89 4.74 -8.59
CA LYS A 23 12.31 3.48 -7.99
C LYS A 23 11.53 3.11 -6.72
N LEU A 24 10.97 4.08 -5.99
CA LEU A 24 10.40 3.84 -4.67
C LEU A 24 9.00 3.24 -4.74
N VAL A 25 8.16 3.72 -5.67
CA VAL A 25 6.88 3.04 -5.99
C VAL A 25 7.16 1.71 -6.71
N ALA A 26 8.20 1.64 -7.55
CA ALA A 26 8.65 0.41 -8.19
C ALA A 26 9.32 -0.60 -7.22
N SER A 27 9.60 -0.22 -5.98
CA SER A 27 10.18 -1.10 -4.96
C SER A 27 9.12 -2.01 -4.32
N MET A 28 7.85 -1.68 -4.52
CA MET A 28 6.68 -2.39 -4.01
C MET A 28 6.57 -3.77 -4.68
N PRO A 29 6.25 -4.87 -3.95
CA PRO A 29 6.32 -6.23 -4.52
C PRO A 29 5.27 -6.50 -5.61
N LEU A 30 4.14 -5.77 -5.63
CA LEU A 30 3.13 -5.82 -6.68
C LEU A 30 3.59 -5.14 -7.98
N PHE A 31 4.45 -4.12 -7.88
CA PHE A 31 4.89 -3.30 -9.02
C PHE A 31 6.02 -3.97 -9.83
N ALA A 32 6.50 -5.13 -9.38
CA ALA A 32 7.53 -5.97 -10.00
C ALA A 32 7.27 -6.29 -11.48
N ASN A 33 5.98 -6.34 -11.81
CA ASN A 33 5.37 -6.82 -13.03
C ASN A 33 4.59 -5.70 -13.76
N ALA A 34 4.67 -4.47 -13.23
CA ALA A 34 3.91 -3.30 -13.71
C ALA A 34 4.36 -2.75 -15.07
N ASP A 35 3.43 -2.08 -15.77
CA ASP A 35 3.70 -1.25 -16.95
C ASP A 35 4.43 0.07 -16.55
N PRO A 36 5.63 0.38 -17.08
CA PRO A 36 6.46 1.53 -16.67
C PRO A 36 5.80 2.90 -16.84
N ASN A 37 4.70 2.99 -17.61
CA ASN A 37 3.94 4.23 -17.78
C ASN A 37 2.91 4.40 -16.66
N PHE A 38 2.25 3.31 -16.24
CA PHE A 38 1.30 3.29 -15.13
C PHE A 38 1.98 3.70 -13.82
N VAL A 39 3.13 3.09 -13.52
CA VAL A 39 3.88 3.35 -12.28
C VAL A 39 4.34 4.80 -12.18
N THR A 40 4.64 5.40 -13.34
CA THR A 40 5.12 6.77 -13.51
C THR A 40 4.00 7.81 -13.47
N ALA A 41 2.84 7.52 -14.07
CA ALA A 41 1.71 8.46 -14.10
C ALA A 41 1.12 8.69 -12.70
N MET A 42 1.41 7.78 -11.77
CA MET A 42 1.03 7.85 -10.36
C MET A 42 1.84 8.89 -9.57
N LEU A 43 3.07 9.21 -9.99
CA LEU A 43 4.03 9.99 -9.20
C LEU A 43 3.71 11.50 -9.14
N THR A 44 2.87 12.01 -10.04
CA THR A 44 2.63 13.46 -10.24
C THR A 44 2.07 14.24 -9.04
N LYS A 45 1.32 13.60 -8.13
CA LYS A 45 0.70 14.23 -6.95
C LYS A 45 1.09 13.62 -5.60
N LEU A 46 2.20 12.90 -5.51
CA LEU A 46 2.68 12.29 -4.27
C LEU A 46 3.00 13.33 -3.18
N LYS A 47 3.00 12.89 -1.92
CA LYS A 47 3.37 13.68 -0.73
C LYS A 47 4.41 12.98 0.15
N PHE A 48 5.31 13.76 0.74
CA PHE A 48 6.39 13.32 1.64
C PHE A 48 6.06 13.64 3.11
N GLU A 49 6.41 12.77 4.06
CA GLU A 49 6.29 13.07 5.48
C GLU A 49 7.29 12.31 6.37
N VAL A 50 7.77 12.96 7.44
CA VAL A 50 8.69 12.42 8.43
C VAL A 50 8.00 12.10 9.76
N PHE A 51 8.45 11.04 10.42
CA PHE A 51 8.10 10.70 11.81
C PHE A 51 9.37 10.55 12.66
N GLN A 52 9.26 10.71 13.98
CA GLN A 52 10.35 10.57 14.96
C GLN A 52 10.23 9.21 15.71
N PRO A 53 11.27 8.72 16.41
CA PRO A 53 11.25 7.37 16.99
C PRO A 53 10.12 7.12 18.00
N GLY A 54 9.45 5.98 17.89
CA GLY A 54 8.38 5.50 18.76
C GLY A 54 6.99 5.91 18.29
N ASP A 55 6.88 6.78 17.30
CA ASP A 55 5.61 7.39 16.91
C ASP A 55 4.82 6.47 15.95
N TYR A 56 3.58 6.15 16.30
CA TYR A 56 2.68 5.32 15.47
C TYR A 56 2.31 6.04 14.17
N ILE A 57 2.72 5.45 13.04
CA ILE A 57 2.56 6.04 11.71
C ILE A 57 1.18 5.70 11.08
N ILE A 58 0.60 4.56 11.46
CA ILE A 58 -0.63 3.99 10.89
C ILE A 58 -1.47 3.34 11.99
N ARG A 59 -2.70 3.82 12.20
CA ARG A 59 -3.81 3.14 12.90
C ARG A 59 -5.16 3.54 12.28
N GLU A 60 -6.12 2.62 12.27
CA GLU A 60 -7.44 2.83 11.67
C GLU A 60 -8.54 3.35 12.60
N GLY A 61 -9.56 3.94 11.98
CA GLY A 61 -10.77 4.46 12.63
C GLY A 61 -11.84 4.99 11.64
N THR A 62 -11.53 5.09 10.34
CA THR A 62 -12.44 5.58 9.29
C THR A 62 -12.16 4.91 7.93
N ILE A 63 -13.05 5.12 6.97
CA ILE A 63 -13.10 4.36 5.72
C ILE A 63 -12.28 5.07 4.61
N GLY A 64 -11.39 4.34 3.95
CA GLY A 64 -10.68 4.80 2.73
C GLY A 64 -9.27 5.34 2.96
N LYS A 65 -8.59 4.90 4.02
CA LYS A 65 -7.21 5.34 4.37
C LYS A 65 -6.21 5.08 3.23
N LYS A 66 -5.08 5.77 3.26
CA LYS A 66 -4.07 5.88 2.19
C LYS A 66 -3.08 4.71 2.15
N MET A 67 -2.24 4.67 1.11
CA MET A 67 -0.98 3.90 1.16
C MET A 67 0.16 4.74 1.74
N TYR A 68 1.14 4.11 2.39
CA TYR A 68 2.32 4.76 2.96
C TYR A 68 3.56 3.89 2.70
N PHE A 69 4.71 4.49 2.40
CA PHE A 69 5.87 3.72 1.92
C PHE A 69 7.21 4.38 2.30
N ILE A 70 8.23 3.56 2.55
CA ILE A 70 9.44 3.94 3.32
C ILE A 70 10.56 4.47 2.41
N GLN A 71 10.85 5.78 2.44
CA GLN A 71 11.86 6.39 1.57
C GLN A 71 13.28 6.25 2.16
N HIS A 72 13.42 6.41 3.47
CA HIS A 72 14.64 6.13 4.23
C HIS A 72 14.33 6.01 5.73
N GLY A 73 14.60 4.84 6.32
CA GLY A 73 14.40 4.60 7.75
C GLY A 73 13.94 3.17 7.99
N VAL A 74 13.54 2.90 9.23
CA VAL A 74 13.08 1.60 9.71
C VAL A 74 11.81 1.82 10.53
N VAL A 75 10.92 0.82 10.55
CA VAL A 75 9.75 0.75 11.43
C VAL A 75 9.82 -0.51 12.30
N SER A 76 9.21 -0.45 13.47
CA SER A 76 8.91 -1.59 14.34
C SER A 76 7.40 -1.72 14.42
N VAL A 77 6.93 -2.92 14.07
CA VAL A 77 5.73 -3.15 13.29
C VAL A 77 5.05 -4.39 13.85
N LEU A 78 3.74 -4.52 13.72
CA LEU A 78 3.05 -5.78 14.01
C LEU A 78 2.30 -6.23 12.77
N THR A 79 2.43 -7.50 12.35
CA THR A 79 1.33 -8.10 11.55
C THR A 79 0.33 -8.89 12.42
N LYS A 80 -0.95 -8.55 12.33
CA LYS A 80 -2.03 -9.01 13.24
C LYS A 80 -2.18 -10.54 13.31
N GLY A 81 -1.96 -11.25 12.20
CA GLY A 81 -1.92 -12.72 12.14
C GLY A 81 -0.71 -13.36 12.80
N ASN A 82 0.32 -12.56 13.06
CA ASN A 82 1.70 -12.98 13.01
C ASN A 82 2.50 -12.32 14.14
N LYS A 83 3.74 -11.90 13.84
CA LYS A 83 4.72 -11.43 14.80
C LYS A 83 4.88 -9.92 14.85
N GLU A 84 5.51 -9.47 15.92
CA GLU A 84 6.23 -8.20 15.90
C GLU A 84 7.45 -8.34 14.96
N MET A 85 7.59 -7.40 14.03
CA MET A 85 8.68 -7.32 13.05
C MET A 85 9.40 -5.98 13.17
N LYS A 86 10.46 -5.83 12.38
CA LYS A 86 10.84 -4.62 11.68
C LYS A 86 10.55 -4.68 10.18
N LEU A 87 10.40 -3.49 9.61
CA LEU A 87 10.40 -3.22 8.15
C LEU A 87 11.41 -2.09 7.82
N SER A 88 12.04 -2.15 6.65
CA SER A 88 13.17 -1.29 6.24
C SER A 88 12.98 -0.60 4.88
N ASP A 89 13.79 0.43 4.59
CA ASP A 89 13.61 1.33 3.42
C ASP A 89 13.41 0.63 2.07
N GLY A 90 12.58 1.23 1.21
CA GLY A 90 12.06 0.64 -0.03
C GLY A 90 10.75 -0.15 0.16
N SER A 91 10.48 -0.61 1.38
CA SER A 91 9.23 -1.30 1.76
C SER A 91 8.00 -0.39 1.75
N TYR A 92 6.83 -1.00 1.83
CA TYR A 92 5.51 -0.39 1.83
C TYR A 92 4.61 -1.01 2.91
N PHE A 93 3.65 -0.23 3.45
CA PHE A 93 2.66 -0.69 4.42
C PHE A 93 1.33 0.11 4.39
N GLY A 94 0.37 -0.31 5.21
CA GLY A 94 -1.05 0.04 5.13
C GLY A 94 -1.76 -0.94 4.19
N GLU A 95 -2.57 -1.85 4.75
CA GLU A 95 -3.10 -3.03 4.04
C GLU A 95 -4.50 -2.79 3.43
N ILE A 96 -4.87 -1.53 3.21
CA ILE A 96 -6.13 -1.12 2.59
C ILE A 96 -6.11 -1.54 1.11
N CYS A 97 -6.94 -2.51 0.73
CA CYS A 97 -7.17 -2.79 -0.68
C CYS A 97 -7.92 -1.60 -1.33
N LEU A 98 -7.46 -1.17 -2.50
CA LEU A 98 -8.10 -0.13 -3.33
C LEU A 98 -9.59 -0.38 -3.58
N LEU A 99 -10.01 -1.65 -3.65
CA LEU A 99 -11.39 -2.09 -3.89
C LEU A 99 -12.15 -2.46 -2.61
N THR A 100 -11.51 -2.31 -1.45
CA THR A 100 -12.11 -2.64 -0.15
C THR A 100 -13.34 -1.79 0.15
N ARG A 101 -14.16 -2.30 1.07
CA ARG A 101 -15.22 -1.57 1.78
C ARG A 101 -14.85 -1.49 3.27
N GLY A 102 -15.20 -0.41 3.94
CA GLY A 102 -14.98 -0.25 5.38
C GLY A 102 -13.52 -0.04 5.81
N ARG A 103 -13.31 0.19 7.12
CA ARG A 103 -11.99 0.30 7.78
C ARG A 103 -11.24 -1.05 7.89
N ARG A 104 -9.94 -0.97 8.13
CA ARG A 104 -8.92 -2.06 8.08
C ARG A 104 -8.23 -2.24 9.44
N THR A 105 -7.33 -3.22 9.58
CA THR A 105 -6.42 -3.32 10.75
C THR A 105 -4.94 -3.39 10.32
N ALA A 106 -4.13 -2.48 10.86
CA ALA A 106 -2.69 -2.59 11.06
C ALA A 106 -2.24 -1.80 12.30
N SER A 107 -1.04 -2.09 12.81
CA SER A 107 -0.42 -1.34 13.90
C SER A 107 1.11 -1.30 13.72
N VAL A 108 1.67 -0.11 13.48
CA VAL A 108 3.11 0.07 13.26
C VAL A 108 3.59 1.47 13.65
N ARG A 109 4.81 1.56 14.21
CA ARG A 109 5.49 2.79 14.61
C ARG A 109 6.87 2.95 13.98
N ALA A 110 7.34 4.20 13.93
CA ALA A 110 8.67 4.55 13.48
C ALA A 110 9.73 3.98 14.44
N ASP A 111 10.69 3.19 13.94
CA ASP A 111 11.81 2.71 14.77
C ASP A 111 12.76 3.86 15.12
N THR A 112 12.81 4.82 14.21
CA THR A 112 13.84 5.84 14.09
C THR A 112 13.20 7.13 13.56
N TYR A 113 13.96 8.21 13.41
CA TYR A 113 13.54 9.36 12.62
C TYR A 113 13.44 8.90 11.15
N CYS A 114 12.22 8.59 10.69
CA CYS A 114 11.96 7.89 9.42
C CYS A 114 11.36 8.84 8.37
N ARG A 115 11.92 8.83 7.16
CA ARG A 115 11.45 9.56 5.96
C ARG A 115 10.48 8.64 5.20
N LEU A 116 9.20 8.98 5.21
CA LEU A 116 8.13 8.21 4.54
C LEU A 116 7.48 9.04 3.40
N TYR A 117 6.71 8.38 2.57
CA TYR A 117 5.93 8.95 1.46
C TYR A 117 4.51 8.38 1.47
N SER A 118 3.53 9.11 0.94
CA SER A 118 2.13 8.67 0.90
C SER A 118 1.35 9.16 -0.32
N LEU A 119 0.37 8.36 -0.73
CA LEU A 119 -0.62 8.65 -1.76
C LEU A 119 -1.99 8.13 -1.30
N SER A 120 -3.02 8.95 -1.45
CA SER A 120 -4.40 8.52 -1.21
C SER A 120 -4.83 7.40 -2.14
N VAL A 121 -5.50 6.39 -1.57
CA VAL A 121 -5.88 5.17 -2.30
C VAL A 121 -6.73 5.51 -3.52
N ASP A 122 -7.62 6.47 -3.38
CA ASP A 122 -8.57 6.76 -4.44
C ASP A 122 -7.91 7.36 -5.69
N ASN A 123 -6.77 8.04 -5.53
CA ASN A 123 -5.98 8.62 -6.61
C ASN A 123 -5.05 7.61 -7.31
N PHE A 124 -4.77 6.47 -6.69
CA PHE A 124 -4.26 5.25 -7.33
C PHE A 124 -5.39 4.56 -8.11
N ASN A 125 -6.62 4.49 -7.56
CA ASN A 125 -7.81 4.03 -8.32
C ASN A 125 -8.12 4.94 -9.54
N GLU A 126 -7.76 6.22 -9.53
CA GLU A 126 -7.91 7.14 -10.67
C GLU A 126 -6.96 6.79 -11.83
N VAL A 127 -5.69 6.57 -11.53
CA VAL A 127 -4.64 6.26 -12.52
C VAL A 127 -4.74 4.84 -13.06
N LEU A 128 -5.26 3.90 -12.28
CA LEU A 128 -5.58 2.55 -12.78
C LEU A 128 -6.46 2.58 -14.05
N GLU A 129 -7.42 3.49 -14.13
CA GLU A 129 -8.33 3.62 -15.28
C GLU A 129 -7.64 4.06 -16.58
N GLU A 130 -6.46 4.69 -16.53
CA GLU A 130 -5.64 5.02 -17.70
C GLU A 130 -4.93 3.80 -18.32
N TYR A 131 -4.83 2.71 -17.54
CA TYR A 131 -4.11 1.48 -17.85
C TYR A 131 -4.98 0.24 -17.57
N PRO A 132 -6.07 0.02 -18.35
CA PRO A 132 -7.09 -1.00 -18.11
C PRO A 132 -6.55 -2.44 -17.98
N MET A 133 -5.38 -2.77 -18.52
CA MET A 133 -4.70 -4.05 -18.27
C MET A 133 -4.39 -4.22 -16.77
N MET A 134 -3.83 -3.19 -16.14
CA MET A 134 -3.54 -3.19 -14.71
C MET A 134 -4.83 -3.13 -13.88
N ARG A 135 -5.90 -2.48 -14.38
CA ARG A 135 -7.18 -2.37 -13.66
C ARG A 135 -7.82 -3.74 -13.41
N ARG A 136 -7.86 -4.63 -14.42
CA ARG A 136 -8.34 -6.02 -14.24
C ARG A 136 -7.44 -6.88 -13.34
N ALA A 137 -6.13 -6.68 -13.42
CA ALA A 137 -5.15 -7.31 -12.52
C ALA A 137 -5.38 -6.99 -11.03
N PHE A 138 -6.12 -5.91 -10.73
CA PHE A 138 -6.64 -5.57 -9.40
C PHE A 138 -8.05 -6.16 -9.10
N GLU A 139 -8.94 -6.25 -10.09
CA GLU A 139 -10.29 -6.85 -9.92
C GLU A 139 -10.26 -8.37 -9.61
N THR A 140 -9.12 -9.04 -9.78
CA THR A 140 -8.91 -10.46 -9.44
C THR A 140 -8.41 -10.67 -8.01
N VAL A 141 -7.34 -9.98 -7.60
CA VAL A 141 -6.75 -9.98 -6.24
C VAL A 141 -7.73 -9.45 -5.18
N ALA A 142 -8.66 -8.60 -5.62
CA ALA A 142 -9.86 -8.18 -4.87
C ALA A 142 -10.73 -9.36 -4.33
N ILE A 143 -10.50 -10.61 -4.76
CA ILE A 143 -10.97 -11.81 -4.04
C ILE A 143 -9.96 -12.97 -4.00
N ASP A 144 -9.05 -13.10 -4.98
CA ASP A 144 -8.11 -14.23 -5.13
C ASP A 144 -7.04 -14.34 -4.02
N ARG A 145 -6.79 -13.25 -3.28
CA ARG A 145 -5.69 -13.11 -2.32
C ARG A 145 -5.80 -13.91 -1.02
N LEU A 146 -6.97 -14.50 -0.71
CA LEU A 146 -7.31 -14.98 0.65
C LEU A 146 -6.28 -15.92 1.26
N ASP A 147 -5.85 -16.98 0.55
CA ASP A 147 -4.85 -17.94 1.05
C ASP A 147 -3.43 -17.72 0.52
N ARG A 148 -3.18 -16.57 -0.13
CA ARG A 148 -1.91 -16.25 -0.80
C ARG A 148 -0.84 -15.68 0.14
N ILE A 149 -1.14 -15.65 1.45
CA ILE A 149 -0.56 -14.86 2.53
C ILE A 149 0.94 -14.55 2.46
N GLY A 150 1.24 -13.44 1.80
CA GLY A 150 2.53 -12.74 1.81
C GLY A 150 3.69 -13.53 1.20
N LYS A 151 3.41 -14.56 0.40
CA LYS A 151 4.45 -15.47 -0.11
C LYS A 151 5.33 -14.82 -1.19
N LYS A 152 6.60 -15.24 -1.28
CA LYS A 152 7.59 -14.72 -2.25
C LYS A 152 7.78 -15.70 -3.42
N ASN A 153 8.14 -15.20 -4.60
CA ASN A 153 8.31 -16.01 -5.82
C ASN A 153 9.41 -17.07 -5.66
N SER A 154 10.59 -16.64 -5.22
CA SER A 154 11.76 -17.48 -4.93
C SER A 154 12.27 -17.25 -3.51
N ILE A 155 12.88 -16.09 -3.26
CA ILE A 155 13.53 -15.67 -2.01
C ILE A 155 13.48 -14.14 -1.87
N LEU A 156 13.64 -13.62 -0.65
CA LEU A 156 13.73 -12.20 -0.34
C LEU A 156 15.22 -11.74 -0.33
N LEU A 157 15.90 -11.93 -1.47
CA LEU A 157 17.31 -11.56 -1.68
C LEU A 157 17.50 -10.82 -3.02
N HIS A 158 18.25 -9.72 -2.93
CA HIS A 158 18.60 -8.75 -3.98
C HIS A 158 18.90 -9.32 -5.37
N ASN A 20 10.99 11.80 -9.21
CA ASN A 20 10.31 11.29 -8.02
C ASN A 20 10.68 9.80 -7.80
N CYS A 21 10.34 9.20 -6.67
CA CYS A 21 10.79 7.88 -6.21
C CYS A 21 10.07 6.68 -6.90
N ARG A 22 9.86 6.73 -8.23
CA ARG A 22 9.14 5.69 -9.01
C ARG A 22 9.71 4.28 -8.81
N LYS A 23 11.01 4.15 -8.55
CA LYS A 23 11.70 2.89 -8.22
C LYS A 23 11.05 2.13 -7.06
N LEU A 24 10.47 2.82 -6.08
CA LEU A 24 9.87 2.21 -4.89
C LEU A 24 8.46 1.68 -5.20
N VAL A 25 7.60 2.48 -5.84
CA VAL A 25 6.25 2.04 -6.27
C VAL A 25 6.35 0.88 -7.28
N ALA A 26 7.32 0.93 -8.20
CA ALA A 26 7.60 -0.13 -9.17
C ALA A 26 8.15 -1.43 -8.55
N SER A 27 8.64 -1.38 -7.30
CA SER A 27 9.22 -2.50 -6.56
C SER A 27 8.21 -3.27 -5.70
N MET A 28 6.99 -2.75 -5.59
CA MET A 28 5.84 -3.39 -4.96
C MET A 28 5.41 -4.62 -5.80
N PRO A 29 5.19 -5.82 -5.23
CA PRO A 29 4.90 -7.04 -6.00
C PRO A 29 3.58 -7.00 -6.79
N LEU A 30 2.66 -6.09 -6.47
CA LEU A 30 1.42 -5.84 -7.22
C LEU A 30 1.65 -5.06 -8.54
N PHE A 31 2.79 -4.36 -8.65
CA PHE A 31 3.25 -3.55 -9.79
C PHE A 31 4.24 -4.31 -10.70
N ALA A 32 4.36 -5.62 -10.53
CA ALA A 32 5.31 -6.50 -11.24
C ALA A 32 5.18 -6.50 -12.77
N ASN A 33 3.97 -6.26 -13.27
CA ASN A 33 3.61 -6.16 -14.70
C ASN A 33 3.06 -4.78 -15.06
N ALA A 34 3.39 -3.79 -14.22
CA ALA A 34 3.03 -2.39 -14.45
C ALA A 34 3.66 -1.82 -15.74
N ASP A 35 3.01 -0.79 -16.30
CA ASP A 35 3.55 0.03 -17.38
C ASP A 35 4.38 1.21 -16.82
N PRO A 36 5.60 1.48 -17.30
CA PRO A 36 6.51 2.47 -16.69
C PRO A 36 6.00 3.93 -16.73
N ASN A 37 5.01 4.21 -17.56
CA ASN A 37 4.38 5.53 -17.72
C ASN A 37 3.19 5.66 -16.76
N PHE A 38 2.44 4.57 -16.56
CA PHE A 38 1.36 4.44 -15.58
C PHE A 38 1.89 4.63 -14.14
N VAL A 39 2.97 3.93 -13.77
CA VAL A 39 3.55 4.00 -12.42
C VAL A 39 4.10 5.40 -12.10
N THR A 40 4.52 6.11 -13.14
CA THR A 40 5.02 7.49 -13.10
C THR A 40 3.90 8.53 -13.04
N ALA A 41 2.85 8.39 -13.84
CA ALA A 41 1.71 9.32 -13.85
C ALA A 41 0.96 9.35 -12.50
N MET A 42 1.15 8.31 -11.68
CA MET A 42 0.64 8.18 -10.32
C MET A 42 1.32 9.11 -9.28
N LEU A 43 2.49 9.67 -9.61
CA LEU A 43 3.34 10.44 -8.69
C LEU A 43 3.11 11.97 -8.72
N THR A 44 2.33 12.45 -9.70
CA THR A 44 2.28 13.88 -10.10
C THR A 44 1.76 14.88 -9.05
N LYS A 45 1.03 14.42 -8.03
CA LYS A 45 0.64 15.21 -6.82
C LYS A 45 1.07 14.58 -5.48
N LEU A 46 1.94 13.58 -5.53
CA LEU A 46 2.23 12.66 -4.42
C LEU A 46 2.80 13.37 -3.18
N LYS A 47 2.56 12.81 -1.99
CA LYS A 47 2.91 13.40 -0.69
C LYS A 47 3.92 12.57 0.09
N PHE A 48 4.79 13.23 0.84
CA PHE A 48 5.79 12.60 1.73
C PHE A 48 5.62 13.01 3.19
N GLU A 49 5.97 12.12 4.13
CA GLU A 49 5.79 12.33 5.57
C GLU A 49 7.00 11.82 6.39
N VAL A 50 7.17 12.32 7.61
CA VAL A 50 8.25 11.96 8.54
C VAL A 50 7.71 11.72 9.95
N PHE A 51 8.28 10.73 10.62
CA PHE A 51 8.05 10.43 12.04
C PHE A 51 9.36 10.44 12.83
N GLN A 52 9.34 10.98 14.05
CA GLN A 52 10.48 10.99 15.00
C GLN A 52 10.58 9.65 15.76
N PRO A 53 11.71 9.36 16.45
CA PRO A 53 11.88 8.12 17.21
C PRO A 53 10.80 7.92 18.29
N GLY A 54 10.16 6.75 18.28
CA GLY A 54 9.15 6.30 19.25
C GLY A 54 7.71 6.52 18.76
N ASP A 55 7.50 7.28 17.68
CA ASP A 55 6.17 7.74 17.30
C ASP A 55 5.38 6.70 16.47
N TYR A 56 4.17 6.40 16.90
CA TYR A 56 3.21 5.57 16.16
C TYR A 56 2.89 6.18 14.78
N ILE A 57 3.12 5.41 13.71
CA ILE A 57 3.03 5.94 12.33
C ILE A 57 1.62 5.81 11.72
N ILE A 58 0.86 4.80 12.15
CA ILE A 58 -0.43 4.40 11.59
C ILE A 58 -1.46 4.18 12.71
N ARG A 59 -2.72 4.55 12.41
CA ARG A 59 -3.91 4.24 13.22
C ARG A 59 -5.09 3.81 12.35
N GLU A 60 -6.10 3.26 12.99
CA GLU A 60 -7.42 2.97 12.43
C GLU A 60 -8.35 4.20 12.60
N GLY A 61 -9.50 4.23 11.92
CA GLY A 61 -10.63 5.05 12.32
C GLY A 61 -11.71 5.28 11.27
N THR A 62 -11.50 4.90 10.00
CA THR A 62 -12.37 5.35 8.88
C THR A 62 -12.19 4.56 7.58
N ILE A 63 -13.20 4.68 6.72
CA ILE A 63 -13.16 4.45 5.27
C ILE A 63 -12.49 5.66 4.57
N GLY A 64 -12.01 5.48 3.33
CA GLY A 64 -11.33 6.53 2.58
C GLY A 64 -9.86 6.64 2.98
N LYS A 65 -9.15 5.51 3.02
CA LYS A 65 -7.83 5.35 3.66
C LYS A 65 -6.70 5.16 2.63
N LYS A 66 -5.47 5.57 2.98
CA LYS A 66 -4.28 5.57 2.10
C LYS A 66 -3.38 4.34 2.24
N MET A 67 -2.52 4.14 1.23
CA MET A 67 -1.30 3.32 1.34
C MET A 67 -0.12 4.19 1.82
N TYR A 68 0.83 3.58 2.53
CA TYR A 68 2.07 4.22 2.99
C TYR A 68 3.28 3.31 2.75
N PHE A 69 4.45 3.87 2.45
CA PHE A 69 5.66 3.07 2.20
C PHE A 69 6.95 3.75 2.68
N ILE A 70 7.96 2.95 3.05
CA ILE A 70 9.15 3.40 3.79
C ILE A 70 10.27 3.80 2.82
N GLN A 71 10.61 5.08 2.78
CA GLN A 71 11.60 5.62 1.85
C GLN A 71 13.01 5.56 2.45
N HIS A 72 13.16 5.99 3.72
CA HIS A 72 14.43 5.92 4.46
C HIS A 72 14.19 5.93 5.98
N GLY A 73 14.46 4.80 6.64
CA GLY A 73 14.47 4.65 8.08
C GLY A 73 14.06 3.23 8.48
N VAL A 74 13.68 3.07 9.75
CA VAL A 74 13.35 1.77 10.36
C VAL A 74 12.13 1.94 11.27
N VAL A 75 11.25 0.94 11.30
CA VAL A 75 10.06 0.90 12.15
C VAL A 75 10.05 -0.38 12.99
N SER A 76 9.53 -0.28 14.21
CA SER A 76 9.31 -1.39 15.14
C SER A 76 7.80 -1.59 15.25
N VAL A 77 7.40 -2.82 15.06
CA VAL A 77 6.17 -3.16 14.36
C VAL A 77 5.54 -4.36 15.07
N LEU A 78 4.22 -4.47 15.02
CA LEU A 78 3.53 -5.62 15.57
C LEU A 78 2.55 -6.15 14.53
N THR A 79 2.59 -7.45 14.20
CA THR A 79 1.48 -8.10 13.49
C THR A 79 0.43 -8.75 14.41
N LYS A 80 -0.86 -8.44 14.17
CA LYS A 80 -2.00 -9.10 14.83
C LYS A 80 -1.96 -10.62 14.65
N GLY A 81 -2.38 -11.37 15.68
CA GLY A 81 -2.15 -12.82 15.77
C GLY A 81 -0.75 -13.24 16.19
N ASN A 82 0.23 -12.37 15.94
CA ASN A 82 1.57 -12.79 15.57
C ASN A 82 2.61 -12.00 16.39
N LYS A 83 3.51 -11.28 15.71
CA LYS A 83 4.88 -11.01 16.16
C LYS A 83 5.08 -9.61 16.70
N GLU A 84 6.28 -9.44 17.23
CA GLU A 84 6.96 -8.16 17.31
C GLU A 84 8.22 -8.21 16.42
N MET A 85 8.27 -7.26 15.49
CA MET A 85 9.23 -7.18 14.38
C MET A 85 9.92 -5.82 14.30
N LYS A 86 10.88 -5.69 13.40
CA LYS A 86 11.17 -4.52 12.58
C LYS A 86 10.71 -4.67 11.13
N LEU A 87 10.56 -3.50 10.50
CA LEU A 87 10.52 -3.27 9.05
C LEU A 87 11.53 -2.16 8.69
N SER A 88 12.12 -2.22 7.49
CA SER A 88 13.15 -1.26 7.03
C SER A 88 12.80 -0.60 5.69
N ASP A 89 13.58 0.39 5.28
CA ASP A 89 13.37 1.10 4.01
C ASP A 89 13.25 0.15 2.80
N GLY A 90 12.33 0.49 1.90
CA GLY A 90 11.84 -0.39 0.83
C GLY A 90 10.62 -1.25 1.20
N SER A 91 10.26 -1.34 2.48
CA SER A 91 9.04 -2.01 2.95
C SER A 91 7.80 -1.11 2.81
N TYR A 92 6.61 -1.69 2.91
CA TYR A 92 5.34 -0.96 2.75
C TYR A 92 4.19 -1.57 3.56
N PHE A 93 3.18 -0.75 3.84
CA PHE A 93 2.05 -1.09 4.73
C PHE A 93 0.78 -0.23 4.48
N GLY A 94 -0.26 -0.46 5.29
CA GLY A 94 -1.50 0.32 5.36
C GLY A 94 -2.64 -0.14 4.44
N GLU A 95 -2.35 -0.69 3.26
CA GLU A 95 -3.33 -1.18 2.27
C GLU A 95 -2.85 -2.47 1.58
N ILE A 96 -3.80 -3.28 1.11
CA ILE A 96 -3.61 -4.61 0.55
C ILE A 96 -3.81 -4.60 -0.98
N CYS A 97 -4.83 -3.87 -1.46
CA CYS A 97 -5.19 -3.71 -2.87
C CYS A 97 -6.21 -2.55 -3.05
N LEU A 98 -6.32 -1.95 -4.23
CA LEU A 98 -7.42 -1.00 -4.54
C LEU A 98 -8.82 -1.66 -4.50
N LEU A 99 -8.87 -3.00 -4.48
CA LEU A 99 -10.09 -3.82 -4.43
C LEU A 99 -10.27 -4.58 -3.11
N THR A 100 -9.39 -4.32 -2.14
CA THR A 100 -9.75 -4.44 -0.71
C THR A 100 -10.33 -3.11 -0.24
N ARG A 101 -11.34 -3.15 0.61
CA ARG A 101 -12.16 -2.00 1.01
C ARG A 101 -12.56 -2.05 2.49
N GLY A 102 -13.19 -0.98 2.99
CA GLY A 102 -13.61 -0.87 4.37
C GLY A 102 -12.52 -0.32 5.30
N ARG A 103 -12.69 -0.55 6.61
CA ARG A 103 -11.71 -0.22 7.66
C ARG A 103 -10.35 -0.93 7.42
N ARG A 104 -9.25 -0.18 7.53
CA ARG A 104 -7.85 -0.61 7.27
C ARG A 104 -6.91 -0.19 8.40
N THR A 105 -5.95 -1.05 8.74
CA THR A 105 -5.34 -1.13 10.09
C THR A 105 -3.87 -1.57 10.02
N ALA A 106 -2.98 -1.00 10.85
CA ALA A 106 -1.66 -1.56 11.16
C ALA A 106 -1.12 -1.03 12.50
N SER A 107 -0.51 -1.91 13.31
CA SER A 107 0.01 -1.59 14.65
C SER A 107 1.53 -1.43 14.63
N VAL A 108 2.02 -0.22 14.36
CA VAL A 108 3.46 0.03 14.14
C VAL A 108 3.92 1.47 14.46
N ARG A 109 5.17 1.62 14.91
CA ARG A 109 5.83 2.88 15.28
C ARG A 109 7.24 3.01 14.70
N ALA A 110 7.75 4.23 14.60
CA ALA A 110 9.11 4.48 14.10
C ALA A 110 10.16 4.21 15.19
N ASP A 111 11.21 3.44 14.91
CA ASP A 111 12.29 3.17 15.88
C ASP A 111 13.31 4.32 15.97
N THR A 112 13.20 5.22 15.01
CA THR A 112 14.20 6.23 14.60
C THR A 112 13.48 7.32 13.78
N TYR A 113 14.15 8.40 13.42
CA TYR A 113 13.60 9.44 12.55
C TYR A 113 13.47 8.86 11.13
N CYS A 114 12.25 8.53 10.72
CA CYS A 114 11.94 7.77 9.50
C CYS A 114 11.16 8.61 8.48
N ARG A 115 11.61 8.57 7.22
CA ARG A 115 10.96 9.18 6.05
C ARG A 115 10.04 8.16 5.36
N LEU A 116 8.76 8.49 5.30
CA LEU A 116 7.71 7.74 4.60
C LEU A 116 7.22 8.51 3.36
N TYR A 117 6.46 7.82 2.52
CA TYR A 117 5.73 8.37 1.38
C TYR A 117 4.28 7.87 1.41
N SER A 118 3.32 8.74 1.08
CA SER A 118 1.88 8.53 1.32
C SER A 118 1.07 8.65 0.03
N LEU A 119 0.27 7.62 -0.32
CA LEU A 119 -0.43 7.53 -1.61
C LEU A 119 -1.91 7.15 -1.42
N SER A 120 -2.80 8.05 -1.79
CA SER A 120 -4.26 7.88 -1.71
C SER A 120 -4.83 7.06 -2.86
N VAL A 121 -5.72 6.10 -2.55
CA VAL A 121 -6.32 5.23 -3.56
C VAL A 121 -7.26 5.98 -4.50
N ASP A 122 -7.81 7.13 -4.09
CA ASP A 122 -8.62 7.99 -4.98
C ASP A 122 -7.84 8.48 -6.22
N ASN A 123 -6.54 8.76 -6.09
CA ASN A 123 -5.65 9.13 -7.20
C ASN A 123 -5.13 7.89 -7.95
N PHE A 124 -4.89 6.78 -7.25
CA PHE A 124 -4.48 5.49 -7.82
C PHE A 124 -5.57 4.89 -8.75
N ASN A 125 -6.81 4.74 -8.28
CA ASN A 125 -7.96 4.36 -9.11
C ASN A 125 -8.25 5.36 -10.25
N GLU A 126 -7.79 6.61 -10.12
CA GLU A 126 -7.95 7.70 -11.11
C GLU A 126 -6.94 7.60 -12.26
N VAL A 127 -5.69 7.23 -11.97
CA VAL A 127 -4.68 6.87 -12.99
C VAL A 127 -4.96 5.50 -13.63
N LEU A 128 -5.63 4.60 -12.90
CA LEU A 128 -6.19 3.34 -13.40
C LEU A 128 -7.07 3.49 -14.66
N GLU A 129 -7.78 4.61 -14.80
CA GLU A 129 -8.62 4.90 -15.96
C GLU A 129 -7.83 5.12 -17.26
N GLU A 130 -6.53 5.45 -17.23
CA GLU A 130 -5.74 5.70 -18.43
C GLU A 130 -5.14 4.43 -19.04
N TYR A 131 -5.08 3.34 -18.26
CA TYR A 131 -4.45 2.05 -18.60
C TYR A 131 -5.41 0.89 -18.33
N PRO A 132 -6.45 0.70 -19.17
CA PRO A 132 -7.56 -0.23 -18.93
C PRO A 132 -7.20 -1.70 -18.67
N MET A 133 -6.03 -2.19 -19.11
CA MET A 133 -5.55 -3.53 -18.72
C MET A 133 -5.29 -3.62 -17.21
N MET A 134 -4.82 -2.55 -16.57
CA MET A 134 -4.30 -2.55 -15.19
C MET A 134 -5.43 -2.70 -14.18
N ARG A 135 -6.66 -2.26 -14.52
CA ARG A 135 -7.87 -2.55 -13.75
C ARG A 135 -8.09 -4.06 -13.65
N ARG A 136 -8.13 -4.77 -14.79
CA ARG A 136 -8.34 -6.23 -14.84
C ARG A 136 -7.19 -7.02 -14.18
N ALA A 137 -5.96 -6.56 -14.42
CA ALA A 137 -4.72 -7.07 -13.80
C ALA A 137 -4.75 -7.04 -12.28
N PHE A 138 -5.54 -6.13 -11.67
CA PHE A 138 -5.79 -6.06 -10.23
C PHE A 138 -7.04 -6.86 -9.81
N GLU A 139 -8.11 -6.89 -10.62
CA GLU A 139 -9.32 -7.71 -10.37
C GLU A 139 -8.99 -9.20 -10.13
N THR A 140 -8.02 -9.72 -10.88
CA THR A 140 -7.65 -11.15 -10.97
C THR A 140 -6.67 -11.63 -9.88
N VAL A 141 -6.04 -10.68 -9.19
CA VAL A 141 -5.13 -10.89 -8.05
C VAL A 141 -5.80 -10.61 -6.71
N ALA A 142 -6.66 -9.60 -6.65
CA ALA A 142 -7.38 -9.20 -5.44
C ALA A 142 -8.12 -10.37 -4.76
N ILE A 143 -8.76 -11.24 -5.55
CA ILE A 143 -9.54 -12.40 -5.11
C ILE A 143 -8.70 -13.51 -4.41
N ASP A 144 -7.37 -13.42 -4.47
CA ASP A 144 -6.43 -14.31 -3.79
C ASP A 144 -5.54 -13.55 -2.78
N ARG A 145 -5.15 -12.31 -3.10
CA ARG A 145 -4.29 -11.46 -2.27
C ARG A 145 -4.95 -11.02 -0.95
N LEU A 146 -6.27 -11.13 -0.86
CA LEU A 146 -7.11 -10.93 0.34
C LEU A 146 -6.61 -11.66 1.62
N ASP A 147 -6.00 -12.84 1.49
CA ASP A 147 -5.64 -13.75 2.60
C ASP A 147 -4.88 -13.07 3.78
N ARG A 148 -5.18 -13.50 5.00
CA ARG A 148 -4.87 -12.85 6.29
C ARG A 148 -3.39 -12.65 6.66
N ILE A 149 -2.44 -13.14 5.85
CA ILE A 149 -1.07 -13.45 6.29
C ILE A 149 -0.23 -12.21 6.59
N GLY A 150 -0.17 -11.94 7.89
CA GLY A 150 0.36 -10.72 8.50
C GLY A 150 -0.39 -9.46 8.06
N LYS A 151 -1.65 -9.58 7.60
CA LYS A 151 -2.36 -8.57 6.80
C LYS A 151 -3.85 -8.41 7.17
N LYS A 152 -4.41 -7.20 7.04
CA LYS A 152 -5.86 -6.92 7.20
C LYS A 152 -6.66 -7.56 6.05
N ASN A 153 -7.94 -7.83 6.27
CA ASN A 153 -8.86 -8.46 5.30
C ASN A 153 -10.18 -7.67 5.14
N SER A 154 -11.02 -8.08 4.18
CA SER A 154 -12.28 -7.42 3.80
C SER A 154 -13.35 -8.44 3.33
N ILE A 155 -14.48 -7.91 2.84
CA ILE A 155 -15.58 -8.64 2.18
C ILE A 155 -15.16 -9.28 0.84
N LEU A 156 -15.79 -10.40 0.45
CA LEU A 156 -15.42 -11.22 -0.72
C LEU A 156 -16.36 -11.09 -1.93
N LEU A 157 -15.94 -11.57 -3.11
CA LEU A 157 -16.67 -11.43 -4.38
C LEU A 157 -17.74 -12.52 -4.61
N HIS A 158 -18.82 -12.08 -5.29
CA HIS A 158 -19.95 -12.81 -5.88
C HIS A 158 -19.61 -14.20 -6.46
N ASN A 20 10.65 9.53 -4.82
CA ASN A 20 10.74 8.07 -4.60
C ASN A 20 11.16 7.36 -5.89
N CYS A 21 11.91 6.26 -5.78
CA CYS A 21 12.20 5.40 -6.92
C CYS A 21 10.92 4.74 -7.44
N ARG A 22 10.81 4.53 -8.76
CA ARG A 22 9.69 3.82 -9.39
C ARG A 22 9.64 2.39 -8.87
N LYS A 23 10.80 1.75 -8.71
CA LYS A 23 11.01 0.46 -8.01
C LYS A 23 10.46 0.44 -6.57
N LEU A 24 10.37 1.58 -5.89
CA LEU A 24 9.97 1.66 -4.47
C LEU A 24 8.45 1.55 -4.30
N VAL A 25 7.68 2.24 -5.14
CA VAL A 25 6.23 1.98 -5.28
C VAL A 25 6.03 0.58 -5.87
N ALA A 26 6.74 0.23 -6.94
CA ALA A 26 6.59 -1.03 -7.69
C ALA A 26 7.09 -2.30 -6.97
N SER A 27 7.52 -2.22 -5.70
CA SER A 27 8.06 -3.37 -4.96
C SER A 27 6.96 -4.24 -4.37
N MET A 28 5.71 -3.77 -4.42
CA MET A 28 4.53 -4.55 -4.09
C MET A 28 4.20 -5.59 -5.18
N PRO A 29 3.70 -6.78 -4.81
CA PRO A 29 3.15 -7.76 -5.76
C PRO A 29 2.07 -7.20 -6.69
N LEU A 30 1.26 -6.23 -6.25
CA LEU A 30 0.19 -5.69 -7.10
C LEU A 30 0.68 -4.88 -8.31
N PHE A 31 1.97 -4.53 -8.37
CA PHE A 31 2.65 -3.88 -9.49
C PHE A 31 3.64 -4.81 -10.23
N ALA A 32 3.61 -6.12 -9.96
CA ALA A 32 4.52 -7.14 -10.53
C ALA A 32 4.67 -7.06 -12.05
N ASN A 33 3.59 -6.65 -12.70
CA ASN A 33 3.35 -6.69 -14.11
C ASN A 33 3.05 -5.29 -14.67
N ALA A 34 3.26 -4.26 -13.84
CA ALA A 34 3.01 -2.86 -14.17
C ALA A 34 3.86 -2.33 -15.35
N ASP A 35 3.30 -1.40 -16.12
CA ASP A 35 4.04 -0.60 -17.11
C ASP A 35 4.76 0.59 -16.42
N PRO A 36 6.02 0.90 -16.76
CA PRO A 36 6.79 1.97 -16.13
C PRO A 36 6.19 3.37 -16.31
N ASN A 37 5.42 3.63 -17.36
CA ASN A 37 4.76 4.92 -17.59
C ASN A 37 3.52 5.07 -16.69
N PHE A 38 2.76 3.98 -16.54
CA PHE A 38 1.58 3.87 -15.66
C PHE A 38 1.96 4.11 -14.19
N VAL A 39 2.96 3.37 -13.71
CA VAL A 39 3.42 3.43 -12.32
C VAL A 39 4.07 4.78 -11.97
N THR A 40 4.63 5.45 -12.97
CA THR A 40 5.22 6.80 -12.86
C THR A 40 4.19 7.91 -12.90
N ALA A 41 3.20 7.85 -13.81
CA ALA A 41 2.15 8.87 -13.91
C ALA A 41 1.30 8.97 -12.62
N MET A 42 1.34 7.94 -11.78
CA MET A 42 0.79 7.86 -10.43
C MET A 42 1.38 8.85 -9.41
N LEU A 43 2.64 9.27 -9.61
CA LEU A 43 3.48 10.00 -8.64
C LEU A 43 3.40 11.54 -8.76
N THR A 44 2.73 12.04 -9.80
CA THR A 44 2.97 13.39 -10.33
C THR A 44 2.52 14.57 -9.45
N LYS A 45 1.67 14.37 -8.43
CA LYS A 45 1.32 15.39 -7.40
C LYS A 45 1.56 14.95 -5.95
N LEU A 46 2.33 13.89 -5.76
CA LEU A 46 2.46 13.05 -4.55
C LEU A 46 2.75 13.83 -3.25
N LYS A 47 2.30 13.25 -2.13
CA LYS A 47 2.37 13.81 -0.78
C LYS A 47 3.30 13.02 0.15
N PHE A 48 3.95 13.76 1.04
CA PHE A 48 5.10 13.34 1.83
C PHE A 48 4.93 13.74 3.31
N GLU A 49 5.36 12.88 4.24
CA GLU A 49 5.32 13.13 5.69
C GLU A 49 6.51 12.48 6.43
N VAL A 50 6.91 13.03 7.58
CA VAL A 50 8.02 12.55 8.42
C VAL A 50 7.55 12.23 9.82
N PHE A 51 8.20 11.24 10.44
CA PHE A 51 8.10 10.95 11.87
C PHE A 51 9.49 10.84 12.51
N GLN A 52 9.61 11.34 13.73
CA GLN A 52 10.82 11.28 14.55
C GLN A 52 10.92 9.95 15.33
N PRO A 53 12.13 9.55 15.80
CA PRO A 53 12.31 8.31 16.56
C PRO A 53 11.37 8.17 17.76
N GLY A 54 10.78 6.99 17.95
CA GLY A 54 9.93 6.68 19.10
C GLY A 54 8.50 7.19 18.95
N ASP A 55 8.20 7.87 17.83
CA ASP A 55 6.88 8.40 17.59
C ASP A 55 5.94 7.34 17.01
N TYR A 56 4.77 7.19 17.63
CA TYR A 56 3.70 6.32 17.15
C TYR A 56 3.12 6.91 15.87
N ILE A 57 3.38 6.26 14.73
CA ILE A 57 3.01 6.78 13.41
C ILE A 57 1.56 6.47 13.03
N ILE A 58 1.02 5.40 13.62
CA ILE A 58 -0.27 4.81 13.27
C ILE A 58 -1.38 5.29 14.20
N ARG A 59 -2.54 5.57 13.59
CA ARG A 59 -3.86 5.31 14.17
C ARG A 59 -4.66 4.34 13.31
N GLU A 60 -5.38 3.43 13.95
CA GLU A 60 -6.46 2.64 13.36
C GLU A 60 -7.84 3.24 13.68
N GLY A 61 -8.91 2.87 12.95
CA GLY A 61 -10.27 3.25 13.37
C GLY A 61 -11.33 3.29 12.28
N THR A 62 -10.98 3.26 10.99
CA THR A 62 -11.96 3.47 9.89
C THR A 62 -11.63 2.75 8.58
N ILE A 63 -12.68 2.58 7.77
CA ILE A 63 -12.69 2.14 6.38
C ILE A 63 -12.39 3.31 5.41
N GLY A 64 -11.93 2.99 4.20
CA GLY A 64 -11.54 3.97 3.18
C GLY A 64 -10.08 4.42 3.37
N LYS A 65 -9.24 3.49 3.83
CA LYS A 65 -7.88 3.75 4.29
C LYS A 65 -6.88 3.66 3.13
N LYS A 66 -5.92 4.58 3.08
CA LYS A 66 -4.97 4.78 1.97
C LYS A 66 -3.63 4.09 2.23
N MET A 67 -2.69 4.20 1.29
CA MET A 67 -1.33 3.67 1.47
C MET A 67 -0.46 4.65 2.26
N TYR A 68 0.31 4.11 3.20
CA TYR A 68 1.45 4.79 3.81
C TYR A 68 2.66 3.87 3.68
N PHE A 69 3.74 4.37 3.09
CA PHE A 69 4.87 3.53 2.74
C PHE A 69 6.19 4.28 2.84
N ILE A 70 7.29 3.55 3.06
CA ILE A 70 8.50 4.10 3.69
C ILE A 70 9.46 4.59 2.61
N GLN A 71 9.57 5.89 2.38
CA GLN A 71 10.52 6.45 1.41
C GLN A 71 11.96 6.21 1.88
N HIS A 72 12.30 6.66 3.09
CA HIS A 72 13.59 6.34 3.71
C HIS A 72 13.51 6.28 5.25
N GLY A 73 13.86 5.15 5.85
CA GLY A 73 13.97 4.96 7.30
C GLY A 73 13.54 3.55 7.69
N VAL A 74 13.25 3.37 8.98
CA VAL A 74 12.86 2.09 9.58
C VAL A 74 11.74 2.32 10.60
N VAL A 75 10.86 1.33 10.77
CA VAL A 75 9.78 1.31 11.78
C VAL A 75 9.82 0.00 12.56
N SER A 76 9.49 0.04 13.85
CA SER A 76 9.41 -1.13 14.73
C SER A 76 7.94 -1.37 15.05
N VAL A 77 7.56 -2.60 14.82
CA VAL A 77 6.29 -2.92 14.21
C VAL A 77 5.78 -4.20 14.82
N LEU A 78 4.47 -4.35 14.78
CA LEU A 78 3.86 -5.65 14.91
C LEU A 78 3.15 -5.98 13.60
N THR A 79 3.26 -7.22 13.12
CA THR A 79 2.20 -7.77 12.25
C THR A 79 1.18 -8.54 13.09
N LYS A 80 -0.12 -8.28 12.85
CA LYS A 80 -1.21 -8.56 13.79
C LYS A 80 -1.43 -10.05 14.11
N GLY A 81 -1.23 -10.95 13.15
CA GLY A 81 -1.28 -12.40 13.37
C GLY A 81 -0.01 -12.98 13.99
N ASN A 82 1.01 -12.14 14.12
CA ASN A 82 2.39 -12.53 13.90
C ASN A 82 3.31 -11.83 14.94
N LYS A 83 4.55 -11.53 14.56
CA LYS A 83 5.66 -11.19 15.45
C LYS A 83 6.02 -9.70 15.49
N GLU A 84 6.83 -9.36 16.50
CA GLU A 84 7.60 -8.12 16.54
C GLU A 84 8.66 -8.09 15.45
N MET A 85 8.49 -7.14 14.54
CA MET A 85 9.41 -6.89 13.42
C MET A 85 10.02 -5.49 13.47
N LYS A 86 10.96 -5.25 12.55
CA LYS A 86 11.10 -4.02 11.79
C LYS A 86 10.55 -4.13 10.37
N LEU A 87 10.12 -2.97 9.87
CA LEU A 87 9.89 -2.69 8.44
C LEU A 87 10.84 -1.58 7.98
N SER A 88 11.26 -1.63 6.72
CA SER A 88 12.40 -0.87 6.15
C SER A 88 12.02 0.01 4.95
N ASP A 89 12.95 0.78 4.41
CA ASP A 89 12.67 1.61 3.23
C ASP A 89 12.18 0.77 2.02
N GLY A 90 11.04 1.14 1.44
CA GLY A 90 10.29 0.34 0.47
C GLY A 90 9.25 -0.64 1.06
N SER A 91 9.06 -0.64 2.37
CA SER A 91 7.99 -1.35 3.07
C SER A 91 6.71 -0.50 3.19
N TYR A 92 5.59 -1.11 3.55
CA TYR A 92 4.28 -0.45 3.56
C TYR A 92 3.32 -0.90 4.68
N PHE A 93 2.46 0.04 5.07
CA PHE A 93 1.38 -0.07 6.06
C PHE A 93 0.21 0.87 5.68
N GLY A 94 -0.79 0.99 6.55
CA GLY A 94 -2.05 1.67 6.27
C GLY A 94 -3.17 0.65 6.17
N GLU A 95 -3.46 0.23 4.95
CA GLU A 95 -4.27 -0.95 4.63
C GLU A 95 -3.85 -1.52 3.26
N ILE A 96 -4.17 -2.79 2.98
CA ILE A 96 -4.31 -3.21 1.58
C ILE A 96 -5.60 -2.56 1.09
N CYS A 97 -5.52 -1.90 -0.06
CA CYS A 97 -6.54 -0.99 -0.58
C CYS A 97 -6.54 -0.99 -2.13
N LEU A 98 -7.13 0.04 -2.73
CA LEU A 98 -7.22 0.31 -4.18
C LEU A 98 -8.17 -0.63 -4.94
N LEU A 99 -7.97 -1.94 -4.82
CA LEU A 99 -8.93 -2.99 -5.21
C LEU A 99 -9.75 -3.54 -4.04
N THR A 100 -9.47 -3.09 -2.82
CA THR A 100 -10.14 -3.46 -1.57
C THR A 100 -10.51 -2.25 -0.69
N ARG A 101 -11.44 -2.48 0.26
CA ARG A 101 -11.70 -1.64 1.45
C ARG A 101 -12.11 -2.51 2.66
N GLY A 102 -11.82 -2.05 3.87
CA GLY A 102 -12.10 -2.77 5.12
C GLY A 102 -11.46 -2.12 6.37
N ARG A 103 -11.73 -2.68 7.55
CA ARG A 103 -11.07 -2.35 8.82
C ARG A 103 -9.82 -3.19 9.02
N ARG A 104 -8.89 -2.69 9.84
CA ARG A 104 -7.65 -3.37 10.24
C ARG A 104 -7.49 -3.41 11.76
N THR A 105 -6.49 -4.16 12.23
CA THR A 105 -5.77 -3.90 13.48
C THR A 105 -4.34 -3.49 13.13
N ALA A 106 -3.84 -2.39 13.69
CA ALA A 106 -2.57 -1.79 13.28
C ALA A 106 -1.77 -1.23 14.47
N SER A 107 -0.52 -1.68 14.60
CA SER A 107 0.37 -1.39 15.72
C SER A 107 1.82 -1.24 15.22
N VAL A 108 2.26 -0.02 14.94
CA VAL A 108 3.65 0.28 14.55
C VAL A 108 4.09 1.71 14.90
N ARG A 109 5.37 1.88 15.27
CA ARG A 109 6.02 3.16 15.63
C ARG A 109 7.38 3.34 14.94
N ALA A 110 7.89 4.57 14.87
CA ALA A 110 9.16 4.87 14.21
C ALA A 110 10.38 4.34 15.00
N ASP A 111 11.27 3.60 14.33
CA ASP A 111 12.53 3.10 14.93
C ASP A 111 13.60 4.20 15.04
N THR A 112 13.41 5.25 14.23
CA THR A 112 14.42 6.22 13.79
C THR A 112 13.69 7.38 13.08
N TYR A 113 14.38 8.46 12.72
CA TYR A 113 13.82 9.52 11.86
C TYR A 113 13.52 8.93 10.48
N CYS A 114 12.23 8.90 10.13
CA CYS A 114 11.68 8.08 9.05
C CYS A 114 10.79 8.93 8.14
N ARG A 115 11.10 8.91 6.84
CA ARG A 115 10.41 9.66 5.79
C ARG A 115 9.43 8.74 5.07
N LEU A 116 8.16 9.07 5.23
CA LEU A 116 7.04 8.33 4.69
C LEU A 116 6.45 9.07 3.51
N TYR A 117 5.75 8.34 2.66
CA TYR A 117 4.98 8.90 1.58
C TYR A 117 3.58 8.29 1.54
N SER A 118 2.61 9.06 1.03
CA SER A 118 1.23 8.58 0.91
C SER A 118 0.68 8.92 -0.46
N LEU A 119 0.51 7.88 -1.28
CA LEU A 119 -0.10 7.94 -2.59
C LEU A 119 -1.56 7.49 -2.39
N SER A 120 -2.49 8.45 -2.41
CA SER A 120 -3.91 8.12 -2.24
C SER A 120 -4.44 7.31 -3.43
N VAL A 121 -5.43 6.44 -3.17
CA VAL A 121 -6.18 5.75 -4.23
C VAL A 121 -6.70 6.72 -5.28
N ASP A 122 -7.05 7.94 -4.85
CA ASP A 122 -7.61 9.01 -5.67
C ASP A 122 -6.77 9.39 -6.89
N ASN A 123 -5.45 9.20 -6.83
CA ASN A 123 -4.52 9.43 -7.94
C ASN A 123 -4.17 8.17 -8.75
N PHE A 124 -4.36 7.00 -8.14
CA PHE A 124 -3.95 5.67 -8.59
C PHE A 124 -5.06 5.00 -9.43
N ASN A 125 -6.32 5.04 -8.97
CA ASN A 125 -7.46 4.52 -9.73
C ASN A 125 -7.85 5.38 -10.95
N GLU A 126 -7.36 6.62 -10.99
CA GLU A 126 -7.31 7.43 -12.20
C GLU A 126 -6.40 6.83 -13.28
N VAL A 127 -5.17 6.46 -12.91
CA VAL A 127 -4.08 6.15 -13.84
C VAL A 127 -4.08 4.70 -14.31
N LEU A 128 -4.70 3.81 -13.52
CA LEU A 128 -5.19 2.50 -14.00
C LEU A 128 -5.85 2.59 -15.39
N GLU A 129 -6.65 3.64 -15.59
CA GLU A 129 -7.45 3.86 -16.80
C GLU A 129 -6.71 4.65 -17.87
N GLU A 130 -5.57 5.30 -17.59
CA GLU A 130 -4.75 5.96 -18.61
C GLU A 130 -3.94 4.97 -19.46
N TYR A 131 -3.81 3.76 -18.96
CA TYR A 131 -3.12 2.60 -19.55
C TYR A 131 -4.06 1.39 -19.38
N PRO A 132 -5.26 1.39 -20.00
CA PRO A 132 -6.40 0.56 -19.60
C PRO A 132 -6.20 -0.96 -19.58
N MET A 133 -5.08 -1.49 -20.09
CA MET A 133 -4.70 -2.88 -19.81
C MET A 133 -4.44 -3.10 -18.30
N MET A 134 -3.94 -2.07 -17.61
CA MET A 134 -3.58 -2.08 -16.20
C MET A 134 -4.83 -2.02 -15.30
N ARG A 135 -5.88 -1.31 -15.72
CA ARG A 135 -7.21 -1.46 -15.13
C ARG A 135 -7.65 -2.92 -15.19
N ARG A 136 -7.66 -3.56 -16.36
CA ARG A 136 -8.02 -4.98 -16.51
C ARG A 136 -7.15 -5.90 -15.65
N ALA A 137 -5.84 -5.63 -15.59
CA ALA A 137 -4.88 -6.34 -14.75
C ALA A 137 -5.24 -6.31 -13.25
N PHE A 138 -5.97 -5.29 -12.78
CA PHE A 138 -6.57 -5.19 -11.44
C PHE A 138 -7.99 -5.77 -11.39
N GLU A 139 -8.86 -5.49 -12.37
CA GLU A 139 -10.24 -5.99 -12.39
C GLU A 139 -10.34 -7.53 -12.47
N THR A 140 -9.29 -8.21 -12.96
CA THR A 140 -9.22 -9.68 -13.02
C THR A 140 -8.87 -10.30 -11.67
N VAL A 141 -7.88 -9.71 -11.00
CA VAL A 141 -7.31 -10.21 -9.74
C VAL A 141 -8.18 -9.85 -8.56
N ALA A 142 -8.86 -8.70 -8.59
CA ALA A 142 -9.76 -8.23 -7.53
C ALA A 142 -10.88 -9.21 -7.18
N ILE A 143 -11.25 -10.13 -8.09
CA ILE A 143 -12.11 -11.29 -7.81
C ILE A 143 -11.29 -12.58 -7.56
N ASP A 144 -10.30 -12.89 -8.38
CA ASP A 144 -9.53 -14.15 -8.31
C ASP A 144 -8.76 -14.33 -6.98
N ARG A 145 -8.17 -13.25 -6.46
CA ARG A 145 -7.43 -13.19 -5.20
C ARG A 145 -8.31 -13.41 -3.97
N LEU A 146 -9.59 -13.08 -4.06
CA LEU A 146 -10.56 -13.05 -2.95
C LEU A 146 -11.49 -14.28 -3.00
N ASP A 147 -11.69 -14.86 -4.20
CA ASP A 147 -12.61 -15.94 -4.53
C ASP A 147 -14.10 -15.59 -4.33
N ARG A 148 -14.99 -16.37 -4.96
CA ARG A 148 -16.44 -16.05 -5.04
C ARG A 148 -17.15 -16.31 -3.71
N ILE A 149 -17.11 -17.54 -3.19
CA ILE A 149 -17.68 -17.98 -1.91
C ILE A 149 -19.21 -17.82 -1.79
N GLY A 150 -19.89 -18.82 -1.23
CA GLY A 150 -21.36 -18.87 -1.18
C GLY A 150 -21.96 -17.78 -0.29
N LYS A 151 -21.30 -17.44 0.83
CA LYS A 151 -21.76 -16.44 1.80
C LYS A 151 -21.52 -14.97 1.43
N LYS A 152 -21.09 -14.69 0.18
CA LYS A 152 -20.85 -13.34 -0.35
C LYS A 152 -22.10 -12.46 -0.32
N ASN A 153 -21.94 -11.15 -0.13
CA ASN A 153 -23.00 -10.16 -0.31
C ASN A 153 -23.34 -9.95 -1.80
N SER A 154 -24.56 -9.52 -2.10
CA SER A 154 -25.00 -9.24 -3.48
C SER A 154 -24.35 -7.98 -4.06
N ILE A 155 -24.65 -7.64 -5.32
CA ILE A 155 -23.94 -6.61 -6.11
C ILE A 155 -23.92 -5.21 -5.46
N LEU A 156 -23.02 -4.34 -5.93
CA LEU A 156 -22.73 -3.02 -5.40
C LEU A 156 -23.27 -1.89 -6.30
N LEU A 157 -23.77 -0.79 -5.73
CA LEU A 157 -24.41 0.31 -6.47
C LEU A 157 -23.42 1.19 -7.25
N HIS A 158 -23.94 1.85 -8.30
CA HIS A 158 -23.25 2.59 -9.36
C HIS A 158 -22.57 3.89 -8.94
N ASN A 20 15.00 6.86 -8.54
CA ASN A 20 13.75 7.63 -8.54
C ASN A 20 12.52 6.91 -7.92
N CYS A 21 11.55 7.70 -7.44
CA CYS A 21 10.37 7.26 -6.68
C CYS A 21 9.57 6.11 -7.31
N ARG A 22 9.54 5.99 -8.65
CA ARG A 22 8.97 4.83 -9.38
C ARG A 22 9.49 3.46 -8.90
N LYS A 23 10.74 3.38 -8.39
CA LYS A 23 11.31 2.16 -7.77
C LYS A 23 10.71 1.85 -6.41
N LEU A 24 10.28 2.87 -5.66
CA LEU A 24 9.78 2.74 -4.29
C LEU A 24 8.33 2.21 -4.28
N VAL A 25 7.42 2.85 -5.05
CA VAL A 25 6.02 2.41 -5.13
C VAL A 25 5.89 0.98 -5.67
N ALA A 26 6.80 0.60 -6.58
CA ALA A 26 6.91 -0.74 -7.16
C ALA A 26 7.32 -1.86 -6.17
N SER A 27 7.58 -1.52 -4.90
CA SER A 27 8.04 -2.44 -3.85
C SER A 27 6.89 -3.33 -3.38
N MET A 28 5.67 -2.77 -3.41
CA MET A 28 4.44 -3.46 -3.13
C MET A 28 4.17 -4.63 -4.10
N PRO A 29 3.74 -5.81 -3.63
CA PRO A 29 3.35 -6.93 -4.50
C PRO A 29 2.10 -6.65 -5.35
N LEU A 30 1.36 -5.59 -5.05
CA LEU A 30 0.26 -5.06 -5.86
C LEU A 30 0.75 -4.37 -7.15
N PHE A 31 2.00 -3.88 -7.16
CA PHE A 31 2.70 -3.24 -8.28
C PHE A 31 3.78 -4.18 -8.90
N ALA A 32 3.76 -5.47 -8.57
CA ALA A 32 4.76 -6.48 -8.96
C ALA A 32 4.97 -6.59 -10.47
N ASN A 33 3.88 -6.39 -11.20
CA ASN A 33 3.69 -6.69 -12.62
C ASN A 33 3.30 -5.44 -13.43
N ALA A 34 3.17 -4.30 -12.75
CA ALA A 34 2.67 -3.03 -13.26
C ALA A 34 3.49 -2.44 -14.43
N ASP A 35 2.82 -1.78 -15.39
CA ASP A 35 3.51 -1.02 -16.46
C ASP A 35 4.24 0.20 -15.86
N PRO A 36 5.54 0.41 -16.15
CA PRO A 36 6.36 1.45 -15.51
C PRO A 36 5.85 2.88 -15.71
N ASN A 37 4.95 3.10 -16.67
CA ASN A 37 4.41 4.42 -16.98
C ASN A 37 3.12 4.69 -16.19
N PHE A 38 2.30 3.65 -16.02
CA PHE A 38 1.12 3.67 -15.14
C PHE A 38 1.52 3.97 -13.70
N VAL A 39 2.58 3.30 -13.20
CA VAL A 39 3.05 3.50 -11.81
C VAL A 39 3.62 4.90 -11.58
N THR A 40 4.23 5.47 -12.63
CA THR A 40 4.87 6.78 -12.63
C THR A 40 3.87 7.93 -12.80
N ALA A 41 2.88 7.78 -13.69
CA ALA A 41 1.85 8.80 -13.96
C ALA A 41 0.99 9.11 -12.72
N MET A 42 1.03 8.20 -11.74
CA MET A 42 0.32 8.27 -10.47
C MET A 42 0.96 9.26 -9.47
N LEU A 43 2.29 9.39 -9.48
CA LEU A 43 3.11 10.06 -8.46
C LEU A 43 3.13 11.60 -8.59
N THR A 44 2.53 12.16 -9.64
CA THR A 44 2.49 13.60 -9.93
C THR A 44 2.07 14.48 -8.75
N LYS A 45 1.14 14.03 -7.90
CA LYS A 45 0.61 14.74 -6.72
C LYS A 45 1.28 14.40 -5.38
N LEU A 46 2.33 13.58 -5.40
CA LEU A 46 2.72 12.78 -4.23
C LEU A 46 3.24 13.59 -3.04
N LYS A 47 2.91 13.13 -1.83
CA LYS A 47 3.18 13.81 -0.56
C LYS A 47 4.17 13.03 0.32
N PHE A 48 4.90 13.78 1.13
CA PHE A 48 6.03 13.33 1.95
C PHE A 48 5.83 13.70 3.43
N GLU A 49 6.24 12.82 4.34
CA GLU A 49 6.08 12.96 5.79
C GLU A 49 7.30 12.43 6.58
N VAL A 50 7.55 12.99 7.77
CA VAL A 50 8.64 12.57 8.67
C VAL A 50 8.14 12.41 10.10
N PHE A 51 8.65 11.39 10.80
CA PHE A 51 8.44 11.15 12.23
C PHE A 51 9.76 10.82 12.96
N GLN A 52 9.91 11.24 14.21
CA GLN A 52 11.11 11.05 15.05
C GLN A 52 11.07 9.72 15.84
N PRO A 53 12.20 9.27 16.43
CA PRO A 53 12.31 7.92 17.00
C PRO A 53 11.32 7.61 18.12
N GLY A 54 10.60 6.49 18.00
CA GLY A 54 9.68 5.93 18.99
C GLY A 54 8.22 6.31 18.76
N ASP A 55 7.94 7.22 17.82
CA ASP A 55 6.63 7.84 17.68
C ASP A 55 5.68 6.97 16.83
N TYR A 56 4.47 6.73 17.33
CA TYR A 56 3.45 5.95 16.63
C TYR A 56 2.96 6.68 15.38
N ILE A 57 3.27 6.13 14.20
CA ILE A 57 3.07 6.79 12.90
C ILE A 57 1.62 6.74 12.38
N ILE A 58 0.85 5.73 12.81
CA ILE A 58 -0.49 5.41 12.31
C ILE A 58 -1.49 5.25 13.47
N ARG A 59 -2.73 5.70 13.24
CA ARG A 59 -3.91 5.40 14.05
C ARG A 59 -5.03 4.85 13.15
N GLU A 60 -5.22 3.53 13.18
CA GLU A 60 -6.28 2.84 12.43
C GLU A 60 -7.57 2.65 13.25
N GLY A 61 -8.69 2.51 12.53
CA GLY A 61 -10.06 2.36 13.02
C GLY A 61 -11.11 3.00 12.10
N THR A 62 -10.77 3.30 10.83
CA THR A 62 -11.55 4.21 9.96
C THR A 62 -11.71 3.70 8.52
N ILE A 63 -12.55 4.38 7.73
CA ILE A 63 -12.87 4.05 6.34
C ILE A 63 -12.23 5.06 5.36
N GLY A 64 -11.54 4.53 4.34
CA GLY A 64 -10.94 5.28 3.24
C GLY A 64 -9.50 5.75 3.50
N LYS A 65 -8.75 5.01 4.34
CA LYS A 65 -7.36 5.35 4.72
C LYS A 65 -6.40 5.26 3.53
N LYS A 66 -5.37 6.11 3.51
CA LYS A 66 -4.34 6.17 2.46
C LYS A 66 -3.22 5.16 2.69
N MET A 67 -2.33 5.01 1.70
CA MET A 67 -1.17 4.11 1.75
C MET A 67 0.04 4.84 2.35
N TYR A 68 0.77 4.20 3.26
CA TYR A 68 1.99 4.76 3.88
C TYR A 68 3.17 3.78 3.77
N PHE A 69 4.31 4.32 3.35
CA PHE A 69 5.48 3.50 3.01
C PHE A 69 6.79 4.29 3.12
N ILE A 70 7.93 3.59 3.17
CA ILE A 70 9.18 4.10 3.78
C ILE A 70 10.16 4.63 2.73
N GLN A 71 10.28 5.95 2.58
CA GLN A 71 11.30 6.58 1.72
C GLN A 71 12.73 6.29 2.23
N HIS A 72 12.95 6.47 3.54
CA HIS A 72 14.22 6.17 4.23
C HIS A 72 14.01 5.96 5.75
N GLY A 73 14.68 4.97 6.35
CA GLY A 73 14.82 4.85 7.80
C GLY A 73 14.53 3.41 8.24
N VAL A 74 13.96 3.28 9.44
CA VAL A 74 13.49 2.02 10.00
C VAL A 74 12.20 2.29 10.81
N VAL A 75 11.28 1.33 10.88
CA VAL A 75 10.10 1.31 11.77
C VAL A 75 10.11 0.07 12.65
N SER A 76 9.47 0.14 13.82
CA SER A 76 9.19 -1.00 14.71
C SER A 76 7.68 -1.21 14.68
N VAL A 77 7.31 -2.42 14.32
CA VAL A 77 6.16 -2.71 13.49
C VAL A 77 5.54 -3.99 14.03
N LEU A 78 4.24 -4.13 13.85
CA LEU A 78 3.60 -5.42 13.94
C LEU A 78 2.89 -5.66 12.61
N THR A 79 3.10 -6.80 11.94
CA THR A 79 2.25 -7.13 10.78
C THR A 79 0.96 -7.84 11.21
N LYS A 80 -0.17 -7.44 10.62
CA LYS A 80 -1.45 -8.15 10.82
C LYS A 80 -1.34 -9.59 10.31
N GLY A 81 -2.02 -10.51 11.00
CA GLY A 81 -1.78 -11.95 10.93
C GLY A 81 -0.57 -12.45 11.70
N ASN A 82 0.39 -11.58 12.01
CA ASN A 82 1.79 -11.99 12.17
C ASN A 82 2.47 -11.31 13.39
N LYS A 83 3.80 -11.18 13.32
CA LYS A 83 4.70 -10.94 14.45
C LYS A 83 5.17 -9.49 14.59
N GLU A 84 5.78 -9.20 15.74
CA GLU A 84 6.60 -7.99 15.86
C GLU A 84 7.86 -8.08 14.99
N MET A 85 8.12 -7.01 14.25
CA MET A 85 9.31 -6.82 13.41
C MET A 85 9.91 -5.43 13.59
N LYS A 86 11.04 -5.18 12.93
CA LYS A 86 11.38 -3.95 12.24
C LYS A 86 11.18 -4.06 10.73
N LEU A 87 10.84 -2.92 10.12
CA LEU A 87 10.79 -2.71 8.66
C LEU A 87 11.77 -1.61 8.24
N SER A 88 12.33 -1.72 7.04
CA SER A 88 13.48 -0.94 6.55
C SER A 88 13.12 0.00 5.39
N ASP A 89 14.05 0.87 4.98
CA ASP A 89 13.90 1.73 3.80
C ASP A 89 13.48 0.95 2.53
N GLY A 90 12.59 1.54 1.73
CA GLY A 90 12.00 0.90 0.56
C GLY A 90 10.87 -0.10 0.85
N SER A 91 10.50 -0.28 2.12
CA SER A 91 9.39 -1.13 2.59
C SER A 91 8.07 -0.36 2.73
N TYR A 92 6.98 -1.05 3.03
CA TYR A 92 5.63 -0.46 3.03
C TYR A 92 4.70 -1.07 4.11
N PHE A 93 3.64 -0.35 4.54
CA PHE A 93 2.67 -0.86 5.52
C PHE A 93 1.26 -0.24 5.42
N GLY A 94 0.31 -0.76 6.21
CA GLY A 94 -1.11 -0.41 6.12
C GLY A 94 -1.83 -1.03 4.91
N GLU A 95 -3.17 -1.08 4.96
CA GLU A 95 -4.09 -1.62 3.94
C GLU A 95 -3.86 -3.09 3.51
N ILE A 96 -4.84 -3.63 2.79
CA ILE A 96 -4.83 -4.96 2.16
C ILE A 96 -4.93 -4.80 0.63
N CYS A 97 -5.84 -3.96 0.14
CA CYS A 97 -6.09 -3.80 -1.29
C CYS A 97 -6.81 -2.48 -1.57
N LEU A 98 -6.35 -1.72 -2.56
CA LEU A 98 -6.93 -0.44 -3.01
C LEU A 98 -8.39 -0.49 -3.52
N LEU A 99 -8.99 -1.68 -3.54
CA LEU A 99 -10.38 -1.95 -3.89
C LEU A 99 -11.17 -2.66 -2.78
N THR A 100 -10.52 -3.10 -1.70
CA THR A 100 -11.21 -3.72 -0.54
C THR A 100 -11.69 -2.68 0.49
N ARG A 101 -12.80 -3.01 1.15
CA ARG A 101 -13.53 -2.11 2.07
C ARG A 101 -12.75 -1.74 3.32
N GLY A 102 -13.18 -0.64 3.97
CA GLY A 102 -12.57 -0.05 5.15
C GLY A 102 -12.65 -0.93 6.41
N ARG A 103 -12.34 -0.34 7.58
CA ARG A 103 -12.15 -1.09 8.84
C ARG A 103 -11.03 -2.14 8.74
N ARG A 104 -9.89 -1.74 8.18
CA ARG A 104 -8.62 -2.48 8.33
C ARG A 104 -8.12 -2.41 9.79
N THR A 105 -7.06 -3.15 10.10
CA THR A 105 -6.32 -3.02 11.38
C THR A 105 -4.83 -2.75 11.14
N ALA A 106 -4.16 -2.00 12.03
CA ALA A 106 -2.72 -1.70 11.95
C ALA A 106 -2.10 -1.33 13.32
N SER A 107 -0.82 -1.68 13.51
CA SER A 107 -0.02 -1.32 14.69
C SER A 107 1.47 -1.11 14.30
N VAL A 108 1.94 0.15 14.21
CA VAL A 108 3.36 0.45 13.91
C VAL A 108 3.82 1.84 14.43
N ARG A 109 5.10 1.93 14.84
CA ARG A 109 5.79 3.15 15.27
C ARG A 109 7.13 3.33 14.57
N ALA A 110 7.67 4.55 14.58
CA ALA A 110 9.00 4.85 14.06
C ALA A 110 10.08 4.19 14.94
N ASP A 111 11.10 3.54 14.35
CA ASP A 111 12.27 3.10 15.11
C ASP A 111 13.18 4.27 15.42
N THR A 112 13.26 5.17 14.44
CA THR A 112 14.29 6.20 14.25
C THR A 112 13.61 7.43 13.63
N TYR A 113 14.36 8.48 13.29
CA TYR A 113 13.87 9.52 12.40
C TYR A 113 13.58 8.88 11.03
N CYS A 114 12.30 8.54 10.80
CA CYS A 114 11.81 7.84 9.62
C CYS A 114 11.19 8.85 8.63
N ARG A 115 11.53 8.67 7.35
CA ARG A 115 11.04 9.46 6.21
C ARG A 115 10.07 8.59 5.44
N LEU A 116 8.81 8.98 5.48
CA LEU A 116 7.70 8.24 4.91
C LEU A 116 7.12 9.00 3.71
N TYR A 117 6.44 8.28 2.83
CA TYR A 117 5.69 8.83 1.72
C TYR A 117 4.24 8.34 1.79
N SER A 118 3.29 9.15 1.32
CA SER A 118 1.86 8.86 1.50
C SER A 118 1.05 9.05 0.20
N LEU A 119 0.43 7.97 -0.29
CA LEU A 119 -0.23 7.89 -1.60
C LEU A 119 -1.73 7.59 -1.42
N SER A 120 -2.59 8.41 -2.01
CA SER A 120 -4.06 8.26 -1.97
C SER A 120 -4.60 7.27 -3.02
N VAL A 121 -5.65 6.51 -2.66
CA VAL A 121 -6.17 5.40 -3.49
C VAL A 121 -7.12 5.92 -4.56
N ASP A 122 -7.71 7.08 -4.31
CA ASP A 122 -8.48 7.83 -5.31
C ASP A 122 -7.69 8.01 -6.61
N ASN A 123 -6.47 8.51 -6.48
CA ASN A 123 -5.57 8.78 -7.60
C ASN A 123 -5.13 7.50 -8.32
N PHE A 124 -5.07 6.35 -7.62
CA PHE A 124 -4.76 5.03 -8.19
C PHE A 124 -5.94 4.48 -9.02
N ASN A 125 -7.14 4.51 -8.44
CA ASN A 125 -8.38 4.08 -9.08
C ASN A 125 -8.72 4.96 -10.31
N GLU A 126 -8.17 6.17 -10.38
CA GLU A 126 -8.26 7.07 -11.54
C GLU A 126 -7.27 6.76 -12.69
N VAL A 127 -5.98 6.67 -12.39
CA VAL A 127 -4.89 6.46 -13.38
C VAL A 127 -4.99 5.11 -14.09
N LEU A 128 -5.64 4.12 -13.46
CA LEU A 128 -5.86 2.80 -14.06
C LEU A 128 -6.67 2.84 -15.39
N GLU A 129 -7.54 3.85 -15.58
CA GLU A 129 -8.32 4.02 -16.82
C GLU A 129 -7.49 4.60 -17.99
N GLU A 130 -6.26 5.08 -17.76
CA GLU A 130 -5.34 5.51 -18.84
C GLU A 130 -4.67 4.33 -19.57
N TYR A 131 -4.55 3.17 -18.91
CA TYR A 131 -3.81 2.00 -19.37
C TYR A 131 -4.72 0.75 -19.36
N PRO A 132 -5.80 0.69 -20.16
CA PRO A 132 -6.87 -0.30 -20.01
C PRO A 132 -6.44 -1.77 -20.14
N MET A 133 -5.31 -2.11 -20.78
CA MET A 133 -4.81 -3.50 -20.76
C MET A 133 -4.49 -3.95 -19.32
N MET A 134 -4.06 -2.99 -18.50
CA MET A 134 -3.64 -3.18 -17.11
C MET A 134 -4.86 -3.15 -16.17
N ARG A 135 -6.00 -2.58 -16.62
CA ARG A 135 -7.29 -2.67 -15.92
C ARG A 135 -7.79 -4.11 -15.89
N ARG A 136 -7.87 -4.80 -17.04
CA ARG A 136 -8.20 -6.24 -17.06
C ARG A 136 -7.16 -7.11 -16.33
N ALA A 137 -5.88 -6.74 -16.45
CA ALA A 137 -4.77 -7.36 -15.71
C ALA A 137 -4.90 -7.19 -14.18
N PHE A 138 -5.71 -6.24 -13.71
CA PHE A 138 -6.16 -6.08 -12.32
C PHE A 138 -7.47 -6.84 -12.01
N GLU A 139 -8.48 -6.80 -12.87
CA GLU A 139 -9.78 -7.47 -12.65
C GLU A 139 -9.67 -8.99 -12.40
N THR A 140 -8.61 -9.60 -12.94
CA THR A 140 -8.29 -11.04 -12.91
C THR A 140 -7.52 -11.48 -11.66
N VAL A 141 -6.87 -10.52 -11.00
CA VAL A 141 -6.09 -10.71 -9.75
C VAL A 141 -6.82 -10.18 -8.52
N ALA A 142 -7.65 -9.16 -8.69
CA ALA A 142 -8.51 -8.60 -7.65
C ALA A 142 -9.40 -9.67 -6.99
N ILE A 143 -9.89 -10.65 -7.75
CA ILE A 143 -10.70 -11.77 -7.21
C ILE A 143 -9.93 -12.72 -6.26
N ASP A 144 -8.60 -12.58 -6.15
CA ASP A 144 -7.79 -13.17 -5.07
C ASP A 144 -7.37 -12.12 -4.01
N ARG A 145 -7.04 -10.88 -4.42
CA ARG A 145 -6.50 -9.81 -3.56
C ARG A 145 -7.57 -9.05 -2.74
N LEU A 146 -8.85 -9.21 -3.06
CA LEU A 146 -9.98 -8.51 -2.40
C LEU A 146 -10.74 -9.38 -1.38
N ASP A 147 -10.64 -10.70 -1.48
CA ASP A 147 -11.36 -11.69 -0.66
C ASP A 147 -10.42 -12.87 -0.27
N ARG A 148 -10.89 -13.82 0.55
CA ARG A 148 -10.05 -14.73 1.35
C ARG A 148 -9.64 -16.08 0.74
N ILE A 149 -10.21 -16.49 -0.39
CA ILE A 149 -10.29 -17.91 -0.82
C ILE A 149 -8.96 -18.60 -1.20
N GLY A 150 -8.01 -17.90 -1.84
CA GLY A 150 -6.74 -18.45 -2.34
C GLY A 150 -6.76 -18.95 -3.81
N LYS A 151 -7.75 -18.52 -4.60
CA LYS A 151 -8.00 -18.93 -6.00
C LYS A 151 -7.87 -17.73 -6.95
N LYS A 152 -7.24 -17.88 -8.11
CA LYS A 152 -6.89 -16.76 -9.03
C LYS A 152 -7.20 -17.06 -10.51
N ASN A 153 -7.39 -16.02 -11.33
CA ASN A 153 -7.60 -16.07 -12.78
C ASN A 153 -6.37 -15.54 -13.58
N SER A 154 -6.43 -15.66 -14.91
CA SER A 154 -5.37 -15.22 -15.84
C SER A 154 -5.93 -14.44 -17.04
N ILE A 155 -5.33 -14.58 -18.23
CA ILE A 155 -5.68 -13.82 -19.44
C ILE A 155 -6.85 -14.44 -20.21
N LEU A 156 -7.41 -13.69 -21.16
CA LEU A 156 -8.16 -14.23 -22.30
C LEU A 156 -7.22 -14.38 -23.51
N LEU A 157 -7.46 -15.36 -24.39
CA LEU A 157 -6.49 -15.76 -25.41
C LEU A 157 -7.12 -16.18 -26.76
N HIS A 158 -6.24 -16.30 -27.76
CA HIS A 158 -6.42 -16.87 -29.10
C HIS A 158 -6.91 -18.33 -29.06
N ASN A 20 11.44 11.55 -8.21
CA ASN A 20 12.03 10.54 -7.32
C ASN A 20 11.07 9.35 -7.11
N CYS A 21 11.57 8.25 -6.56
CA CYS A 21 10.83 7.05 -6.11
C CYS A 21 10.21 6.16 -7.20
N ARG A 22 10.56 6.32 -8.48
CA ARG A 22 10.04 5.47 -9.57
C ARG A 22 10.41 3.99 -9.38
N LYS A 23 11.68 3.69 -9.09
CA LYS A 23 12.14 2.31 -8.81
C LYS A 23 11.59 1.78 -7.49
N LEU A 24 11.35 2.67 -6.52
CA LEU A 24 10.87 2.32 -5.18
C LEU A 24 9.40 1.86 -5.23
N VAL A 25 8.54 2.59 -5.93
CA VAL A 25 7.14 2.18 -6.17
C VAL A 25 7.08 0.96 -7.11
N ALA A 26 7.90 0.93 -8.18
CA ALA A 26 7.93 -0.17 -9.13
C ALA A 26 8.52 -1.49 -8.59
N SER A 27 9.03 -1.52 -7.35
CA SER A 27 9.64 -2.70 -6.75
C SER A 27 8.65 -3.55 -5.93
N MET A 28 7.43 -3.03 -5.72
CA MET A 28 6.34 -3.66 -4.99
C MET A 28 5.73 -4.87 -5.73
N PRO A 29 5.10 -5.81 -5.01
CA PRO A 29 4.45 -6.98 -5.61
C PRO A 29 3.23 -6.61 -6.48
N LEU A 30 2.60 -5.47 -6.21
CA LEU A 30 1.49 -4.91 -7.01
C LEU A 30 1.96 -4.26 -8.33
N PHE A 31 3.28 -4.08 -8.50
CA PHE A 31 3.94 -3.46 -9.66
C PHE A 31 4.80 -4.46 -10.46
N ALA A 32 4.61 -5.76 -10.21
CA ALA A 32 5.27 -6.88 -10.88
C ALA A 32 5.18 -6.86 -12.42
N ASN A 33 4.08 -6.28 -12.91
CA ASN A 33 3.61 -6.28 -14.30
C ASN A 33 3.41 -4.85 -14.84
N ALA A 34 3.76 -3.84 -14.05
CA ALA A 34 3.40 -2.44 -14.34
C ALA A 34 3.97 -1.90 -15.68
N ASP A 35 3.18 -1.07 -16.37
CA ASP A 35 3.60 -0.25 -17.51
C ASP A 35 4.26 1.05 -17.03
N PRO A 36 5.40 1.50 -17.61
CA PRO A 36 6.18 2.62 -17.09
C PRO A 36 5.46 3.97 -17.12
N ASN A 37 4.35 4.10 -17.85
CA ASN A 37 3.57 5.33 -17.93
C ASN A 37 2.45 5.36 -16.90
N PHE A 38 1.83 4.21 -16.63
CA PHE A 38 0.85 4.00 -15.55
C PHE A 38 1.49 4.31 -14.19
N VAL A 39 2.69 3.76 -13.92
CA VAL A 39 3.37 4.00 -12.63
C VAL A 39 3.74 5.46 -12.43
N THR A 40 4.08 6.14 -13.53
CA THR A 40 4.54 7.53 -13.56
C THR A 40 3.41 8.55 -13.49
N ALA A 41 2.29 8.30 -14.17
CA ALA A 41 1.11 9.17 -14.09
C ALA A 41 0.54 9.27 -12.65
N MET A 42 0.92 8.32 -11.78
CA MET A 42 0.63 8.32 -10.34
C MET A 42 1.50 9.31 -9.52
N LEU A 43 2.71 9.63 -9.98
CA LEU A 43 3.74 10.37 -9.22
C LEU A 43 3.53 11.90 -9.23
N THR A 44 2.71 12.43 -10.15
CA THR A 44 2.64 13.86 -10.48
C THR A 44 2.20 14.80 -9.34
N LYS A 45 1.54 14.28 -8.30
CA LYS A 45 1.15 14.98 -7.06
C LYS A 45 1.67 14.34 -5.77
N LEU A 46 2.44 13.25 -5.88
CA LEU A 46 2.69 12.26 -4.83
C LEU A 46 3.68 12.81 -3.78
N LYS A 47 3.29 12.76 -2.49
CA LYS A 47 3.84 13.56 -1.38
C LYS A 47 4.64 12.74 -0.34
N PHE A 48 5.71 13.33 0.18
CA PHE A 48 6.60 12.72 1.19
C PHE A 48 6.35 13.24 2.62
N GLU A 49 6.57 12.41 3.64
CA GLU A 49 6.32 12.73 5.06
C GLU A 49 7.41 12.15 5.99
N VAL A 50 7.52 12.65 7.22
CA VAL A 50 8.54 12.22 8.21
C VAL A 50 7.92 12.02 9.60
N PHE A 51 8.43 11.06 10.36
CA PHE A 51 8.12 10.87 11.78
C PHE A 51 9.40 10.73 12.62
N GLN A 52 9.39 11.27 13.84
CA GLN A 52 10.53 11.26 14.76
C GLN A 52 10.57 9.96 15.61
N PRO A 53 11.69 9.59 16.25
CA PRO A 53 11.83 8.31 16.94
C PRO A 53 10.80 8.12 18.07
N GLY A 54 10.07 7.00 18.07
CA GLY A 54 9.11 6.61 19.09
C GLY A 54 7.66 6.97 18.77
N ASP A 55 7.42 7.66 17.65
CA ASP A 55 6.12 8.18 17.28
C ASP A 55 5.30 7.16 16.44
N TYR A 56 4.05 6.92 16.84
CA TYR A 56 3.13 6.08 16.07
C TYR A 56 2.82 6.71 14.71
N ILE A 57 3.22 6.03 13.63
CA ILE A 57 3.12 6.57 12.26
C ILE A 57 1.67 6.49 11.72
N ILE A 58 0.93 5.45 12.13
CA ILE A 58 -0.37 5.06 11.62
C ILE A 58 -1.35 4.87 12.79
N ARG A 59 -2.58 5.36 12.64
CA ARG A 59 -3.74 4.96 13.46
C ARG A 59 -4.93 4.69 12.53
N GLU A 60 -5.17 3.41 12.24
CA GLU A 60 -6.26 2.98 11.35
C GLU A 60 -7.64 3.24 12.01
N GLY A 61 -8.70 3.22 11.20
CA GLY A 61 -10.07 3.37 11.65
C GLY A 61 -11.04 3.87 10.59
N THR A 62 -10.78 3.72 9.28
CA THR A 62 -11.78 4.15 8.27
C THR A 62 -11.95 3.26 7.05
N ILE A 63 -13.15 3.32 6.49
CA ILE A 63 -13.46 2.73 5.19
C ILE A 63 -12.83 3.62 4.12
N GLY A 64 -12.03 3.04 3.23
CA GLY A 64 -11.42 3.74 2.09
C GLY A 64 -10.04 4.33 2.38
N LYS A 65 -9.35 3.88 3.44
CA LYS A 65 -8.07 4.41 3.93
C LYS A 65 -6.92 4.41 2.90
N LYS A 66 -5.93 5.30 3.07
CA LYS A 66 -4.82 5.50 2.12
C LYS A 66 -3.61 4.59 2.37
N MET A 67 -2.65 4.59 1.43
CA MET A 67 -1.44 3.75 1.46
C MET A 67 -0.16 4.53 1.87
N TYR A 68 0.78 3.86 2.54
CA TYR A 68 2.02 4.48 3.08
C TYR A 68 3.25 3.55 2.94
N PHE A 69 4.45 4.11 2.75
CA PHE A 69 5.67 3.31 2.51
C PHE A 69 6.98 3.96 2.99
N ILE A 70 8.02 3.14 3.21
CA ILE A 70 9.26 3.55 3.90
C ILE A 70 10.37 3.91 2.90
N GLN A 71 10.82 5.16 2.87
CA GLN A 71 11.86 5.64 1.94
C GLN A 71 13.26 5.57 2.57
N HIS A 72 13.38 5.96 3.85
CA HIS A 72 14.64 5.94 4.61
C HIS A 72 14.34 5.86 6.11
N GLY A 73 14.68 4.74 6.76
CA GLY A 73 14.64 4.59 8.21
C GLY A 73 14.39 3.14 8.59
N VAL A 74 13.85 2.96 9.80
CA VAL A 74 13.43 1.69 10.38
C VAL A 74 12.15 1.93 11.18
N VAL A 75 11.29 0.91 11.30
CA VAL A 75 10.09 0.92 12.16
C VAL A 75 10.09 -0.28 13.10
N SER A 76 9.53 -0.09 14.29
CA SER A 76 9.21 -1.13 15.28
C SER A 76 7.70 -1.22 15.34
N VAL A 77 7.23 -2.42 15.12
CA VAL A 77 6.01 -2.71 14.37
C VAL A 77 5.35 -3.87 15.08
N LEU A 78 4.02 -3.96 15.00
CA LEU A 78 3.33 -5.17 15.40
C LEU A 78 2.60 -5.75 14.19
N THR A 79 2.73 -7.05 13.93
CA THR A 79 1.75 -7.72 13.05
C THR A 79 0.69 -8.47 13.85
N LYS A 80 -0.60 -8.17 13.59
CA LYS A 80 -1.75 -8.87 14.17
C LYS A 80 -1.76 -10.35 13.75
N GLY A 81 -2.00 -11.24 14.71
CA GLY A 81 -1.69 -12.67 14.59
C GLY A 81 -0.35 -13.05 15.17
N ASN A 82 0.60 -12.12 15.10
CA ASN A 82 2.01 -12.43 15.10
C ASN A 82 2.71 -11.64 16.23
N LYS A 83 3.96 -11.24 16.01
CA LYS A 83 4.85 -10.67 17.03
C LYS A 83 5.09 -9.17 16.90
N GLU A 84 5.69 -8.61 17.96
CA GLU A 84 6.45 -7.37 17.81
C GLU A 84 7.73 -7.61 17.01
N MET A 85 7.93 -6.76 16.03
CA MET A 85 8.80 -6.92 14.89
C MET A 85 9.52 -5.61 14.55
N LYS A 86 10.43 -5.65 13.58
CA LYS A 86 10.99 -4.56 12.80
C LYS A 86 10.72 -4.65 11.28
N LEU A 87 10.70 -3.48 10.63
CA LEU A 87 10.72 -3.30 9.16
C LEU A 87 11.73 -2.19 8.77
N SER A 88 12.33 -2.27 7.58
CA SER A 88 13.36 -1.32 7.07
C SER A 88 12.95 -0.62 5.77
N ASP A 89 13.75 0.37 5.32
CA ASP A 89 13.52 1.11 4.09
C ASP A 89 13.35 0.22 2.85
N GLY A 90 12.38 0.55 1.99
CA GLY A 90 11.91 -0.31 0.89
C GLY A 90 10.67 -1.16 1.21
N SER A 91 10.21 -1.16 2.46
CA SER A 91 8.97 -1.81 2.92
C SER A 91 7.75 -0.89 2.81
N TYR A 92 6.54 -1.43 2.94
CA TYR A 92 5.28 -0.66 3.02
C TYR A 92 4.23 -1.25 3.97
N PHE A 93 3.22 -0.43 4.29
CA PHE A 93 2.12 -0.78 5.20
C PHE A 93 0.83 0.03 4.89
N GLY A 94 -0.21 -0.21 5.69
CA GLY A 94 -1.59 0.18 5.39
C GLY A 94 -2.39 -0.97 4.77
N GLU A 95 -2.51 -2.09 5.48
CA GLU A 95 -2.99 -3.38 4.93
C GLU A 95 -4.32 -3.31 4.14
N ILE A 96 -4.22 -3.78 2.89
CA ILE A 96 -5.26 -4.12 1.90
C ILE A 96 -6.48 -3.19 1.87
N CYS A 97 -6.46 -2.26 0.92
CA CYS A 97 -7.64 -1.52 0.44
C CYS A 97 -7.81 -1.65 -1.09
N LEU A 98 -7.68 -0.54 -1.84
CA LEU A 98 -7.91 -0.36 -3.28
C LEU A 98 -9.23 -0.96 -3.82
N LEU A 99 -9.28 -2.30 -3.97
CA LEU A 99 -10.38 -3.09 -4.52
C LEU A 99 -11.36 -3.64 -3.47
N THR A 100 -10.99 -3.60 -2.18
CA THR A 100 -11.92 -3.85 -1.06
C THR A 100 -12.29 -2.55 -0.36
N ARG A 101 -13.42 -2.53 0.35
CA ARG A 101 -13.97 -1.34 1.03
C ARG A 101 -14.31 -1.68 2.48
N GLY A 102 -13.39 -1.39 3.39
CA GLY A 102 -13.46 -1.81 4.78
C GLY A 102 -12.18 -1.48 5.56
N ARG A 103 -12.33 -1.04 6.83
CA ARG A 103 -11.20 -0.73 7.73
C ARG A 103 -10.48 -2.02 8.15
N ARG A 104 -9.16 -2.06 7.96
CA ARG A 104 -8.31 -3.25 8.15
C ARG A 104 -7.05 -2.87 8.92
N THR A 105 -6.98 -3.27 10.20
CA THR A 105 -6.14 -2.60 11.21
C THR A 105 -4.70 -3.12 11.28
N ALA A 106 -3.79 -2.25 11.71
CA ALA A 106 -2.44 -2.58 12.18
C ALA A 106 -1.97 -1.58 13.26
N SER A 107 -0.83 -1.84 13.92
CA SER A 107 -0.16 -0.92 14.86
C SER A 107 1.35 -0.89 14.62
N VAL A 108 1.94 0.29 14.42
CA VAL A 108 3.39 0.46 14.21
C VAL A 108 3.89 1.86 14.61
N ARG A 109 5.11 1.96 15.16
CA ARG A 109 5.81 3.22 15.45
C ARG A 109 7.15 3.34 14.75
N ALA A 110 7.63 4.57 14.62
CA ALA A 110 8.97 4.87 14.14
C ALA A 110 10.04 4.33 15.11
N ASP A 111 11.03 3.59 14.61
CA ASP A 111 12.20 3.20 15.40
C ASP A 111 13.18 4.37 15.58
N THR A 112 13.10 5.29 14.62
CA THR A 112 14.14 6.28 14.36
C THR A 112 13.50 7.50 13.68
N TYR A 113 14.28 8.53 13.33
CA TYR A 113 13.80 9.54 12.39
C TYR A 113 13.59 8.82 11.03
N CYS A 114 12.33 8.51 10.74
CA CYS A 114 11.92 7.72 9.59
C CYS A 114 11.26 8.66 8.55
N ARG A 115 11.77 8.63 7.32
CA ARG A 115 11.20 9.33 6.17
C ARG A 115 10.40 8.36 5.31
N LEU A 116 9.13 8.68 5.18
CA LEU A 116 8.07 7.86 4.60
C LEU A 116 7.41 8.61 3.43
N TYR A 117 6.45 7.96 2.78
CA TYR A 117 5.66 8.52 1.68
C TYR A 117 4.16 8.28 1.87
N SER A 118 3.31 9.09 1.24
CA SER A 118 1.85 8.98 1.31
C SER A 118 1.17 8.99 -0.05
N LEU A 119 0.24 8.05 -0.26
CA LEU A 119 -0.47 7.89 -1.53
C LEU A 119 -1.97 7.64 -1.30
N SER A 120 -2.82 8.57 -1.73
CA SER A 120 -4.28 8.40 -1.75
C SER A 120 -4.63 7.16 -2.58
N VAL A 121 -5.29 6.19 -1.95
CA VAL A 121 -5.76 4.96 -2.61
C VAL A 121 -6.56 5.29 -3.85
N ASP A 122 -7.36 6.33 -3.72
CA ASP A 122 -8.34 6.63 -4.72
C ASP A 122 -7.69 7.14 -6.01
N ASN A 123 -6.54 7.81 -5.88
CA ASN A 123 -5.74 8.30 -7.00
C ASN A 123 -5.06 7.16 -7.75
N PHE A 124 -4.63 6.10 -7.04
CA PHE A 124 -4.21 4.82 -7.61
C PHE A 124 -5.35 4.20 -8.44
N ASN A 125 -6.56 4.12 -7.87
CA ASN A 125 -7.75 3.63 -8.56
C ASN A 125 -8.20 4.52 -9.75
N GLU A 126 -7.75 5.77 -9.80
CA GLU A 126 -8.06 6.78 -10.81
C GLU A 126 -7.06 6.78 -11.99
N VAL A 127 -5.76 6.66 -11.71
CA VAL A 127 -4.72 6.40 -12.72
C VAL A 127 -4.88 5.01 -13.36
N LEU A 128 -5.47 4.05 -12.63
CA LEU A 128 -5.94 2.76 -13.15
C LEU A 128 -6.74 2.85 -14.47
N GLU A 129 -7.55 3.89 -14.61
CA GLU A 129 -8.47 4.08 -15.74
C GLU A 129 -7.79 4.85 -16.91
N GLU A 130 -6.64 5.50 -16.69
CA GLU A 130 -5.86 6.18 -17.73
C GLU A 130 -5.08 5.19 -18.62
N TYR A 131 -4.91 3.96 -18.12
CA TYR A 131 -4.21 2.85 -18.77
C TYR A 131 -5.11 1.60 -18.66
N PRO A 132 -6.29 1.57 -19.31
CA PRO A 132 -7.39 0.65 -19.00
C PRO A 132 -7.11 -0.87 -19.19
N MET A 133 -5.96 -1.28 -19.72
CA MET A 133 -5.50 -2.67 -19.59
C MET A 133 -5.12 -3.02 -18.13
N MET A 134 -4.59 -2.04 -17.39
CA MET A 134 -4.10 -2.16 -16.01
C MET A 134 -5.26 -2.18 -15.01
N ARG A 135 -6.38 -1.52 -15.32
CA ARG A 135 -7.69 -1.75 -14.66
C ARG A 135 -8.02 -3.23 -14.67
N ARG A 136 -8.15 -3.82 -15.86
CA ARG A 136 -8.48 -5.25 -15.99
C ARG A 136 -7.45 -6.14 -15.30
N ALA A 137 -6.17 -5.78 -15.41
CA ALA A 137 -5.05 -6.47 -14.74
C ALA A 137 -5.19 -6.53 -13.20
N PHE A 138 -5.92 -5.59 -12.59
CA PHE A 138 -6.33 -5.65 -11.17
C PHE A 138 -7.71 -6.30 -10.93
N GLU A 139 -8.59 -6.40 -11.93
CA GLU A 139 -9.89 -7.09 -11.81
C GLU A 139 -9.78 -8.61 -11.95
N THR A 140 -8.82 -9.09 -12.73
CA THR A 140 -8.54 -10.53 -12.97
C THR A 140 -8.00 -11.23 -11.72
N VAL A 141 -7.50 -10.44 -10.77
CA VAL A 141 -6.90 -10.85 -9.50
C VAL A 141 -7.78 -10.49 -8.28
N ALA A 142 -8.62 -9.47 -8.39
CA ALA A 142 -9.56 -9.05 -7.35
C ALA A 142 -10.56 -10.14 -6.90
N ILE A 143 -10.83 -11.14 -7.75
CA ILE A 143 -11.64 -12.33 -7.42
C ILE A 143 -10.91 -13.31 -6.46
N ASP A 144 -9.57 -13.28 -6.43
CA ASP A 144 -8.73 -14.10 -5.55
C ASP A 144 -8.35 -13.32 -4.27
N ARG A 145 -7.86 -12.08 -4.45
CA ARG A 145 -7.53 -11.11 -3.37
C ARG A 145 -8.75 -10.64 -2.56
N LEU A 146 -9.95 -10.97 -3.03
CA LEU A 146 -11.21 -10.99 -2.28
C LEU A 146 -11.03 -11.50 -0.85
N ASP A 147 -10.31 -12.62 -0.68
CA ASP A 147 -10.01 -13.22 0.62
C ASP A 147 -8.66 -12.74 1.19
N ARG A 148 -8.66 -12.34 2.46
CA ARG A 148 -7.52 -11.78 3.22
C ARG A 148 -6.49 -12.79 3.76
N ILE A 149 -6.67 -14.06 3.43
CA ILE A 149 -6.01 -15.27 3.90
C ILE A 149 -5.90 -15.45 5.43
N GLY A 150 -5.83 -16.71 5.86
CA GLY A 150 -5.35 -17.07 7.19
C GLY A 150 -3.85 -16.80 7.32
N LYS A 151 -3.38 -16.55 8.54
CA LYS A 151 -1.99 -16.18 8.84
C LYS A 151 -1.22 -17.26 9.63
N LYS A 152 0.10 -17.10 9.73
CA LYS A 152 1.03 -17.94 10.53
C LYS A 152 0.90 -17.64 12.05
N ASN A 153 -0.33 -17.54 12.55
CA ASN A 153 -0.68 -16.93 13.85
C ASN A 153 -0.06 -17.68 15.05
N SER A 154 0.30 -16.94 16.10
CA SER A 154 0.79 -17.47 17.38
C SER A 154 0.64 -16.45 18.53
N ILE A 155 1.11 -16.83 19.72
CA ILE A 155 0.75 -16.22 21.00
C ILE A 155 1.83 -15.26 21.55
N LEU A 156 1.41 -14.29 22.37
CA LEU A 156 2.26 -13.32 23.06
C LEU A 156 2.01 -13.28 24.57
N LEU A 157 2.91 -12.60 25.30
CA LEU A 157 2.90 -12.41 26.75
C LEU A 157 1.73 -11.54 27.25
N HIS A 158 1.37 -11.79 28.52
CA HIS A 158 0.34 -11.16 29.33
C HIS A 158 0.52 -9.64 29.52
N ASN A 20 12.49 11.52 -8.47
CA ASN A 20 11.87 10.31 -7.96
C ASN A 20 11.73 9.23 -9.07
N CYS A 21 12.43 8.10 -8.89
CA CYS A 21 12.55 7.04 -9.90
C CYS A 21 11.58 5.88 -9.64
N ARG A 22 10.99 5.33 -10.73
CA ARG A 22 9.93 4.32 -10.66
C ARG A 22 10.31 3.05 -9.90
N LYS A 23 11.60 2.71 -9.82
CA LYS A 23 12.18 1.64 -9.01
C LYS A 23 11.62 1.53 -7.58
N LEU A 24 11.35 2.66 -6.91
CA LEU A 24 10.89 2.63 -5.51
C LEU A 24 9.46 2.06 -5.38
N VAL A 25 8.53 2.50 -6.24
CA VAL A 25 7.15 1.99 -6.24
C VAL A 25 7.06 0.62 -6.95
N ALA A 26 7.87 0.42 -8.00
CA ALA A 26 8.04 -0.87 -8.69
C ALA A 26 8.72 -1.96 -7.84
N SER A 27 9.13 -1.68 -6.61
CA SER A 27 9.78 -2.64 -5.73
C SER A 27 8.78 -3.62 -5.10
N MET A 28 7.49 -3.34 -5.28
CA MET A 28 6.36 -4.11 -4.78
C MET A 28 5.91 -5.21 -5.77
N PRO A 29 5.46 -6.40 -5.29
CA PRO A 29 4.94 -7.46 -6.15
C PRO A 29 3.59 -7.10 -6.81
N LEU A 30 2.81 -6.20 -6.22
CA LEU A 30 1.61 -5.60 -6.85
C LEU A 30 1.94 -4.79 -8.11
N PHE A 31 3.20 -4.36 -8.28
CA PHE A 31 3.74 -3.65 -9.45
C PHE A 31 4.64 -4.53 -10.34
N ALA A 32 4.73 -5.84 -10.08
CA ALA A 32 5.59 -6.80 -10.80
C ALA A 32 5.38 -6.81 -12.31
N ASN A 33 4.13 -6.61 -12.70
CA ASN A 33 3.59 -6.73 -14.05
C ASN A 33 3.20 -5.35 -14.61
N ALA A 34 3.63 -4.26 -13.95
CA ALA A 34 3.20 -2.89 -14.24
C ALA A 34 3.73 -2.31 -15.58
N ASP A 35 2.95 -1.43 -16.20
CA ASP A 35 3.34 -0.57 -17.34
C ASP A 35 4.19 0.62 -16.84
N PRO A 36 5.39 0.90 -17.40
CA PRO A 36 6.31 1.93 -16.89
C PRO A 36 5.76 3.37 -16.91
N ASN A 37 4.67 3.61 -17.63
CA ASN A 37 3.99 4.90 -17.74
C ASN A 37 2.91 5.03 -16.66
N PHE A 38 2.16 3.94 -16.41
CA PHE A 38 1.18 3.86 -15.32
C PHE A 38 1.85 4.12 -13.97
N VAL A 39 2.99 3.46 -13.70
CA VAL A 39 3.72 3.59 -12.44
C VAL A 39 4.28 5.01 -12.25
N THR A 40 4.62 5.66 -13.35
CA THR A 40 5.18 7.03 -13.41
C THR A 40 4.11 8.12 -13.32
N ALA A 41 2.98 8.00 -14.03
CA ALA A 41 1.89 8.99 -14.03
C ALA A 41 1.20 9.10 -12.66
N MET A 42 1.43 8.10 -11.80
CA MET A 42 1.07 8.09 -10.39
C MET A 42 1.83 9.15 -9.58
N LEU A 43 3.07 9.45 -9.97
CA LEU A 43 4.04 10.23 -9.18
C LEU A 43 3.91 11.74 -9.34
N THR A 44 3.16 12.23 -10.34
CA THR A 44 3.12 13.67 -10.72
C THR A 44 2.60 14.61 -9.63
N LYS A 45 1.79 14.12 -8.67
CA LYS A 45 1.34 14.86 -7.47
C LYS A 45 1.68 14.15 -6.14
N LEU A 46 2.61 13.20 -6.18
CA LEU A 46 3.03 12.34 -5.06
C LEU A 46 4.08 13.08 -4.21
N LYS A 47 4.07 12.87 -2.88
CA LYS A 47 4.99 13.52 -1.93
C LYS A 47 5.52 12.61 -0.81
N PHE A 48 6.72 12.93 -0.32
CA PHE A 48 7.30 12.33 0.87
C PHE A 48 6.95 13.08 2.17
N GLU A 49 7.05 12.41 3.31
CA GLU A 49 6.82 12.99 4.64
C GLU A 49 7.80 12.40 5.68
N VAL A 50 7.93 13.04 6.85
CA VAL A 50 8.73 12.55 7.97
C VAL A 50 7.88 12.32 9.24
N PHE A 51 8.32 11.36 10.04
CA PHE A 51 7.85 11.14 11.42
C PHE A 51 9.03 11.08 12.41
N GLN A 52 8.82 11.53 13.64
CA GLN A 52 9.80 11.55 14.74
C GLN A 52 9.77 10.23 15.56
N PRO A 53 10.80 9.94 16.39
CA PRO A 53 10.86 8.69 17.17
C PRO A 53 9.70 8.57 18.16
N GLY A 54 9.03 7.40 18.15
CA GLY A 54 7.94 7.05 19.05
C GLY A 54 6.56 7.34 18.47
N ASP A 55 6.47 7.97 17.30
CA ASP A 55 5.20 8.37 16.72
C ASP A 55 4.52 7.24 15.92
N TYR A 56 3.26 6.99 16.23
CA TYR A 56 2.45 5.93 15.63
C TYR A 56 1.96 6.38 14.24
N ILE A 57 2.51 5.77 13.19
CA ILE A 57 2.33 6.20 11.80
C ILE A 57 0.97 5.82 11.20
N ILE A 58 0.46 4.65 11.57
CA ILE A 58 -0.76 4.02 11.07
C ILE A 58 -1.93 4.22 12.05
N ARG A 59 -3.16 4.30 11.53
CA ARG A 59 -4.40 4.39 12.32
C ARG A 59 -5.61 3.77 11.61
N GLU A 60 -6.05 2.59 12.04
CA GLU A 60 -7.31 1.96 11.60
C GLU A 60 -8.51 2.31 12.50
N GLY A 61 -9.70 2.29 11.90
CA GLY A 61 -10.99 2.68 12.49
C GLY A 61 -12.06 3.02 11.46
N THR A 62 -11.79 2.99 10.14
CA THR A 62 -12.81 3.21 9.08
C THR A 62 -12.27 2.85 7.70
N ILE A 63 -13.16 2.55 6.77
CA ILE A 63 -12.76 2.11 5.43
C ILE A 63 -12.30 3.33 4.60
N GLY A 64 -11.15 3.17 3.93
CA GLY A 64 -10.64 4.13 2.95
C GLY A 64 -9.31 4.81 3.31
N LYS A 65 -8.59 4.33 4.33
CA LYS A 65 -7.20 4.75 4.63
C LYS A 65 -6.24 4.47 3.46
N LYS A 66 -5.16 5.25 3.37
CA LYS A 66 -4.28 5.38 2.19
C LYS A 66 -3.06 4.44 2.19
N MET A 67 -2.22 4.53 1.14
CA MET A 67 -0.96 3.79 0.99
C MET A 67 0.24 4.57 1.54
N TYR A 68 1.12 3.89 2.30
CA TYR A 68 2.30 4.49 2.93
C TYR A 68 3.52 3.56 2.87
N PHE A 69 4.70 4.11 2.58
CA PHE A 69 5.93 3.32 2.38
C PHE A 69 7.20 4.05 2.82
N ILE A 70 8.30 3.31 3.05
CA ILE A 70 9.48 3.79 3.78
C ILE A 70 10.59 4.20 2.80
N GLN A 71 10.95 5.49 2.76
CA GLN A 71 12.07 5.97 1.93
C GLN A 71 13.41 5.67 2.61
N HIS A 72 13.55 6.10 3.87
CA HIS A 72 14.77 5.90 4.68
C HIS A 72 14.48 5.97 6.20
N GLY A 73 14.86 4.94 6.96
CA GLY A 73 14.77 4.91 8.42
C GLY A 73 14.32 3.55 8.92
N VAL A 74 13.76 3.49 10.12
CA VAL A 74 13.31 2.24 10.78
C VAL A 74 11.98 2.47 11.50
N VAL A 75 11.09 1.49 11.41
CA VAL A 75 9.84 1.40 12.18
C VAL A 75 9.86 0.15 13.07
N SER A 76 9.13 0.21 14.18
CA SER A 76 8.89 -0.88 15.12
C SER A 76 7.39 -1.17 15.12
N VAL A 77 7.06 -2.42 14.90
CA VAL A 77 5.96 -2.83 14.05
C VAL A 77 5.31 -4.06 14.65
N LEU A 78 4.02 -4.27 14.40
CA LEU A 78 3.37 -5.54 14.70
C LEU A 78 2.75 -6.09 13.42
N THR A 79 3.04 -7.35 13.06
CA THR A 79 2.24 -8.02 12.02
C THR A 79 0.99 -8.71 12.56
N LYS A 80 -0.15 -8.59 11.83
CA LYS A 80 -1.42 -9.23 12.21
C LYS A 80 -1.29 -10.76 12.24
N GLY A 81 -1.87 -11.37 13.27
CA GLY A 81 -1.65 -12.78 13.61
C GLY A 81 -0.42 -13.03 14.51
N ASN A 82 0.54 -12.10 14.48
CA ASN A 82 1.95 -12.43 14.65
C ASN A 82 2.66 -11.44 15.60
N LYS A 83 3.94 -11.15 15.31
CA LYS A 83 4.96 -10.71 16.26
C LYS A 83 5.22 -9.22 16.22
N GLU A 84 5.99 -8.80 17.22
CA GLU A 84 6.63 -7.49 17.23
C GLU A 84 8.03 -7.52 16.58
N MET A 85 8.19 -6.69 15.56
CA MET A 85 9.29 -6.63 14.62
C MET A 85 9.89 -5.22 14.52
N LYS A 86 10.95 -5.09 13.72
CA LYS A 86 11.27 -3.92 12.92
C LYS A 86 11.04 -4.11 11.41
N LEU A 87 10.84 -2.98 10.75
CA LEU A 87 10.85 -2.78 9.28
C LEU A 87 11.74 -1.57 8.93
N SER A 88 12.31 -1.52 7.73
CA SER A 88 13.23 -0.46 7.29
C SER A 88 13.10 -0.16 5.79
N ASP A 89 13.97 0.70 5.28
CA ASP A 89 13.93 1.33 3.95
C ASP A 89 13.53 0.41 2.78
N GLY A 90 12.67 0.93 1.90
CA GLY A 90 12.08 0.23 0.75
C GLY A 90 10.90 -0.70 1.07
N SER A 91 10.48 -0.74 2.34
CA SER A 91 9.31 -1.50 2.81
C SER A 91 8.02 -0.68 2.76
N TYR A 92 6.87 -1.33 2.90
CA TYR A 92 5.56 -0.70 2.75
C TYR A 92 4.46 -1.35 3.61
N PHE A 93 3.48 -0.54 4.00
CA PHE A 93 2.38 -0.92 4.91
C PHE A 93 1.09 -0.11 4.62
N GLY A 94 0.04 -0.33 5.41
CA GLY A 94 -1.17 0.49 5.43
C GLY A 94 -2.50 -0.28 5.41
N GLU A 95 -2.46 -1.60 5.20
CA GLU A 95 -3.52 -2.62 5.35
C GLU A 95 -4.82 -2.49 4.52
N ILE A 96 -5.32 -1.27 4.28
CA ILE A 96 -6.48 -1.00 3.42
C ILE A 96 -6.03 -1.04 1.96
N CYS A 97 -6.84 -1.65 1.08
CA CYS A 97 -6.58 -1.71 -0.36
C CYS A 97 -7.66 -1.06 -1.24
N LEU A 98 -7.29 -0.85 -2.50
CA LEU A 98 -7.94 0.03 -3.49
C LEU A 98 -9.41 -0.30 -3.75
N LEU A 99 -9.80 -1.57 -3.63
CA LEU A 99 -11.17 -2.06 -3.77
C LEU A 99 -11.68 -2.79 -2.52
N THR A 100 -10.92 -2.75 -1.42
CA THR A 100 -11.22 -3.55 -0.21
C THR A 100 -12.58 -3.26 0.44
N ARG A 101 -13.08 -4.21 1.24
CA ARG A 101 -14.37 -4.18 1.94
C ARG A 101 -14.21 -4.48 3.43
N GLY A 102 -14.81 -3.66 4.29
CA GLY A 102 -14.84 -3.84 5.75
C GLY A 102 -13.51 -3.62 6.50
N ARG A 103 -13.63 -3.48 7.83
CA ARG A 103 -12.56 -3.16 8.79
C ARG A 103 -11.35 -4.11 8.72
N ARG A 104 -10.20 -3.55 9.11
CA ARG A 104 -8.85 -4.14 9.15
C ARG A 104 -8.31 -4.18 10.58
N THR A 105 -7.11 -4.72 10.78
CA THR A 105 -6.28 -4.42 11.98
C THR A 105 -4.81 -4.18 11.61
N ALA A 106 -4.18 -3.16 12.21
CA ALA A 106 -2.78 -2.78 11.99
C ALA A 106 -2.21 -1.93 13.14
N SER A 107 -0.90 -2.08 13.43
CA SER A 107 -0.19 -1.30 14.47
C SER A 107 1.30 -1.21 14.17
N VAL A 108 1.80 0.00 13.94
CA VAL A 108 3.23 0.30 13.75
C VAL A 108 3.57 1.75 14.12
N ARG A 109 4.75 1.96 14.71
CA ARG A 109 5.31 3.29 15.08
C ARG A 109 6.76 3.46 14.64
N ALA A 110 7.23 4.70 14.56
CA ALA A 110 8.61 5.00 14.23
C ALA A 110 9.58 4.59 15.37
N ASP A 111 10.66 3.88 15.05
CA ASP A 111 11.78 3.63 16.00
C ASP A 111 12.63 4.88 16.21
N THR A 112 12.64 5.71 15.17
CA THR A 112 13.65 6.73 14.89
C THR A 112 13.06 7.76 13.91
N TYR A 113 13.72 8.90 13.72
CA TYR A 113 13.26 9.96 12.82
C TYR A 113 13.37 9.43 11.36
N CYS A 114 12.22 9.17 10.73
CA CYS A 114 12.09 8.33 9.53
C CYS A 114 11.44 9.11 8.37
N ARG A 115 12.03 8.98 7.17
CA ARG A 115 11.47 9.44 5.90
C ARG A 115 10.47 8.39 5.38
N LEU A 116 9.20 8.74 5.31
CA LEU A 116 8.12 7.97 4.69
C LEU A 116 7.64 8.65 3.38
N TYR A 117 6.78 7.96 2.63
CA TYR A 117 6.14 8.43 1.41
C TYR A 117 4.63 8.22 1.52
N SER A 118 3.81 9.16 1.01
CA SER A 118 2.35 9.08 1.17
C SER A 118 1.54 9.29 -0.10
N LEU A 119 0.69 8.32 -0.41
CA LEU A 119 -0.02 8.19 -1.68
C LEU A 119 -1.49 7.83 -1.41
N SER A 120 -2.41 8.72 -1.77
CA SER A 120 -3.84 8.44 -1.57
C SER A 120 -4.28 7.25 -2.42
N VAL A 121 -4.91 6.26 -1.78
CA VAL A 121 -5.51 5.11 -2.47
C VAL A 121 -6.39 5.58 -3.62
N ASP A 122 -7.20 6.60 -3.39
CA ASP A 122 -8.16 7.01 -4.39
C ASP A 122 -7.46 7.71 -5.59
N ASN A 123 -6.28 8.30 -5.39
CA ASN A 123 -5.48 8.94 -6.44
C ASN A 123 -4.71 7.91 -7.30
N PHE A 124 -4.51 6.69 -6.78
CA PHE A 124 -4.06 5.50 -7.50
C PHE A 124 -5.22 4.91 -8.34
N ASN A 125 -6.42 4.83 -7.76
CA ASN A 125 -7.65 4.47 -8.50
C ASN A 125 -8.03 5.47 -9.61
N GLU A 126 -7.52 6.71 -9.57
CA GLU A 126 -7.65 7.73 -10.62
C GLU A 126 -6.76 7.45 -11.84
N VAL A 127 -5.48 7.13 -11.60
CA VAL A 127 -4.47 6.89 -12.64
C VAL A 127 -4.69 5.55 -13.35
N LEU A 128 -5.24 4.55 -12.65
CA LEU A 128 -5.68 3.28 -13.25
C LEU A 128 -6.55 3.48 -14.50
N GLU A 129 -7.47 4.44 -14.48
CA GLU A 129 -8.45 4.70 -15.54
C GLU A 129 -7.82 5.12 -16.89
N GLU A 130 -6.57 5.61 -16.88
CA GLU A 130 -5.79 6.04 -18.05
C GLU A 130 -5.12 4.88 -18.79
N TYR A 131 -4.94 3.76 -18.11
CA TYR A 131 -4.26 2.55 -18.56
C TYR A 131 -5.25 1.36 -18.46
N PRO A 132 -6.26 1.26 -19.35
CA PRO A 132 -7.35 0.29 -19.26
C PRO A 132 -6.94 -1.20 -19.16
N MET A 133 -5.74 -1.57 -19.60
CA MET A 133 -5.12 -2.87 -19.29
C MET A 133 -4.86 -3.03 -17.78
N MET A 134 -4.19 -2.05 -17.17
CA MET A 134 -3.90 -2.05 -15.73
C MET A 134 -5.21 -1.91 -14.93
N ARG A 135 -6.19 -1.15 -15.43
CA ARG A 135 -7.53 -1.05 -14.82
C ARG A 135 -8.16 -2.44 -14.64
N ARG A 136 -8.24 -3.25 -15.71
CA ARG A 136 -8.81 -4.63 -15.64
C ARG A 136 -8.01 -5.55 -14.71
N ALA A 137 -6.69 -5.42 -14.73
CA ALA A 137 -5.78 -6.20 -13.91
C ALA A 137 -5.98 -6.00 -12.38
N PHE A 138 -6.57 -4.88 -11.94
CA PHE A 138 -6.86 -4.60 -10.52
C PHE A 138 -8.26 -4.99 -10.06
N GLU A 139 -9.27 -4.94 -10.93
CA GLU A 139 -10.63 -5.36 -10.56
C GLU A 139 -10.85 -6.88 -10.67
N THR A 140 -10.08 -7.56 -11.52
CA THR A 140 -10.11 -9.02 -11.68
C THR A 140 -9.54 -9.76 -10.46
N VAL A 141 -8.45 -9.21 -9.90
CA VAL A 141 -7.81 -9.67 -8.67
C VAL A 141 -8.68 -9.38 -7.46
N ALA A 142 -9.38 -8.25 -7.43
CA ALA A 142 -10.30 -7.90 -6.33
C ALA A 142 -11.45 -8.91 -6.11
N ILE A 143 -11.76 -9.78 -7.08
CA ILE A 143 -12.70 -10.90 -6.95
C ILE A 143 -12.01 -12.28 -6.94
N ASP A 144 -10.84 -12.47 -7.58
CA ASP A 144 -10.02 -13.71 -7.48
C ASP A 144 -9.32 -13.86 -6.11
N ARG A 145 -9.05 -12.75 -5.42
CA ARG A 145 -8.43 -12.67 -4.09
C ARG A 145 -9.44 -12.67 -2.94
N LEU A 146 -10.71 -12.40 -3.26
CA LEU A 146 -11.87 -12.62 -2.39
C LEU A 146 -12.25 -14.12 -2.28
N ASP A 147 -11.89 -14.95 -3.26
CA ASP A 147 -12.25 -16.37 -3.30
C ASP A 147 -11.60 -17.22 -2.18
N ARG A 148 -12.23 -18.36 -1.86
CA ARG A 148 -11.82 -19.35 -0.85
C ARG A 148 -10.57 -20.18 -1.23
N ILE A 149 -10.15 -20.17 -2.49
CA ILE A 149 -8.98 -20.90 -3.03
C ILE A 149 -9.06 -22.41 -2.72
N GLY A 150 -8.25 -22.88 -1.76
CA GLY A 150 -8.15 -24.28 -1.32
C GLY A 150 -9.07 -24.65 -0.16
N LYS A 151 -9.80 -23.67 0.41
CA LYS A 151 -10.77 -23.89 1.47
C LYS A 151 -12.08 -24.39 0.87
N LYS A 152 -12.41 -25.65 1.13
CA LYS A 152 -13.54 -26.42 0.54
C LYS A 152 -14.43 -27.07 1.61
N ASN A 153 -13.93 -27.23 2.84
CA ASN A 153 -14.58 -28.00 3.89
C ASN A 153 -15.86 -27.32 4.45
N SER A 154 -15.85 -25.99 4.54
CA SER A 154 -16.99 -25.17 5.00
C SER A 154 -18.07 -25.00 3.91
N ILE A 155 -19.14 -24.28 4.27
CA ILE A 155 -20.36 -24.10 3.48
C ILE A 155 -20.15 -23.26 2.21
N LEU A 156 -21.07 -23.42 1.24
CA LEU A 156 -21.09 -22.70 -0.03
C LEU A 156 -21.73 -21.29 0.04
N LEU A 157 -21.73 -20.57 -1.08
CA LEU A 157 -22.35 -19.25 -1.22
C LEU A 157 -23.89 -19.38 -1.25
N HIS A 158 -24.57 -18.61 -0.39
CA HIS A 158 -26.02 -18.53 -0.20
C HIS A 158 -26.67 -19.87 0.18
N ASN A 20 13.88 8.67 -7.88
CA ASN A 20 12.51 9.14 -8.01
C ASN A 20 11.57 8.00 -7.59
N CYS A 21 10.37 8.32 -7.09
CA CYS A 21 9.42 7.35 -6.55
C CYS A 21 8.98 6.26 -7.55
N ARG A 22 9.20 6.41 -8.87
CA ARG A 22 8.92 5.38 -9.90
C ARG A 22 9.65 4.05 -9.70
N LYS A 23 10.81 4.02 -9.01
CA LYS A 23 11.51 2.80 -8.59
C LYS A 23 10.93 2.17 -7.31
N LEU A 24 10.37 2.99 -6.41
CA LEU A 24 9.85 2.56 -5.10
C LEU A 24 8.41 2.04 -5.21
N VAL A 25 7.52 2.80 -5.86
CA VAL A 25 6.10 2.41 -6.07
C VAL A 25 5.99 1.09 -6.86
N ALA A 26 6.93 0.86 -7.77
CA ALA A 26 7.12 -0.38 -8.53
C ALA A 26 7.42 -1.63 -7.67
N SER A 27 7.75 -1.46 -6.40
CA SER A 27 8.16 -2.54 -5.47
C SER A 27 7.00 -3.09 -4.64
N MET A 28 5.82 -2.50 -4.79
CA MET A 28 4.56 -3.08 -4.38
C MET A 28 4.11 -4.05 -5.49
N PRO A 29 3.63 -5.27 -5.17
CA PRO A 29 3.29 -6.29 -6.17
C PRO A 29 2.17 -5.88 -7.12
N LEU A 30 1.28 -4.98 -6.70
CA LEU A 30 0.25 -4.35 -7.54
C LEU A 30 0.84 -3.56 -8.73
N PHE A 31 2.12 -3.19 -8.67
CA PHE A 31 2.86 -2.44 -9.69
C PHE A 31 4.02 -3.27 -10.30
N ALA A 32 4.13 -4.57 -9.96
CA ALA A 32 5.20 -5.45 -10.43
C ALA A 32 5.23 -5.58 -11.95
N ASN A 33 4.02 -5.56 -12.52
CA ASN A 33 3.68 -5.93 -13.88
C ASN A 33 3.16 -4.70 -14.66
N ALA A 34 3.31 -3.50 -14.09
CA ALA A 34 2.79 -2.24 -14.61
C ALA A 34 3.54 -1.69 -15.84
N ASP A 35 2.84 -0.85 -16.62
CA ASP A 35 3.44 0.06 -17.59
C ASP A 35 4.15 1.23 -16.87
N PRO A 36 5.43 1.52 -17.15
CA PRO A 36 6.23 2.47 -16.36
C PRO A 36 5.72 3.91 -16.40
N ASN A 37 4.87 4.25 -17.36
CA ASN A 37 4.29 5.59 -17.52
C ASN A 37 2.95 5.72 -16.78
N PHE A 38 2.17 4.63 -16.71
CA PHE A 38 1.02 4.53 -15.82
C PHE A 38 1.45 4.72 -14.35
N VAL A 39 2.53 4.04 -13.93
CA VAL A 39 3.01 4.17 -12.52
C VAL A 39 3.54 5.56 -12.19
N THR A 40 4.17 6.21 -13.18
CA THR A 40 4.74 7.56 -13.09
C THR A 40 3.66 8.64 -13.12
N ALA A 41 2.59 8.45 -13.89
CA ALA A 41 1.49 9.39 -13.95
C ALA A 41 0.78 9.52 -12.58
N MET A 42 0.96 8.52 -11.72
CA MET A 42 0.39 8.45 -10.37
C MET A 42 1.13 9.33 -9.32
N LEU A 43 2.32 9.83 -9.64
CA LEU A 43 3.23 10.51 -8.70
C LEU A 43 3.01 12.03 -8.58
N THR A 44 2.36 12.67 -9.56
CA THR A 44 2.31 14.15 -9.73
C THR A 44 1.77 14.94 -8.52
N LYS A 45 0.85 14.38 -7.71
CA LYS A 45 0.37 14.98 -6.44
C LYS A 45 0.70 14.18 -5.19
N LEU A 46 1.45 13.07 -5.32
CA LEU A 46 1.73 12.12 -4.23
C LEU A 46 2.71 12.73 -3.22
N LYS A 47 2.55 12.40 -1.93
CA LYS A 47 3.17 13.12 -0.82
C LYS A 47 4.08 12.26 0.06
N PHE A 48 5.19 12.83 0.53
CA PHE A 48 6.10 12.22 1.49
C PHE A 48 5.80 12.66 2.94
N GLU A 49 6.12 11.81 3.94
CA GLU A 49 5.99 12.17 5.37
C GLU A 49 7.08 11.53 6.25
N VAL A 50 7.42 12.13 7.40
CA VAL A 50 8.51 11.69 8.30
C VAL A 50 8.02 11.40 9.71
N PHE A 51 8.66 10.43 10.37
CA PHE A 51 8.51 10.12 11.80
C PHE A 51 9.89 9.94 12.48
N GLN A 52 9.96 10.16 13.79
CA GLN A 52 11.21 10.24 14.57
C GLN A 52 11.19 9.31 15.81
N PRO A 53 12.35 9.04 16.46
CA PRO A 53 12.49 7.93 17.41
C PRO A 53 11.48 7.96 18.57
N GLY A 54 10.56 6.99 18.59
CA GLY A 54 9.53 6.83 19.61
C GLY A 54 8.12 7.23 19.17
N ASP A 55 7.95 7.80 17.98
CA ASP A 55 6.66 8.32 17.51
C ASP A 55 5.87 7.27 16.69
N TYR A 56 4.61 7.07 17.06
CA TYR A 56 3.68 6.10 16.46
C TYR A 56 3.15 6.59 15.11
N ILE A 57 3.19 5.73 14.08
CA ILE A 57 3.05 6.17 12.69
C ILE A 57 1.63 6.01 12.10
N ILE A 58 0.87 4.99 12.52
CA ILE A 58 -0.34 4.46 11.88
C ILE A 58 -1.58 4.52 12.78
N ARG A 59 -2.78 4.63 12.19
CA ARG A 59 -4.10 4.62 12.85
C ARG A 59 -5.21 4.12 11.91
N GLU A 60 -6.37 3.74 12.45
CA GLU A 60 -7.64 3.53 11.71
C GLU A 60 -8.25 4.86 11.21
N GLY A 61 -9.08 4.78 10.17
CA GLY A 61 -9.81 5.90 9.55
C GLY A 61 -10.98 5.48 8.66
N THR A 62 -11.26 4.18 8.57
CA THR A 62 -12.28 3.51 7.75
C THR A 62 -12.00 3.53 6.25
N ILE A 63 -12.90 2.93 5.46
CA ILE A 63 -12.66 2.71 4.02
C ILE A 63 -12.40 4.04 3.30
N GLY A 64 -11.42 3.99 2.39
CA GLY A 64 -10.95 5.15 1.66
C GLY A 64 -9.73 5.83 2.31
N LYS A 65 -9.33 5.37 3.51
CA LYS A 65 -8.01 5.67 4.08
C LYS A 65 -6.87 5.22 3.13
N LYS A 66 -5.83 6.05 3.02
CA LYS A 66 -4.72 5.91 2.07
C LYS A 66 -3.58 5.02 2.57
N MET A 67 -2.74 4.60 1.63
CA MET A 67 -1.69 3.59 1.77
C MET A 67 -0.32 4.25 1.99
N TYR A 68 0.57 3.58 2.74
CA TYR A 68 1.89 4.12 3.14
C TYR A 68 3.04 3.16 2.83
N PHE A 69 4.23 3.70 2.55
CA PHE A 69 5.43 2.88 2.28
C PHE A 69 6.74 3.53 2.76
N ILE A 70 7.73 2.69 3.10
CA ILE A 70 8.97 3.07 3.78
C ILE A 70 10.09 3.37 2.77
N GLN A 71 10.58 4.60 2.73
CA GLN A 71 11.64 4.99 1.78
C GLN A 71 13.03 4.84 2.39
N HIS A 72 13.27 5.42 3.56
CA HIS A 72 14.53 5.30 4.32
C HIS A 72 14.28 5.36 5.84
N GLY A 73 14.52 4.26 6.56
CA GLY A 73 14.56 4.22 8.02
C GLY A 73 14.10 2.87 8.55
N VAL A 74 13.84 2.79 9.86
CA VAL A 74 13.51 1.54 10.56
C VAL A 74 12.35 1.78 11.54
N VAL A 75 11.45 0.82 11.67
CA VAL A 75 10.29 0.85 12.57
C VAL A 75 10.24 -0.37 13.50
N SER A 76 9.73 -0.17 14.71
CA SER A 76 9.50 -1.17 15.75
C SER A 76 8.00 -1.31 15.94
N VAL A 77 7.56 -2.55 15.88
CA VAL A 77 6.34 -2.92 15.18
C VAL A 77 5.66 -4.04 15.94
N LEU A 78 4.34 -4.12 15.85
CA LEU A 78 3.61 -5.31 16.28
C LEU A 78 2.86 -5.88 15.08
N THR A 79 2.90 -7.20 14.92
CA THR A 79 1.83 -7.91 14.18
C THR A 79 0.70 -8.42 15.09
N LYS A 80 -0.54 -8.09 14.71
CA LYS A 80 -1.77 -8.67 15.31
C LYS A 80 -1.79 -10.19 15.15
N GLY A 81 -2.35 -10.89 16.13
CA GLY A 81 -2.15 -12.33 16.33
C GLY A 81 -0.81 -12.71 16.95
N ASN A 82 0.19 -11.84 16.83
CA ASN A 82 1.57 -12.27 16.70
C ASN A 82 2.50 -11.40 17.58
N LYS A 83 3.67 -11.04 17.01
CA LYS A 83 4.89 -10.68 17.73
C LYS A 83 5.17 -9.19 17.75
N GLU A 84 6.12 -8.85 18.62
CA GLU A 84 6.83 -7.59 18.58
C GLU A 84 8.15 -7.73 17.81
N MET A 85 8.28 -6.92 16.76
CA MET A 85 9.29 -7.00 15.70
C MET A 85 9.99 -5.67 15.45
N LYS A 86 10.94 -5.70 14.52
CA LYS A 86 11.39 -4.63 13.66
C LYS A 86 11.07 -4.87 12.17
N LEU A 87 11.07 -3.79 11.40
CA LEU A 87 10.75 -3.69 9.98
C LEU A 87 11.51 -2.47 9.39
N SER A 88 11.88 -2.48 8.11
CA SER A 88 12.79 -1.47 7.51
C SER A 88 12.48 -1.15 6.04
N ASP A 89 13.27 -0.24 5.46
CA ASP A 89 13.04 0.43 4.18
C ASP A 89 12.83 -0.48 2.97
N GLY A 90 12.06 0.01 1.99
CA GLY A 90 11.63 -0.74 0.82
C GLY A 90 10.39 -1.62 1.03
N SER A 91 9.72 -1.45 2.17
CA SER A 91 8.54 -2.19 2.64
C SER A 91 7.28 -1.30 2.69
N TYR A 92 6.09 -1.87 2.91
CA TYR A 92 4.83 -1.10 2.88
C TYR A 92 3.70 -1.60 3.80
N PHE A 93 2.85 -0.68 4.25
CA PHE A 93 1.90 -0.82 5.38
C PHE A 93 0.79 0.27 5.42
N GLY A 94 -0.05 0.26 6.46
CA GLY A 94 -1.06 1.29 6.76
C GLY A 94 -2.46 0.89 6.32
N GLU A 95 -2.66 0.75 5.02
CA GLU A 95 -3.88 0.18 4.41
C GLU A 95 -3.55 -0.46 3.07
N ILE A 96 -4.31 -1.51 2.73
CA ILE A 96 -4.49 -1.94 1.34
C ILE A 96 -6.00 -2.12 1.12
N CYS A 97 -6.61 -1.11 0.50
CA CYS A 97 -8.03 -1.02 0.18
C CYS A 97 -8.29 -0.99 -1.35
N LEU A 98 -7.21 -1.08 -2.14
CA LEU A 98 -7.15 -0.73 -3.57
C LEU A 98 -8.05 -1.60 -4.45
N LEU A 99 -8.09 -2.91 -4.18
CA LEU A 99 -9.03 -3.89 -4.79
C LEU A 99 -9.71 -4.77 -3.72
N THR A 100 -9.67 -4.30 -2.47
CA THR A 100 -9.57 -5.14 -1.26
C THR A 100 -10.34 -4.57 -0.06
N ARG A 101 -10.53 -5.39 0.99
CA ARG A 101 -11.13 -4.99 2.29
C ARG A 101 -10.19 -4.15 3.16
N GLY A 102 -10.78 -3.25 3.95
CA GLY A 102 -10.14 -2.17 4.70
C GLY A 102 -10.29 -2.28 6.22
N ARG A 103 -10.62 -1.14 6.86
CA ARG A 103 -10.69 -0.90 8.33
C ARG A 103 -9.37 -1.21 9.07
N ARG A 104 -8.22 -1.14 8.37
CA ARG A 104 -6.94 -1.62 8.89
C ARG A 104 -6.28 -0.63 9.85
N THR A 105 -5.83 -1.14 11.00
CA THR A 105 -4.91 -0.44 11.92
C THR A 105 -3.86 -1.41 12.47
N ALA A 106 -2.70 -0.89 12.85
CA ALA A 106 -1.57 -1.64 13.39
C ALA A 106 -0.80 -0.81 14.42
N SER A 107 -0.26 -1.48 15.45
CA SER A 107 0.52 -0.87 16.52
C SER A 107 2.00 -0.81 16.11
N VAL A 108 2.47 0.34 15.64
CA VAL A 108 3.87 0.50 15.17
C VAL A 108 4.39 1.93 15.33
N ARG A 109 5.66 2.06 15.75
CA ARG A 109 6.39 3.33 15.95
C ARG A 109 7.74 3.33 15.24
N ALA A 110 8.30 4.51 15.00
CA ALA A 110 9.66 4.62 14.46
C ALA A 110 10.73 4.28 15.52
N ASP A 111 11.72 3.45 15.16
CA ASP A 111 12.87 3.11 16.02
C ASP A 111 13.91 4.24 16.10
N THR A 112 13.86 5.08 15.07
CA THR A 112 14.88 5.99 14.55
C THR A 112 14.17 7.08 13.73
N TYR A 113 14.86 8.09 13.17
CA TYR A 113 14.27 8.91 12.10
C TYR A 113 13.98 8.01 10.87
N CYS A 114 12.72 8.01 10.43
CA CYS A 114 12.22 7.19 9.33
C CYS A 114 11.36 8.04 8.38
N ARG A 115 11.73 8.04 7.11
CA ARG A 115 11.07 8.78 6.03
C ARG A 115 10.21 7.84 5.19
N LEU A 116 8.94 8.20 5.11
CA LEU A 116 7.83 7.46 4.50
C LEU A 116 7.24 8.23 3.31
N TYR A 117 6.29 7.60 2.63
CA TYR A 117 5.47 8.12 1.54
C TYR A 117 4.00 7.73 1.76
N SER A 118 3.06 8.50 1.20
CA SER A 118 1.64 8.11 1.18
C SER A 118 0.90 8.40 -0.14
N LEU A 119 -0.02 7.51 -0.51
CA LEU A 119 -0.73 7.51 -1.80
C LEU A 119 -2.17 7.00 -1.66
N SER A 120 -3.14 7.78 -2.15
CA SER A 120 -4.58 7.52 -2.11
C SER A 120 -5.08 6.54 -3.17
N VAL A 121 -6.01 5.66 -2.78
CA VAL A 121 -6.68 4.74 -3.72
C VAL A 121 -7.59 5.47 -4.69
N ASP A 122 -8.10 6.66 -4.34
CA ASP A 122 -8.87 7.47 -5.30
C ASP A 122 -7.98 7.85 -6.48
N ASN A 123 -6.76 8.32 -6.20
CA ASN A 123 -5.84 8.81 -7.23
C ASN A 123 -5.20 7.68 -8.07
N PHE A 124 -5.20 6.42 -7.58
CA PHE A 124 -4.96 5.19 -8.34
C PHE A 124 -6.15 4.83 -9.25
N ASN A 125 -7.35 4.74 -8.68
CA ASN A 125 -8.56 4.38 -9.41
C ASN A 125 -8.92 5.44 -10.48
N GLU A 126 -8.45 6.69 -10.31
CA GLU A 126 -8.50 7.77 -11.29
C GLU A 126 -7.61 7.52 -12.52
N VAL A 127 -6.31 7.26 -12.31
CA VAL A 127 -5.30 7.12 -13.38
C VAL A 127 -5.49 5.85 -14.21
N LEU A 128 -6.11 4.81 -13.62
CA LEU A 128 -6.52 3.61 -14.37
C LEU A 128 -7.50 3.90 -15.53
N GLU A 129 -8.20 5.05 -15.52
CA GLU A 129 -9.09 5.47 -16.61
C GLU A 129 -8.34 5.93 -17.87
N GLU A 130 -7.02 6.12 -17.83
CA GLU A 130 -6.20 6.49 -19.00
C GLU A 130 -5.58 5.28 -19.73
N TYR A 131 -5.60 4.12 -19.06
CA TYR A 131 -4.98 2.85 -19.46
C TYR A 131 -5.97 1.67 -19.39
N PRO A 132 -6.98 1.59 -20.28
CA PRO A 132 -8.00 0.52 -20.26
C PRO A 132 -7.42 -0.91 -20.32
N MET A 133 -6.21 -1.11 -20.85
CA MET A 133 -5.55 -2.44 -20.82
C MET A 133 -5.19 -2.87 -19.38
N MET A 134 -4.88 -1.91 -18.49
CA MET A 134 -4.39 -2.19 -17.13
C MET A 134 -5.51 -2.66 -16.20
N ARG A 135 -6.78 -2.36 -16.51
CA ARG A 135 -7.94 -2.99 -15.85
C ARG A 135 -7.89 -4.49 -16.06
N ARG A 136 -7.81 -4.93 -17.32
CA ARG A 136 -7.73 -6.36 -17.69
C ARG A 136 -6.53 -7.05 -17.04
N ALA A 137 -5.40 -6.36 -17.04
CA ALA A 137 -4.14 -6.77 -16.38
C ALA A 137 -4.25 -7.04 -14.86
N PHE A 138 -5.25 -6.49 -14.18
CA PHE A 138 -5.66 -6.86 -12.82
C PHE A 138 -6.77 -7.94 -12.80
N GLU A 139 -7.71 -7.95 -13.76
CA GLU A 139 -8.75 -8.99 -13.85
C GLU A 139 -8.18 -10.39 -14.16
N THR A 140 -7.02 -10.48 -14.81
CA THR A 140 -6.36 -11.73 -15.23
C THR A 140 -5.66 -12.46 -14.09
N VAL A 141 -5.36 -11.71 -13.01
CA VAL A 141 -4.69 -12.17 -11.78
C VAL A 141 -5.69 -12.40 -10.64
N ALA A 142 -6.76 -11.60 -10.61
CA ALA A 142 -7.83 -11.64 -9.60
C ALA A 142 -8.33 -13.06 -9.27
N ILE A 143 -8.50 -13.91 -10.30
CA ILE A 143 -9.06 -15.26 -10.17
C ILE A 143 -8.09 -16.30 -9.56
N ASP A 144 -6.80 -15.96 -9.45
CA ASP A 144 -5.72 -16.83 -8.95
C ASP A 144 -5.11 -16.32 -7.63
N ARG A 145 -5.12 -15.01 -7.40
CA ARG A 145 -4.37 -14.28 -6.36
C ARG A 145 -4.70 -14.68 -4.90
N LEU A 146 -5.89 -15.22 -4.63
CA LEU A 146 -6.42 -15.46 -3.27
C LEU A 146 -5.46 -16.23 -2.36
N ASP A 147 -5.04 -17.43 -2.76
CA ASP A 147 -4.22 -18.35 -1.94
C ASP A 147 -2.70 -18.13 -2.06
N ARG A 148 -2.27 -17.12 -2.85
CA ARG A 148 -0.87 -16.91 -3.25
C ARG A 148 0.02 -16.22 -2.20
N ILE A 149 -0.61 -15.44 -1.31
CA ILE A 149 -0.26 -15.14 0.10
C ILE A 149 1.20 -14.73 0.42
N GLY A 150 1.34 -13.73 1.30
CA GLY A 150 2.63 -13.14 1.72
C GLY A 150 3.48 -14.00 2.67
N LYS A 151 3.27 -15.32 2.70
CA LYS A 151 3.94 -16.29 3.58
C LYS A 151 5.41 -16.53 3.18
N LYS A 152 6.30 -16.49 4.17
CA LYS A 152 7.76 -16.63 4.02
C LYS A 152 8.33 -17.56 5.08
N ASN A 153 9.57 -18.01 4.86
CA ASN A 153 10.34 -18.76 5.84
C ASN A 153 10.67 -17.93 7.10
N SER A 154 10.58 -16.59 7.01
CA SER A 154 10.64 -15.61 8.11
C SER A 154 9.29 -15.29 8.78
N ILE A 155 8.20 -15.12 8.02
CA ILE A 155 6.97 -14.45 8.50
C ILE A 155 5.65 -15.03 7.94
N LEU A 156 4.60 -14.84 8.74
CA LEU A 156 3.18 -15.10 8.46
C LEU A 156 2.32 -13.93 9.00
N LEU A 157 1.05 -13.83 8.60
CA LEU A 157 0.12 -12.80 9.12
C LEU A 157 -1.35 -13.25 9.22
N HIS A 158 -1.66 -13.98 10.30
CA HIS A 158 -2.98 -14.09 10.96
C HIS A 158 -4.18 -14.31 10.01
N ASN A 20 13.80 9.28 -6.27
CA ASN A 20 13.68 7.95 -5.66
C ASN A 20 12.29 7.29 -5.78
N CYS A 21 11.19 8.01 -5.49
CA CYS A 21 9.82 7.51 -5.61
C CYS A 21 9.50 6.81 -6.96
N ARG A 22 10.09 7.24 -8.09
CA ARG A 22 9.85 6.65 -9.42
C ARG A 22 10.36 5.22 -9.58
N LYS A 23 11.47 4.87 -8.92
CA LYS A 23 11.94 3.48 -8.75
C LYS A 23 11.33 2.76 -7.54
N LEU A 24 11.02 3.50 -6.47
CA LEU A 24 10.57 2.93 -5.19
C LEU A 24 9.13 2.41 -5.25
N VAL A 25 8.23 3.15 -5.92
CA VAL A 25 6.84 2.74 -6.20
C VAL A 25 6.81 1.56 -7.18
N ALA A 26 7.64 1.61 -8.22
CA ALA A 26 7.76 0.57 -9.25
C ALA A 26 8.31 -0.77 -8.72
N SER A 27 8.87 -0.81 -7.51
CA SER A 27 9.56 -1.95 -6.92
C SER A 27 8.65 -2.81 -6.03
N MET A 28 7.42 -2.35 -5.80
CA MET A 28 6.38 -3.07 -5.09
C MET A 28 5.87 -4.29 -5.90
N PRO A 29 5.39 -5.36 -5.23
CA PRO A 29 4.82 -6.54 -5.91
C PRO A 29 3.42 -6.27 -6.49
N LEU A 30 2.78 -5.20 -6.02
CA LEU A 30 1.58 -4.56 -6.58
C LEU A 30 1.88 -3.87 -7.94
N PHE A 31 3.16 -3.56 -8.21
CA PHE A 31 3.69 -2.92 -9.42
C PHE A 31 4.59 -3.88 -10.25
N ALA A 32 4.56 -5.18 -9.97
CA ALA A 32 5.37 -6.23 -10.61
C ALA A 32 5.33 -6.20 -12.15
N ASN A 33 4.17 -5.80 -12.67
CA ASN A 33 3.79 -5.84 -14.07
C ASN A 33 3.53 -4.43 -14.63
N ALA A 34 3.75 -3.39 -13.82
CA ALA A 34 3.35 -2.01 -14.15
C ALA A 34 4.04 -1.42 -15.39
N ASP A 35 3.26 -0.81 -16.29
CA ASP A 35 3.73 -0.05 -17.43
C ASP A 35 4.43 1.26 -16.95
N PRO A 36 5.66 1.57 -17.40
CA PRO A 36 6.45 2.71 -16.89
C PRO A 36 5.78 4.08 -17.08
N ASN A 37 4.77 4.18 -17.94
CA ASN A 37 4.05 5.41 -18.24
C ASN A 37 2.84 5.59 -17.31
N PHE A 38 2.17 4.48 -16.99
CA PHE A 38 1.11 4.41 -15.97
C PHE A 38 1.66 4.80 -14.59
N VAL A 39 2.79 4.22 -14.19
CA VAL A 39 3.39 4.50 -12.87
C VAL A 39 3.83 5.96 -12.75
N THR A 40 4.33 6.52 -13.85
CA THR A 40 4.82 7.90 -13.96
C THR A 40 3.68 8.90 -13.94
N ALA A 41 2.55 8.61 -14.60
CA ALA A 41 1.39 9.50 -14.61
C ALA A 41 0.80 9.70 -13.20
N MET A 42 1.11 8.79 -12.27
CA MET A 42 0.66 8.85 -10.88
C MET A 42 1.42 9.85 -10.00
N LEU A 43 2.67 10.18 -10.35
CA LEU A 43 3.62 10.87 -9.46
C LEU A 43 3.43 12.41 -9.40
N THR A 44 2.59 12.96 -10.28
CA THR A 44 2.22 14.39 -10.38
C THR A 44 1.99 15.10 -9.04
N LYS A 45 1.29 14.45 -8.09
CA LYS A 45 0.95 14.99 -6.76
C LYS A 45 1.65 14.31 -5.59
N LEU A 46 2.62 13.42 -5.83
CA LEU A 46 3.15 12.54 -4.79
C LEU A 46 3.81 13.33 -3.64
N LYS A 47 3.60 12.88 -2.41
CA LYS A 47 4.04 13.59 -1.19
C LYS A 47 4.80 12.68 -0.22
N PHE A 48 5.86 13.21 0.38
CA PHE A 48 6.68 12.51 1.37
C PHE A 48 6.52 13.10 2.77
N GLU A 49 6.75 12.27 3.79
CA GLU A 49 6.55 12.59 5.21
C GLU A 49 7.65 11.97 6.09
N VAL A 50 7.76 12.44 7.34
CA VAL A 50 8.71 11.95 8.34
C VAL A 50 8.02 11.67 9.67
N PHE A 51 8.45 10.61 10.33
CA PHE A 51 8.14 10.32 11.73
C PHE A 51 9.43 10.24 12.56
N GLN A 52 9.39 10.77 13.78
CA GLN A 52 10.50 10.72 14.74
C GLN A 52 10.52 9.39 15.53
N PRO A 53 11.60 9.06 16.26
CA PRO A 53 11.67 7.80 17.02
C PRO A 53 10.52 7.63 18.02
N GLY A 54 9.91 6.45 18.04
CA GLY A 54 8.88 6.04 18.99
C GLY A 54 7.45 6.34 18.53
N ASP A 55 7.28 6.99 17.38
CA ASP A 55 6.02 7.57 16.92
C ASP A 55 5.22 6.59 16.05
N TYR A 56 3.95 6.38 16.38
CA TYR A 56 3.05 5.50 15.64
C TYR A 56 2.63 6.13 14.31
N ILE A 57 2.84 5.41 13.20
CA ILE A 57 2.68 5.94 11.84
C ILE A 57 1.26 5.78 11.26
N ILE A 58 0.50 4.82 11.79
CA ILE A 58 -0.79 4.34 11.28
C ILE A 58 -1.81 4.21 12.42
N ARG A 59 -3.07 4.57 12.14
CA ARG A 59 -4.24 4.32 12.98
C ARG A 59 -5.49 4.24 12.08
N GLU A 60 -6.15 3.08 12.03
CA GLU A 60 -7.30 2.81 11.14
C GLU A 60 -8.65 3.32 11.70
N GLY A 61 -9.71 3.22 10.89
CA GLY A 61 -11.09 3.54 11.30
C GLY A 61 -12.09 3.74 10.15
N THR A 62 -11.65 3.63 8.89
CA THR A 62 -12.45 3.97 7.70
C THR A 62 -12.17 3.07 6.50
N ILE A 63 -13.16 2.95 5.62
CA ILE A 63 -13.05 2.27 4.31
C ILE A 63 -12.44 3.22 3.28
N GLY A 64 -11.48 2.73 2.49
CA GLY A 64 -10.86 3.47 1.38
C GLY A 64 -9.70 4.37 1.82
N LYS A 65 -9.01 3.98 2.91
CA LYS A 65 -7.88 4.73 3.50
C LYS A 65 -6.63 4.67 2.59
N LYS A 66 -5.57 5.40 2.93
CA LYS A 66 -4.41 5.67 2.07
C LYS A 66 -3.36 4.55 2.16
N MET A 67 -2.41 4.54 1.23
CA MET A 67 -1.19 3.69 1.35
C MET A 67 0.10 4.47 1.62
N TYR A 68 1.09 3.79 2.23
CA TYR A 68 2.36 4.37 2.68
C TYR A 68 3.53 3.41 2.38
N PHE A 69 4.70 3.95 2.05
CA PHE A 69 5.84 3.14 1.63
C PHE A 69 7.17 3.78 2.07
N ILE A 70 8.12 2.95 2.51
CA ILE A 70 9.27 3.39 3.32
C ILE A 70 10.44 3.83 2.43
N GLN A 71 10.92 5.08 2.58
CA GLN A 71 12.04 5.61 1.78
C GLN A 71 13.40 5.44 2.45
N HIS A 72 13.54 5.84 3.72
CA HIS A 72 14.81 5.80 4.47
C HIS A 72 14.58 5.73 5.98
N GLY A 73 14.70 4.54 6.57
CA GLY A 73 14.72 4.32 8.01
C GLY A 73 14.27 2.90 8.37
N VAL A 74 13.90 2.72 9.64
CA VAL A 74 13.49 1.43 10.20
C VAL A 74 12.21 1.64 11.03
N VAL A 75 11.31 0.67 11.01
CA VAL A 75 10.04 0.70 11.77
C VAL A 75 9.83 -0.63 12.51
N SER A 76 9.26 -0.57 13.71
CA SER A 76 8.75 -1.75 14.43
C SER A 76 7.24 -1.89 14.26
N VAL A 77 6.81 -2.96 13.58
CA VAL A 77 5.45 -3.49 13.59
C VAL A 77 5.25 -4.28 14.88
N LEU A 78 4.02 -4.30 15.40
CA LEU A 78 3.57 -5.25 16.41
C LEU A 78 2.45 -6.12 15.83
N THR A 79 2.33 -7.39 16.24
CA THR A 79 1.09 -8.17 16.04
C THR A 79 0.44 -8.56 17.38
N LYS A 80 -0.89 -8.43 17.48
CA LYS A 80 -1.67 -8.39 18.74
C LYS A 80 -1.48 -9.54 19.74
N GLY A 81 -1.43 -10.78 19.27
CA GLY A 81 -1.14 -11.98 20.07
C GLY A 81 0.36 -12.24 20.28
N ASN A 82 1.20 -11.42 19.65
CA ASN A 82 2.48 -11.85 19.11
C ASN A 82 3.62 -10.88 19.51
N LYS A 83 4.70 -10.88 18.72
CA LYS A 83 5.95 -10.16 18.92
C LYS A 83 6.03 -8.89 18.08
N GLU A 84 7.12 -8.16 18.26
CA GLU A 84 7.54 -7.10 17.36
C GLU A 84 8.19 -7.65 16.07
N MET A 85 8.22 -6.84 15.01
CA MET A 85 8.83 -7.14 13.71
C MET A 85 9.42 -5.89 13.06
N LYS A 86 10.70 -5.95 12.67
CA LYS A 86 11.39 -4.85 11.96
C LYS A 86 11.14 -4.83 10.45
N LEU A 87 10.79 -3.66 9.93
CA LEU A 87 10.69 -3.30 8.50
C LEU A 87 11.62 -2.12 8.15
N SER A 88 11.97 -1.95 6.88
CA SER A 88 13.05 -1.07 6.40
C SER A 88 12.75 -0.40 5.04
N ASP A 89 13.67 0.42 4.51
CA ASP A 89 13.53 1.05 3.19
C ASP A 89 13.11 0.08 2.06
N GLY A 90 12.11 0.47 1.26
CA GLY A 90 11.50 -0.35 0.21
C GLY A 90 10.31 -1.22 0.64
N SER A 91 10.08 -1.40 1.95
CA SER A 91 8.86 -2.04 2.47
C SER A 91 7.63 -1.12 2.32
N TYR A 92 6.42 -1.69 2.37
CA TYR A 92 5.17 -1.01 2.02
C TYR A 92 3.96 -1.55 2.81
N PHE A 93 3.08 -0.64 3.28
CA PHE A 93 1.83 -0.96 4.03
C PHE A 93 0.70 0.08 3.85
N GLY A 94 -0.44 -0.14 4.53
CA GLY A 94 -1.68 0.64 4.40
C GLY A 94 -2.85 -0.22 3.93
N GLU A 95 -3.44 -0.99 4.86
CA GLU A 95 -4.48 -2.01 4.63
C GLU A 95 -4.16 -2.90 3.40
N ILE A 96 -5.17 -3.30 2.62
CA ILE A 96 -5.01 -3.85 1.25
C ILE A 96 -5.55 -2.81 0.25
N CYS A 97 -6.81 -2.43 0.41
CA CYS A 97 -7.47 -1.27 -0.21
C CYS A 97 -7.44 -1.27 -1.77
N LEU A 98 -7.49 -0.07 -2.37
CA LEU A 98 -7.75 0.27 -3.78
C LEU A 98 -9.07 -0.32 -4.31
N LEU A 99 -9.08 -1.64 -4.56
CA LEU A 99 -10.16 -2.42 -5.13
C LEU A 99 -10.93 -3.29 -4.11
N THR A 100 -10.40 -3.44 -2.89
CA THR A 100 -11.11 -4.12 -1.79
C THR A 100 -11.54 -3.15 -0.69
N ARG A 101 -12.57 -3.52 0.08
CA ARG A 101 -13.18 -2.68 1.12
C ARG A 101 -13.70 -3.48 2.32
N GLY A 102 -13.69 -2.80 3.46
CA GLY A 102 -13.98 -3.31 4.82
C GLY A 102 -12.79 -3.04 5.75
N ARG A 103 -13.06 -2.57 6.97
CA ARG A 103 -12.05 -2.02 7.89
C ARG A 103 -11.12 -3.09 8.47
N ARG A 104 -9.85 -2.71 8.69
CA ARG A 104 -8.75 -3.52 9.26
C ARG A 104 -8.05 -2.72 10.37
N THR A 105 -7.11 -3.31 11.11
CA THR A 105 -6.41 -2.65 12.24
C THR A 105 -4.93 -3.04 12.34
N ALA A 106 -4.05 -2.06 12.51
CA ALA A 106 -2.61 -2.21 12.73
C ALA A 106 -2.11 -1.45 13.99
N SER A 107 -1.00 -1.93 14.55
CA SER A 107 -0.19 -1.24 15.56
C SER A 107 1.28 -1.22 15.10
N VAL A 108 1.75 -0.08 14.57
CA VAL A 108 3.11 0.04 14.01
C VAL A 108 3.70 1.44 14.18
N ARG A 109 4.99 1.51 14.53
CA ARG A 109 5.71 2.74 14.91
C ARG A 109 7.12 2.83 14.32
N ALA A 110 7.62 4.05 14.21
CA ALA A 110 8.98 4.32 13.75
C ALA A 110 10.00 3.99 14.87
N ASP A 111 11.01 3.18 14.56
CA ASP A 111 12.03 2.75 15.54
C ASP A 111 13.10 3.82 15.81
N THR A 112 13.11 4.80 14.93
CA THR A 112 14.14 5.80 14.64
C THR A 112 13.47 6.93 13.82
N TYR A 113 14.16 8.02 13.53
CA TYR A 113 13.72 8.97 12.51
C TYR A 113 13.57 8.24 11.17
N CYS A 114 12.38 8.26 10.58
CA CYS A 114 12.05 7.50 9.36
C CYS A 114 11.34 8.38 8.32
N ARG A 115 11.92 8.41 7.11
CA ARG A 115 11.39 9.04 5.90
C ARG A 115 10.41 8.07 5.24
N LEU A 116 9.13 8.43 5.21
CA LEU A 116 8.07 7.71 4.49
C LEU A 116 7.61 8.49 3.26
N TYR A 117 6.93 7.79 2.34
CA TYR A 117 6.23 8.36 1.20
C TYR A 117 4.75 7.97 1.28
N SER A 118 3.83 8.90 0.95
CA SER A 118 2.38 8.75 1.14
C SER A 118 1.63 8.91 -0.19
N LEU A 119 0.70 7.99 -0.48
CA LEU A 119 -0.03 7.94 -1.75
C LEU A 119 -1.53 7.77 -1.49
N SER A 120 -2.31 8.77 -1.90
CA SER A 120 -3.77 8.74 -1.83
C SER A 120 -4.35 7.66 -2.74
N VAL A 121 -5.06 6.70 -2.14
CA VAL A 121 -5.59 5.54 -2.85
C VAL A 121 -6.43 5.93 -4.06
N ASP A 122 -7.22 6.97 -3.88
CA ASP A 122 -8.26 7.27 -4.84
C ASP A 122 -7.67 7.90 -6.12
N ASN A 123 -6.50 8.55 -6.01
CA ASN A 123 -5.78 9.13 -7.15
C ASN A 123 -4.98 8.07 -7.94
N PHE A 124 -4.70 6.91 -7.34
CA PHE A 124 -4.27 5.67 -8.00
C PHE A 124 -5.45 5.06 -8.78
N ASN A 125 -6.62 4.93 -8.13
CA ASN A 125 -7.84 4.44 -8.79
C ASN A 125 -8.30 5.33 -9.97
N GLU A 126 -7.96 6.63 -9.97
CA GLU A 126 -8.21 7.56 -11.09
C GLU A 126 -7.34 7.25 -12.32
N VAL A 127 -6.04 7.04 -12.12
CA VAL A 127 -5.07 6.71 -13.19
C VAL A 127 -5.25 5.27 -13.70
N LEU A 128 -5.78 4.38 -12.86
CA LEU A 128 -6.31 3.07 -13.28
C LEU A 128 -7.27 3.12 -14.49
N GLU A 129 -8.06 4.19 -14.63
CA GLU A 129 -9.02 4.33 -15.73
C GLU A 129 -8.37 4.85 -17.03
N GLU A 130 -7.16 5.42 -16.98
CA GLU A 130 -6.40 5.88 -18.15
C GLU A 130 -5.71 4.75 -18.92
N TYR A 131 -5.53 3.59 -18.27
CA TYR A 131 -4.81 2.42 -18.79
C TYR A 131 -5.69 1.16 -18.65
N PRO A 132 -6.70 0.96 -19.51
CA PRO A 132 -7.65 -0.16 -19.42
C PRO A 132 -7.05 -1.58 -19.46
N MET A 133 -5.79 -1.76 -19.84
CA MET A 133 -5.05 -3.01 -19.59
C MET A 133 -4.71 -3.15 -18.09
N MET A 134 -4.12 -2.13 -17.49
CA MET A 134 -3.68 -2.14 -16.10
C MET A 134 -4.86 -2.21 -15.13
N ARG A 135 -6.02 -1.66 -15.50
CA ARG A 135 -7.30 -1.84 -14.80
C ARG A 135 -7.67 -3.32 -14.64
N ARG A 136 -7.53 -4.10 -15.72
CA ARG A 136 -7.91 -5.51 -15.79
C ARG A 136 -7.09 -6.38 -14.83
N ALA A 137 -5.78 -6.11 -14.77
CA ALA A 137 -4.81 -6.76 -13.88
C ALA A 137 -5.20 -6.77 -12.38
N PHE A 138 -6.02 -5.80 -11.94
CA PHE A 138 -6.59 -5.75 -10.59
C PHE A 138 -8.01 -6.36 -10.45
N GLU A 139 -8.91 -6.19 -11.41
CA GLU A 139 -10.25 -6.83 -11.34
C GLU A 139 -10.23 -8.34 -11.59
N THR A 140 -9.15 -8.85 -12.20
CA THR A 140 -8.93 -10.28 -12.44
C THR A 140 -8.47 -11.04 -11.19
N VAL A 141 -7.94 -10.31 -10.20
CA VAL A 141 -7.52 -10.79 -8.87
C VAL A 141 -8.58 -10.49 -7.80
N ALA A 142 -9.23 -9.33 -7.89
CA ALA A 142 -10.26 -8.90 -6.92
C ALA A 142 -11.39 -9.93 -6.73
N ILE A 143 -11.79 -10.64 -7.79
CA ILE A 143 -12.83 -11.68 -7.72
C ILE A 143 -12.50 -12.84 -6.76
N ASP A 144 -11.22 -13.05 -6.45
CA ASP A 144 -10.73 -14.00 -5.44
C ASP A 144 -10.33 -13.30 -4.12
N ARG A 145 -9.83 -12.06 -4.19
CA ARG A 145 -9.33 -11.29 -3.03
C ARG A 145 -10.40 -11.00 -1.96
N LEU A 146 -11.65 -10.80 -2.40
CA LEU A 146 -12.82 -10.57 -1.55
C LEU A 146 -13.36 -11.88 -0.92
N ASP A 147 -12.89 -13.04 -1.41
CA ASP A 147 -13.13 -14.39 -0.87
C ASP A 147 -14.60 -14.66 -0.50
N ARG A 148 -14.91 -15.16 0.71
CA ARG A 148 -16.27 -15.25 1.27
C ARG A 148 -16.72 -14.04 2.10
N ILE A 149 -15.85 -13.04 2.28
CA ILE A 149 -15.98 -11.92 3.24
C ILE A 149 -16.33 -10.56 2.62
N GLY A 150 -16.68 -10.57 1.34
CA GLY A 150 -16.86 -9.37 0.52
C GLY A 150 -17.94 -8.41 1.02
N LYS A 151 -19.02 -8.91 1.65
CA LYS A 151 -20.06 -8.15 2.39
C LYS A 151 -20.61 -6.94 1.64
N LYS A 152 -21.52 -7.16 0.68
CA LYS A 152 -22.18 -6.13 -0.15
C LYS A 152 -22.85 -5.03 0.69
N ASN A 153 -22.70 -3.77 0.26
CA ASN A 153 -23.40 -2.60 0.79
C ASN A 153 -24.51 -2.12 -0.17
N SER A 154 -25.69 -1.85 0.36
CA SER A 154 -26.89 -1.48 -0.42
C SER A 154 -27.64 -0.28 0.21
N ILE A 155 -28.81 0.05 -0.35
CA ILE A 155 -29.60 1.25 -0.02
C ILE A 155 -30.07 1.36 1.44
N LEU A 156 -30.40 2.59 1.85
CA LEU A 156 -30.97 2.95 3.16
C LEU A 156 -32.43 3.41 3.01
N LEU A 157 -33.23 2.71 2.20
CA LEU A 157 -34.57 3.12 1.79
C LEU A 157 -35.51 1.91 1.53
N HIS A 158 -36.82 2.21 1.61
CA HIS A 158 -37.96 1.31 1.47
C HIS A 158 -38.08 0.65 0.09
N ASN A 20 14.59 7.71 -6.92
CA ASN A 20 13.56 6.90 -7.57
C ASN A 20 12.47 6.53 -6.56
N CYS A 21 11.21 6.82 -6.89
CA CYS A 21 10.03 6.45 -6.09
C CYS A 21 9.25 5.27 -6.70
N ARG A 22 9.25 5.10 -8.04
CA ARG A 22 8.52 3.99 -8.69
C ARG A 22 9.02 2.61 -8.25
N LYS A 23 10.32 2.44 -8.00
CA LYS A 23 10.94 1.21 -7.48
C LYS A 23 10.37 0.74 -6.13
N LEU A 24 9.78 1.64 -5.33
CA LEU A 24 9.13 1.28 -4.06
C LEU A 24 7.65 0.92 -4.26
N VAL A 25 6.89 1.70 -5.04
CA VAL A 25 5.49 1.38 -5.36
C VAL A 25 5.39 0.07 -6.16
N ALA A 26 6.32 -0.16 -7.10
CA ALA A 26 6.45 -1.40 -7.87
C ALA A 26 6.92 -2.63 -7.06
N SER A 27 7.20 -2.48 -5.76
CA SER A 27 7.65 -3.59 -4.91
C SER A 27 6.46 -4.41 -4.38
N MET A 28 5.28 -3.80 -4.37
CA MET A 28 4.00 -4.44 -4.11
C MET A 28 3.63 -5.38 -5.29
N PRO A 29 3.12 -6.60 -5.03
CA PRO A 29 2.78 -7.56 -6.09
C PRO A 29 1.67 -7.04 -7.01
N LEU A 30 0.77 -6.24 -6.46
CA LEU A 30 -0.29 -5.50 -7.16
C LEU A 30 0.25 -4.62 -8.31
N PHE A 31 1.48 -4.10 -8.20
CA PHE A 31 2.16 -3.26 -9.19
C PHE A 31 3.29 -4.00 -9.94
N ALA A 32 3.66 -5.23 -9.57
CA ALA A 32 4.83 -5.91 -10.12
C ALA A 32 4.77 -6.15 -11.64
N ASN A 33 3.56 -6.43 -12.11
CA ASN A 33 3.18 -6.65 -13.51
C ASN A 33 2.79 -5.36 -14.25
N ALA A 34 2.82 -4.22 -13.55
CA ALA A 34 2.31 -2.93 -14.06
C ALA A 34 3.10 -2.33 -15.22
N ASP A 35 2.42 -1.50 -16.02
CA ASP A 35 3.03 -0.64 -17.04
C ASP A 35 3.82 0.52 -16.40
N PRO A 36 5.10 0.74 -16.74
CA PRO A 36 5.97 1.70 -16.04
C PRO A 36 5.53 3.17 -16.14
N ASN A 37 4.60 3.49 -17.04
CA ASN A 37 4.08 4.85 -17.25
C ASN A 37 2.85 5.08 -16.36
N PHE A 38 1.96 4.09 -16.26
CA PHE A 38 0.82 4.08 -15.34
C PHE A 38 1.27 4.27 -13.88
N VAL A 39 2.27 3.50 -13.44
CA VAL A 39 2.72 3.54 -12.03
C VAL A 39 3.34 4.87 -11.64
N THR A 40 3.96 5.52 -12.62
CA THR A 40 4.68 6.78 -12.54
C THR A 40 3.75 7.97 -12.62
N ALA A 41 2.75 7.91 -13.50
CA ALA A 41 1.79 8.99 -13.73
C ALA A 41 0.99 9.37 -12.47
N MET A 42 0.93 8.50 -11.46
CA MET A 42 0.27 8.83 -10.19
C MET A 42 1.20 9.43 -9.11
N LEU A 43 2.52 9.43 -9.31
CA LEU A 43 3.50 9.95 -8.35
C LEU A 43 3.71 11.48 -8.48
N THR A 44 3.27 12.08 -9.58
CA THR A 44 3.54 13.47 -9.98
C THR A 44 3.11 14.53 -8.96
N LYS A 45 2.08 14.22 -8.15
CA LYS A 45 1.50 15.04 -7.06
C LYS A 45 1.79 14.54 -5.63
N LEU A 46 2.46 13.40 -5.50
CA LEU A 46 2.48 12.54 -4.30
C LEU A 46 3.05 13.23 -3.04
N LYS A 47 2.57 12.82 -1.86
CA LYS A 47 3.01 13.39 -0.57
C LYS A 47 4.08 12.58 0.14
N PHE A 48 5.08 13.30 0.62
CA PHE A 48 6.20 12.84 1.45
C PHE A 48 6.00 13.35 2.88
N GLU A 49 6.23 12.48 3.87
CA GLU A 49 6.09 12.86 5.29
C GLU A 49 7.20 12.30 6.17
N VAL A 50 7.50 12.99 7.26
CA VAL A 50 8.50 12.56 8.26
C VAL A 50 7.87 12.36 9.64
N PHE A 51 8.44 11.43 10.40
CA PHE A 51 8.19 11.24 11.84
C PHE A 51 9.50 11.23 12.64
N GLN A 52 9.44 11.65 13.91
CA GLN A 52 10.57 11.67 14.85
C GLN A 52 10.65 10.35 15.65
N PRO A 53 11.76 10.05 16.35
CA PRO A 53 11.91 8.81 17.12
C PRO A 53 10.84 8.68 18.22
N GLY A 54 10.19 7.52 18.32
CA GLY A 54 9.27 7.14 19.40
C GLY A 54 7.80 7.35 19.06
N ASP A 55 7.48 7.96 17.92
CA ASP A 55 6.12 8.38 17.57
C ASP A 55 5.42 7.35 16.66
N TYR A 56 4.11 7.20 16.86
CA TYR A 56 3.26 6.26 16.10
C TYR A 56 3.04 6.75 14.66
N ILE A 57 3.42 5.94 13.66
CA ILE A 57 3.51 6.38 12.26
C ILE A 57 2.21 6.28 11.44
N ILE A 58 1.24 5.51 11.90
CA ILE A 58 -0.01 5.20 11.17
C ILE A 58 -1.28 5.75 11.80
N ARG A 59 -2.33 5.85 10.98
CA ARG A 59 -3.70 6.22 11.32
C ARG A 59 -4.73 5.28 10.70
N GLU A 60 -6.01 5.50 11.02
CA GLU A 60 -7.18 4.66 10.71
C GLU A 60 -7.25 4.06 9.30
N GLY A 61 -7.93 2.91 9.16
CA GLY A 61 -8.15 2.18 7.90
C GLY A 61 -9.64 1.99 7.60
N THR A 62 -10.48 2.92 8.05
CA THR A 62 -11.87 3.07 7.58
C THR A 62 -11.92 3.22 6.06
N ILE A 63 -13.03 2.81 5.46
CA ILE A 63 -13.04 2.45 4.05
C ILE A 63 -12.76 3.69 3.19
N GLY A 64 -11.74 3.61 2.34
CA GLY A 64 -11.33 4.64 1.40
C GLY A 64 -10.10 5.45 1.87
N LYS A 65 -9.57 5.17 3.07
CA LYS A 65 -8.34 5.78 3.59
C LYS A 65 -7.05 5.36 2.83
N LYS A 66 -5.93 6.03 3.11
CA LYS A 66 -4.67 6.01 2.34
C LYS A 66 -3.73 4.85 2.69
N MET A 67 -2.71 4.65 1.85
CA MET A 67 -1.64 3.67 1.98
C MET A 67 -0.27 4.34 2.24
N TYR A 68 0.61 3.68 3.00
CA TYR A 68 1.88 4.23 3.49
C TYR A 68 3.07 3.27 3.32
N PHE A 69 4.24 3.83 2.98
CA PHE A 69 5.48 3.08 2.75
C PHE A 69 6.75 3.87 3.12
N ILE A 70 7.87 3.17 3.34
CA ILE A 70 9.07 3.70 4.01
C ILE A 70 10.13 4.17 2.99
N GLN A 71 10.39 5.48 2.92
CA GLN A 71 11.41 6.06 2.03
C GLN A 71 12.82 5.82 2.56
N HIS A 72 13.09 6.23 3.81
CA HIS A 72 14.40 6.07 4.45
C HIS A 72 14.28 6.15 5.98
N GLY A 73 14.68 5.09 6.69
CA GLY A 73 14.77 5.04 8.14
C GLY A 73 14.53 3.63 8.67
N VAL A 74 14.11 3.52 9.93
CA VAL A 74 13.78 2.27 10.63
C VAL A 74 12.57 2.49 11.55
N VAL A 75 11.69 1.49 11.65
CA VAL A 75 10.50 1.49 12.52
C VAL A 75 10.43 0.24 13.39
N SER A 76 9.83 0.36 14.57
CA SER A 76 9.68 -0.70 15.58
C SER A 76 8.19 -0.98 15.76
N VAL A 77 7.85 -2.24 15.59
CA VAL A 77 6.64 -2.65 14.89
C VAL A 77 6.09 -3.90 15.57
N LEU A 78 4.79 -4.13 15.49
CA LEU A 78 4.23 -5.44 15.85
C LEU A 78 3.50 -6.03 14.64
N THR A 79 3.73 -7.29 14.29
CA THR A 79 2.84 -7.99 13.33
C THR A 79 1.70 -8.77 14.01
N LYS A 80 0.53 -8.84 13.36
CA LYS A 80 -0.79 -8.91 14.04
C LYS A 80 -1.24 -10.29 14.52
N GLY A 81 -0.67 -11.36 13.98
CA GLY A 81 -0.66 -12.71 14.57
C GLY A 81 0.53 -12.98 15.48
N ASN A 82 1.52 -12.07 15.45
CA ASN A 82 2.93 -12.44 15.51
C ASN A 82 3.62 -11.76 16.71
N LYS A 83 4.95 -11.57 16.59
CA LYS A 83 5.81 -10.89 17.57
C LYS A 83 6.16 -9.48 17.14
N GLU A 84 6.86 -8.78 18.03
CA GLU A 84 7.56 -7.54 17.68
C GLU A 84 8.59 -7.75 16.57
N MET A 85 8.76 -6.72 15.73
CA MET A 85 9.89 -6.59 14.79
C MET A 85 10.49 -5.18 14.85
N LYS A 86 11.54 -4.98 14.05
CA LYS A 86 11.77 -3.81 13.22
C LYS A 86 11.40 -4.01 11.75
N LEU A 87 11.19 -2.89 11.06
CA LEU A 87 11.09 -2.73 9.60
C LEU A 87 12.07 -1.65 9.12
N SER A 88 12.55 -1.78 7.88
CA SER A 88 13.59 -0.94 7.25
C SER A 88 13.11 -0.29 5.94
N ASP A 89 13.92 0.58 5.36
CA ASP A 89 13.57 1.33 4.15
C ASP A 89 13.24 0.43 2.94
N GLY A 90 12.23 0.82 2.16
CA GLY A 90 11.63 0.02 1.09
C GLY A 90 10.54 -0.98 1.54
N SER A 91 10.33 -1.13 2.85
CA SER A 91 9.16 -1.83 3.41
C SER A 91 7.88 -0.98 3.29
N TYR A 92 6.71 -1.61 3.44
CA TYR A 92 5.41 -0.93 3.38
C TYR A 92 4.39 -1.50 4.39
N PHE A 93 3.31 -0.75 4.63
CA PHE A 93 2.41 -0.99 5.78
C PHE A 93 0.99 -1.49 5.46
N GLY A 94 0.37 -2.04 6.52
CA GLY A 94 -1.08 -2.02 6.74
C GLY A 94 -1.90 -3.13 6.06
N GLU A 95 -1.26 -4.02 5.30
CA GLU A 95 -1.88 -5.05 4.44
C GLU A 95 -2.81 -4.52 3.32
N ILE A 96 -3.04 -3.19 3.28
CA ILE A 96 -3.99 -2.50 2.40
C ILE A 96 -3.72 -2.78 0.92
N CYS A 97 -4.61 -3.57 0.31
CA CYS A 97 -4.75 -3.74 -1.13
C CYS A 97 -5.73 -2.70 -1.69
N LEU A 98 -5.54 -2.20 -2.91
CA LEU A 98 -6.51 -1.29 -3.56
C LEU A 98 -7.80 -2.00 -4.02
N LEU A 99 -7.84 -3.34 -3.90
CA LEU A 99 -9.00 -4.22 -4.07
C LEU A 99 -9.35 -4.91 -2.74
N THR A 100 -8.91 -4.33 -1.61
CA THR A 100 -9.31 -4.76 -0.25
C THR A 100 -10.81 -4.57 0.01
N ARG A 101 -11.30 -5.21 1.07
CA ARG A 101 -12.68 -5.14 1.56
C ARG A 101 -12.71 -4.75 3.03
N GLY A 102 -13.57 -3.79 3.38
CA GLY A 102 -13.78 -3.34 4.76
C GLY A 102 -12.60 -2.62 5.43
N ARG A 103 -12.64 -2.56 6.76
CA ARG A 103 -11.63 -1.96 7.65
C ARG A 103 -10.22 -2.56 7.45
N ARG A 104 -9.20 -1.76 7.74
CA ARG A 104 -7.78 -2.14 7.89
C ARG A 104 -7.21 -1.57 9.21
N THR A 105 -6.17 -2.16 9.78
CA THR A 105 -5.51 -1.63 11.00
C THR A 105 -4.06 -2.09 11.11
N ALA A 106 -3.18 -1.30 11.75
CA ALA A 106 -1.79 -1.69 12.05
C ALA A 106 -1.26 -1.04 13.34
N SER A 107 -0.22 -1.65 13.93
CA SER A 107 0.32 -1.34 15.26
C SER A 107 1.86 -1.15 15.23
N VAL A 108 2.32 0.07 14.96
CA VAL A 108 3.75 0.37 14.75
C VAL A 108 4.16 1.83 15.02
N ARG A 109 5.40 2.06 15.50
CA ARG A 109 6.02 3.37 15.80
C ARG A 109 7.43 3.51 15.23
N ALA A 110 7.95 4.72 15.09
CA ALA A 110 9.30 4.96 14.56
C ALA A 110 10.40 4.66 15.59
N ASP A 111 11.52 4.02 15.18
CA ASP A 111 12.71 3.81 16.04
C ASP A 111 13.58 5.07 16.15
N THR A 112 13.50 5.88 15.09
CA THR A 112 14.44 6.92 14.68
C THR A 112 13.69 7.96 13.80
N TYR A 113 14.32 9.08 13.43
CA TYR A 113 13.71 10.10 12.57
C TYR A 113 13.59 9.52 11.14
N CYS A 114 12.37 9.15 10.73
CA CYS A 114 12.10 8.33 9.54
C CYS A 114 11.31 9.09 8.47
N ARG A 115 11.75 8.95 7.21
CA ARG A 115 11.09 9.46 6.01
C ARG A 115 10.10 8.41 5.47
N LEU A 116 8.84 8.79 5.34
CA LEU A 116 7.74 8.00 4.79
C LEU A 116 7.11 8.68 3.55
N TYR A 117 6.27 7.93 2.85
CA TYR A 117 5.48 8.39 1.71
C TYR A 117 4.00 8.03 1.92
N SER A 118 3.09 8.88 1.45
CA SER A 118 1.64 8.77 1.69
C SER A 118 0.84 8.92 0.40
N LEU A 119 0.16 7.83 -0.03
CA LEU A 119 -0.52 7.74 -1.33
C LEU A 119 -2.01 7.39 -1.14
N SER A 120 -2.89 8.19 -1.74
CA SER A 120 -4.35 7.99 -1.71
C SER A 120 -4.84 7.10 -2.85
N VAL A 121 -5.70 6.13 -2.53
CA VAL A 121 -6.30 5.27 -3.56
C VAL A 121 -7.25 6.05 -4.47
N ASP A 122 -7.74 7.20 -3.98
CA ASP A 122 -8.48 8.19 -4.76
C ASP A 122 -7.77 8.51 -6.09
N ASN A 123 -6.46 8.80 -6.06
CA ASN A 123 -5.68 9.11 -7.26
C ASN A 123 -5.26 7.87 -8.07
N PHE A 124 -4.95 6.72 -7.46
CA PHE A 124 -4.77 5.45 -8.18
C PHE A 124 -5.97 5.11 -9.09
N ASN A 125 -7.18 5.34 -8.59
CA ASN A 125 -8.43 5.09 -9.31
C ASN A 125 -8.73 6.14 -10.40
N GLU A 126 -8.19 7.36 -10.28
CA GLU A 126 -8.31 8.46 -11.25
C GLU A 126 -7.44 8.28 -12.51
N VAL A 127 -6.16 7.97 -12.31
CA VAL A 127 -5.12 7.78 -13.35
C VAL A 127 -5.33 6.51 -14.18
N LEU A 128 -5.95 5.48 -13.61
CA LEU A 128 -6.11 4.15 -14.23
C LEU A 128 -6.69 4.18 -15.65
N GLU A 129 -7.67 5.05 -15.92
CA GLU A 129 -8.38 5.18 -17.17
C GLU A 129 -7.56 5.79 -18.34
N GLU A 130 -6.37 6.36 -18.06
CA GLU A 130 -5.39 6.77 -19.07
C GLU A 130 -4.63 5.58 -19.68
N TYR A 131 -4.66 4.44 -19.00
CA TYR A 131 -3.95 3.19 -19.32
C TYR A 131 -4.93 1.99 -19.26
N PRO A 132 -5.97 1.96 -20.12
CA PRO A 132 -7.10 1.02 -20.01
C PRO A 132 -6.70 -0.47 -20.05
N MET A 133 -5.54 -0.83 -20.62
CA MET A 133 -4.95 -2.17 -20.47
C MET A 133 -4.80 -2.58 -18.99
N MET A 134 -4.32 -1.67 -18.14
CA MET A 134 -4.20 -1.90 -16.70
C MET A 134 -5.56 -1.83 -15.99
N ARG A 135 -6.55 -1.10 -16.53
CA ARG A 135 -7.92 -1.08 -16.00
C ARG A 135 -8.57 -2.46 -16.15
N ARG A 136 -8.58 -3.05 -17.35
CA ARG A 136 -9.08 -4.43 -17.57
C ARG A 136 -8.32 -5.48 -16.76
N ALA A 137 -7.02 -5.27 -16.56
CA ALA A 137 -6.15 -6.12 -15.75
C ALA A 137 -6.56 -6.18 -14.26
N PHE A 138 -7.26 -5.16 -13.76
CA PHE A 138 -7.89 -5.13 -12.44
C PHE A 138 -9.38 -5.53 -12.45
N GLU A 139 -10.13 -5.33 -13.53
CA GLU A 139 -11.52 -5.83 -13.64
C GLU A 139 -11.55 -7.38 -13.73
N THR A 140 -10.61 -8.00 -14.43
CA THR A 140 -10.61 -9.45 -14.74
C THR A 140 -10.37 -10.33 -13.50
N VAL A 141 -9.67 -9.77 -12.52
CA VAL A 141 -9.19 -10.43 -11.29
C VAL A 141 -10.18 -10.27 -10.14
N ALA A 142 -10.95 -9.18 -10.14
CA ALA A 142 -11.94 -8.84 -9.10
C ALA A 142 -13.08 -9.86 -8.92
N ILE A 143 -13.32 -10.73 -9.91
CA ILE A 143 -14.27 -11.87 -9.86
C ILE A 143 -13.59 -13.22 -9.54
N ASP A 144 -12.26 -13.27 -9.56
CA ASP A 144 -11.46 -14.50 -9.39
C ASP A 144 -10.77 -14.57 -8.02
N ARG A 145 -10.28 -13.43 -7.51
CA ARG A 145 -9.56 -13.24 -6.25
C ARG A 145 -10.40 -13.36 -4.96
N LEU A 146 -11.70 -13.59 -5.10
CA LEU A 146 -12.71 -13.49 -4.04
C LEU A 146 -12.64 -14.68 -3.06
N ASP A 147 -12.56 -15.90 -3.60
CA ASP A 147 -12.27 -17.17 -2.92
C ASP A 147 -13.29 -17.63 -1.84
N ARG A 148 -13.06 -18.81 -1.25
CA ARG A 148 -14.04 -19.64 -0.55
C ARG A 148 -14.13 -19.31 0.94
N ILE A 149 -13.00 -19.16 1.62
CA ILE A 149 -12.81 -18.55 2.96
C ILE A 149 -13.43 -19.29 4.17
N GLY A 150 -14.69 -19.69 4.11
CA GLY A 150 -15.46 -20.23 5.25
C GLY A 150 -16.93 -19.84 5.13
N LYS A 151 -17.57 -20.27 4.05
CA LYS A 151 -18.73 -19.62 3.42
C LYS A 151 -19.69 -20.67 2.84
N LYS A 152 -21.01 -20.50 3.01
CA LYS A 152 -22.00 -21.48 2.51
C LYS A 152 -22.27 -21.39 1.01
N ASN A 153 -22.05 -20.22 0.39
CA ASN A 153 -21.94 -20.06 -1.06
C ASN A 153 -20.65 -20.74 -1.61
N SER A 154 -20.79 -21.47 -2.72
CA SER A 154 -19.71 -22.20 -3.40
C SER A 154 -18.92 -21.33 -4.39
N ILE A 155 -19.61 -20.65 -5.31
CA ILE A 155 -19.02 -20.01 -6.50
C ILE A 155 -19.75 -18.73 -6.90
N LEU A 156 -19.08 -17.89 -7.69
CA LEU A 156 -19.65 -16.72 -8.39
C LEU A 156 -19.24 -16.64 -9.88
N LEU A 157 -18.66 -17.72 -10.42
CA LEU A 157 -18.16 -17.83 -11.79
C LEU A 157 -18.61 -19.16 -12.45
N HIS A 158 -18.40 -19.26 -13.76
CA HIS A 158 -18.87 -20.33 -14.67
C HIS A 158 -18.39 -21.74 -14.32
N ASN A 20 14.91 6.54 -9.60
CA ASN A 20 13.95 7.54 -9.13
C ASN A 20 13.00 6.88 -8.09
N CYS A 21 12.11 7.66 -7.46
CA CYS A 21 11.06 7.19 -6.54
C CYS A 21 10.18 6.06 -7.10
N ARG A 22 10.06 5.93 -8.44
CA ARG A 22 9.41 4.80 -9.14
C ARG A 22 9.83 3.40 -8.66
N LYS A 23 11.05 3.21 -8.14
CA LYS A 23 11.49 1.96 -7.47
C LYS A 23 10.58 1.57 -6.30
N LEU A 24 10.09 2.54 -5.54
CA LEU A 24 9.49 2.36 -4.21
C LEU A 24 8.01 1.98 -4.30
N VAL A 25 7.24 2.66 -5.17
CA VAL A 25 5.86 2.23 -5.49
C VAL A 25 5.89 0.85 -6.19
N ALA A 26 6.88 0.59 -7.04
CA ALA A 26 7.15 -0.71 -7.64
C ALA A 26 7.72 -1.78 -6.67
N SER A 27 7.91 -1.45 -5.38
CA SER A 27 8.40 -2.42 -4.39
C SER A 27 7.28 -3.38 -3.96
N MET A 28 6.04 -2.90 -4.06
CA MET A 28 4.83 -3.60 -3.67
C MET A 28 4.40 -4.60 -4.77
N PRO A 29 3.98 -5.84 -4.43
CA PRO A 29 3.68 -6.87 -5.43
C PRO A 29 2.46 -6.53 -6.30
N LEU A 30 1.59 -5.63 -5.84
CA LEU A 30 0.49 -5.02 -6.60
C LEU A 30 0.98 -4.25 -7.85
N PHE A 31 2.21 -3.71 -7.84
CA PHE A 31 2.84 -2.95 -8.93
C PHE A 31 3.98 -3.71 -9.64
N ALA A 32 4.31 -4.95 -9.26
CA ALA A 32 5.51 -5.67 -9.72
C ALA A 32 5.51 -5.93 -11.22
N ASN A 33 4.30 -6.22 -11.71
CA ASN A 33 3.95 -6.73 -13.02
C ASN A 33 3.18 -5.66 -13.83
N ALA A 34 3.29 -4.40 -13.40
CA ALA A 34 2.62 -3.21 -13.96
C ALA A 34 3.30 -2.65 -15.22
N ASP A 35 2.54 -1.81 -15.94
CA ASP A 35 3.05 -0.93 -17.01
C ASP A 35 3.94 0.18 -16.40
N PRO A 36 5.21 0.33 -16.83
CA PRO A 36 6.19 1.23 -16.19
C PRO A 36 5.82 2.72 -16.27
N ASN A 37 4.86 3.07 -17.13
CA ASN A 37 4.41 4.44 -17.34
C ASN A 37 3.25 4.75 -16.39
N PHE A 38 2.33 3.79 -16.23
CA PHE A 38 1.23 3.86 -15.26
C PHE A 38 1.75 4.05 -13.82
N VAL A 39 2.73 3.24 -13.41
CA VAL A 39 3.28 3.30 -12.04
C VAL A 39 3.95 4.66 -11.76
N THR A 40 4.55 5.22 -12.79
CA THR A 40 5.32 6.48 -12.79
C THR A 40 4.43 7.71 -12.89
N ALA A 41 3.37 7.69 -13.71
CA ALA A 41 2.49 8.84 -13.90
C ALA A 41 1.68 9.17 -12.62
N MET A 42 1.58 8.19 -11.72
CA MET A 42 0.97 8.31 -10.40
C MET A 42 1.77 9.22 -9.45
N LEU A 43 3.06 9.42 -9.71
CA LEU A 43 3.98 10.11 -8.80
C LEU A 43 3.99 11.64 -8.97
N THR A 44 3.46 12.17 -10.09
CA THR A 44 3.62 13.58 -10.52
C THR A 44 3.30 14.62 -9.43
N LYS A 45 2.25 14.36 -8.65
CA LYS A 45 1.74 15.18 -7.53
C LYS A 45 2.03 14.61 -6.14
N LEU A 46 2.72 13.47 -6.06
CA LEU A 46 2.82 12.64 -4.86
C LEU A 46 3.53 13.38 -3.72
N LYS A 47 3.18 13.05 -2.47
CA LYS A 47 3.76 13.67 -1.27
C LYS A 47 4.60 12.71 -0.44
N PHE A 48 5.79 13.18 -0.08
CA PHE A 48 6.64 12.59 0.95
C PHE A 48 6.38 13.25 2.31
N GLU A 49 6.56 12.52 3.41
CA GLU A 49 6.21 12.96 4.76
C GLU A 49 7.16 12.36 5.82
N VAL A 50 7.18 12.91 7.03
CA VAL A 50 8.11 12.51 8.11
C VAL A 50 7.41 12.13 9.41
N PHE A 51 8.05 11.26 10.19
CA PHE A 51 7.77 11.06 11.62
C PHE A 51 9.07 11.00 12.44
N GLN A 52 9.05 11.49 13.69
CA GLN A 52 10.20 11.46 14.61
C GLN A 52 10.26 10.11 15.38
N PRO A 53 11.40 9.75 16.02
CA PRO A 53 11.53 8.48 16.73
C PRO A 53 10.53 8.27 17.88
N GLY A 54 10.05 7.04 18.04
CA GLY A 54 9.33 6.55 19.21
C GLY A 54 7.83 6.81 19.15
N ASP A 55 7.32 7.21 17.98
CA ASP A 55 5.94 7.61 17.76
C ASP A 55 5.23 6.70 16.74
N TYR A 56 3.94 6.43 16.98
CA TYR A 56 3.12 5.57 16.12
C TYR A 56 2.68 6.33 14.86
N ILE A 57 2.94 5.76 13.68
CA ILE A 57 2.74 6.44 12.40
C ILE A 57 1.29 6.30 11.86
N ILE A 58 0.63 5.19 12.20
CA ILE A 58 -0.67 4.74 11.67
C ILE A 58 -1.56 4.22 12.81
N ARG A 59 -2.88 4.41 12.70
CA ARG A 59 -3.92 3.65 13.41
C ARG A 59 -4.78 2.85 12.42
N GLU A 60 -5.33 1.69 12.80
CA GLU A 60 -6.45 1.09 12.07
C GLU A 60 -7.81 1.52 12.66
N GLY A 61 -8.77 1.77 11.76
CA GLY A 61 -10.10 2.24 12.11
C GLY A 61 -11.01 2.58 10.93
N THR A 62 -10.65 2.25 9.67
CA THR A 62 -11.55 2.51 8.53
C THR A 62 -11.38 1.55 7.36
N ILE A 63 -12.49 1.36 6.64
CA ILE A 63 -12.51 0.84 5.28
C ILE A 63 -11.89 1.89 4.33
N GLY A 64 -11.17 1.44 3.29
CA GLY A 64 -10.67 2.32 2.22
C GLY A 64 -9.38 3.06 2.58
N LYS A 65 -8.38 2.33 3.12
CA LYS A 65 -7.10 2.87 3.59
C LYS A 65 -6.23 3.47 2.45
N LYS A 66 -5.23 4.28 2.80
CA LYS A 66 -4.24 4.82 1.84
C LYS A 66 -3.10 3.82 1.62
N MET A 67 -2.15 4.14 0.72
CA MET A 67 -0.88 3.42 0.60
C MET A 67 0.27 4.27 1.19
N TYR A 68 1.16 3.67 1.99
CA TYR A 68 2.26 4.36 2.69
C TYR A 68 3.55 3.54 2.61
N PHE A 69 4.72 4.19 2.44
CA PHE A 69 5.97 3.46 2.17
C PHE A 69 7.23 4.17 2.67
N ILE A 70 8.30 3.41 2.93
CA ILE A 70 9.51 3.88 3.63
C ILE A 70 10.59 4.29 2.62
N GLN A 71 10.93 5.58 2.59
CA GLN A 71 11.91 6.14 1.65
C GLN A 71 13.32 6.21 2.27
N HIS A 72 13.45 6.74 3.48
CA HIS A 72 14.66 6.54 4.29
C HIS A 72 14.31 6.51 5.79
N GLY A 73 14.31 5.35 6.42
CA GLY A 73 13.88 5.20 7.81
C GLY A 73 13.80 3.73 8.24
N VAL A 74 13.55 3.52 9.52
CA VAL A 74 13.31 2.21 10.14
C VAL A 74 12.05 2.31 11.01
N VAL A 75 11.24 1.24 11.05
CA VAL A 75 10.03 1.11 11.88
C VAL A 75 10.05 -0.18 12.69
N SER A 76 9.46 -0.15 13.88
CA SER A 76 8.95 -1.36 14.55
C SER A 76 7.46 -1.57 14.27
N VAL A 77 7.14 -2.60 13.48
CA VAL A 77 5.78 -3.12 13.26
C VAL A 77 5.34 -3.96 14.45
N LEU A 78 4.05 -3.96 14.77
CA LEU A 78 3.41 -4.95 15.64
C LEU A 78 2.44 -5.80 14.80
N THR A 79 2.31 -7.11 15.08
CA THR A 79 1.22 -7.93 14.51
C THR A 79 0.25 -8.45 15.57
N LYS A 80 -1.03 -8.54 15.16
CA LYS A 80 -2.17 -9.06 15.94
C LYS A 80 -1.90 -10.46 16.48
N GLY A 81 -2.03 -10.64 17.79
CA GLY A 81 -1.67 -11.89 18.49
C GLY A 81 -0.20 -12.03 18.88
N ASN A 82 0.68 -11.19 18.34
CA ASN A 82 2.04 -11.60 18.06
C ASN A 82 3.10 -10.59 18.55
N LYS A 83 4.29 -10.61 17.92
CA LYS A 83 5.49 -9.89 18.31
C LYS A 83 5.73 -8.63 17.48
N GLU A 84 6.83 -7.94 17.77
CA GLU A 84 7.32 -6.82 16.97
C GLU A 84 8.35 -7.24 15.90
N MET A 85 8.46 -6.43 14.83
CA MET A 85 9.31 -6.67 13.65
C MET A 85 9.93 -5.37 13.13
N LYS A 86 11.24 -5.39 12.89
CA LYS A 86 11.97 -4.27 12.25
C LYS A 86 11.86 -4.30 10.72
N LEU A 87 11.30 -3.23 10.16
CA LEU A 87 11.24 -2.94 8.71
C LEU A 87 12.04 -1.65 8.40
N SER A 88 12.57 -1.58 7.17
CA SER A 88 13.61 -0.63 6.75
C SER A 88 13.32 -0.01 5.37
N ASP A 89 14.20 0.87 4.87
CA ASP A 89 14.05 1.55 3.56
C ASP A 89 13.61 0.60 2.44
N GLY A 90 12.67 1.06 1.59
CA GLY A 90 12.08 0.26 0.50
C GLY A 90 10.90 -0.64 0.89
N SER A 91 10.59 -0.76 2.18
CA SER A 91 9.41 -1.47 2.69
C SER A 91 8.13 -0.61 2.56
N TYR A 92 6.96 -1.23 2.76
CA TYR A 92 5.68 -0.53 2.73
C TYR A 92 4.64 -1.13 3.69
N PHE A 93 3.59 -0.36 3.99
CA PHE A 93 2.44 -0.74 4.82
C PHE A 93 1.16 0.01 4.41
N GLY A 94 0.04 -0.24 5.10
CA GLY A 94 -1.27 0.37 4.84
C GLY A 94 -2.44 -0.61 4.61
N GLU A 95 -2.41 -1.80 5.24
CA GLU A 95 -3.51 -2.78 5.19
C GLU A 95 -3.85 -3.23 3.75
N ILE A 96 -5.09 -3.67 3.46
CA ILE A 96 -5.53 -4.01 2.09
C ILE A 96 -6.54 -2.98 1.57
N CYS A 97 -6.29 -2.46 0.37
CA CYS A 97 -7.14 -1.52 -0.36
C CYS A 97 -6.95 -1.69 -1.89
N LEU A 98 -7.42 -0.71 -2.69
CA LEU A 98 -7.41 -0.63 -4.16
C LEU A 98 -8.23 -1.75 -4.84
N LEU A 99 -7.73 -2.99 -4.79
CA LEU A 99 -8.39 -4.20 -5.28
C LEU A 99 -9.47 -4.75 -4.33
N THR A 100 -9.65 -4.10 -3.18
CA THR A 100 -10.71 -4.34 -2.18
C THR A 100 -10.91 -3.07 -1.34
N ARG A 101 -11.90 -3.07 -0.44
CA ARG A 101 -11.97 -2.11 0.68
C ARG A 101 -12.47 -2.81 1.95
N GLY A 102 -11.72 -2.71 3.05
CA GLY A 102 -12.04 -3.39 4.30
C GLY A 102 -11.10 -3.07 5.49
N ARG A 103 -11.61 -3.25 6.71
CA ARG A 103 -10.91 -3.08 8.00
C ARG A 103 -9.87 -4.18 8.26
N ARG A 104 -8.86 -3.85 9.07
CA ARG A 104 -7.87 -4.78 9.66
C ARG A 104 -7.66 -4.56 11.16
N THR A 105 -6.90 -5.42 11.82
CA THR A 105 -6.16 -5.09 13.05
C THR A 105 -4.70 -4.81 12.71
N ALA A 106 -4.18 -3.62 13.03
CA ALA A 106 -2.82 -3.18 12.70
C ALA A 106 -2.26 -2.10 13.63
N SER A 107 -0.93 -2.07 13.85
CA SER A 107 -0.21 -1.02 14.58
C SER A 107 1.29 -1.01 14.23
N VAL A 108 1.88 0.18 14.01
CA VAL A 108 3.31 0.33 13.69
C VAL A 108 3.88 1.69 14.13
N ARG A 109 5.12 1.73 14.64
CA ARG A 109 5.83 2.94 15.09
C ARG A 109 7.16 3.20 14.39
N ALA A 110 7.55 4.47 14.32
CA ALA A 110 8.85 4.90 13.83
C ALA A 110 9.96 4.55 14.84
N ASP A 111 10.94 3.74 14.43
CA ASP A 111 12.11 3.44 15.26
C ASP A 111 13.05 4.65 15.36
N THR A 112 13.00 5.50 14.33
CA THR A 112 13.94 6.62 14.11
C THR A 112 13.23 7.78 13.40
N TYR A 113 13.90 8.91 13.17
CA TYR A 113 13.43 9.94 12.25
C TYR A 113 13.30 9.29 10.86
N CYS A 114 12.06 9.02 10.47
CA CYS A 114 11.70 8.22 9.30
C CYS A 114 11.09 9.14 8.23
N ARG A 115 11.68 9.10 7.03
CA ARG A 115 11.11 9.65 5.79
C ARG A 115 10.23 8.59 5.17
N LEU A 116 8.95 8.89 5.16
CA LEU A 116 7.91 8.07 4.53
C LEU A 116 7.33 8.80 3.30
N TYR A 117 6.42 8.13 2.61
CA TYR A 117 5.57 8.70 1.56
C TYR A 117 4.10 8.36 1.86
N SER A 118 3.15 9.14 1.34
CA SER A 118 1.73 8.70 1.27
C SER A 118 1.06 8.96 -0.09
N LEU A 119 0.32 7.96 -0.57
CA LEU A 119 -0.34 7.91 -1.88
C LEU A 119 -1.82 7.54 -1.71
N SER A 120 -2.70 8.36 -2.29
CA SER A 120 -4.16 8.21 -2.15
C SER A 120 -4.83 7.43 -3.30
N VAL A 121 -5.81 6.58 -3.00
CA VAL A 121 -6.60 5.89 -4.04
C VAL A 121 -7.51 6.84 -4.81
N ASP A 122 -7.77 8.02 -4.24
CA ASP A 122 -8.47 9.13 -4.89
C ASP A 122 -7.75 9.59 -6.18
N ASN A 123 -6.40 9.52 -6.21
CA ASN A 123 -5.58 9.73 -7.40
C ASN A 123 -5.32 8.42 -8.17
N PHE A 124 -5.21 7.24 -7.53
CA PHE A 124 -5.08 5.94 -8.22
C PHE A 124 -6.22 5.70 -9.24
N ASN A 125 -7.47 5.91 -8.83
CA ASN A 125 -8.67 5.77 -9.68
C ASN A 125 -8.78 6.87 -10.77
N GLU A 126 -7.93 7.91 -10.69
CA GLU A 126 -7.81 9.05 -11.61
C GLU A 126 -6.75 8.83 -12.71
N VAL A 127 -5.60 8.30 -12.32
CA VAL A 127 -4.52 7.89 -13.26
C VAL A 127 -4.90 6.63 -14.04
N LEU A 128 -5.67 5.71 -13.44
CA LEU A 128 -6.15 4.50 -14.13
C LEU A 128 -6.97 4.78 -15.42
N GLU A 129 -7.60 5.96 -15.51
CA GLU A 129 -8.33 6.41 -16.70
C GLU A 129 -7.46 6.41 -17.97
N GLU A 130 -6.16 6.67 -17.84
CA GLU A 130 -5.20 6.72 -18.95
C GLU A 130 -4.83 5.33 -19.50
N TYR A 131 -4.97 4.28 -18.68
CA TYR A 131 -4.39 2.95 -18.92
C TYR A 131 -5.44 1.82 -18.83
N PRO A 132 -6.37 1.70 -19.80
CA PRO A 132 -7.44 0.70 -19.79
C PRO A 132 -6.96 -0.76 -19.77
N MET A 133 -5.72 -1.06 -20.20
CA MET A 133 -5.10 -2.39 -19.99
C MET A 133 -4.91 -2.69 -18.50
N MET A 134 -4.36 -1.72 -17.75
CA MET A 134 -4.19 -1.86 -16.31
C MET A 134 -5.55 -1.84 -15.60
N ARG A 135 -6.54 -1.10 -16.11
CA ARG A 135 -7.93 -1.09 -15.59
C ARG A 135 -8.51 -2.50 -15.55
N ARG A 136 -8.48 -3.23 -16.68
CA ARG A 136 -9.00 -4.62 -16.76
C ARG A 136 -8.27 -5.58 -15.80
N ALA A 137 -6.95 -5.43 -15.69
CA ALA A 137 -6.11 -6.22 -14.80
C ALA A 137 -6.53 -6.16 -13.32
N PHE A 138 -7.12 -5.04 -12.87
CA PHE A 138 -7.61 -4.86 -11.48
C PHE A 138 -9.09 -5.23 -11.27
N GLU A 139 -10.00 -4.90 -12.19
CA GLU A 139 -11.44 -5.23 -12.02
C GLU A 139 -11.67 -6.75 -11.90
N THR A 140 -10.83 -7.55 -12.57
CA THR A 140 -10.95 -9.00 -12.72
C THR A 140 -10.46 -9.75 -11.49
N VAL A 141 -9.34 -9.30 -10.91
CA VAL A 141 -8.84 -9.79 -9.62
C VAL A 141 -9.78 -9.38 -8.49
N ALA A 142 -10.30 -8.15 -8.50
CA ALA A 142 -11.20 -7.64 -7.48
C ALA A 142 -12.55 -8.39 -7.38
N ILE A 143 -12.95 -9.16 -8.41
CA ILE A 143 -14.12 -10.06 -8.39
C ILE A 143 -13.76 -11.55 -8.30
N ASP A 144 -12.52 -11.96 -8.58
CA ASP A 144 -12.09 -13.37 -8.55
C ASP A 144 -11.39 -13.78 -7.23
N ARG A 145 -10.68 -12.86 -6.57
CA ARG A 145 -9.80 -13.07 -5.41
C ARG A 145 -10.48 -13.40 -4.08
N LEU A 146 -11.80 -13.60 -4.06
CA LEU A 146 -12.75 -13.56 -2.93
C LEU A 146 -12.52 -14.57 -1.77
N ASP A 147 -11.40 -15.28 -1.82
CA ASP A 147 -10.96 -16.33 -0.90
C ASP A 147 -9.76 -15.94 -0.01
N ARG A 148 -9.53 -14.65 0.16
CA ARG A 148 -8.51 -14.08 1.07
C ARG A 148 -8.99 -13.87 2.53
N ILE A 149 -10.19 -14.38 2.85
CA ILE A 149 -10.91 -14.23 4.11
C ILE A 149 -10.03 -14.35 5.38
N GLY A 150 -10.19 -13.39 6.27
CA GLY A 150 -9.54 -13.30 7.59
C GLY A 150 -10.23 -14.06 8.74
N LYS A 151 -11.06 -15.07 8.42
CA LYS A 151 -11.99 -15.80 9.31
C LYS A 151 -11.37 -16.64 10.45
N LYS A 152 -10.06 -16.53 10.67
CA LYS A 152 -9.32 -17.10 11.82
C LYS A 152 -9.66 -16.35 13.12
N ASN A 153 -10.77 -16.71 13.75
CA ASN A 153 -11.22 -16.18 15.05
C ASN A 153 -12.04 -17.21 15.87
N SER A 154 -12.13 -16.97 17.18
CA SER A 154 -13.14 -17.58 18.06
C SER A 154 -14.52 -17.00 17.76
N ILE A 155 -14.68 -15.68 17.86
CA ILE A 155 -15.98 -14.99 17.80
C ILE A 155 -15.94 -13.73 16.93
N LEU A 156 -17.08 -13.31 16.39
CA LEU A 156 -17.16 -12.11 15.53
C LEU A 156 -17.17 -10.83 16.37
N LEU A 157 -16.33 -9.88 16.01
CA LEU A 157 -16.08 -8.63 16.76
C LEU A 157 -16.71 -7.41 16.07
N HIS A 158 -17.33 -6.55 16.88
CA HIS A 158 -17.94 -5.25 16.61
C HIS A 158 -17.58 -4.56 15.30
N ASN A 20 14.31 7.59 -8.98
CA ASN A 20 14.20 6.34 -8.25
C ASN A 20 12.76 5.92 -7.88
N CYS A 21 11.80 6.85 -7.89
CA CYS A 21 10.53 6.70 -7.19
C CYS A 21 9.66 5.54 -7.69
N ARG A 22 9.55 5.33 -9.02
CA ARG A 22 8.72 4.25 -9.58
C ARG A 22 9.19 2.85 -9.18
N LYS A 23 10.50 2.65 -9.04
CA LYS A 23 11.12 1.40 -8.58
C LYS A 23 10.84 1.11 -7.09
N LEU A 24 10.41 2.12 -6.32
CA LEU A 24 9.98 1.96 -4.92
C LEU A 24 8.50 1.54 -4.85
N VAL A 25 7.61 2.19 -5.62
CA VAL A 25 6.19 1.79 -5.73
C VAL A 25 6.06 0.39 -6.39
N ALA A 26 6.87 0.10 -7.41
CA ALA A 26 7.02 -1.23 -8.03
C ALA A 26 7.67 -2.29 -7.12
N SER A 27 8.02 -1.94 -5.88
CA SER A 27 8.58 -2.87 -4.90
C SER A 27 7.47 -3.59 -4.11
N MET A 28 6.25 -3.05 -4.14
CA MET A 28 5.04 -3.73 -3.68
C MET A 28 4.59 -4.81 -4.69
N PRO A 29 4.07 -5.96 -4.23
CA PRO A 29 3.67 -7.07 -5.10
C PRO A 29 2.45 -6.70 -5.97
N LEU A 30 1.56 -5.83 -5.48
CA LEU A 30 0.43 -5.25 -6.22
C LEU A 30 0.85 -4.49 -7.51
N PHE A 31 2.08 -3.99 -7.58
CA PHE A 31 2.64 -3.25 -8.72
C PHE A 31 3.71 -4.02 -9.51
N ALA A 32 4.01 -5.28 -9.13
CA ALA A 32 5.15 -6.05 -9.65
C ALA A 32 5.08 -6.25 -11.18
N ASN A 33 3.85 -6.40 -11.64
CA ASN A 33 3.45 -6.87 -12.96
C ASN A 33 2.54 -5.84 -13.68
N ALA A 34 2.29 -4.70 -13.03
CA ALA A 34 1.69 -3.49 -13.59
C ALA A 34 2.48 -2.94 -14.79
N ASP A 35 1.81 -2.21 -15.68
CA ASP A 35 2.49 -1.46 -16.76
C ASP A 35 3.42 -0.38 -16.15
N PRO A 36 4.74 -0.37 -16.47
CA PRO A 36 5.72 0.50 -15.79
C PRO A 36 5.50 2.00 -16.02
N ASN A 37 4.65 2.36 -16.98
CA ASN A 37 4.33 3.74 -17.34
C ASN A 37 3.12 4.22 -16.50
N PHE A 38 2.12 3.34 -16.35
CA PHE A 38 0.99 3.51 -15.43
C PHE A 38 1.44 3.70 -13.98
N VAL A 39 2.37 2.87 -13.48
CA VAL A 39 2.86 2.99 -12.09
C VAL A 39 3.63 4.29 -11.85
N THR A 40 4.30 4.77 -12.89
CA THR A 40 5.06 6.04 -12.92
C THR A 40 4.13 7.26 -13.00
N ALA A 41 3.09 7.23 -13.83
CA ALA A 41 2.13 8.33 -13.94
C ALA A 41 1.38 8.60 -12.61
N MET A 42 1.37 7.61 -11.71
CA MET A 42 0.79 7.69 -10.37
C MET A 42 1.58 8.56 -9.38
N LEU A 43 2.84 8.88 -9.68
CA LEU A 43 3.80 9.55 -8.79
C LEU A 43 3.81 11.08 -8.89
N THR A 44 3.16 11.65 -9.91
CA THR A 44 3.32 13.08 -10.26
C THR A 44 2.95 14.08 -9.16
N LYS A 45 2.10 13.70 -8.19
CA LYS A 45 1.73 14.54 -7.02
C LYS A 45 2.02 13.90 -5.65
N LEU A 46 2.92 12.91 -5.59
CA LEU A 46 3.18 12.08 -4.39
C LEU A 46 3.44 12.92 -3.13
N LYS A 47 2.85 12.50 -2.01
CA LYS A 47 2.95 13.18 -0.70
C LYS A 47 4.02 12.57 0.20
N PHE A 48 4.57 13.38 1.10
CA PHE A 48 5.63 12.99 2.04
C PHE A 48 5.32 13.49 3.47
N GLU A 49 5.54 12.63 4.47
CA GLU A 49 5.20 12.83 5.88
C GLU A 49 6.32 12.31 6.80
N VAL A 50 6.48 12.89 7.99
CA VAL A 50 7.61 12.62 8.90
C VAL A 50 7.13 12.33 10.32
N PHE A 51 7.90 11.48 11.01
CA PHE A 51 7.79 11.21 12.44
C PHE A 51 9.19 11.19 13.08
N GLN A 52 9.30 11.65 14.33
CA GLN A 52 10.55 11.58 15.11
C GLN A 52 10.57 10.32 16.01
N PRO A 53 11.74 9.87 16.52
CA PRO A 53 11.89 8.56 17.17
C PRO A 53 10.87 8.30 18.30
N GLY A 54 10.20 7.14 18.30
CA GLY A 54 9.34 6.67 19.38
C GLY A 54 7.85 6.74 19.06
N ASP A 55 7.44 7.48 18.04
CA ASP A 55 6.05 7.82 17.81
C ASP A 55 5.28 6.71 17.08
N TYR A 56 4.12 6.32 17.60
CA TYR A 56 3.20 5.40 16.90
C TYR A 56 2.66 6.06 15.62
N ILE A 57 3.11 5.57 14.46
CA ILE A 57 2.95 6.26 13.17
C ILE A 57 1.52 6.17 12.62
N ILE A 58 0.85 5.04 12.84
CA ILE A 58 -0.38 4.64 12.13
C ILE A 58 -1.56 4.41 13.10
N ARG A 59 -2.75 4.78 12.64
CA ARG A 59 -4.08 4.45 13.20
C ARG A 59 -5.04 4.12 12.05
N GLU A 60 -5.90 3.12 12.24
CA GLU A 60 -7.05 2.86 11.34
C GLU A 60 -8.32 3.56 11.83
N GLY A 61 -9.16 4.00 10.89
CA GLY A 61 -10.41 4.72 11.16
C GLY A 61 -11.37 4.87 9.98
N THR A 62 -11.13 4.26 8.81
CA THR A 62 -12.05 4.35 7.65
C THR A 62 -11.91 3.22 6.63
N ILE A 63 -12.86 3.13 5.69
CA ILE A 63 -12.89 2.16 4.58
C ILE A 63 -12.35 2.83 3.31
N GLY A 64 -11.54 2.12 2.51
CA GLY A 64 -11.02 2.64 1.24
C GLY A 64 -9.93 3.70 1.46
N LYS A 65 -8.89 3.33 2.21
CA LYS A 65 -7.87 4.24 2.73
C LYS A 65 -6.70 4.52 1.78
N LYS A 66 -5.93 5.56 2.09
CA LYS A 66 -4.66 5.89 1.41
C LYS A 66 -3.50 5.11 2.02
N MET A 67 -2.42 4.96 1.27
CA MET A 67 -1.26 4.12 1.63
C MET A 67 -0.18 4.89 2.42
N TYR A 68 0.54 4.21 3.33
CA TYR A 68 1.83 4.67 3.86
C TYR A 68 2.94 3.62 3.63
N PHE A 69 4.13 4.11 3.26
CA PHE A 69 5.32 3.30 3.04
C PHE A 69 6.61 4.11 3.30
N ILE A 70 7.75 3.43 3.50
CA ILE A 70 8.93 4.02 4.17
C ILE A 70 9.92 4.58 3.13
N GLN A 71 10.05 5.91 3.01
CA GLN A 71 10.98 6.51 2.04
C GLN A 71 12.43 6.43 2.55
N HIS A 72 12.65 6.83 3.80
CA HIS A 72 13.95 6.76 4.50
C HIS A 72 13.73 6.61 6.01
N GLY A 73 14.34 5.62 6.67
CA GLY A 73 14.36 5.47 8.11
C GLY A 73 14.11 4.03 8.52
N VAL A 74 13.85 3.83 9.81
CA VAL A 74 13.58 2.52 10.40
C VAL A 74 12.37 2.63 11.35
N VAL A 75 11.63 1.54 11.50
CA VAL A 75 10.51 1.39 12.45
C VAL A 75 10.67 0.13 13.30
N SER A 76 10.10 0.17 14.50
CA SER A 76 9.93 -0.98 15.41
C SER A 76 8.43 -1.21 15.49
N VAL A 77 8.06 -2.44 15.22
CA VAL A 77 6.86 -2.81 14.50
C VAL A 77 6.32 -4.07 15.16
N LEU A 78 5.01 -4.29 15.09
CA LEU A 78 4.47 -5.64 15.27
C LEU A 78 3.67 -6.00 14.03
N THR A 79 3.93 -7.16 13.46
CA THR A 79 3.00 -7.71 12.45
C THR A 79 1.82 -8.41 13.14
N LYS A 80 0.57 -8.11 12.72
CA LYS A 80 -0.66 -8.38 13.49
C LYS A 80 -0.89 -9.85 13.89
N GLY A 81 -0.50 -10.80 13.04
CA GLY A 81 -0.56 -12.24 13.34
C GLY A 81 0.57 -12.75 14.25
N ASN A 82 1.60 -11.92 14.42
CA ASN A 82 2.98 -12.35 14.51
C ASN A 82 3.73 -11.61 15.64
N LYS A 83 5.04 -11.39 15.45
CA LYS A 83 6.00 -10.91 16.44
C LYS A 83 6.42 -9.45 16.29
N GLU A 84 7.13 -8.99 17.31
CA GLU A 84 7.88 -7.74 17.32
C GLU A 84 9.08 -7.81 16.38
N MET A 85 9.08 -6.95 15.37
CA MET A 85 10.16 -6.77 14.40
C MET A 85 10.75 -5.36 14.42
N LYS A 86 11.80 -5.16 13.62
CA LYS A 86 12.03 -3.94 12.86
C LYS A 86 11.65 -4.09 11.38
N LEU A 87 11.38 -2.92 10.80
CA LEU A 87 11.21 -2.67 9.36
C LEU A 87 12.09 -1.49 8.92
N SER A 88 12.62 -1.50 7.71
CA SER A 88 13.53 -0.45 7.18
C SER A 88 13.11 0.07 5.80
N ASP A 89 13.75 1.15 5.36
CA ASP A 89 13.33 1.91 4.17
C ASP A 89 13.17 1.04 2.90
N GLY A 90 12.16 1.36 2.09
CA GLY A 90 11.67 0.50 1.01
C GLY A 90 10.66 -0.57 1.45
N SER A 91 10.37 -0.67 2.76
CA SER A 91 9.24 -1.42 3.31
C SER A 91 7.93 -0.62 3.26
N TYR A 92 6.80 -1.28 3.48
CA TYR A 92 5.46 -0.70 3.31
C TYR A 92 4.43 -1.22 4.33
N PHE A 93 3.43 -0.42 4.70
CA PHE A 93 2.51 -0.74 5.81
C PHE A 93 1.11 -1.25 5.40
N GLY A 94 0.28 -1.53 6.41
CA GLY A 94 -1.17 -1.25 6.35
C GLY A 94 -2.07 -2.30 5.70
N GLU A 95 -1.53 -3.43 5.23
CA GLU A 95 -2.24 -4.54 4.57
C GLU A 95 -3.02 -4.15 3.29
N ILE A 96 -3.61 -5.13 2.59
CA ILE A 96 -4.26 -4.92 1.29
C ILE A 96 -5.58 -4.15 1.46
N CYS A 97 -5.60 -2.94 0.89
CA CYS A 97 -6.81 -2.19 0.54
C CYS A 97 -6.75 -1.91 -0.98
N LEU A 98 -6.99 -0.67 -1.44
CA LEU A 98 -6.82 -0.16 -2.83
C LEU A 98 -7.78 -0.80 -3.86
N LEU A 99 -7.74 -2.12 -4.01
CA LEU A 99 -8.62 -2.94 -4.84
C LEU A 99 -9.64 -3.77 -4.04
N THR A 100 -9.65 -3.62 -2.71
CA THR A 100 -10.63 -4.22 -1.77
C THR A 100 -11.08 -3.20 -0.74
N ARG A 101 -12.38 -3.24 -0.41
CA ARG A 101 -12.99 -2.37 0.60
C ARG A 101 -13.01 -3.04 1.98
N GLY A 102 -12.46 -2.34 2.97
CA GLY A 102 -12.50 -2.69 4.39
C GLY A 102 -11.47 -1.92 5.23
N ARG A 103 -11.65 -1.92 6.55
CA ARG A 103 -10.66 -1.48 7.56
C ARG A 103 -9.46 -2.42 7.58
N ARG A 104 -8.23 -1.91 7.71
CA ARG A 104 -7.00 -2.71 7.81
C ARG A 104 -6.14 -2.26 9.00
N THR A 105 -6.20 -3.02 10.09
CA THR A 105 -5.59 -2.66 11.39
C THR A 105 -4.18 -3.25 11.55
N ALA A 106 -3.24 -2.44 12.07
CA ALA A 106 -1.85 -2.79 12.38
C ALA A 106 -1.19 -1.84 13.42
N SER A 107 -0.20 -2.34 14.16
CA SER A 107 0.49 -1.69 15.29
C SER A 107 1.99 -1.47 15.02
N VAL A 108 2.43 -0.23 14.79
CA VAL A 108 3.85 0.11 14.55
C VAL A 108 4.24 1.53 14.98
N ARG A 109 5.49 1.71 15.43
CA ARG A 109 6.08 2.98 15.85
C ARG A 109 7.45 3.27 15.23
N ALA A 110 7.84 4.53 15.23
CA ALA A 110 9.10 5.00 14.69
C ALA A 110 10.29 4.48 15.52
N ASP A 111 11.29 3.88 14.88
CA ASP A 111 12.57 3.54 15.53
C ASP A 111 13.42 4.80 15.73
N THR A 112 13.31 5.69 14.75
CA THR A 112 14.21 6.81 14.49
C THR A 112 13.40 7.94 13.85
N TYR A 113 14.03 9.04 13.45
CA TYR A 113 13.44 9.96 12.47
C TYR A 113 13.09 9.17 11.19
N CYS A 114 11.81 8.83 11.02
CA CYS A 114 11.30 8.08 9.88
C CYS A 114 10.58 9.05 8.94
N ARG A 115 11.02 9.06 7.68
CA ARG A 115 10.44 9.83 6.59
C ARG A 115 9.70 8.88 5.66
N LEU A 116 8.40 9.10 5.63
CA LEU A 116 7.42 8.22 5.03
C LEU A 116 6.79 8.93 3.83
N TYR A 117 6.26 8.14 2.90
CA TYR A 117 5.58 8.64 1.72
C TYR A 117 4.16 8.08 1.65
N SER A 118 3.22 8.82 1.05
CA SER A 118 1.80 8.44 1.06
C SER A 118 1.09 8.70 -0.28
N LEU A 119 0.22 7.78 -0.69
CA LEU A 119 -0.46 7.80 -1.98
C LEU A 119 -1.94 7.42 -1.84
N SER A 120 -2.83 8.24 -2.40
CA SER A 120 -4.29 8.03 -2.33
C SER A 120 -4.85 7.16 -3.45
N VAL A 121 -5.82 6.30 -3.11
CA VAL A 121 -6.59 5.49 -4.08
C VAL A 121 -7.51 6.35 -4.95
N ASP A 122 -7.93 7.54 -4.51
CA ASP A 122 -8.66 8.43 -5.42
C ASP A 122 -7.80 8.91 -6.60
N ASN A 123 -6.48 9.03 -6.40
CA ASN A 123 -5.52 9.27 -7.48
C ASN A 123 -5.21 7.99 -8.26
N PHE A 124 -5.18 6.82 -7.60
CA PHE A 124 -5.08 5.51 -8.26
C PHE A 124 -6.19 5.32 -9.32
N ASN A 125 -7.45 5.54 -8.93
CA ASN A 125 -8.62 5.42 -9.80
C ASN A 125 -8.70 6.52 -10.87
N GLU A 126 -7.87 7.56 -10.78
CA GLU A 126 -7.70 8.65 -11.74
C GLU A 126 -6.66 8.31 -12.82
N VAL A 127 -5.51 7.75 -12.43
CA VAL A 127 -4.44 7.30 -13.35
C VAL A 127 -4.81 6.01 -14.07
N LEU A 128 -5.60 5.14 -13.44
CA LEU A 128 -6.23 3.96 -14.05
C LEU A 128 -6.92 4.28 -15.39
N GLU A 129 -7.59 5.44 -15.52
CA GLU A 129 -8.27 5.84 -16.75
C GLU A 129 -7.32 6.12 -17.93
N GLU A 130 -6.02 6.40 -17.72
CA GLU A 130 -5.06 6.62 -18.80
C GLU A 130 -4.65 5.33 -19.52
N TYR A 131 -4.84 4.18 -18.88
CA TYR A 131 -4.32 2.87 -19.28
C TYR A 131 -5.46 1.83 -19.32
N PRO A 132 -6.31 1.83 -20.36
CA PRO A 132 -7.49 0.96 -20.44
C PRO A 132 -7.22 -0.56 -20.36
N MET A 133 -6.02 -1.09 -20.62
CA MET A 133 -5.76 -2.52 -20.37
C MET A 133 -5.53 -2.78 -18.86
N MET A 134 -5.03 -1.77 -18.14
CA MET A 134 -4.84 -1.78 -16.68
C MET A 134 -6.16 -1.50 -15.94
N ARG A 135 -7.08 -0.71 -16.53
CA ARG A 135 -8.51 -0.63 -16.12
C ARG A 135 -9.09 -2.02 -15.95
N ARG A 136 -8.93 -2.87 -16.99
CA ARG A 136 -9.31 -4.29 -17.01
C ARG A 136 -8.49 -5.12 -16.03
N ALA A 137 -7.17 -4.98 -16.03
CA ALA A 137 -6.26 -5.80 -15.21
C ALA A 137 -6.51 -5.74 -13.70
N PHE A 138 -7.12 -4.67 -13.16
CA PHE A 138 -7.41 -4.51 -11.72
C PHE A 138 -8.78 -4.99 -11.25
N GLU A 139 -9.77 -5.06 -12.12
CA GLU A 139 -11.10 -5.60 -11.81
C GLU A 139 -11.13 -7.12 -12.00
N THR A 140 -10.43 -7.60 -13.04
CA THR A 140 -10.35 -9.01 -13.46
C THR A 140 -9.57 -9.91 -12.49
N VAL A 141 -8.94 -9.28 -11.50
CA VAL A 141 -8.10 -9.87 -10.44
C VAL A 141 -8.78 -9.79 -9.08
N ALA A 142 -9.45 -8.68 -8.78
CA ALA A 142 -10.18 -8.49 -7.53
C ALA A 142 -11.32 -9.52 -7.36
N ILE A 143 -11.89 -10.00 -8.48
CA ILE A 143 -12.89 -11.07 -8.49
C ILE A 143 -12.38 -12.45 -8.02
N ASP A 144 -11.07 -12.64 -7.82
CA ASP A 144 -10.51 -13.94 -7.38
C ASP A 144 -9.37 -13.81 -6.33
N ARG A 145 -8.70 -12.66 -6.25
CA ARG A 145 -7.64 -12.38 -5.26
C ARG A 145 -8.21 -12.10 -3.87
N LEU A 146 -9.36 -11.42 -3.80
CA LEU A 146 -10.03 -11.01 -2.57
C LEU A 146 -10.58 -12.23 -1.81
N ASP A 147 -11.53 -12.93 -2.43
CA ASP A 147 -12.02 -14.26 -2.07
C ASP A 147 -11.98 -15.14 -3.33
N ARG A 148 -11.42 -16.35 -3.24
CA ARG A 148 -11.27 -17.24 -4.41
C ARG A 148 -12.59 -17.83 -4.89
N ILE A 149 -13.48 -18.29 -4.00
CA ILE A 149 -14.79 -18.91 -4.30
C ILE A 149 -14.71 -20.28 -5.02
N GLY A 150 -13.73 -20.49 -5.90
CA GLY A 150 -13.41 -21.78 -6.54
C GLY A 150 -13.98 -21.93 -7.96
N LYS A 151 -13.41 -21.15 -8.90
CA LYS A 151 -13.82 -21.11 -10.32
C LYS A 151 -12.63 -20.80 -11.25
N LYS A 152 -12.83 -20.82 -12.58
CA LYS A 152 -11.80 -20.55 -13.61
C LYS A 152 -12.09 -19.28 -14.39
N ASN A 153 -11.04 -18.65 -14.92
CA ASN A 153 -11.09 -17.46 -15.77
C ASN A 153 -10.11 -17.58 -16.96
N SER A 154 -10.04 -16.58 -17.84
CA SER A 154 -8.99 -16.52 -18.86
C SER A 154 -7.61 -16.27 -18.22
N ILE A 155 -7.34 -15.01 -17.85
CA ILE A 155 -6.09 -14.51 -17.29
C ILE A 155 -6.37 -13.44 -16.22
N LEU A 156 -5.46 -13.31 -15.25
CA LEU A 156 -5.53 -12.31 -14.17
C LEU A 156 -4.14 -11.85 -13.70
N LEU A 157 -4.07 -10.66 -13.12
CA LEU A 157 -2.83 -10.09 -12.59
C LEU A 157 -2.29 -10.90 -11.40
N HIS A 158 -0.97 -11.11 -11.40
CA HIS A 158 -0.14 -11.92 -10.49
C HIS A 158 -0.43 -11.73 -8.99
N ASN A 20 15.04 1.77 -5.94
CA ASN A 20 14.62 3.17 -5.87
C ASN A 20 13.76 3.56 -7.10
N CYS A 21 13.28 4.81 -7.16
CA CYS A 21 12.41 5.33 -8.22
C CYS A 21 11.19 4.40 -8.46
N ARG A 22 10.82 4.08 -9.71
CA ARG A 22 9.56 3.35 -10.01
C ARG A 22 9.52 1.92 -9.43
N LYS A 23 10.67 1.25 -9.25
CA LYS A 23 10.76 -0.11 -8.66
C LYS A 23 10.17 -0.23 -7.26
N LEU A 24 10.11 0.88 -6.52
CA LEU A 24 9.60 0.95 -5.14
C LEU A 24 8.10 0.62 -5.06
N VAL A 25 7.31 1.12 -6.01
CA VAL A 25 5.89 0.79 -6.17
C VAL A 25 5.70 -0.42 -7.11
N ALA A 26 6.47 -0.50 -8.20
CA ALA A 26 6.27 -1.47 -9.29
C ALA A 26 6.63 -2.92 -8.96
N SER A 27 7.14 -3.21 -7.76
CA SER A 27 7.49 -4.58 -7.34
C SER A 27 6.24 -5.41 -7.06
N MET A 28 5.15 -4.75 -6.66
CA MET A 28 3.89 -5.33 -6.23
C MET A 28 3.12 -6.07 -7.35
N PRO A 29 2.25 -7.03 -6.98
CA PRO A 29 1.44 -7.79 -7.93
C PRO A 29 0.39 -6.93 -8.63
N LEU A 30 0.02 -5.78 -8.04
CA LEU A 30 -0.83 -4.76 -8.66
C LEU A 30 -0.20 -4.17 -9.94
N PHE A 31 1.11 -4.33 -10.13
CA PHE A 31 1.89 -3.81 -11.24
C PHE A 31 2.60 -4.91 -12.04
N ALA A 32 2.16 -6.16 -11.88
CA ALA A 32 2.57 -7.31 -12.69
C ALA A 32 2.54 -7.01 -14.21
N ASN A 33 1.52 -6.26 -14.61
CA ASN A 33 1.19 -5.97 -16.00
C ASN A 33 1.28 -4.48 -16.35
N ALA A 34 1.69 -3.65 -15.39
CA ALA A 34 1.71 -2.19 -15.54
C ALA A 34 2.64 -1.70 -16.65
N ASP A 35 2.19 -0.66 -17.38
CA ASP A 35 3.03 0.14 -18.27
C ASP A 35 4.00 1.02 -17.45
N PRO A 36 5.28 1.16 -17.84
CA PRO A 36 6.26 1.95 -17.08
C PRO A 36 5.93 3.45 -17.04
N ASN A 37 5.14 3.99 -17.99
CA ASN A 37 4.69 5.38 -17.98
C ASN A 37 3.55 5.59 -16.97
N PHE A 38 2.60 4.64 -16.91
CA PHE A 38 1.49 4.61 -15.94
C PHE A 38 2.01 4.63 -14.51
N VAL A 39 2.90 3.68 -14.20
CA VAL A 39 3.45 3.49 -12.85
C VAL A 39 4.34 4.67 -12.42
N THR A 40 4.96 5.35 -13.38
CA THR A 40 5.81 6.54 -13.17
C THR A 40 5.00 7.83 -13.04
N ALA A 41 3.89 7.97 -13.77
CA ALA A 41 3.06 9.17 -13.70
C ALA A 41 2.37 9.29 -12.33
N MET A 42 2.14 8.14 -11.69
CA MET A 42 1.57 8.05 -10.34
C MET A 42 2.47 8.72 -9.28
N LEU A 43 3.78 8.77 -9.53
CA LEU A 43 4.80 9.28 -8.61
C LEU A 43 4.87 10.81 -8.58
N THR A 44 4.27 11.49 -9.57
CA THR A 44 4.30 12.96 -9.70
C THR A 44 3.77 13.69 -8.47
N LYS A 45 2.68 13.17 -7.88
CA LYS A 45 1.95 13.79 -6.76
C LYS A 45 2.33 13.23 -5.38
N LEU A 46 3.27 12.28 -5.31
CA LEU A 46 3.47 11.43 -4.12
C LEU A 46 3.63 12.25 -2.84
N LYS A 47 2.79 11.98 -1.86
CA LYS A 47 2.66 12.76 -0.62
C LYS A 47 3.45 12.13 0.51
N PHE A 48 3.97 12.94 1.42
CA PHE A 48 4.85 12.49 2.47
C PHE A 48 4.58 13.12 3.84
N GLU A 49 4.84 12.34 4.89
CA GLU A 49 4.70 12.68 6.30
C GLU A 49 5.93 12.19 7.10
N VAL A 50 6.30 12.91 8.15
CA VAL A 50 7.43 12.56 9.03
C VAL A 50 6.92 12.26 10.43
N PHE A 51 7.54 11.26 11.05
CA PHE A 51 7.31 10.88 12.44
C PHE A 51 8.61 10.91 13.23
N GLN A 52 8.54 11.42 14.46
CA GLN A 52 9.69 11.72 15.32
C GLN A 52 9.94 10.60 16.35
N PRO A 53 11.11 10.54 17.02
CA PRO A 53 11.48 9.41 17.88
C PRO A 53 10.44 9.14 18.99
N GLY A 54 9.93 7.90 19.03
CA GLY A 54 8.99 7.41 20.03
C GLY A 54 7.52 7.62 19.64
N ASP A 55 7.24 8.33 18.53
CA ASP A 55 5.89 8.68 18.17
C ASP A 55 5.20 7.58 17.34
N TYR A 56 3.95 7.28 17.69
CA TYR A 56 3.11 6.32 16.95
C TYR A 56 2.83 6.81 15.53
N ILE A 57 3.06 5.95 14.53
CA ILE A 57 3.06 6.35 13.11
C ILE A 57 1.75 6.08 12.37
N ILE A 58 0.89 5.24 12.94
CA ILE A 58 -0.24 4.63 12.23
C ILE A 58 -1.51 5.44 12.46
N ARG A 59 -2.40 5.38 11.46
CA ARG A 59 -3.70 6.04 11.44
C ARG A 59 -4.78 5.10 10.91
N GLU A 60 -6.05 5.44 11.17
CA GLU A 60 -7.25 4.59 10.93
C GLU A 60 -7.20 3.79 9.63
N GLY A 61 -7.56 2.51 9.70
CA GLY A 61 -7.59 1.57 8.59
C GLY A 61 -8.96 0.97 8.41
N THR A 62 -10.01 1.80 8.55
CA THR A 62 -11.36 1.44 8.11
C THR A 62 -11.38 1.26 6.60
N ILE A 63 -12.42 0.60 6.10
CA ILE A 63 -12.49 0.13 4.73
C ILE A 63 -12.37 1.32 3.77
N GLY A 64 -11.36 1.29 2.90
CA GLY A 64 -11.15 2.32 1.89
C GLY A 64 -10.17 3.42 2.30
N LYS A 65 -9.61 3.38 3.52
CA LYS A 65 -8.46 4.22 3.91
C LYS A 65 -7.15 3.71 3.26
N LYS A 66 -6.25 4.63 2.92
CA LYS A 66 -5.19 4.44 1.90
C LYS A 66 -3.90 3.77 2.41
N MET A 67 -2.91 3.66 1.53
CA MET A 67 -1.67 2.89 1.73
C MET A 67 -0.47 3.79 2.09
N TYR A 68 0.42 3.27 2.94
CA TYR A 68 1.61 3.96 3.45
C TYR A 68 2.88 3.10 3.32
N PHE A 69 4.04 3.73 3.20
CA PHE A 69 5.35 3.07 3.08
C PHE A 69 6.50 3.97 3.58
N ILE A 70 7.70 3.41 3.74
CA ILE A 70 8.82 4.03 4.48
C ILE A 70 9.85 4.63 3.51
N GLN A 71 9.94 5.96 3.38
CA GLN A 71 10.90 6.62 2.47
C GLN A 71 12.34 6.59 3.02
N HIS A 72 12.55 7.01 4.28
CA HIS A 72 13.83 6.85 4.99
C HIS A 72 13.68 6.88 6.52
N GLY A 73 14.14 5.83 7.21
CA GLY A 73 14.34 5.80 8.66
C GLY A 73 14.25 4.38 9.21
N VAL A 74 13.90 4.25 10.49
CA VAL A 74 13.67 2.98 11.19
C VAL A 74 12.45 3.12 12.12
N VAL A 75 11.67 2.04 12.26
CA VAL A 75 10.51 1.96 13.17
C VAL A 75 10.61 0.74 14.09
N SER A 76 10.00 0.82 15.26
CA SER A 76 9.88 -0.25 16.28
C SER A 76 8.40 -0.57 16.46
N VAL A 77 8.09 -1.84 16.29
CA VAL A 77 6.87 -2.25 15.60
C VAL A 77 6.34 -3.51 16.25
N LEU A 78 5.03 -3.68 16.25
CA LEU A 78 4.43 -4.99 16.46
C LEU A 78 3.59 -5.32 15.23
N THR A 79 3.77 -6.50 14.64
CA THR A 79 2.85 -6.98 13.59
C THR A 79 1.68 -7.80 14.14
N LYS A 80 0.48 -7.61 13.58
CA LYS A 80 -0.72 -8.39 13.94
C LYS A 80 -0.48 -9.90 13.70
N GLY A 81 -0.95 -10.73 14.62
CA GLY A 81 -0.60 -12.16 14.69
C GLY A 81 0.75 -12.48 15.34
N ASN A 82 1.63 -11.49 15.44
CA ASN A 82 3.08 -11.72 15.46
C ASN A 82 3.78 -10.91 16.57
N LYS A 83 5.09 -10.70 16.40
CA LYS A 83 6.01 -10.27 17.46
C LYS A 83 6.44 -8.80 17.38
N GLU A 84 7.14 -8.37 18.41
CA GLU A 84 7.88 -7.10 18.38
C GLU A 84 9.11 -7.19 17.47
N MET A 85 9.21 -6.24 16.55
CA MET A 85 10.26 -6.09 15.54
C MET A 85 10.81 -4.66 15.50
N LYS A 86 11.81 -4.46 14.64
CA LYS A 86 12.01 -3.27 13.84
C LYS A 86 11.66 -3.48 12.36
N LEU A 87 11.39 -2.37 11.69
CA LEU A 87 11.26 -2.24 10.22
C LEU A 87 12.16 -1.10 9.70
N SER A 88 12.65 -1.21 8.46
CA SER A 88 13.53 -0.21 7.82
C SER A 88 12.95 0.38 6.52
N ASP A 89 13.64 1.33 5.88
CA ASP A 89 13.12 2.00 4.68
C ASP A 89 13.05 1.11 3.43
N GLY A 90 12.15 1.43 2.51
CA GLY A 90 11.76 0.56 1.39
C GLY A 90 10.68 -0.48 1.73
N SER A 91 10.17 -0.46 2.96
CA SER A 91 9.13 -1.36 3.47
C SER A 91 7.74 -0.70 3.49
N TYR A 92 6.69 -1.53 3.58
CA TYR A 92 5.27 -1.15 3.44
C TYR A 92 4.51 -1.32 4.77
N PHE A 93 3.49 -0.48 5.01
CA PHE A 93 2.61 -0.53 6.18
C PHE A 93 1.17 -0.95 5.90
N GLY A 94 0.48 -1.40 6.96
CA GLY A 94 -0.95 -1.66 6.96
C GLY A 94 -1.30 -3.01 6.30
N GLU A 95 -2.34 -3.04 5.47
CA GLU A 95 -2.86 -4.25 4.78
C GLU A 95 -3.34 -3.97 3.34
N ILE A 96 -3.07 -2.78 2.80
CA ILE A 96 -3.57 -2.25 1.51
C ILE A 96 -5.10 -2.05 1.45
N CYS A 97 -5.53 -0.94 0.83
CA CYS A 97 -6.78 -0.85 0.08
C CYS A 97 -6.47 -0.24 -1.28
N LEU A 98 -6.98 -0.81 -2.38
CA LEU A 98 -6.85 -0.28 -3.74
C LEU A 98 -7.98 -0.87 -4.62
N LEU A 99 -7.97 -2.19 -4.78
CA LEU A 99 -9.17 -3.00 -5.07
C LEU A 99 -9.48 -4.03 -3.97
N THR A 100 -8.53 -4.30 -3.06
CA THR A 100 -8.75 -5.02 -1.80
C THR A 100 -9.36 -4.12 -0.72
N ARG A 101 -9.86 -4.74 0.36
CA ARG A 101 -10.47 -4.05 1.51
C ARG A 101 -10.49 -4.86 2.82
N GLY A 102 -10.37 -4.15 3.94
CA GLY A 102 -10.66 -4.67 5.29
C GLY A 102 -10.12 -3.80 6.43
N ARG A 103 -10.71 -3.94 7.63
CA ARG A 103 -10.27 -3.33 8.91
C ARG A 103 -8.83 -3.71 9.28
N ARG A 104 -7.98 -2.70 9.47
CA ARG A 104 -6.56 -2.86 9.88
C ARG A 104 -6.31 -2.57 11.35
N THR A 105 -5.36 -3.29 11.95
CA THR A 105 -4.79 -3.00 13.27
C THR A 105 -3.25 -3.06 13.21
N ALA A 106 -2.57 -2.06 13.77
CA ALA A 106 -1.11 -1.96 13.75
C ALA A 106 -0.58 -1.09 14.92
N SER A 107 0.07 -1.73 15.90
CA SER A 107 0.72 -1.08 17.05
C SER A 107 2.20 -0.81 16.74
N VAL A 108 2.53 0.41 16.30
CA VAL A 108 3.90 0.73 15.85
C VAL A 108 4.28 2.21 16.02
N ARG A 109 5.51 2.45 16.45
CA ARG A 109 6.12 3.77 16.70
C ARG A 109 7.49 3.92 16.02
N ALA A 110 7.96 5.15 15.84
CA ALA A 110 9.30 5.37 15.28
C ALA A 110 10.42 5.09 16.32
N ASP A 111 11.56 4.54 15.87
CA ASP A 111 12.78 4.44 16.69
C ASP A 111 13.51 5.79 16.81
N THR A 112 13.27 6.62 15.80
CA THR A 112 14.12 7.71 15.30
C THR A 112 13.25 8.66 14.47
N TYR A 113 13.81 9.75 13.92
CA TYR A 113 13.13 10.52 12.87
C TYR A 113 13.04 9.67 11.58
N CYS A 114 11.81 9.51 11.07
CA CYS A 114 11.49 8.66 9.94
C CYS A 114 10.57 9.37 8.93
N ARG A 115 11.03 9.48 7.68
CA ARG A 115 10.26 9.96 6.52
C ARG A 115 9.39 8.82 5.99
N LEU A 116 8.08 8.98 6.11
CA LEU A 116 7.08 8.11 5.49
C LEU A 116 6.48 8.79 4.26
N TYR A 117 5.90 7.97 3.40
CA TYR A 117 5.19 8.43 2.21
C TYR A 117 3.87 7.65 2.06
N SER A 118 2.91 8.22 1.33
CA SER A 118 1.61 7.56 1.08
C SER A 118 1.02 7.81 -0.32
N LEU A 119 0.14 6.89 -0.76
CA LEU A 119 -0.43 6.87 -2.11
C LEU A 119 -1.96 6.71 -2.05
N SER A 120 -2.70 7.67 -2.62
CA SER A 120 -4.16 7.67 -2.67
C SER A 120 -4.75 6.85 -3.83
N VAL A 121 -5.71 5.95 -3.53
CA VAL A 121 -6.49 5.21 -4.54
C VAL A 121 -7.40 6.16 -5.33
N ASP A 122 -7.82 7.27 -4.73
CA ASP A 122 -8.59 8.30 -5.42
C ASP A 122 -7.82 8.86 -6.63
N ASN A 123 -6.48 8.92 -6.55
CA ASN A 123 -5.62 9.28 -7.66
C ASN A 123 -5.28 8.08 -8.56
N PHE A 124 -5.11 6.87 -8.02
CA PHE A 124 -4.98 5.64 -8.81
C PHE A 124 -6.09 5.54 -9.88
N ASN A 125 -7.33 5.85 -9.50
CA ASN A 125 -8.51 5.90 -10.38
C ASN A 125 -8.45 7.01 -11.45
N GLU A 126 -7.67 8.07 -11.26
CA GLU A 126 -7.45 9.17 -12.22
C GLU A 126 -6.37 8.84 -13.27
N VAL A 127 -5.20 8.35 -12.86
CA VAL A 127 -4.11 7.98 -13.80
C VAL A 127 -4.46 6.72 -14.59
N LEU A 128 -5.34 5.88 -14.06
CA LEU A 128 -5.98 4.76 -14.79
C LEU A 128 -6.73 5.17 -16.07
N GLU A 129 -7.21 6.40 -16.20
CA GLU A 129 -7.92 6.89 -17.40
C GLU A 129 -7.10 6.76 -18.68
N GLU A 130 -5.79 6.87 -18.57
CA GLU A 130 -4.83 6.91 -19.67
C GLU A 130 -4.48 5.52 -20.24
N TYR A 131 -4.76 4.48 -19.46
CA TYR A 131 -4.34 3.09 -19.66
C TYR A 131 -5.50 2.10 -19.50
N PRO A 132 -6.48 2.07 -20.42
CA PRO A 132 -7.64 1.17 -20.36
C PRO A 132 -7.30 -0.33 -20.22
N MET A 133 -6.14 -0.79 -20.74
CA MET A 133 -5.61 -2.15 -20.45
C MET A 133 -5.65 -2.48 -18.96
N MET A 134 -5.17 -1.53 -18.15
CA MET A 134 -4.96 -1.74 -16.74
C MET A 134 -6.28 -1.56 -15.97
N ARG A 135 -7.22 -0.77 -16.50
CA ARG A 135 -8.59 -0.68 -15.98
C ARG A 135 -9.31 -2.03 -16.10
N ARG A 136 -9.31 -2.67 -17.28
CA ARG A 136 -9.93 -4.01 -17.46
C ARG A 136 -9.24 -5.12 -16.68
N ALA A 137 -7.92 -5.05 -16.54
CA ALA A 137 -7.12 -5.95 -15.71
C ALA A 137 -7.51 -5.97 -14.22
N PHE A 138 -8.09 -4.88 -13.71
CA PHE A 138 -8.70 -4.83 -12.38
C PHE A 138 -10.21 -5.16 -12.38
N GLU A 139 -10.96 -4.89 -13.47
CA GLU A 139 -12.36 -5.33 -13.59
C GLU A 139 -12.51 -6.86 -13.52
N THR A 140 -11.53 -7.61 -14.06
CA THR A 140 -11.61 -9.08 -14.18
C THR A 140 -11.47 -9.80 -12.84
N VAL A 141 -10.72 -9.18 -11.93
CA VAL A 141 -10.55 -9.61 -10.53
C VAL A 141 -11.64 -9.06 -9.63
N ALA A 142 -12.11 -7.84 -9.87
CA ALA A 142 -13.19 -7.22 -9.10
C ALA A 142 -14.50 -8.03 -9.13
N ILE A 143 -14.79 -8.75 -10.23
CA ILE A 143 -15.88 -9.74 -10.27
C ILE A 143 -15.50 -11.05 -9.58
N ASP A 144 -14.31 -11.61 -9.82
CA ASP A 144 -13.91 -12.96 -9.35
C ASP A 144 -13.59 -13.05 -7.86
N ARG A 145 -13.01 -11.99 -7.27
CA ARG A 145 -12.59 -11.94 -5.87
C ARG A 145 -13.77 -11.80 -4.89
N LEU A 146 -14.95 -11.46 -5.41
CA LEU A 146 -16.27 -11.64 -4.78
C LEU A 146 -16.98 -12.92 -5.27
N ASP A 147 -16.62 -13.38 -6.46
CA ASP A 147 -17.22 -14.45 -7.25
C ASP A 147 -18.71 -14.21 -7.60
N ARG A 148 -19.29 -15.09 -8.44
CA ARG A 148 -20.62 -14.90 -9.01
C ARG A 148 -21.73 -15.00 -7.96
N ILE A 149 -21.69 -16.01 -7.09
CA ILE A 149 -22.64 -16.32 -5.99
C ILE A 149 -24.09 -16.58 -6.42
N GLY A 150 -24.58 -15.91 -7.46
CA GLY A 150 -26.01 -15.70 -7.71
C GLY A 150 -26.60 -14.55 -6.88
N LYS A 151 -25.76 -13.65 -6.32
CA LYS A 151 -26.21 -12.58 -5.40
C LYS A 151 -27.22 -11.63 -6.05
N LYS A 152 -28.19 -11.13 -5.28
CA LYS A 152 -29.21 -10.18 -5.76
C LYS A 152 -28.55 -8.86 -6.19
N ASN A 153 -28.74 -8.48 -7.45
CA ASN A 153 -28.23 -7.23 -8.02
C ASN A 153 -29.05 -6.02 -7.52
N SER A 154 -28.40 -4.90 -7.16
CA SER A 154 -29.06 -3.68 -6.68
C SER A 154 -29.90 -2.99 -7.75
N ILE A 155 -29.28 -2.55 -8.85
CA ILE A 155 -29.90 -1.66 -9.84
C ILE A 155 -29.75 -2.17 -11.27
N LEU A 156 -30.65 -1.75 -12.15
CA LEU A 156 -30.72 -2.19 -13.56
C LEU A 156 -30.31 -1.09 -14.54
N LEU A 157 -30.18 -1.45 -15.81
CA LEU A 157 -30.06 -0.53 -16.95
C LEU A 157 -30.97 -0.98 -18.11
N HIS A 158 -31.71 -0.02 -18.69
CA HIS A 158 -32.33 -0.01 -20.03
C HIS A 158 -32.04 -1.25 -20.88
N ASN A 20 14.65 10.09 -6.03
CA ASN A 20 14.54 8.74 -6.59
C ASN A 20 13.36 7.97 -5.99
N CYS A 21 12.14 8.45 -6.26
CA CYS A 21 10.88 7.83 -5.81
C CYS A 21 10.37 6.74 -6.77
N ARG A 22 10.73 6.81 -8.06
CA ARG A 22 10.29 5.86 -9.12
C ARG A 22 10.75 4.41 -8.89
N LYS A 23 11.84 4.20 -8.17
CA LYS A 23 12.30 2.86 -7.73
C LYS A 23 11.41 2.25 -6.65
N LEU A 24 10.73 3.08 -5.87
CA LEU A 24 9.99 2.68 -4.66
C LEU A 24 8.56 2.25 -4.99
N VAL A 25 7.84 3.00 -5.84
CA VAL A 25 6.53 2.54 -6.35
C VAL A 25 6.68 1.25 -7.15
N ALA A 26 7.77 1.12 -7.91
CA ALA A 26 8.15 -0.08 -8.64
C ALA A 26 8.60 -1.25 -7.75
N SER A 27 8.76 -1.06 -6.44
CA SER A 27 9.22 -2.09 -5.50
C SER A 27 8.07 -2.89 -4.88
N MET A 28 6.83 -2.51 -5.18
CA MET A 28 5.62 -3.19 -4.75
C MET A 28 5.36 -4.47 -5.57
N PRO A 29 4.77 -5.53 -4.97
CA PRO A 29 4.46 -6.78 -5.66
C PRO A 29 3.30 -6.64 -6.66
N LEU A 30 2.41 -5.66 -6.45
CA LEU A 30 1.35 -5.30 -7.41
C LEU A 30 1.91 -4.66 -8.70
N PHE A 31 3.14 -4.14 -8.64
CA PHE A 31 3.79 -3.32 -9.67
C PHE A 31 4.89 -4.07 -10.45
N ALA A 32 5.13 -5.35 -10.15
CA ALA A 32 6.23 -6.16 -10.70
C ALA A 32 6.26 -6.13 -12.24
N ASN A 33 5.08 -6.33 -12.80
CA ASN A 33 4.78 -6.53 -14.21
C ASN A 33 4.09 -5.28 -14.81
N ALA A 34 4.12 -4.15 -14.10
CA ALA A 34 3.37 -2.93 -14.45
C ALA A 34 3.77 -2.31 -15.80
N ASP A 35 2.81 -1.62 -16.43
CA ASP A 35 3.11 -0.68 -17.52
C ASP A 35 4.06 0.41 -17.01
N PRO A 36 5.24 0.63 -17.61
CA PRO A 36 6.27 1.53 -17.08
C PRO A 36 5.86 3.02 -17.09
N ASN A 37 4.76 3.35 -17.77
CA ASN A 37 4.17 4.68 -17.86
C ASN A 37 3.12 4.88 -16.77
N PHE A 38 2.32 3.85 -16.47
CA PHE A 38 1.37 3.83 -15.33
C PHE A 38 2.09 4.12 -14.02
N VAL A 39 3.19 3.41 -13.76
CA VAL A 39 3.96 3.57 -12.51
C VAL A 39 4.54 4.98 -12.37
N THR A 40 4.93 5.56 -13.50
CA THR A 40 5.58 6.87 -13.61
C THR A 40 4.59 8.04 -13.55
N ALA A 41 3.42 7.92 -14.19
CA ALA A 41 2.42 8.98 -14.20
C ALA A 41 1.81 9.21 -12.80
N MET A 42 1.89 8.17 -11.95
CA MET A 42 1.44 8.18 -10.57
C MET A 42 2.28 9.08 -9.65
N LEU A 43 3.51 9.39 -10.06
CA LEU A 43 4.48 10.18 -9.28
C LEU A 43 4.22 11.69 -9.37
N THR A 44 3.63 12.15 -10.48
CA THR A 44 3.49 13.56 -10.88
C THR A 44 2.90 14.50 -9.82
N LYS A 45 2.02 13.99 -8.96
CA LYS A 45 1.35 14.71 -7.86
C LYS A 45 1.52 14.10 -6.46
N LEU A 46 2.56 13.30 -6.23
CA LEU A 46 2.81 12.62 -4.95
C LEU A 46 3.10 13.61 -3.82
N LYS A 47 2.96 13.16 -2.56
CA LYS A 47 3.36 13.90 -1.35
C LYS A 47 4.37 13.10 -0.50
N PHE A 48 5.20 13.80 0.27
CA PHE A 48 6.12 13.21 1.24
C PHE A 48 5.77 13.60 2.69
N GLU A 49 6.11 12.72 3.66
CA GLU A 49 5.91 12.94 5.09
C GLU A 49 6.95 12.18 5.95
N VAL A 50 7.22 12.62 7.19
CA VAL A 50 8.15 11.94 8.11
C VAL A 50 7.53 11.70 9.48
N PHE A 51 7.89 10.59 10.11
CA PHE A 51 7.58 10.29 11.51
C PHE A 51 8.87 10.27 12.34
N GLN A 52 8.83 10.85 13.54
CA GLN A 52 10.00 11.00 14.43
C GLN A 52 10.19 9.74 15.31
N PRO A 53 11.36 9.53 15.95
CA PRO A 53 11.65 8.29 16.67
C PRO A 53 10.66 7.98 17.80
N GLY A 54 10.23 6.72 17.89
CA GLY A 54 9.41 6.18 18.97
C GLY A 54 7.91 6.30 18.72
N ASP A 55 7.49 6.94 17.62
CA ASP A 55 6.14 7.42 17.42
C ASP A 55 5.24 6.41 16.70
N TYR A 56 4.03 6.21 17.23
CA TYR A 56 3.03 5.28 16.69
C TYR A 56 2.42 5.84 15.40
N ILE A 57 2.72 5.21 14.26
CA ILE A 57 2.41 5.75 12.93
C ILE A 57 1.01 5.41 12.39
N ILE A 58 0.42 4.31 12.86
CA ILE A 58 -0.79 3.68 12.30
C ILE A 58 -2.04 4.12 13.07
N ARG A 59 -3.16 4.34 12.36
CA ARG A 59 -4.45 4.70 12.98
C ARG A 59 -5.66 4.13 12.21
N GLU A 60 -6.43 3.22 12.81
CA GLU A 60 -7.70 2.72 12.26
C GLU A 60 -8.81 3.77 12.42
N GLY A 61 -9.76 3.81 11.48
CA GLY A 61 -10.96 4.64 11.63
C GLY A 61 -11.95 4.57 10.47
N THR A 62 -11.50 4.24 9.26
CA THR A 62 -12.34 4.25 8.06
C THR A 62 -11.77 3.34 6.98
N ILE A 63 -12.60 3.02 6.00
CA ILE A 63 -12.23 2.36 4.74
C ILE A 63 -11.97 3.43 3.68
N GLY A 64 -10.94 3.24 2.84
CA GLY A 64 -10.60 4.16 1.75
C GLY A 64 -9.61 5.24 2.21
N LYS A 65 -8.70 4.87 3.10
CA LYS A 65 -7.72 5.71 3.78
C LYS A 65 -6.62 6.21 2.83
N LYS A 66 -5.87 7.26 3.21
CA LYS A 66 -4.69 7.73 2.45
C LYS A 66 -3.48 6.88 2.82
N MET A 67 -2.73 6.44 1.80
CA MET A 67 -1.76 5.35 1.92
C MET A 67 -0.35 5.84 2.31
N TYR A 68 0.40 5.02 3.04
CA TYR A 68 1.80 5.26 3.41
C TYR A 68 2.71 4.10 2.96
N PHE A 69 3.89 4.43 2.45
CA PHE A 69 4.94 3.45 2.20
C PHE A 69 6.33 4.04 2.51
N ILE A 70 7.31 3.17 2.73
CA ILE A 70 8.57 3.55 3.40
C ILE A 70 9.64 3.91 2.37
N GLN A 71 9.97 5.21 2.24
CA GLN A 71 11.02 5.65 1.32
C GLN A 71 12.43 5.36 1.87
N HIS A 72 12.73 5.83 3.08
CA HIS A 72 14.00 5.60 3.80
C HIS A 72 13.82 5.72 5.33
N GLY A 73 14.09 4.65 6.05
CA GLY A 73 14.07 4.59 7.52
C GLY A 73 13.63 3.21 8.01
N VAL A 74 13.38 3.09 9.31
CA VAL A 74 13.06 1.83 9.98
C VAL A 74 11.89 2.03 10.94
N VAL A 75 11.01 1.03 11.01
CA VAL A 75 9.91 0.93 11.98
C VAL A 75 10.09 -0.34 12.82
N SER A 76 9.65 -0.32 14.07
CA SER A 76 9.65 -1.49 14.98
C SER A 76 8.21 -1.80 15.32
N VAL A 77 7.86 -3.06 15.11
CA VAL A 77 6.61 -3.43 14.48
C VAL A 77 6.14 -4.74 15.12
N LEU A 78 4.83 -4.92 15.16
CA LEU A 78 4.23 -6.23 15.30
C LEU A 78 3.37 -6.48 14.05
N THR A 79 3.47 -7.66 13.40
CA THR A 79 2.39 -8.10 12.48
C THR A 79 1.38 -8.99 13.22
N LYS A 80 0.07 -8.79 13.04
CA LYS A 80 -0.98 -9.25 13.99
C LYS A 80 -1.32 -10.75 13.93
N GLY A 81 -1.00 -11.44 12.84
CA GLY A 81 -0.93 -12.91 12.79
C GLY A 81 0.30 -13.49 13.50
N ASN A 82 1.33 -12.67 13.68
CA ASN A 82 2.72 -13.07 13.58
C ASN A 82 3.56 -12.47 14.74
N LYS A 83 4.83 -12.14 14.48
CA LYS A 83 5.82 -11.78 15.49
C LYS A 83 6.15 -10.29 15.57
N GLU A 84 6.94 -9.95 16.58
CA GLU A 84 7.71 -8.70 16.56
C GLU A 84 8.75 -8.71 15.43
N MET A 85 8.90 -7.57 14.77
CA MET A 85 9.95 -7.31 13.78
C MET A 85 10.50 -5.90 13.94
N LYS A 86 11.51 -5.58 13.11
CA LYS A 86 11.59 -4.34 12.37
C LYS A 86 11.12 -4.52 10.93
N LEU A 87 10.74 -3.38 10.37
CA LEU A 87 10.48 -3.17 8.94
C LEU A 87 11.31 -1.98 8.44
N SER A 88 11.71 -2.01 7.17
CA SER A 88 12.48 -0.94 6.53
C SER A 88 12.00 -0.70 5.09
N ASP A 89 12.68 0.20 4.38
CA ASP A 89 12.32 0.75 3.06
C ASP A 89 11.80 -0.27 2.04
N GLY A 90 10.90 0.18 1.16
CA GLY A 90 10.22 -0.67 0.17
C GLY A 90 9.00 -1.44 0.69
N SER A 91 8.77 -1.41 2.00
CA SER A 91 7.58 -1.91 2.68
C SER A 91 6.43 -0.90 2.65
N TYR A 92 5.19 -1.35 2.83
CA TYR A 92 4.00 -0.50 2.68
C TYR A 92 2.81 -0.90 3.58
N PHE A 93 2.04 0.10 4.05
CA PHE A 93 0.89 -0.12 4.96
C PHE A 93 -0.21 0.97 4.89
N GLY A 94 -1.30 0.76 5.64
CA GLY A 94 -2.47 1.64 5.72
C GLY A 94 -3.58 0.97 6.53
N GLU A 95 -4.78 0.83 5.96
CA GLU A 95 -5.67 -0.30 6.26
C GLU A 95 -5.59 -1.39 5.16
N ILE A 96 -5.12 -1.00 3.98
CA ILE A 96 -5.39 -1.56 2.65
C ILE A 96 -6.88 -1.55 2.35
N CYS A 97 -7.28 -0.53 1.58
CA CYS A 97 -8.47 -0.51 0.75
C CYS A 97 -8.05 -0.54 -0.74
N LEU A 98 -7.83 0.65 -1.33
CA LEU A 98 -7.71 0.94 -2.76
C LEU A 98 -8.94 0.52 -3.59
N LEU A 99 -9.26 -0.77 -3.57
CA LEU A 99 -10.47 -1.39 -4.14
C LEU A 99 -11.20 -2.28 -3.11
N THR A 100 -10.48 -2.77 -2.09
CA THR A 100 -10.98 -3.76 -1.10
C THR A 100 -11.81 -3.12 0.03
N ARG A 101 -12.44 -3.95 0.89
CA ARG A 101 -13.40 -3.51 1.93
C ARG A 101 -13.05 -3.98 3.35
N GLY A 102 -13.58 -3.26 4.34
CA GLY A 102 -13.26 -3.41 5.78
C GLY A 102 -12.09 -2.53 6.26
N ARG A 103 -12.15 -2.03 7.51
CA ARG A 103 -11.10 -1.21 8.17
C ARG A 103 -10.25 -2.05 9.13
N ARG A 104 -8.95 -1.74 9.18
CA ARG A 104 -7.88 -2.57 9.78
C ARG A 104 -6.93 -1.79 10.71
N THR A 105 -6.26 -2.51 11.61
CA THR A 105 -5.21 -2.05 12.55
C THR A 105 -3.84 -2.65 12.20
N ALA A 106 -2.79 -2.08 12.80
CA ALA A 106 -1.50 -2.71 13.04
C ALA A 106 -0.78 -2.01 14.22
N SER A 107 -0.17 -2.76 15.14
CA SER A 107 0.62 -2.19 16.25
C SER A 107 2.07 -1.97 15.81
N VAL A 108 2.41 -0.74 15.40
CA VAL A 108 3.75 -0.40 14.90
C VAL A 108 4.11 1.07 15.17
N ARG A 109 5.40 1.33 15.47
CA ARG A 109 5.99 2.66 15.69
C ARG A 109 7.25 2.86 14.86
N ALA A 110 7.63 4.10 14.60
CA ALA A 110 8.91 4.42 13.99
C ALA A 110 10.06 4.12 14.98
N ASP A 111 11.09 3.39 14.56
CA ASP A 111 12.26 3.11 15.43
C ASP A 111 13.15 4.35 15.59
N THR A 112 13.06 5.23 14.60
CA THR A 112 13.98 6.28 14.19
C THR A 112 13.22 7.31 13.33
N TYR A 113 13.85 8.39 12.86
CA TYR A 113 13.20 9.41 12.03
C TYR A 113 12.99 8.83 10.61
N CYS A 114 11.78 8.34 10.32
CA CYS A 114 11.46 7.49 9.18
C CYS A 114 10.67 8.26 8.11
N ARG A 115 11.21 8.32 6.90
CA ARG A 115 10.66 9.06 5.76
C ARG A 115 9.74 8.19 4.92
N LEU A 116 8.49 8.63 4.86
CA LEU A 116 7.37 7.94 4.23
C LEU A 116 6.84 8.78 3.06
N TYR A 117 6.02 8.15 2.23
CA TYR A 117 5.27 8.82 1.17
C TYR A 117 3.80 9.05 1.61
N SER A 118 3.02 9.80 0.85
CA SER A 118 1.56 9.84 0.98
C SER A 118 0.85 9.96 -0.38
N LEU A 119 -0.09 9.06 -0.65
CA LEU A 119 -0.84 8.95 -1.92
C LEU A 119 -2.34 8.70 -1.63
N SER A 120 -3.23 9.41 -2.32
CA SER A 120 -4.68 9.18 -2.24
C SER A 120 -5.14 8.04 -3.16
N VAL A 121 -6.02 7.17 -2.67
CA VAL A 121 -6.63 6.15 -3.55
C VAL A 121 -7.48 6.78 -4.66
N ASP A 122 -7.95 8.00 -4.43
CA ASP A 122 -8.66 8.81 -5.43
C ASP A 122 -7.78 9.18 -6.63
N ASN A 123 -6.49 9.44 -6.43
CA ASN A 123 -5.53 9.64 -7.53
C ASN A 123 -4.99 8.31 -8.09
N PHE A 124 -4.83 7.24 -7.28
CA PHE A 124 -4.50 5.89 -7.74
C PHE A 124 -5.54 5.35 -8.75
N ASN A 125 -6.82 5.34 -8.37
CA ASN A 125 -7.89 4.81 -9.22
C ASN A 125 -8.12 5.66 -10.48
N GLU A 126 -7.73 6.95 -10.45
CA GLU A 126 -7.74 7.94 -11.53
C GLU A 126 -6.59 7.75 -12.53
N VAL A 127 -5.45 7.22 -12.09
CA VAL A 127 -4.34 6.80 -12.97
C VAL A 127 -4.49 5.36 -13.46
N LEU A 128 -5.04 4.46 -12.64
CA LEU A 128 -5.27 3.05 -12.99
C LEU A 128 -6.18 2.89 -14.23
N GLU A 129 -7.25 3.68 -14.32
CA GLU A 129 -8.18 3.69 -15.42
C GLU A 129 -7.63 4.23 -16.76
N GLU A 130 -6.43 4.81 -16.80
CA GLU A 130 -5.74 5.20 -18.04
C GLU A 130 -5.09 4.03 -18.78
N TYR A 131 -4.89 2.91 -18.08
CA TYR A 131 -4.10 1.74 -18.50
C TYR A 131 -4.91 0.45 -18.35
N PRO A 132 -5.85 0.16 -19.28
CA PRO A 132 -6.75 -0.99 -19.19
C PRO A 132 -6.08 -2.38 -18.99
N MET A 133 -4.82 -2.58 -19.37
CA MET A 133 -4.04 -3.78 -19.01
C MET A 133 -3.85 -3.92 -17.48
N MET A 134 -3.64 -2.81 -16.78
CA MET A 134 -3.53 -2.79 -15.32
C MET A 134 -4.91 -2.83 -14.64
N ARG A 135 -5.95 -2.32 -15.31
CA ARG A 135 -7.35 -2.43 -14.85
C ARG A 135 -7.77 -3.90 -14.68
N ARG A 136 -7.46 -4.77 -15.66
CA ARG A 136 -7.78 -6.21 -15.57
C ARG A 136 -6.95 -7.00 -14.54
N ALA A 137 -5.74 -6.53 -14.27
CA ALA A 137 -4.83 -7.11 -13.28
C ALA A 137 -5.40 -7.10 -11.84
N PHE A 138 -6.32 -6.18 -11.55
CA PHE A 138 -7.10 -6.15 -10.32
C PHE A 138 -8.47 -6.87 -10.42
N GLU A 139 -9.01 -7.11 -11.61
CA GLU A 139 -10.25 -7.90 -11.80
C GLU A 139 -10.03 -9.40 -11.53
N THR A 140 -8.84 -9.90 -11.87
CA THR A 140 -8.46 -11.33 -11.80
C THR A 140 -8.25 -11.84 -10.36
N VAL A 141 -7.93 -10.90 -9.48
CA VAL A 141 -7.84 -11.09 -8.01
C VAL A 141 -9.21 -10.90 -7.35
N ALA A 142 -9.97 -9.88 -7.79
CA ALA A 142 -11.26 -9.49 -7.21
C ALA A 142 -12.26 -10.65 -7.03
N ILE A 143 -12.29 -11.57 -8.01
CA ILE A 143 -13.22 -12.71 -8.09
C ILE A 143 -12.90 -13.88 -7.15
N ASP A 144 -11.69 -13.95 -6.59
CA ASP A 144 -11.35 -14.86 -5.47
C ASP A 144 -11.24 -14.11 -4.13
N ARG A 145 -10.80 -12.84 -4.17
CA ARG A 145 -10.66 -11.93 -3.03
C ARG A 145 -11.97 -11.71 -2.26
N LEU A 146 -13.10 -11.61 -2.96
CA LEU A 146 -14.40 -11.35 -2.32
C LEU A 146 -14.92 -12.47 -1.39
N ASP A 147 -14.35 -13.68 -1.46
CA ASP A 147 -14.90 -14.84 -0.74
C ASP A 147 -14.72 -14.75 0.78
N ARG A 148 -15.70 -15.33 1.47
CA ARG A 148 -16.00 -15.17 2.89
C ARG A 148 -15.41 -16.21 3.85
N ILE A 149 -14.77 -17.25 3.29
CA ILE A 149 -14.27 -18.49 3.89
C ILE A 149 -14.95 -18.89 5.21
N GLY A 150 -14.20 -19.12 6.27
CA GLY A 150 -14.72 -19.49 7.60
C GLY A 150 -15.09 -18.30 8.51
N LYS A 151 -15.18 -17.09 7.95
CA LYS A 151 -15.01 -15.82 8.70
C LYS A 151 -16.21 -14.87 8.61
N LYS A 152 -16.71 -14.63 7.39
CA LYS A 152 -17.75 -13.64 7.06
C LYS A 152 -18.95 -14.30 6.36
N ASN A 153 -19.93 -13.50 5.93
CA ASN A 153 -21.06 -13.94 5.12
C ASN A 153 -20.93 -13.42 3.67
N SER A 154 -21.72 -13.96 2.73
CA SER A 154 -21.60 -13.68 1.29
C SER A 154 -22.08 -12.27 0.89
N ILE A 155 -22.05 -11.96 -0.40
CA ILE A 155 -22.50 -10.69 -1.00
C ILE A 155 -23.99 -10.37 -0.77
N LEU A 156 -24.39 -9.12 -1.01
CA LEU A 156 -25.79 -8.70 -1.05
C LEU A 156 -26.50 -9.28 -2.30
N LEU A 157 -27.71 -9.80 -2.10
CA LEU A 157 -28.48 -10.57 -3.09
C LEU A 157 -29.82 -9.93 -3.47
N HIS A 158 -30.32 -10.33 -4.64
CA HIS A 158 -31.36 -9.69 -5.46
C HIS A 158 -32.78 -9.77 -4.89
N ASN A 20 12.18 10.35 -6.79
CA ASN A 20 11.39 10.07 -8.00
C ASN A 20 10.52 8.79 -7.90
N CYS A 21 10.67 7.98 -6.85
CA CYS A 21 9.81 6.86 -6.43
C CYS A 21 9.59 5.67 -7.41
N ARG A 22 9.89 5.80 -8.71
CA ARG A 22 9.63 4.79 -9.74
C ARG A 22 10.09 3.38 -9.32
N LYS A 23 11.33 3.24 -8.86
CA LYS A 23 11.92 1.94 -8.49
C LYS A 23 11.25 1.27 -7.28
N LEU A 24 10.70 2.07 -6.35
CA LEU A 24 10.07 1.61 -5.11
C LEU A 24 8.60 1.24 -5.33
N VAL A 25 7.82 2.09 -6.00
CA VAL A 25 6.40 1.81 -6.26
C VAL A 25 6.26 0.55 -7.12
N ALA A 26 7.14 0.35 -8.12
CA ALA A 26 7.22 -0.86 -8.93
C ALA A 26 7.74 -2.11 -8.18
N SER A 27 8.31 -1.96 -6.99
CA SER A 27 8.88 -3.05 -6.19
C SER A 27 7.80 -3.76 -5.35
N MET A 28 6.76 -3.01 -4.99
CA MET A 28 5.57 -3.44 -4.29
C MET A 28 4.79 -4.50 -5.13
N PRO A 29 4.34 -5.63 -4.56
CA PRO A 29 3.81 -6.76 -5.34
C PRO A 29 2.56 -6.46 -6.18
N LEU A 30 1.76 -5.45 -5.79
CA LEU A 30 0.61 -4.93 -6.55
C LEU A 30 1.03 -4.30 -7.90
N PHE A 31 2.28 -3.87 -8.03
CA PHE A 31 2.87 -3.23 -9.21
C PHE A 31 3.92 -4.12 -9.91
N ALA A 32 4.08 -5.39 -9.51
CA ALA A 32 5.11 -6.32 -10.00
C ALA A 32 5.10 -6.50 -11.52
N ASN A 33 3.88 -6.43 -12.04
CA ASN A 33 3.47 -6.74 -13.39
C ASN A 33 2.90 -5.48 -14.08
N ALA A 34 3.09 -4.31 -13.48
CA ALA A 34 2.58 -3.03 -13.99
C ALA A 34 3.24 -2.59 -15.31
N ASP A 35 2.53 -1.78 -16.09
CA ASP A 35 3.12 -0.99 -17.19
C ASP A 35 3.97 0.16 -16.59
N PRO A 36 5.25 0.31 -16.95
CA PRO A 36 6.15 1.29 -16.32
C PRO A 36 5.71 2.74 -16.49
N ASN A 37 4.82 3.00 -17.46
CA ASN A 37 4.33 4.35 -17.77
C ASN A 37 3.10 4.69 -16.93
N PHE A 38 2.27 3.69 -16.63
CA PHE A 38 1.18 3.76 -15.66
C PHE A 38 1.72 4.05 -14.25
N VAL A 39 2.75 3.31 -13.83
CA VAL A 39 3.32 3.50 -12.48
C VAL A 39 3.96 4.88 -12.30
N THR A 40 4.54 5.40 -13.38
CA THR A 40 5.24 6.69 -13.45
C THR A 40 4.27 7.86 -13.54
N ALA A 41 3.25 7.81 -14.39
CA ALA A 41 2.26 8.88 -14.57
C ALA A 41 1.44 9.15 -13.29
N MET A 42 1.45 8.19 -12.36
CA MET A 42 0.83 8.29 -11.04
C MET A 42 1.60 9.20 -10.06
N LEU A 43 2.91 9.40 -10.26
CA LEU A 43 3.82 10.06 -9.30
C LEU A 43 3.78 11.60 -9.38
N THR A 44 3.09 12.13 -10.38
CA THR A 44 2.93 13.56 -10.73
C THR A 44 2.51 14.49 -9.56
N LYS A 45 1.87 13.94 -8.52
CA LYS A 45 1.39 14.67 -7.32
C LYS A 45 2.00 14.20 -5.98
N LEU A 46 2.97 13.28 -6.00
CA LEU A 46 3.16 12.36 -4.88
C LEU A 46 3.64 13.04 -3.59
N LYS A 47 3.18 12.54 -2.44
CA LYS A 47 3.18 13.25 -1.15
C LYS A 47 3.97 12.56 -0.04
N PHE A 48 4.59 13.35 0.83
CA PHE A 48 5.57 12.87 1.84
C PHE A 48 5.24 13.27 3.28
N GLU A 49 5.61 12.43 4.25
CA GLU A 49 5.42 12.67 5.68
C GLU A 49 6.59 12.15 6.53
N VAL A 50 6.78 12.67 7.75
CA VAL A 50 7.81 12.21 8.71
C VAL A 50 7.21 11.84 10.06
N PHE A 51 7.82 10.84 10.71
CA PHE A 51 7.61 10.53 12.12
C PHE A 51 8.93 10.53 12.90
N GLN A 52 8.85 10.95 14.16
CA GLN A 52 9.94 11.05 15.12
C GLN A 52 9.81 9.97 16.22
N PRO A 53 10.86 9.68 17.02
CA PRO A 53 10.98 8.43 17.75
C PRO A 53 9.86 8.12 18.75
N GLY A 54 9.37 6.89 18.71
CA GLY A 54 8.36 6.31 19.61
C GLY A 54 6.95 6.32 19.00
N ASP A 55 6.73 7.07 17.92
CA ASP A 55 5.38 7.40 17.47
C ASP A 55 4.79 6.30 16.56
N TYR A 56 3.63 5.76 16.95
CA TYR A 56 2.89 4.74 16.19
C TYR A 56 2.41 5.29 14.83
N ILE A 57 2.81 4.68 13.72
CA ILE A 57 2.61 5.23 12.36
C ILE A 57 1.24 4.92 11.72
N ILE A 58 0.52 3.92 12.25
CA ILE A 58 -0.70 3.32 11.71
C ILE A 58 -1.84 3.28 12.74
N ARG A 59 -3.06 3.65 12.30
CA ARG A 59 -4.35 3.33 12.93
C ARG A 59 -5.49 3.70 11.96
N GLU A 60 -6.26 2.71 11.53
CA GLU A 60 -7.49 2.89 10.74
C GLU A 60 -8.76 2.94 11.64
N GLY A 61 -9.92 3.25 11.07
CA GLY A 61 -11.21 3.33 11.79
C GLY A 61 -12.44 3.52 10.89
N THR A 62 -12.24 3.71 9.58
CA THR A 62 -13.28 3.85 8.55
C THR A 62 -12.65 3.57 7.19
N ILE A 63 -13.48 3.13 6.25
CA ILE A 63 -13.05 2.61 4.94
C ILE A 63 -12.60 3.77 4.04
N GLY A 64 -11.57 3.52 3.22
CA GLY A 64 -11.12 4.43 2.16
C GLY A 64 -9.75 5.10 2.43
N LYS A 65 -8.95 4.58 3.36
CA LYS A 65 -7.63 5.13 3.71
C LYS A 65 -6.58 4.86 2.62
N LYS A 66 -5.50 5.65 2.62
CA LYS A 66 -4.51 5.74 1.54
C LYS A 66 -3.44 4.64 1.66
N MET A 67 -2.57 4.55 0.66
CA MET A 67 -1.38 3.66 0.71
C MET A 67 -0.15 4.41 1.27
N TYR A 68 0.74 3.73 2.01
CA TYR A 68 1.95 4.30 2.63
C TYR A 68 3.19 3.42 2.45
N PHE A 69 4.39 4.02 2.33
CA PHE A 69 5.65 3.28 2.22
C PHE A 69 6.87 4.00 2.81
N ILE A 70 7.92 3.23 3.15
CA ILE A 70 9.10 3.75 3.89
C ILE A 70 10.18 4.20 2.92
N GLN A 71 10.54 5.50 2.95
CA GLN A 71 11.58 6.05 2.07
C GLN A 71 12.96 5.91 2.73
N HIS A 72 13.14 6.48 3.93
CA HIS A 72 14.37 6.35 4.72
C HIS A 72 14.09 6.26 6.23
N GLY A 73 14.52 5.17 6.88
CA GLY A 73 14.62 5.06 8.33
C GLY A 73 14.45 3.60 8.79
N VAL A 74 13.95 3.43 10.02
CA VAL A 74 13.65 2.14 10.64
C VAL A 74 12.37 2.24 11.50
N VAL A 75 11.60 1.16 11.60
CA VAL A 75 10.46 1.01 12.53
C VAL A 75 10.59 -0.26 13.38
N SER A 76 10.09 -0.21 14.62
CA SER A 76 9.92 -1.38 15.49
C SER A 76 8.42 -1.63 15.58
N VAL A 77 8.07 -2.88 15.37
CA VAL A 77 6.87 -3.27 14.66
C VAL A 77 6.35 -4.54 15.31
N LEU A 78 5.03 -4.72 15.32
CA LEU A 78 4.47 -6.02 15.62
C LEU A 78 3.67 -6.47 14.40
N THR A 79 3.92 -7.67 13.90
CA THR A 79 2.94 -8.32 13.02
C THR A 79 1.86 -9.05 13.83
N LYS A 80 0.60 -8.88 13.45
CA LYS A 80 -0.55 -9.39 14.22
C LYS A 80 -0.66 -10.92 14.05
N GLY A 81 -0.83 -11.61 15.17
CA GLY A 81 -0.61 -13.06 15.27
C GLY A 81 0.84 -13.48 15.57
N ASN A 82 1.80 -12.57 15.43
CA ASN A 82 3.14 -12.92 14.97
C ASN A 82 4.24 -12.22 15.81
N LYS A 83 5.24 -11.60 15.16
CA LYS A 83 6.54 -11.27 15.78
C LYS A 83 6.68 -9.81 16.21
N GLU A 84 7.42 -9.60 17.31
CA GLU A 84 8.02 -8.31 17.64
C GLU A 84 9.35 -8.13 16.88
N MET A 85 9.32 -7.20 15.94
CA MET A 85 10.17 -7.14 14.77
C MET A 85 10.71 -5.73 14.54
N LYS A 86 11.58 -5.60 13.54
CA LYS A 86 11.94 -4.41 12.82
C LYS A 86 11.58 -4.44 11.33
N LEU A 87 11.25 -3.28 10.78
CA LEU A 87 11.14 -3.02 9.33
C LEU A 87 12.08 -1.85 8.95
N SER A 88 12.65 -1.92 7.75
CA SER A 88 13.66 -0.97 7.25
C SER A 88 13.27 -0.28 5.94
N ASP A 89 14.03 0.74 5.56
CA ASP A 89 13.81 1.58 4.38
C ASP A 89 13.57 0.78 3.09
N GLY A 90 12.65 1.23 2.23
CA GLY A 90 12.20 0.51 1.03
C GLY A 90 11.16 -0.60 1.27
N SER A 91 10.76 -0.83 2.53
CA SER A 91 9.56 -1.60 2.88
C SER A 91 8.29 -0.77 2.70
N TYR A 92 7.11 -1.39 2.73
CA TYR A 92 5.83 -0.69 2.68
C TYR A 92 4.81 -1.15 3.73
N PHE A 93 3.75 -0.35 3.90
CA PHE A 93 2.71 -0.49 4.92
C PHE A 93 1.33 -0.77 4.35
N GLY A 94 0.43 -1.10 5.28
CA GLY A 94 -0.98 -1.35 5.06
C GLY A 94 -1.86 -0.11 4.84
N GLU A 95 -2.99 -0.06 5.57
CA GLU A 95 -4.07 0.95 5.52
C GLU A 95 -4.90 0.99 4.23
N ILE A 96 -4.27 0.68 3.08
CA ILE A 96 -4.80 0.42 1.73
C ILE A 96 -6.32 0.19 1.67
N CYS A 97 -7.03 1.12 1.03
CA CYS A 97 -7.96 0.74 -0.05
C CYS A 97 -7.23 0.84 -1.40
N LEU A 98 -7.68 0.10 -2.41
CA LEU A 98 -7.39 0.22 -3.86
C LEU A 98 -8.12 -0.91 -4.61
N LEU A 99 -7.78 -2.15 -4.24
CA LEU A 99 -8.40 -3.42 -4.67
C LEU A 99 -9.06 -4.18 -3.50
N THR A 100 -9.30 -3.45 -2.42
CA THR A 100 -9.92 -3.91 -1.17
C THR A 100 -10.74 -2.81 -0.53
N ARG A 101 -11.63 -3.22 0.38
CA ARG A 101 -12.31 -2.38 1.38
C ARG A 101 -12.73 -3.23 2.57
N GLY A 102 -12.57 -2.68 3.77
CA GLY A 102 -12.92 -3.30 5.06
C GLY A 102 -12.01 -2.86 6.21
N ARG A 103 -12.53 -2.88 7.45
CA ARG A 103 -11.86 -2.41 8.67
C ARG A 103 -10.51 -3.12 8.93
N ARG A 104 -9.49 -2.33 9.28
CA ARG A 104 -8.12 -2.78 9.61
C ARG A 104 -7.66 -2.38 11.02
N THR A 105 -6.69 -3.09 11.61
CA THR A 105 -5.84 -2.61 12.71
C THR A 105 -4.42 -3.22 12.70
N ALA A 106 -3.41 -2.50 13.17
CA ALA A 106 -2.03 -2.98 13.41
C ALA A 106 -1.23 -2.06 14.35
N SER A 107 -0.22 -2.58 15.07
CA SER A 107 0.66 -1.82 15.97
C SER A 107 2.12 -1.81 15.50
N VAL A 108 2.60 -0.65 15.01
CA VAL A 108 3.98 -0.43 14.57
C VAL A 108 4.38 1.05 14.71
N ARG A 109 5.61 1.34 15.15
CA ARG A 109 6.08 2.70 15.51
C ARG A 109 7.46 3.04 14.98
N ALA A 110 7.72 4.34 14.86
CA ALA A 110 9.03 4.89 14.52
C ALA A 110 10.07 4.51 15.59
N ASP A 111 11.09 3.72 15.23
CA ASP A 111 12.20 3.38 16.15
C ASP A 111 13.13 4.58 16.40
N THR A 112 13.05 5.51 15.47
CA THR A 112 14.03 6.53 15.09
C THR A 112 13.33 7.50 14.12
N TYR A 113 13.92 8.66 13.85
CA TYR A 113 13.42 9.61 12.85
C TYR A 113 13.38 8.96 11.45
N CYS A 114 12.17 8.83 10.91
CA CYS A 114 11.86 8.02 9.73
C CYS A 114 10.94 8.79 8.77
N ARG A 115 11.33 8.85 7.50
CA ARG A 115 10.62 9.56 6.43
C ARG A 115 9.83 8.57 5.55
N LEU A 116 8.54 8.84 5.45
CA LEU A 116 7.53 8.03 4.76
C LEU A 116 6.94 8.79 3.56
N TYR A 117 6.24 8.05 2.70
CA TYR A 117 5.56 8.56 1.50
C TYR A 117 4.15 7.97 1.39
N SER A 118 3.20 8.71 0.80
CA SER A 118 1.81 8.25 0.66
C SER A 118 1.19 8.58 -0.69
N LEU A 119 0.35 7.66 -1.19
CA LEU A 119 -0.31 7.71 -2.50
C LEU A 119 -1.84 7.61 -2.35
N SER A 120 -2.56 8.63 -2.84
CA SER A 120 -4.03 8.73 -2.79
C SER A 120 -4.73 8.02 -3.95
N VAL A 121 -5.80 7.28 -3.66
CA VAL A 121 -6.43 6.42 -4.68
C VAL A 121 -7.27 7.18 -5.70
N ASP A 122 -7.72 8.40 -5.39
CA ASP A 122 -8.37 9.25 -6.41
C ASP A 122 -7.42 9.53 -7.58
N ASN A 123 -6.11 9.71 -7.31
CA ASN A 123 -5.09 9.88 -8.35
C ASN A 123 -4.63 8.57 -9.01
N PHE A 124 -4.81 7.42 -8.35
CA PHE A 124 -4.68 6.05 -8.91
C PHE A 124 -5.82 5.75 -9.91
N ASN A 125 -7.05 6.09 -9.54
CA ASN A 125 -8.25 5.94 -10.37
C ASN A 125 -8.21 6.90 -11.59
N GLU A 126 -7.58 8.07 -11.44
CA GLU A 126 -7.33 9.05 -12.52
C GLU A 126 -6.41 8.53 -13.62
N VAL A 127 -5.37 7.78 -13.25
CA VAL A 127 -4.35 7.24 -14.17
C VAL A 127 -4.82 5.92 -14.79
N LEU A 128 -5.59 5.11 -14.05
CA LEU A 128 -6.15 3.85 -14.55
C LEU A 128 -6.98 3.98 -15.84
N GLU A 129 -7.67 5.11 -16.05
CA GLU A 129 -8.52 5.32 -17.22
C GLU A 129 -7.75 5.45 -18.55
N GLU A 130 -6.42 5.62 -18.51
CA GLU A 130 -5.52 5.62 -19.65
C GLU A 130 -5.00 4.22 -20.06
N TYR A 131 -5.13 3.26 -19.14
CA TYR A 131 -4.60 1.89 -19.20
C TYR A 131 -5.68 0.82 -18.91
N PRO A 132 -6.67 0.61 -19.79
CA PRO A 132 -7.76 -0.35 -19.59
C PRO A 132 -7.34 -1.81 -19.32
N MET A 133 -6.13 -2.21 -19.74
CA MET A 133 -5.46 -3.46 -19.35
C MET A 133 -5.20 -3.52 -17.83
N MET A 134 -4.64 -2.45 -17.25
CA MET A 134 -4.31 -2.39 -15.83
C MET A 134 -5.57 -2.32 -14.97
N ARG A 135 -6.63 -1.66 -15.47
CA ARG A 135 -7.97 -1.66 -14.88
C ARG A 135 -8.48 -3.08 -14.66
N ARG A 136 -8.57 -3.90 -15.73
CA ARG A 136 -9.06 -5.29 -15.60
C ARG A 136 -8.17 -6.16 -14.73
N ALA A 137 -6.86 -5.94 -14.80
CA ALA A 137 -5.85 -6.66 -14.02
C ALA A 137 -6.03 -6.53 -12.49
N PHE A 138 -6.66 -5.45 -12.03
CA PHE A 138 -6.99 -5.23 -10.62
C PHE A 138 -8.40 -5.70 -10.24
N GLU A 139 -9.44 -5.42 -11.04
CA GLU A 139 -10.81 -5.83 -10.71
C GLU A 139 -11.08 -7.33 -10.80
N THR A 140 -10.10 -8.08 -11.33
CA THR A 140 -10.03 -9.55 -11.26
C THR A 140 -9.49 -10.03 -9.91
N VAL A 141 -8.27 -9.63 -9.55
CA VAL A 141 -7.61 -10.03 -8.30
C VAL A 141 -8.39 -9.55 -7.06
N ALA A 142 -9.04 -8.39 -7.15
CA ALA A 142 -9.93 -7.85 -6.11
C ALA A 142 -11.05 -8.81 -5.66
N ILE A 143 -11.40 -9.81 -6.48
CA ILE A 143 -12.41 -10.85 -6.17
C ILE A 143 -11.83 -12.29 -6.25
N ASP A 144 -10.91 -12.57 -7.17
CA ASP A 144 -10.26 -13.88 -7.35
C ASP A 144 -9.30 -14.26 -6.21
N ARG A 145 -8.69 -13.28 -5.52
CA ARG A 145 -7.86 -13.50 -4.33
C ARG A 145 -8.66 -13.90 -3.08
N LEU A 146 -9.99 -13.82 -3.13
CA LEU A 146 -10.93 -14.14 -2.03
C LEU A 146 -11.47 -15.57 -2.18
N ASP A 147 -12.06 -15.81 -3.33
CA ASP A 147 -12.42 -17.15 -3.85
C ASP A 147 -12.14 -17.19 -5.36
N ARG A 148 -11.39 -18.22 -5.78
CA ARG A 148 -10.83 -18.38 -7.13
C ARG A 148 -11.82 -18.81 -8.23
N ILE A 149 -13.10 -18.98 -7.87
CA ILE A 149 -14.21 -19.46 -8.71
C ILE A 149 -15.44 -18.54 -8.59
N GLY A 150 -16.13 -18.32 -9.72
CA GLY A 150 -17.21 -17.34 -9.87
C GLY A 150 -18.60 -17.81 -9.44
N LYS A 151 -19.00 -19.04 -9.78
CA LYS A 151 -20.21 -19.73 -9.28
C LYS A 151 -21.51 -18.89 -9.43
N LYS A 152 -21.87 -18.63 -10.69
CA LYS A 152 -22.98 -17.80 -11.21
C LYS A 152 -24.34 -17.97 -10.53
N ASN A 153 -25.20 -16.96 -10.69
CA ASN A 153 -26.58 -16.92 -10.21
C ASN A 153 -27.56 -17.64 -11.17
N SER A 154 -27.31 -17.57 -12.48
CA SER A 154 -28.02 -18.35 -13.53
C SER A 154 -27.15 -18.61 -14.75
N ILE A 155 -26.72 -17.54 -15.41
CA ILE A 155 -25.97 -17.53 -16.68
C ILE A 155 -24.98 -16.36 -16.70
N LEU A 156 -24.04 -16.37 -17.66
CA LEU A 156 -23.09 -15.27 -17.85
C LEU A 156 -23.64 -14.16 -18.78
N LEU A 157 -23.07 -12.96 -18.68
CA LEU A 157 -23.32 -11.86 -19.60
C LEU A 157 -22.49 -12.02 -20.89
N HIS A 158 -23.18 -12.07 -22.03
CA HIS A 158 -22.66 -11.92 -23.41
C HIS A 158 -21.31 -12.62 -23.65
N ASN A 20 12.50 11.58 -5.99
CA ASN A 20 11.27 11.21 -6.68
C ASN A 20 11.14 9.69 -6.89
N CYS A 21 9.94 9.15 -6.65
CA CYS A 21 9.71 7.71 -6.48
C CYS A 21 9.72 6.86 -7.78
N ARG A 22 10.23 7.37 -8.91
CA ARG A 22 10.23 6.70 -10.22
C ARG A 22 10.70 5.24 -10.16
N LYS A 23 11.83 5.00 -9.48
CA LYS A 23 12.38 3.67 -9.21
C LYS A 23 11.81 2.95 -7.98
N LEU A 24 11.38 3.72 -6.98
CA LEU A 24 11.02 3.20 -5.64
C LEU A 24 9.61 2.59 -5.61
N VAL A 25 8.69 3.15 -6.39
CA VAL A 25 7.35 2.57 -6.61
C VAL A 25 7.46 1.34 -7.52
N ALA A 26 8.11 1.48 -8.69
CA ALA A 26 8.05 0.50 -9.77
C ALA A 26 8.81 -0.82 -9.48
N SER A 27 9.71 -0.83 -8.50
CA SER A 27 10.53 -1.99 -8.13
C SER A 27 9.75 -3.00 -7.27
N MET A 28 8.61 -2.59 -6.71
CA MET A 28 7.73 -3.45 -5.93
C MET A 28 7.02 -4.49 -6.83
N PRO A 29 6.75 -5.73 -6.35
CA PRO A 29 6.21 -6.78 -7.22
C PRO A 29 4.73 -6.58 -7.57
N LEU A 30 4.02 -5.67 -6.87
CA LEU A 30 2.70 -5.17 -7.29
C LEU A 30 2.75 -4.47 -8.67
N PHE A 31 3.91 -3.98 -9.09
CA PHE A 31 4.16 -3.33 -10.39
C PHE A 31 5.07 -4.17 -11.32
N ALA A 32 5.30 -5.45 -11.00
CA ALA A 32 6.11 -6.40 -11.76
C ALA A 32 5.88 -6.41 -13.29
N ASN A 33 4.64 -6.22 -13.71
CA ASN A 33 4.21 -6.19 -15.11
C ASN A 33 3.40 -4.93 -15.46
N ALA A 34 3.57 -3.88 -14.65
CA ALA A 34 3.00 -2.56 -14.93
C ALA A 34 3.52 -1.94 -16.25
N ASP A 35 2.76 -1.01 -16.83
CA ASP A 35 3.26 -0.10 -17.88
C ASP A 35 4.12 0.99 -17.22
N PRO A 36 5.39 1.22 -17.65
CA PRO A 36 6.33 2.14 -16.99
C PRO A 36 5.88 3.62 -17.02
N ASN A 37 4.85 3.94 -17.81
CA ASN A 37 4.27 5.28 -17.94
C ASN A 37 3.09 5.46 -16.97
N PHE A 38 2.31 4.40 -16.75
CA PHE A 38 1.24 4.31 -15.75
C PHE A 38 1.82 4.51 -14.34
N VAL A 39 2.87 3.74 -13.98
CA VAL A 39 3.50 3.81 -12.64
C VAL A 39 4.04 5.20 -12.32
N THR A 40 4.48 5.90 -13.38
CA THR A 40 5.09 7.23 -13.35
C THR A 40 4.08 8.38 -13.33
N ALA A 41 2.98 8.26 -14.09
CA ALA A 41 1.95 9.29 -14.13
C ALA A 41 1.20 9.44 -12.79
N MET A 42 1.29 8.41 -11.95
CA MET A 42 0.79 8.34 -10.57
C MET A 42 1.57 9.21 -9.56
N LEU A 43 2.77 9.66 -9.93
CA LEU A 43 3.68 10.39 -9.05
C LEU A 43 3.52 11.91 -9.11
N THR A 44 2.85 12.47 -10.12
CA THR A 44 2.83 13.92 -10.40
C THR A 44 2.34 14.79 -9.24
N LYS A 45 1.40 14.30 -8.42
CA LYS A 45 0.91 14.96 -7.18
C LYS A 45 1.39 14.34 -5.87
N LEU A 46 2.34 13.39 -5.91
CA LEU A 46 2.72 12.52 -4.80
C LEU A 46 3.32 13.27 -3.61
N LYS A 47 3.14 12.72 -2.40
CA LYS A 47 3.49 13.36 -1.12
C LYS A 47 4.38 12.49 -0.22
N PHE A 48 5.26 13.13 0.53
CA PHE A 48 6.12 12.51 1.55
C PHE A 48 5.70 12.87 2.98
N GLU A 49 6.05 12.01 3.95
CA GLU A 49 5.78 12.19 5.38
C GLU A 49 6.98 11.83 6.27
N VAL A 50 6.96 12.26 7.53
CA VAL A 50 7.95 11.96 8.57
C VAL A 50 7.28 11.56 9.89
N PHE A 51 7.94 10.66 10.62
CA PHE A 51 7.62 10.31 12.01
C PHE A 51 8.87 10.27 12.89
N GLN A 52 8.73 10.65 14.16
CA GLN A 52 9.81 10.69 15.16
C GLN A 52 9.84 9.40 16.03
N PRO A 53 10.97 9.07 16.72
CA PRO A 53 11.14 7.78 17.41
C PRO A 53 10.10 7.53 18.51
N GLY A 54 9.34 6.43 18.39
CA GLY A 54 8.36 5.95 19.39
C GLY A 54 6.91 6.07 18.92
N ASP A 55 6.64 6.91 17.92
CA ASP A 55 5.30 7.18 17.43
C ASP A 55 4.77 6.08 16.53
N TYR A 56 3.49 5.75 16.70
CA TYR A 56 2.74 4.96 15.73
C TYR A 56 2.57 5.73 14.41
N ILE A 57 2.78 5.05 13.29
CA ILE A 57 2.76 5.66 11.95
C ILE A 57 1.44 5.42 11.20
N ILE A 58 0.78 4.30 11.50
CA ILE A 58 -0.44 3.78 10.86
C ILE A 58 -1.34 3.24 11.97
N ARG A 59 -2.53 3.84 12.14
CA ARG A 59 -3.62 3.36 13.00
C ARG A 59 -4.99 3.83 12.50
N GLU A 60 -5.99 2.97 12.66
CA GLU A 60 -7.24 3.02 11.90
C GLU A 60 -8.38 3.80 12.58
N GLY A 61 -9.47 4.04 11.84
CA GLY A 61 -10.64 4.80 12.30
C GLY A 61 -11.66 5.22 11.23
N THR A 62 -11.45 4.96 9.93
CA THR A 62 -12.40 5.35 8.85
C THR A 62 -12.40 4.39 7.65
N ILE A 63 -13.44 4.48 6.82
CA ILE A 63 -13.60 3.66 5.63
C ILE A 63 -12.79 4.26 4.46
N GLY A 64 -11.88 3.49 3.88
CA GLY A 64 -11.07 3.89 2.73
C GLY A 64 -9.82 4.62 3.20
N LYS A 65 -8.66 3.97 3.02
CA LYS A 65 -7.36 4.46 3.50
C LYS A 65 -6.31 4.40 2.38
N LYS A 66 -5.24 5.20 2.53
CA LYS A 66 -4.14 5.33 1.56
C LYS A 66 -3.04 4.27 1.73
N MET A 67 -2.10 4.26 0.79
CA MET A 67 -0.91 3.39 0.80
C MET A 67 0.35 4.15 1.28
N TYR A 68 1.26 3.46 1.96
CA TYR A 68 2.46 4.04 2.60
C TYR A 68 3.71 3.17 2.36
N PHE A 69 4.90 3.78 2.21
CA PHE A 69 6.17 3.05 2.05
C PHE A 69 7.40 3.81 2.61
N ILE A 70 8.49 3.10 2.89
CA ILE A 70 9.61 3.61 3.72
C ILE A 70 10.74 4.19 2.85
N GLN A 71 11.00 5.50 2.99
CA GLN A 71 11.98 6.25 2.19
C GLN A 71 13.38 6.17 2.83
N HIS A 72 13.48 6.49 4.12
CA HIS A 72 14.72 6.41 4.91
C HIS A 72 14.42 6.28 6.41
N GLY A 73 14.72 5.13 7.02
CA GLY A 73 14.67 4.91 8.46
C GLY A 73 14.34 3.46 8.80
N VAL A 74 13.93 3.21 10.05
CA VAL A 74 13.62 1.88 10.59
C VAL A 74 12.34 1.94 11.44
N VAL A 75 11.55 0.87 11.43
CA VAL A 75 10.27 0.75 12.16
C VAL A 75 10.12 -0.61 12.85
N SER A 76 9.40 -0.64 13.97
CA SER A 76 8.84 -1.88 14.55
C SER A 76 7.33 -2.05 14.25
N VAL A 77 6.97 -3.15 13.60
CA VAL A 77 5.60 -3.68 13.46
C VAL A 77 5.18 -4.38 14.75
N LEU A 78 3.92 -4.29 15.15
CA LEU A 78 3.32 -5.09 16.24
C LEU A 78 2.21 -6.02 15.69
N THR A 79 2.21 -7.31 16.02
CA THR A 79 1.11 -8.22 15.68
C THR A 79 0.33 -8.73 16.90
N LYS A 80 -1.01 -8.73 16.81
CA LYS A 80 -1.90 -9.23 17.86
C LYS A 80 -1.65 -10.71 18.17
N GLY A 81 -1.64 -11.07 19.45
CA GLY A 81 -1.14 -12.35 19.96
C GLY A 81 0.37 -12.37 20.25
N ASN A 82 1.13 -11.52 19.56
CA ASN A 82 2.49 -11.84 19.15
C ASN A 82 3.48 -10.72 19.52
N LYS A 83 4.58 -10.63 18.77
CA LYS A 83 5.75 -9.81 19.08
C LYS A 83 5.83 -8.53 18.26
N GLU A 84 6.86 -7.74 18.55
CA GLU A 84 7.35 -6.72 17.64
C GLU A 84 8.32 -7.29 16.58
N MET A 85 8.35 -6.70 15.37
CA MET A 85 9.13 -7.14 14.20
C MET A 85 9.67 -5.96 13.40
N LYS A 86 10.91 -6.01 12.91
CA LYS A 86 11.60 -4.88 12.27
C LYS A 86 11.42 -4.80 10.74
N LEU A 87 11.27 -3.56 10.25
CA LEU A 87 11.24 -3.14 8.83
C LEU A 87 12.16 -1.91 8.64
N SER A 88 12.62 -1.64 7.41
CA SER A 88 13.56 -0.55 7.08
C SER A 88 13.28 0.07 5.70
N ASP A 89 14.09 1.06 5.28
CA ASP A 89 13.95 1.71 3.97
C ASP A 89 13.84 0.72 2.80
N GLY A 90 12.95 0.98 1.85
CA GLY A 90 12.61 0.02 0.78
C GLY A 90 11.68 -1.12 1.22
N SER A 91 10.91 -0.91 2.29
CA SER A 91 9.78 -1.76 2.70
C SER A 91 8.44 -1.03 2.50
N TYR A 92 7.33 -1.79 2.46
CA TYR A 92 6.02 -1.33 2.01
C TYR A 92 4.89 -1.81 2.94
N PHE A 93 3.94 -0.92 3.27
CA PHE A 93 2.87 -1.16 4.26
C PHE A 93 1.46 -1.36 3.67
N GLY A 94 0.49 -1.57 4.58
CA GLY A 94 -0.95 -1.46 4.33
C GLY A 94 -1.60 -2.77 3.86
N GLU A 95 -2.92 -2.76 3.66
CA GLU A 95 -3.65 -3.86 3.00
C GLU A 95 -4.61 -3.30 1.93
N ILE A 96 -4.22 -3.39 0.66
CA ILE A 96 -5.04 -3.16 -0.54
C ILE A 96 -5.71 -1.78 -0.59
N CYS A 97 -6.86 -1.61 0.08
CA CYS A 97 -7.86 -0.53 -0.02
C CYS A 97 -8.45 -0.28 -1.42
N LEU A 98 -7.65 -0.28 -2.49
CA LEU A 98 -7.99 0.16 -3.85
C LEU A 98 -9.36 -0.33 -4.35
N LEU A 99 -9.69 -1.61 -4.09
CA LEU A 99 -10.97 -2.24 -4.44
C LEU A 99 -11.63 -3.06 -3.33
N THR A 100 -11.19 -2.89 -2.09
CA THR A 100 -11.75 -3.57 -0.88
C THR A 100 -12.71 -2.66 -0.10
N ARG A 101 -13.57 -3.26 0.75
CA ARG A 101 -14.70 -2.62 1.45
C ARG A 101 -14.53 -2.63 2.97
N GLY A 102 -14.87 -1.51 3.61
CA GLY A 102 -14.85 -1.36 5.08
C GLY A 102 -13.48 -1.08 5.72
N ARG A 103 -13.48 -0.75 7.02
CA ARG A 103 -12.29 -0.42 7.84
C ARG A 103 -11.23 -1.54 7.88
N ARG A 104 -9.95 -1.13 7.87
CA ARG A 104 -8.78 -1.99 8.17
C ARG A 104 -8.52 -2.10 9.69
N THR A 105 -7.58 -2.95 10.09
CA THR A 105 -6.89 -2.85 11.40
C THR A 105 -5.42 -3.30 11.32
N ALA A 106 -4.50 -2.44 11.76
CA ALA A 106 -3.06 -2.69 11.85
C ALA A 106 -2.43 -1.99 13.07
N SER A 107 -1.15 -2.24 13.37
CA SER A 107 -0.38 -1.52 14.39
C SER A 107 1.12 -1.56 14.08
N VAL A 108 1.72 -0.41 13.75
CA VAL A 108 3.16 -0.28 13.46
C VAL A 108 3.70 1.11 13.83
N ARG A 109 4.93 1.17 14.37
CA ARG A 109 5.55 2.37 14.98
C ARG A 109 7.02 2.59 14.59
N ALA A 110 7.47 3.81 14.73
CA ALA A 110 8.82 4.25 14.39
C ALA A 110 9.85 3.80 15.44
N ASP A 111 10.96 3.21 14.98
CA ASP A 111 12.12 2.87 15.83
C ASP A 111 13.08 4.07 16.00
N THR A 112 13.01 4.98 15.03
CA THR A 112 13.94 6.08 14.78
C THR A 112 13.26 7.16 13.93
N TYR A 113 13.82 8.36 13.81
CA TYR A 113 13.30 9.46 12.99
C TYR A 113 13.34 9.05 11.50
N CYS A 114 12.17 8.74 10.95
CA CYS A 114 11.98 8.04 9.68
C CYS A 114 11.21 8.90 8.66
N ARG A 115 11.71 8.92 7.43
CA ARG A 115 11.08 9.49 6.23
C ARG A 115 10.23 8.39 5.57
N LEU A 116 8.94 8.65 5.38
CA LEU A 116 7.99 7.84 4.63
C LEU A 116 7.51 8.55 3.35
N TYR A 117 6.89 7.81 2.45
CA TYR A 117 6.18 8.32 1.29
C TYR A 117 4.74 7.79 1.30
N SER A 118 3.78 8.65 0.93
CA SER A 118 2.35 8.38 1.11
C SER A 118 1.56 8.67 -0.16
N LEU A 119 0.85 7.66 -0.66
CA LEU A 119 0.17 7.65 -1.95
C LEU A 119 -1.33 7.42 -1.72
N SER A 120 -2.13 8.46 -1.97
CA SER A 120 -3.58 8.39 -1.86
C SER A 120 -4.15 7.34 -2.80
N VAL A 121 -4.84 6.34 -2.22
CA VAL A 121 -5.41 5.21 -2.94
C VAL A 121 -6.27 5.65 -4.12
N ASP A 122 -7.04 6.71 -3.91
CA ASP A 122 -8.07 7.05 -4.86
C ASP A 122 -7.44 7.65 -6.15
N ASN A 123 -6.25 8.25 -6.00
CA ASN A 123 -5.45 8.83 -7.09
C ASN A 123 -4.66 7.77 -7.89
N PHE A 124 -4.47 6.56 -7.34
CA PHE A 124 -4.08 5.33 -8.06
C PHE A 124 -5.26 4.83 -8.92
N ASN A 125 -6.47 4.79 -8.35
CA ASN A 125 -7.68 4.42 -9.09
C ASN A 125 -8.02 5.43 -10.21
N GLU A 126 -7.61 6.70 -10.10
CA GLU A 126 -7.71 7.73 -11.15
C GLU A 126 -6.78 7.53 -12.36
N VAL A 127 -5.63 6.90 -12.16
CA VAL A 127 -4.61 6.63 -13.20
C VAL A 127 -4.77 5.26 -13.85
N LEU A 128 -5.36 4.30 -13.14
CA LEU A 128 -5.86 3.03 -13.72
C LEU A 128 -6.76 3.27 -14.95
N GLU A 129 -7.62 4.28 -14.89
CA GLU A 129 -8.54 4.64 -15.97
C GLU A 129 -7.85 5.18 -17.24
N GLU A 130 -6.58 5.63 -17.18
CA GLU A 130 -5.81 6.05 -18.35
C GLU A 130 -5.21 4.88 -19.14
N TYR A 131 -5.11 3.72 -18.48
CA TYR A 131 -4.56 2.45 -18.99
C TYR A 131 -5.55 1.32 -18.66
N PRO A 132 -6.79 1.37 -19.18
CA PRO A 132 -7.92 0.61 -18.66
C PRO A 132 -7.79 -0.92 -18.70
N MET A 133 -6.79 -1.50 -19.37
CA MET A 133 -6.45 -2.92 -19.17
C MET A 133 -6.11 -3.23 -17.70
N MET A 134 -5.51 -2.26 -16.99
CA MET A 134 -4.98 -2.45 -15.64
C MET A 134 -6.10 -2.60 -14.60
N ARG A 135 -7.26 -1.96 -14.80
CA ARG A 135 -8.47 -2.18 -13.97
C ARG A 135 -8.85 -3.65 -13.95
N ARG A 136 -9.16 -4.23 -15.12
CA ARG A 136 -9.60 -5.62 -15.20
C ARG A 136 -8.53 -6.61 -14.72
N ALA A 137 -7.26 -6.28 -14.94
CA ALA A 137 -6.09 -7.05 -14.51
C ALA A 137 -5.94 -7.18 -12.98
N PHE A 138 -6.44 -6.20 -12.22
CA PHE A 138 -6.59 -6.28 -10.77
C PHE A 138 -7.94 -6.92 -10.36
N GLU A 139 -9.03 -6.73 -11.09
CA GLU A 139 -10.34 -7.33 -10.75
C GLU A 139 -10.34 -8.87 -10.83
N THR A 140 -9.49 -9.46 -11.69
CA THR A 140 -9.40 -10.93 -11.88
C THR A 140 -8.63 -11.64 -10.76
N VAL A 141 -7.69 -10.93 -10.13
CA VAL A 141 -6.87 -11.40 -9.00
C VAL A 141 -7.54 -11.12 -7.65
N ALA A 142 -8.31 -10.03 -7.58
CA ALA A 142 -9.04 -9.63 -6.38
C ALA A 142 -9.99 -10.71 -5.83
N ILE A 143 -10.57 -11.55 -6.70
CA ILE A 143 -11.48 -12.66 -6.30
C ILE A 143 -10.74 -13.87 -5.68
N ASP A 144 -9.42 -13.91 -5.77
CA ASP A 144 -8.53 -14.85 -5.07
C ASP A 144 -7.90 -14.22 -3.82
N ARG A 145 -7.61 -12.91 -3.87
CA ARG A 145 -7.14 -12.12 -2.72
C ARG A 145 -8.26 -11.76 -1.71
N LEU A 146 -9.50 -12.17 -2.01
CA LEU A 146 -10.65 -12.20 -1.11
C LEU A 146 -10.50 -13.23 0.02
N ASP A 147 -9.68 -14.28 -0.19
CA ASP A 147 -9.51 -15.43 0.71
C ASP A 147 -8.98 -15.06 2.12
N ARG A 148 -9.05 -16.04 3.04
CA ARG A 148 -8.73 -16.03 4.49
C ARG A 148 -7.38 -15.43 4.95
N ILE A 149 -6.55 -14.89 4.08
CA ILE A 149 -5.16 -14.48 4.33
C ILE A 149 -4.99 -13.52 5.51
N GLY A 150 -4.35 -14.05 6.55
CA GLY A 150 -4.16 -13.40 7.86
C GLY A 150 -5.42 -13.30 8.72
N LYS A 151 -6.61 -13.61 8.17
CA LYS A 151 -7.92 -13.63 8.85
C LYS A 151 -8.57 -15.02 8.97
N LYS A 152 -7.79 -16.09 8.88
CA LYS A 152 -8.24 -17.49 9.00
C LYS A 152 -8.80 -17.76 10.41
N ASN A 153 -9.94 -18.46 10.50
CA ASN A 153 -10.75 -18.73 11.70
C ASN A 153 -11.25 -17.49 12.49
N SER A 154 -10.76 -16.27 12.20
CA SER A 154 -11.08 -15.02 12.91
C SER A 154 -12.47 -14.48 12.52
N ILE A 155 -13.24 -14.06 13.53
CA ILE A 155 -14.57 -13.42 13.47
C ILE A 155 -15.66 -14.08 12.59
N LEU A 156 -16.87 -13.53 12.69
CA LEU A 156 -18.04 -13.87 11.88
C LEU A 156 -18.53 -12.70 11.02
N LEU A 157 -19.38 -13.00 10.03
CA LEU A 157 -20.06 -12.08 9.14
C LEU A 157 -20.85 -10.99 9.90
N HIS A 158 -20.70 -9.73 9.46
CA HIS A 158 -21.56 -8.59 9.77
C HIS A 158 -21.68 -8.30 11.28
N ASN A 20 14.39 8.14 -6.04
CA ASN A 20 13.84 7.52 -7.26
C ASN A 20 12.54 6.73 -6.99
N CYS A 21 11.46 7.42 -6.57
CA CYS A 21 10.17 6.79 -6.25
C CYS A 21 9.58 5.96 -7.42
N ARG A 22 9.95 6.28 -8.68
CA ARG A 22 9.63 5.46 -9.87
C ARG A 22 10.13 4.01 -9.76
N LYS A 23 11.27 3.78 -9.10
CA LYS A 23 11.79 2.44 -8.76
C LYS A 23 11.12 1.88 -7.50
N LEU A 24 10.92 2.72 -6.49
CA LEU A 24 10.44 2.31 -5.16
C LEU A 24 9.05 1.68 -5.26
N VAL A 25 8.09 2.41 -5.82
CA VAL A 25 6.72 1.91 -6.06
C VAL A 25 6.72 0.69 -7.02
N ALA A 26 7.62 0.67 -8.00
CA ALA A 26 7.77 -0.43 -8.95
C ALA A 26 8.43 -1.69 -8.38
N SER A 27 8.91 -1.67 -7.13
CA SER A 27 9.62 -2.79 -6.50
C SER A 27 8.66 -3.79 -5.84
N MET A 28 7.36 -3.51 -5.91
CA MET A 28 6.25 -4.32 -5.43
C MET A 28 5.76 -5.33 -6.49
N PRO A 29 5.24 -6.50 -6.08
CA PRO A 29 4.61 -7.47 -6.97
C PRO A 29 3.30 -6.93 -7.60
N LEU A 30 2.71 -5.91 -6.96
CA LEU A 30 1.58 -5.16 -7.51
C LEU A 30 1.96 -4.39 -8.80
N PHE A 31 3.25 -4.08 -8.99
CA PHE A 31 3.82 -3.35 -10.12
C PHE A 31 4.88 -4.17 -10.87
N ALA A 32 4.83 -5.50 -10.78
CA ALA A 32 5.76 -6.42 -11.45
C ALA A 32 5.73 -6.28 -12.98
N ASN A 33 4.56 -5.90 -13.46
CA ASN A 33 4.13 -5.95 -14.84
C ASN A 33 3.72 -4.55 -15.35
N ALA A 34 3.95 -3.53 -14.52
CA ALA A 34 3.55 -2.13 -14.75
C ALA A 34 4.23 -1.45 -15.96
N ASP A 35 3.50 -0.52 -16.60
CA ASP A 35 4.01 0.38 -17.65
C ASP A 35 4.71 1.63 -17.03
N PRO A 36 5.84 2.11 -17.60
CA PRO A 36 6.60 3.22 -17.02
C PRO A 36 5.89 4.57 -17.05
N ASN A 37 4.86 4.79 -17.86
CA ASN A 37 4.05 6.01 -17.81
C ASN A 37 2.96 5.90 -16.73
N PHE A 38 2.31 4.73 -16.61
CA PHE A 38 1.30 4.45 -15.58
C PHE A 38 1.87 4.67 -14.16
N VAL A 39 3.02 4.06 -13.90
CA VAL A 39 3.69 4.10 -12.59
C VAL A 39 4.21 5.50 -12.23
N THR A 40 4.54 6.29 -13.25
CA THR A 40 5.04 7.67 -13.14
C THR A 40 3.93 8.70 -12.99
N ALA A 41 2.82 8.55 -13.73
CA ALA A 41 1.72 9.52 -13.73
C ALA A 41 1.10 9.68 -12.33
N MET A 42 1.23 8.63 -11.51
CA MET A 42 0.75 8.57 -10.14
C MET A 42 1.57 9.43 -9.17
N LEU A 43 2.81 9.79 -9.52
CA LEU A 43 3.79 10.40 -8.60
C LEU A 43 3.76 11.94 -8.61
N THR A 44 3.26 12.59 -9.67
CA THR A 44 3.42 14.07 -9.84
C THR A 44 2.58 14.89 -8.86
N LYS A 45 1.63 14.24 -8.18
CA LYS A 45 0.75 14.80 -7.13
C LYS A 45 0.88 14.06 -5.78
N LEU A 46 1.95 13.29 -5.59
CA LEU A 46 2.17 12.42 -4.44
C LEU A 46 2.54 13.21 -3.17
N LYS A 47 2.45 12.60 -1.99
CA LYS A 47 2.67 13.26 -0.68
C LYS A 47 3.61 12.45 0.24
N PHE A 48 4.39 13.16 1.05
CA PHE A 48 5.37 12.58 1.99
C PHE A 48 5.19 13.07 3.44
N GLU A 49 5.69 12.31 4.42
CA GLU A 49 5.65 12.67 5.85
C GLU A 49 6.90 12.19 6.62
N VAL A 50 7.19 12.81 7.76
CA VAL A 50 8.26 12.45 8.69
C VAL A 50 7.72 12.18 10.10
N PHE A 51 8.38 11.23 10.75
CA PHE A 51 8.27 10.98 12.20
C PHE A 51 9.65 10.85 12.85
N GLN A 52 9.73 11.03 14.16
CA GLN A 52 10.91 10.93 15.02
C GLN A 52 10.86 9.66 15.90
N PRO A 53 11.97 9.22 16.53
CA PRO A 53 12.02 7.94 17.24
C PRO A 53 11.02 7.88 18.41
N GLY A 54 10.10 6.92 18.36
CA GLY A 54 9.08 6.65 19.39
C GLY A 54 7.66 7.05 18.98
N ASP A 55 7.46 7.75 17.86
CA ASP A 55 6.16 8.27 17.46
C ASP A 55 5.37 7.26 16.61
N TYR A 56 4.08 7.09 16.92
CA TYR A 56 3.16 6.24 16.16
C TYR A 56 2.88 6.79 14.76
N ILE A 57 3.36 6.08 13.73
CA ILE A 57 3.33 6.49 12.32
C ILE A 57 1.97 6.23 11.63
N ILE A 58 1.13 5.40 12.25
CA ILE A 58 -0.09 4.85 11.65
C ILE A 58 -1.34 5.66 12.02
N ARG A 59 -2.23 5.79 11.04
CA ARG A 59 -3.65 6.17 11.14
C ARG A 59 -4.54 5.00 10.65
N GLU A 60 -5.86 5.13 10.73
CA GLU A 60 -6.76 4.15 10.11
C GLU A 60 -6.48 3.99 8.60
N GLY A 61 -6.72 2.79 8.07
CA GLY A 61 -6.10 2.35 6.82
C GLY A 61 -6.99 2.49 5.58
N THR A 62 -8.31 2.52 5.79
CA THR A 62 -9.27 2.17 4.72
C THR A 62 -10.30 3.24 4.46
N ILE A 63 -11.16 3.50 5.45
CA ILE A 63 -12.38 4.26 5.17
C ILE A 63 -12.08 5.74 5.01
N GLY A 64 -12.16 6.19 3.76
CA GLY A 64 -11.89 7.56 3.36
C GLY A 64 -10.40 7.88 3.48
N LYS A 65 -9.53 6.85 3.44
CA LYS A 65 -8.13 6.87 3.87
C LYS A 65 -7.16 6.27 2.84
N LYS A 66 -5.85 6.33 3.14
CA LYS A 66 -4.71 6.14 2.22
C LYS A 66 -3.77 5.01 2.64
N MET A 67 -2.86 4.61 1.77
CA MET A 67 -1.73 3.74 2.15
C MET A 67 -0.50 4.55 2.62
N TYR A 68 0.40 3.90 3.37
CA TYR A 68 1.64 4.50 3.88
C TYR A 68 2.84 3.57 3.57
N PHE A 69 4.03 4.12 3.28
CA PHE A 69 5.22 3.33 2.95
C PHE A 69 6.54 4.04 3.31
N ILE A 70 7.65 3.30 3.40
CA ILE A 70 8.90 3.75 4.03
C ILE A 70 9.93 4.17 2.96
N GLN A 71 10.32 5.45 2.93
CA GLN A 71 11.30 6.00 1.99
C GLN A 71 12.72 5.84 2.54
N HIS A 72 12.99 6.37 3.74
CA HIS A 72 14.19 6.06 4.52
C HIS A 72 13.87 6.02 6.02
N GLY A 73 14.22 4.94 6.72
CA GLY A 73 14.03 4.80 8.16
C GLY A 73 13.75 3.36 8.54
N VAL A 74 13.49 3.15 9.82
CA VAL A 74 13.12 1.86 10.40
C VAL A 74 11.95 2.06 11.38
N VAL A 75 11.10 1.05 11.53
CA VAL A 75 9.96 1.01 12.47
C VAL A 75 9.99 -0.28 13.30
N SER A 76 9.51 -0.24 14.54
CA SER A 76 9.20 -1.43 15.36
C SER A 76 7.70 -1.59 15.44
N VAL A 77 7.29 -2.80 15.08
CA VAL A 77 6.08 -3.04 14.33
C VAL A 77 5.46 -4.34 14.79
N LEU A 78 4.15 -4.46 14.63
CA LEU A 78 3.51 -5.76 14.67
C LEU A 78 2.90 -6.08 13.30
N THR A 79 3.01 -7.33 12.85
CA THR A 79 1.88 -7.93 12.11
C THR A 79 1.08 -8.85 13.04
N LYS A 80 -0.24 -8.61 13.15
CA LYS A 80 -1.04 -8.99 14.34
C LYS A 80 -1.45 -10.46 14.43
N GLY A 81 -1.38 -11.20 13.32
CA GLY A 81 -1.38 -12.67 13.27
C GLY A 81 -0.04 -13.32 13.62
N ASN A 82 1.02 -12.52 13.56
CA ASN A 82 2.31 -12.94 13.05
C ASN A 82 3.42 -12.55 14.03
N LYS A 83 4.35 -11.67 13.61
CA LYS A 83 5.53 -11.26 14.36
C LYS A 83 5.48 -9.84 14.95
N GLU A 84 6.00 -9.70 16.16
CA GLU A 84 6.68 -8.46 16.56
C GLU A 84 8.01 -8.35 15.81
N MET A 85 8.13 -7.28 15.05
CA MET A 85 9.04 -7.14 13.93
C MET A 85 9.72 -5.77 13.95
N LYS A 86 10.70 -5.59 13.05
CA LYS A 86 11.11 -4.36 12.40
C LYS A 86 10.78 -4.32 10.90
N LEU A 87 10.40 -3.14 10.41
CA LEU A 87 10.26 -2.83 8.99
C LEU A 87 11.22 -1.68 8.61
N SER A 88 11.71 -1.66 7.38
CA SER A 88 12.75 -0.70 6.92
C SER A 88 12.44 -0.07 5.56
N ASP A 89 13.31 0.83 5.09
CA ASP A 89 13.22 1.48 3.77
C ASP A 89 12.84 0.50 2.65
N GLY A 90 11.83 0.86 1.85
CA GLY A 90 11.22 -0.01 0.83
C GLY A 90 10.14 -0.98 1.32
N SER A 91 9.53 -0.72 2.48
CA SER A 91 8.41 -1.52 3.06
C SER A 91 7.07 -0.78 3.11
N TYR A 92 5.97 -1.51 3.35
CA TYR A 92 4.59 -1.03 3.14
C TYR A 92 3.63 -1.38 4.29
N PHE A 93 2.77 -0.43 4.66
CA PHE A 93 1.81 -0.54 5.77
C PHE A 93 0.35 -0.84 5.36
N GLY A 94 -0.44 -1.23 6.37
CA GLY A 94 -1.89 -1.05 6.44
C GLY A 94 -2.77 -2.24 6.01
N GLU A 95 -2.21 -3.27 5.37
CA GLU A 95 -2.95 -4.44 4.83
C GLU A 95 -4.14 -4.04 3.91
N ILE A 96 -3.90 -3.09 3.00
CA ILE A 96 -4.93 -2.43 2.17
C ILE A 96 -5.08 -3.11 0.80
N CYS A 97 -6.32 -3.44 0.44
CA CYS A 97 -6.74 -3.70 -0.95
C CYS A 97 -7.30 -2.41 -1.59
N LEU A 98 -7.03 -2.15 -2.87
CA LEU A 98 -7.51 -0.93 -3.58
C LEU A 98 -9.05 -0.82 -3.65
N LEU A 99 -9.77 -1.94 -3.47
CA LEU A 99 -11.24 -2.02 -3.39
C LEU A 99 -11.79 -2.36 -1.99
N THR A 100 -10.93 -2.36 -0.98
CA THR A 100 -11.27 -2.71 0.42
C THR A 100 -12.50 -1.97 0.95
N ARG A 101 -13.24 -2.64 1.85
CA ARG A 101 -14.51 -2.14 2.42
C ARG A 101 -14.56 -2.32 3.93
N GLY A 102 -15.23 -1.41 4.63
CA GLY A 102 -15.18 -1.33 6.09
C GLY A 102 -13.80 -0.93 6.64
N ARG A 103 -13.77 -0.65 7.94
CA ARG A 103 -12.59 -0.21 8.70
C ARG A 103 -11.49 -1.30 8.76
N ARG A 104 -10.26 -0.97 8.37
CA ARG A 104 -9.04 -1.75 8.74
C ARG A 104 -7.92 -0.87 9.32
N THR A 105 -7.06 -1.47 10.14
CA THR A 105 -6.12 -0.80 11.04
C THR A 105 -4.77 -1.53 11.17
N ALA A 106 -3.75 -0.86 11.74
CA ALA A 106 -2.41 -1.40 11.99
C ALA A 106 -1.82 -1.00 13.37
N SER A 107 -0.75 -1.68 13.79
CA SER A 107 -0.09 -1.55 15.11
C SER A 107 1.43 -1.39 14.97
N VAL A 108 1.93 -0.15 14.80
CA VAL A 108 3.37 0.12 14.61
C VAL A 108 3.84 1.55 14.97
N ARG A 109 5.06 1.70 15.54
CA ARG A 109 5.72 3.00 15.83
C ARG A 109 7.12 3.14 15.20
N ALA A 110 7.58 4.39 15.05
CA ALA A 110 8.89 4.73 14.50
C ALA A 110 10.04 4.24 15.38
N ASP A 111 11.02 3.51 14.81
CA ASP A 111 12.25 3.14 15.51
C ASP A 111 13.24 4.30 15.54
N THR A 112 13.15 5.16 14.53
CA THR A 112 14.18 6.18 14.22
C THR A 112 13.53 7.39 13.53
N TYR A 113 14.28 8.44 13.21
CA TYR A 113 13.84 9.52 12.32
C TYR A 113 13.55 8.93 10.93
N CYS A 114 12.26 8.71 10.65
CA CYS A 114 11.75 7.96 9.51
C CYS A 114 11.03 8.91 8.53
N ARG A 115 11.56 8.98 7.31
CA ARG A 115 10.96 9.58 6.11
C ARG A 115 10.01 8.57 5.49
N LEU A 116 8.73 8.89 5.54
CA LEU A 116 7.64 8.06 5.01
C LEU A 116 6.93 8.75 3.84
N TYR A 117 6.09 7.99 3.13
CA TYR A 117 5.33 8.42 1.96
C TYR A 117 3.89 7.91 2.03
N SER A 118 2.95 8.61 1.39
CA SER A 118 1.55 8.19 1.34
C SER A 118 0.90 8.41 -0.04
N LEU A 119 0.03 7.48 -0.43
CA LEU A 119 -0.64 7.42 -1.73
C LEU A 119 -2.12 7.03 -1.51
N SER A 120 -3.04 7.74 -2.16
CA SER A 120 -4.49 7.48 -2.08
C SER A 120 -4.92 6.35 -3.01
N VAL A 121 -5.81 5.46 -2.53
CA VAL A 121 -6.41 4.41 -3.38
C VAL A 121 -7.34 5.02 -4.41
N ASP A 122 -8.02 6.11 -4.10
CA ASP A 122 -8.91 6.76 -5.07
C ASP A 122 -8.11 7.34 -6.24
N ASN A 123 -6.95 7.95 -5.96
CA ASN A 123 -6.01 8.44 -6.98
C ASN A 123 -5.41 7.30 -7.81
N PHE A 124 -5.09 6.16 -7.16
CA PHE A 124 -4.65 4.91 -7.79
C PHE A 124 -5.72 4.37 -8.75
N ASN A 125 -6.96 4.24 -8.28
CA ASN A 125 -8.12 3.82 -9.06
C ASN A 125 -8.41 4.79 -10.23
N GLU A 126 -8.09 6.07 -10.10
CA GLU A 126 -8.28 7.11 -11.11
C GLU A 126 -7.19 7.15 -12.20
N VAL A 127 -5.98 6.64 -11.91
CA VAL A 127 -4.91 6.45 -12.91
C VAL A 127 -4.99 5.07 -13.58
N LEU A 128 -5.57 4.07 -12.91
CA LEU A 128 -5.79 2.73 -13.48
C LEU A 128 -6.66 2.74 -14.76
N GLU A 129 -7.73 3.55 -14.80
CA GLU A 129 -8.56 3.75 -16.00
C GLU A 129 -7.85 4.46 -17.19
N GLU A 130 -6.62 4.97 -17.06
CA GLU A 130 -5.81 5.37 -18.22
C GLU A 130 -5.15 4.16 -18.91
N TYR A 131 -4.96 3.06 -18.17
CA TYR A 131 -4.25 1.84 -18.58
C TYR A 131 -5.13 0.61 -18.22
N PRO A 132 -6.32 0.45 -18.82
CA PRO A 132 -7.36 -0.47 -18.35
C PRO A 132 -6.95 -1.95 -18.22
N MET A 133 -5.89 -2.45 -18.88
CA MET A 133 -5.38 -3.80 -18.62
C MET A 133 -4.83 -3.91 -17.17
N MET A 134 -4.20 -2.84 -16.67
CA MET A 134 -3.67 -2.76 -15.30
C MET A 134 -4.82 -2.69 -14.29
N ARG A 135 -5.95 -2.05 -14.65
CA ARG A 135 -7.17 -2.12 -13.83
C ARG A 135 -7.62 -3.58 -13.68
N ARG A 136 -7.69 -4.33 -14.78
CA ARG A 136 -8.01 -5.78 -14.74
C ARG A 136 -6.99 -6.59 -13.93
N ALA A 137 -5.71 -6.24 -14.07
CA ALA A 137 -4.57 -6.84 -13.36
C ALA A 137 -4.68 -6.75 -11.82
N PHE A 138 -5.46 -5.79 -11.30
CA PHE A 138 -5.88 -5.74 -9.90
C PHE A 138 -7.23 -6.43 -9.64
N GLU A 139 -8.22 -6.30 -10.52
CA GLU A 139 -9.52 -7.00 -10.43
C GLU A 139 -9.42 -8.53 -10.39
N THR A 140 -8.30 -9.09 -10.87
CA THR A 140 -8.05 -10.54 -10.95
C THR A 140 -7.43 -11.10 -9.68
N VAL A 141 -6.62 -10.28 -8.98
CA VAL A 141 -5.98 -10.65 -7.71
C VAL A 141 -6.89 -10.34 -6.53
N ALA A 142 -7.67 -9.26 -6.61
CA ALA A 142 -8.59 -8.85 -5.54
C ALA A 142 -9.66 -9.90 -5.15
N ILE A 143 -9.98 -10.85 -6.05
CA ILE A 143 -10.87 -11.99 -5.78
C ILE A 143 -10.10 -13.28 -5.37
N ASP A 144 -8.80 -13.38 -5.70
CA ASP A 144 -7.96 -14.55 -5.42
C ASP A 144 -7.15 -14.43 -4.12
N ARG A 145 -6.76 -13.21 -3.76
CA ARG A 145 -6.18 -12.81 -2.47
C ARG A 145 -7.23 -12.77 -1.33
N LEU A 146 -8.49 -13.08 -1.68
CA LEU A 146 -9.67 -13.10 -0.80
C LEU A 146 -10.07 -14.53 -0.40
N ASP A 147 -10.51 -15.36 -1.35
CA ASP A 147 -10.90 -16.76 -1.13
C ASP A 147 -9.81 -17.75 -1.56
N ARG A 148 -9.85 -18.99 -1.05
CA ARG A 148 -9.05 -20.11 -1.55
C ARG A 148 -9.79 -20.90 -2.62
N ILE A 149 -11.08 -21.17 -2.41
CA ILE A 149 -11.99 -22.07 -3.18
C ILE A 149 -11.55 -23.55 -3.18
N GLY A 150 -10.26 -23.78 -3.41
CA GLY A 150 -9.54 -25.04 -3.46
C GLY A 150 -8.14 -24.74 -4.00
N LYS A 151 -8.02 -24.82 -5.33
CA LYS A 151 -6.88 -24.47 -6.20
C LYS A 151 -5.56 -25.21 -5.92
N LYS A 152 -4.71 -25.28 -6.95
CA LYS A 152 -3.33 -25.83 -6.93
C LYS A 152 -2.52 -25.25 -8.09
N ASN A 153 -1.22 -25.00 -7.90
CA ASN A 153 -0.39 -24.30 -8.89
C ASN A 153 1.11 -24.62 -8.76
N SER A 154 1.82 -24.65 -9.89
CA SER A 154 3.27 -24.86 -9.96
C SER A 154 4.12 -23.71 -9.37
N ILE A 155 5.43 -23.90 -9.38
CA ILE A 155 6.43 -23.05 -8.71
C ILE A 155 6.71 -21.73 -9.45
N LEU A 156 7.25 -20.74 -8.74
CA LEU A 156 7.68 -19.44 -9.26
C LEU A 156 9.21 -19.44 -9.44
N LEU A 157 9.66 -19.48 -10.70
CA LEU A 157 11.08 -19.67 -11.06
C LEU A 157 11.62 -18.57 -11.99
N HIS A 158 12.94 -18.52 -12.18
CA HIS A 158 13.68 -17.54 -12.98
C HIS A 158 13.47 -16.09 -12.49
N ASN A 20 11.88 12.01 -10.11
CA ASN A 20 10.98 11.47 -9.07
C ASN A 20 11.12 9.93 -8.96
N CYS A 21 10.65 9.34 -7.86
CA CYS A 21 11.02 8.00 -7.37
C CYS A 21 10.41 6.80 -8.12
N ARG A 22 10.24 6.89 -9.45
CA ARG A 22 9.69 5.82 -10.31
C ARG A 22 10.43 4.49 -10.16
N LYS A 23 11.77 4.55 -10.04
CA LYS A 23 12.65 3.39 -9.87
C LYS A 23 12.39 2.65 -8.55
N LEU A 24 12.03 3.36 -7.49
CA LEU A 24 11.76 2.79 -6.16
C LEU A 24 10.36 2.14 -6.10
N VAL A 25 9.33 2.83 -6.60
CA VAL A 25 7.94 2.29 -6.63
C VAL A 25 7.79 1.13 -7.62
N ALA A 26 8.49 1.15 -8.77
CA ALA A 26 8.53 0.03 -9.72
C ALA A 26 9.27 -1.21 -9.18
N SER A 27 10.07 -1.06 -8.10
CA SER A 27 10.78 -2.18 -7.48
C SER A 27 9.90 -3.01 -6.54
N MET A 28 8.65 -2.57 -6.33
CA MET A 28 7.64 -3.15 -5.47
C MET A 28 6.89 -4.29 -6.19
N PRO A 29 6.56 -5.41 -5.53
CA PRO A 29 5.99 -6.61 -6.18
C PRO A 29 4.61 -6.40 -6.83
N LEU A 30 3.84 -5.40 -6.40
CA LEU A 30 2.54 -5.02 -6.94
C LEU A 30 2.63 -4.28 -8.29
N PHE A 31 3.81 -3.75 -8.62
CA PHE A 31 4.11 -2.96 -9.82
C PHE A 31 5.07 -3.68 -10.79
N ALA A 32 5.36 -4.96 -10.57
CA ALA A 32 6.29 -5.78 -11.36
C ALA A 32 5.98 -5.81 -12.87
N ASN A 33 4.70 -5.66 -13.15
CA ASN A 33 4.02 -5.81 -14.41
C ASN A 33 3.35 -4.47 -14.82
N ALA A 34 3.73 -3.38 -14.15
CA ALA A 34 3.25 -2.03 -14.45
C ALA A 34 3.86 -1.45 -15.74
N ASP A 35 3.09 -0.64 -16.48
CA ASP A 35 3.60 0.19 -17.57
C ASP A 35 4.49 1.35 -17.02
N PRO A 36 5.65 1.62 -17.63
CA PRO A 36 6.63 2.59 -17.11
C PRO A 36 6.18 4.06 -17.21
N ASN A 37 5.19 4.37 -18.04
CA ASN A 37 4.58 5.71 -18.13
C ASN A 37 3.46 5.86 -17.09
N PHE A 38 2.66 4.80 -16.86
CA PHE A 38 1.60 4.73 -15.85
C PHE A 38 2.16 4.92 -14.43
N VAL A 39 3.17 4.13 -14.07
CA VAL A 39 3.83 4.18 -12.75
C VAL A 39 4.45 5.55 -12.46
N THR A 40 4.86 6.25 -13.51
CA THR A 40 5.46 7.59 -13.48
C THR A 40 4.41 8.70 -13.39
N ALA A 41 3.25 8.54 -14.03
CA ALA A 41 2.19 9.54 -14.04
C ALA A 41 1.54 9.69 -12.65
N MET A 42 1.70 8.68 -11.80
CA MET A 42 1.17 8.65 -10.43
C MET A 42 1.92 9.59 -9.46
N LEU A 43 3.17 9.92 -9.75
CA LEU A 43 4.08 10.58 -8.80
C LEU A 43 3.83 12.10 -8.69
N THR A 44 3.21 12.69 -9.71
CA THR A 44 2.96 14.14 -9.84
C THR A 44 1.94 14.71 -8.84
N LYS A 45 1.01 13.88 -8.35
CA LYS A 45 -0.05 14.20 -7.35
C LYS A 45 0.02 13.33 -6.08
N LEU A 46 1.19 12.78 -5.80
CA LEU A 46 1.48 11.82 -4.73
C LEU A 46 1.75 12.57 -3.40
N LYS A 47 1.42 11.97 -2.25
CA LYS A 47 1.64 12.55 -0.92
C LYS A 47 2.54 11.67 -0.05
N PHE A 48 3.45 12.30 0.69
CA PHE A 48 4.45 11.65 1.53
C PHE A 48 4.46 12.22 2.96
N GLU A 49 4.97 11.46 3.93
CA GLU A 49 5.03 11.89 5.34
C GLU A 49 6.26 11.32 6.07
N VAL A 50 6.74 12.02 7.11
CA VAL A 50 7.89 11.61 7.94
C VAL A 50 7.47 11.38 9.38
N PHE A 51 8.13 10.43 10.03
CA PHE A 51 8.07 10.19 11.47
C PHE A 51 9.48 10.20 12.10
N GLN A 52 9.59 10.70 13.33
CA GLN A 52 10.83 10.77 14.12
C GLN A 52 10.95 9.55 15.09
N PRO A 53 12.12 9.30 15.71
CA PRO A 53 12.32 8.10 16.54
C PRO A 53 11.30 7.97 17.68
N GLY A 54 10.68 6.79 17.77
CA GLY A 54 9.70 6.42 18.79
C GLY A 54 8.26 6.73 18.40
N ASP A 55 8.03 7.45 17.30
CA ASP A 55 6.72 8.00 17.00
C ASP A 55 5.79 6.93 16.39
N TYR A 56 4.62 6.72 16.99
CA TYR A 56 3.59 5.78 16.52
C TYR A 56 2.98 6.26 15.19
N ILE A 57 3.09 5.45 14.13
CA ILE A 57 2.95 5.95 12.75
C ILE A 57 1.53 5.83 12.14
N ILE A 58 0.76 4.83 12.56
CA ILE A 58 -0.48 4.37 11.92
C ILE A 58 -1.68 4.39 12.89
N ARG A 59 -2.89 4.63 12.37
CA ARG A 59 -4.13 4.68 13.16
C ARG A 59 -5.41 4.27 12.39
N GLU A 60 -6.40 3.79 13.13
CA GLU A 60 -7.75 3.44 12.63
C GLU A 60 -8.71 4.66 12.68
N GLY A 61 -9.59 4.82 11.67
CA GLY A 61 -10.58 5.91 11.66
C GLY A 61 -11.60 5.95 10.51
N THR A 62 -11.42 5.18 9.42
CA THR A 62 -12.33 5.22 8.25
C THR A 62 -12.30 3.96 7.39
N ILE A 63 -13.33 3.81 6.55
CA ILE A 63 -13.45 2.85 5.45
C ILE A 63 -13.00 3.52 4.14
N GLY A 64 -12.25 2.81 3.30
CA GLY A 64 -11.70 3.39 2.06
C GLY A 64 -10.41 4.18 2.35
N LYS A 65 -9.62 3.66 3.30
CA LYS A 65 -8.36 4.20 3.78
C LYS A 65 -7.31 4.29 2.66
N LYS A 66 -6.37 5.22 2.80
CA LYS A 66 -5.23 5.41 1.89
C LYS A 66 -4.05 4.51 2.21
N MET A 67 -3.20 4.22 1.21
CA MET A 67 -2.15 3.20 1.30
C MET A 67 -0.78 3.77 1.70
N TYR A 68 -0.04 3.09 2.59
CA TYR A 68 1.27 3.53 3.11
C TYR A 68 2.40 2.54 2.74
N PHE A 69 3.59 3.06 2.45
CA PHE A 69 4.81 2.23 2.36
C PHE A 69 6.07 2.97 2.76
N ILE A 70 7.13 2.20 3.04
CA ILE A 70 8.36 2.70 3.67
C ILE A 70 9.36 3.14 2.60
N GLN A 71 9.60 4.46 2.49
CA GLN A 71 10.43 5.04 1.44
C GLN A 71 11.91 5.11 1.87
N HIS A 72 12.20 5.56 3.10
CA HIS A 72 13.56 5.48 3.67
C HIS A 72 13.56 5.50 5.21
N GLY A 73 13.82 4.37 5.85
CA GLY A 73 14.08 4.26 7.29
C GLY A 73 13.74 2.86 7.83
N VAL A 74 13.49 2.77 9.13
CA VAL A 74 13.20 1.53 9.86
C VAL A 74 12.04 1.78 10.85
N VAL A 75 11.21 0.77 11.07
CA VAL A 75 10.09 0.78 12.01
C VAL A 75 10.14 -0.46 12.91
N SER A 76 9.60 -0.33 14.12
CA SER A 76 9.49 -1.39 15.13
C SER A 76 8.01 -1.59 15.42
N VAL A 77 7.57 -2.83 15.26
CA VAL A 77 6.27 -3.17 14.69
C VAL A 77 5.70 -4.32 15.49
N LEU A 78 4.39 -4.42 15.59
CA LEU A 78 3.75 -5.48 16.37
C LEU A 78 2.63 -6.12 15.56
N THR A 79 2.68 -7.44 15.43
CA THR A 79 1.48 -8.21 15.00
C THR A 79 0.49 -8.50 16.13
N LYS A 80 -0.83 -8.45 15.86
CA LYS A 80 -1.87 -8.56 16.90
C LYS A 80 -2.04 -10.00 17.40
N GLY A 81 -2.15 -10.18 18.71
CA GLY A 81 -1.93 -11.48 19.36
C GLY A 81 -0.46 -11.83 19.59
N ASN A 82 0.43 -11.17 18.85
CA ASN A 82 1.64 -11.83 18.38
C ASN A 82 2.88 -10.98 18.72
N LYS A 83 3.86 -10.96 17.80
CA LYS A 83 5.26 -10.66 18.09
C LYS A 83 5.67 -9.23 17.75
N GLU A 84 6.79 -8.81 18.32
CA GLU A 84 7.53 -7.70 17.77
C GLU A 84 8.40 -8.14 16.59
N MET A 85 8.33 -7.36 15.52
CA MET A 85 9.27 -7.29 14.42
C MET A 85 9.95 -5.92 14.38
N LYS A 86 10.91 -5.77 13.46
CA LYS A 86 11.15 -4.58 12.67
C LYS A 86 10.78 -4.78 11.21
N LEU A 87 10.46 -3.66 10.58
CA LEU A 87 10.31 -3.49 9.12
C LEU A 87 11.22 -2.35 8.63
N SER A 88 11.55 -2.28 7.34
CA SER A 88 12.39 -1.20 6.79
C SER A 88 12.04 -0.83 5.34
N ASP A 89 12.76 0.14 4.78
CA ASP A 89 12.47 0.68 3.44
C ASP A 89 12.30 -0.40 2.35
N GLY A 90 11.30 -0.20 1.49
CA GLY A 90 10.82 -1.19 0.53
C GLY A 90 9.67 -2.09 1.02
N SER A 91 9.38 -2.10 2.32
CA SER A 91 8.20 -2.77 2.91
C SER A 91 6.95 -1.87 2.87
N TYR A 92 5.75 -2.44 3.07
CA TYR A 92 4.48 -1.71 2.99
C TYR A 92 3.42 -2.19 3.99
N PHE A 93 2.49 -1.28 4.34
CA PHE A 93 1.55 -1.44 5.48
C PHE A 93 0.34 -0.48 5.47
N GLY A 94 -0.52 -0.58 6.49
CA GLY A 94 -1.57 0.40 6.79
C GLY A 94 -2.88 0.29 5.99
N GLU A 95 -2.99 -0.70 5.10
CA GLU A 95 -4.14 -0.95 4.22
C GLU A 95 -4.13 -2.41 3.71
N ILE A 96 -5.08 -2.80 2.86
CA ILE A 96 -5.13 -4.13 2.21
C ILE A 96 -5.08 -4.00 0.68
N CYS A 97 -6.06 -3.38 0.04
CA CYS A 97 -6.15 -3.37 -1.44
C CYS A 97 -6.98 -2.22 -2.03
N LEU A 98 -6.65 -1.81 -3.26
CA LEU A 98 -7.41 -0.93 -4.16
C LEU A 98 -8.82 -1.45 -4.53
N LEU A 99 -9.18 -2.67 -4.11
CA LEU A 99 -10.46 -3.34 -4.36
C LEU A 99 -11.17 -3.82 -3.07
N THR A 100 -10.54 -3.70 -1.90
CA THR A 100 -11.20 -3.93 -0.58
C THR A 100 -11.09 -2.75 0.38
N ARG A 101 -12.17 -2.55 1.14
CA ARG A 101 -12.38 -1.37 2.01
C ARG A 101 -12.91 -1.77 3.39
N GLY A 102 -12.38 -1.15 4.44
CA GLY A 102 -12.79 -1.37 5.83
C GLY A 102 -11.94 -0.59 6.84
N ARG A 103 -12.39 -0.51 8.09
CA ARG A 103 -11.62 0.01 9.24
C ARG A 103 -10.36 -0.84 9.45
N ARG A 104 -9.17 -0.24 9.25
CA ARG A 104 -7.88 -0.95 9.35
C ARG A 104 -7.27 -0.76 10.73
N THR A 105 -6.92 -1.85 11.41
CA THR A 105 -6.38 -1.85 12.79
C THR A 105 -4.99 -2.48 12.81
N ALA A 106 -4.00 -1.78 13.36
CA ALA A 106 -2.58 -2.15 13.39
C ALA A 106 -1.86 -1.58 14.63
N SER A 107 -0.56 -1.89 14.80
CA SER A 107 0.26 -1.48 15.96
C SER A 107 1.74 -1.35 15.55
N VAL A 108 2.21 -0.15 15.22
CA VAL A 108 3.62 0.08 14.81
C VAL A 108 4.13 1.50 15.08
N ARG A 109 5.41 1.64 15.44
CA ARG A 109 6.11 2.93 15.68
C ARG A 109 7.48 2.98 14.98
N ALA A 110 8.05 4.17 14.81
CA ALA A 110 9.35 4.32 14.14
C ALA A 110 10.53 3.88 15.03
N ASP A 111 11.52 3.19 14.45
CA ASP A 111 12.79 2.83 15.13
C ASP A 111 13.76 4.02 15.23
N THR A 112 13.51 5.01 14.38
CA THR A 112 14.46 6.01 13.89
C THR A 112 13.70 7.11 13.13
N TYR A 113 14.36 8.13 12.58
CA TYR A 113 13.74 8.98 11.56
C TYR A 113 13.47 8.14 10.30
N CYS A 114 12.23 8.18 9.83
CA CYS A 114 11.75 7.35 8.72
C CYS A 114 10.83 8.16 7.78
N ARG A 115 11.15 8.15 6.49
CA ARG A 115 10.30 8.68 5.42
C ARG A 115 9.36 7.60 4.90
N LEU A 116 8.09 7.96 4.80
CA LEU A 116 7.01 7.15 4.25
C LEU A 116 6.41 7.83 3.02
N TYR A 117 5.78 7.03 2.17
CA TYR A 117 4.74 7.46 1.24
C TYR A 117 3.38 7.17 1.90
N SER A 118 2.38 8.03 1.66
CA SER A 118 1.01 7.71 2.05
C SER A 118 0.02 8.44 1.14
N LEU A 119 -0.56 7.70 0.21
CA LEU A 119 -1.29 8.25 -0.95
C LEU A 119 -2.71 7.67 -0.99
N SER A 120 -3.69 8.51 -1.32
CA SER A 120 -5.10 8.10 -1.48
C SER A 120 -5.18 6.91 -2.44
N VAL A 121 -5.82 5.83 -2.00
CA VAL A 121 -5.99 4.62 -2.82
C VAL A 121 -6.74 4.97 -4.09
N ASP A 122 -7.74 5.84 -3.96
CA ASP A 122 -8.56 6.18 -5.09
C ASP A 122 -7.74 6.98 -6.13
N ASN A 123 -6.73 7.75 -5.69
CA ASN A 123 -5.81 8.51 -6.54
C ASN A 123 -4.90 7.62 -7.43
N PHE A 124 -4.74 6.34 -7.10
CA PHE A 124 -4.12 5.27 -7.91
C PHE A 124 -5.18 4.67 -8.87
N ASN A 125 -6.39 4.41 -8.38
CA ASN A 125 -7.54 4.03 -9.23
C ASN A 125 -7.91 5.12 -10.29
N GLU A 126 -7.53 6.38 -10.06
CA GLU A 126 -7.70 7.54 -10.96
C GLU A 126 -6.72 7.57 -12.14
N VAL A 127 -5.51 7.06 -11.94
CA VAL A 127 -4.43 7.05 -12.96
C VAL A 127 -4.46 5.78 -13.80
N LEU A 128 -5.02 4.70 -13.26
CA LEU A 128 -5.38 3.50 -14.01
C LEU A 128 -6.28 3.77 -15.23
N GLU A 129 -7.19 4.74 -15.12
CA GLU A 129 -8.10 5.19 -16.21
C GLU A 129 -7.38 5.60 -17.50
N GLU A 130 -6.14 6.06 -17.42
CA GLU A 130 -5.34 6.55 -18.55
C GLU A 130 -4.68 5.44 -19.37
N TYR A 131 -4.57 4.24 -18.80
CA TYR A 131 -3.84 3.10 -19.34
C TYR A 131 -4.68 1.81 -19.17
N PRO A 132 -5.83 1.67 -19.86
CA PRO A 132 -6.83 0.63 -19.60
C PRO A 132 -6.32 -0.83 -19.58
N MET A 133 -5.19 -1.15 -20.22
CA MET A 133 -4.59 -2.49 -20.09
C MET A 133 -4.18 -2.81 -18.63
N MET A 134 -3.82 -1.79 -17.85
CA MET A 134 -3.48 -1.90 -16.43
C MET A 134 -4.72 -2.00 -15.54
N ARG A 135 -5.82 -1.31 -15.88
CA ARG A 135 -7.09 -1.42 -15.14
C ARG A 135 -7.55 -2.87 -15.10
N ARG A 136 -7.68 -3.51 -16.27
CA ARG A 136 -8.11 -4.91 -16.34
C ARG A 136 -7.13 -5.86 -15.65
N ALA A 137 -5.83 -5.58 -15.76
CA ALA A 137 -4.75 -6.35 -15.15
C ALA A 137 -4.85 -6.48 -13.63
N PHE A 138 -5.55 -5.56 -12.93
CA PHE A 138 -5.84 -5.62 -11.49
C PHE A 138 -7.17 -6.31 -11.15
N GLU A 139 -8.26 -6.03 -11.86
CA GLU A 139 -9.57 -6.65 -11.57
C GLU A 139 -9.66 -8.14 -11.97
N THR A 140 -8.76 -8.57 -12.85
CA THR A 140 -8.63 -9.97 -13.28
C THR A 140 -7.89 -10.84 -12.25
N VAL A 141 -6.82 -10.30 -11.67
CA VAL A 141 -5.92 -10.98 -10.72
C VAL A 141 -6.53 -11.11 -9.34
N ALA A 142 -7.33 -10.12 -8.93
CA ALA A 142 -8.01 -10.11 -7.63
C ALA A 142 -9.01 -11.27 -7.41
N ILE A 143 -9.32 -12.06 -8.46
CA ILE A 143 -10.03 -13.35 -8.37
C ILE A 143 -9.15 -14.55 -8.83
N ASP A 144 -8.25 -14.38 -9.80
CA ASP A 144 -7.32 -15.43 -10.27
C ASP A 144 -6.30 -15.86 -9.19
N ARG A 145 -5.90 -14.93 -8.31
CA ARG A 145 -4.97 -15.09 -7.18
C ARG A 145 -5.67 -15.50 -5.87
N LEU A 146 -6.99 -15.33 -5.81
CA LEU A 146 -7.84 -15.64 -4.65
C LEU A 146 -8.18 -17.14 -4.57
N ASP A 147 -8.48 -17.81 -5.68
CA ASP A 147 -8.62 -19.28 -5.73
C ASP A 147 -8.25 -19.84 -7.11
N ARG A 148 -7.65 -21.03 -7.12
CA ARG A 148 -7.18 -21.75 -8.32
C ARG A 148 -8.28 -22.57 -9.02
N ILE A 149 -9.37 -22.90 -8.33
CA ILE A 149 -10.63 -23.53 -8.81
C ILE A 149 -10.51 -24.96 -9.39
N GLY A 150 -9.41 -25.28 -10.05
CA GLY A 150 -9.27 -26.33 -11.07
C GLY A 150 -9.25 -25.78 -12.50
N LYS A 151 -8.79 -24.54 -12.70
CA LYS A 151 -8.72 -23.83 -14.00
C LYS A 151 -7.37 -23.10 -14.20
N LYS A 152 -7.07 -22.65 -15.42
CA LYS A 152 -5.94 -21.74 -15.72
C LYS A 152 -6.18 -20.91 -16.99
N ASN A 153 -6.56 -19.65 -16.78
CA ASN A 153 -6.82 -18.61 -17.78
C ASN A 153 -5.54 -17.91 -18.28
N SER A 154 -4.47 -17.91 -17.46
CA SER A 154 -3.18 -17.29 -17.78
C SER A 154 -2.48 -17.90 -18.99
N ILE A 155 -1.45 -17.19 -19.46
CA ILE A 155 -0.80 -17.41 -20.76
C ILE A 155 0.02 -18.70 -20.85
N LEU A 156 0.12 -19.24 -22.07
CA LEU A 156 0.99 -20.37 -22.45
C LEU A 156 2.17 -19.95 -23.36
N LEU A 157 2.38 -18.65 -23.51
CA LEU A 157 3.50 -18.05 -24.26
C LEU A 157 4.74 -18.04 -23.36
N HIS A 158 5.77 -18.82 -23.73
CA HIS A 158 7.06 -18.98 -23.04
C HIS A 158 6.94 -19.43 -21.56
N ASN A 20 12.07 10.84 -5.56
CA ASN A 20 12.59 9.72 -4.75
C ASN A 20 11.68 8.47 -4.79
N CYS A 21 10.37 8.62 -4.94
CA CYS A 21 9.41 7.52 -4.71
C CYS A 21 9.34 6.46 -5.82
N ARG A 22 9.89 6.73 -7.02
CA ARG A 22 9.69 5.88 -8.21
C ARG A 22 10.22 4.46 -7.99
N LYS A 23 11.45 4.31 -7.48
CA LYS A 23 12.09 3.01 -7.19
C LYS A 23 11.29 2.15 -6.20
N LEU A 24 10.45 2.75 -5.36
CA LEU A 24 9.72 2.04 -4.30
C LEU A 24 8.35 1.58 -4.81
N VAL A 25 7.65 2.43 -5.58
CA VAL A 25 6.46 2.00 -6.34
C VAL A 25 6.84 0.92 -7.38
N ALA A 26 8.01 1.06 -8.04
CA ALA A 26 8.57 0.08 -8.96
C ALA A 26 9.11 -1.20 -8.29
N SER A 27 9.10 -1.28 -6.96
CA SER A 27 9.51 -2.47 -6.21
C SER A 27 8.32 -3.35 -5.77
N MET A 28 7.10 -2.84 -5.92
CA MET A 28 5.87 -3.35 -5.32
C MET A 28 5.26 -4.48 -6.19
N PRO A 29 4.91 -5.66 -5.63
CA PRO A 29 4.45 -6.81 -6.43
C PRO A 29 3.12 -6.60 -7.19
N LEU A 30 2.33 -5.59 -6.80
CA LEU A 30 1.12 -5.16 -7.53
C LEU A 30 1.44 -4.37 -8.82
N PHE A 31 2.64 -3.79 -8.90
CA PHE A 31 3.19 -3.02 -10.01
C PHE A 31 4.26 -3.82 -10.79
N ALA A 32 4.32 -5.15 -10.63
CA ALA A 32 5.37 -6.03 -11.13
C ALA A 32 5.54 -5.92 -12.65
N ASN A 33 4.39 -5.83 -13.30
CA ASN A 33 4.14 -5.94 -14.73
C ASN A 33 3.73 -4.58 -15.32
N ALA A 34 3.93 -3.50 -14.57
CA ALA A 34 3.46 -2.15 -14.89
C ALA A 34 4.31 -1.44 -15.96
N ASP A 35 3.65 -0.71 -16.87
CA ASP A 35 4.32 0.18 -17.84
C ASP A 35 4.96 1.38 -17.12
N PRO A 36 6.21 1.75 -17.42
CA PRO A 36 6.97 2.78 -16.69
C PRO A 36 6.34 4.19 -16.69
N ASN A 37 5.35 4.44 -17.55
CA ASN A 37 4.63 5.72 -17.62
C ASN A 37 3.39 5.74 -16.73
N PHE A 38 2.69 4.59 -16.61
CA PHE A 38 1.54 4.42 -15.72
C PHE A 38 1.94 4.61 -14.25
N VAL A 39 3.05 3.98 -13.86
CA VAL A 39 3.58 4.05 -12.48
C VAL A 39 4.06 5.44 -12.06
N THR A 40 4.54 6.18 -13.06
CA THR A 40 5.10 7.54 -12.95
C THR A 40 4.00 8.60 -12.93
N ALA A 41 2.94 8.44 -13.73
CA ALA A 41 1.83 9.38 -13.81
C ALA A 41 1.07 9.59 -12.48
N MET A 42 1.24 8.67 -11.53
CA MET A 42 0.71 8.83 -10.16
C MET A 42 1.54 9.77 -9.27
N LEU A 43 2.82 9.98 -9.57
CA LEU A 43 3.78 10.62 -8.65
C LEU A 43 3.74 12.16 -8.70
N THR A 44 3.16 12.76 -9.74
CA THR A 44 3.19 14.23 -9.97
C THR A 44 2.34 15.04 -8.98
N LYS A 45 1.53 14.39 -8.15
CA LYS A 45 0.66 14.96 -7.12
C LYS A 45 0.96 14.46 -5.70
N LEU A 46 2.11 13.82 -5.51
CA LEU A 46 2.39 12.88 -4.42
C LEU A 46 2.81 13.59 -3.14
N LYS A 47 2.57 12.94 -2.00
CA LYS A 47 2.92 13.41 -0.67
C LYS A 47 3.68 12.38 0.14
N PHE A 48 4.54 12.88 1.02
CA PHE A 48 5.25 12.10 2.01
C PHE A 48 5.23 12.80 3.39
N GLU A 49 5.52 12.03 4.43
CA GLU A 49 5.51 12.43 5.84
C GLU A 49 6.67 11.74 6.58
N VAL A 50 7.18 12.36 7.64
CA VAL A 50 8.27 11.80 8.46
C VAL A 50 7.84 11.56 9.89
N PHE A 51 8.33 10.47 10.46
CA PHE A 51 8.20 10.13 11.87
C PHE A 51 9.58 10.12 12.54
N GLN A 52 9.69 10.73 13.71
CA GLN A 52 10.92 10.84 14.50
C GLN A 52 11.15 9.56 15.35
N PRO A 53 12.37 9.32 15.87
CA PRO A 53 12.64 8.12 16.67
C PRO A 53 11.77 8.04 17.92
N GLY A 54 10.98 6.96 18.05
CA GLY A 54 10.19 6.63 19.24
C GLY A 54 8.73 7.02 19.14
N ASP A 55 8.24 7.42 17.95
CA ASP A 55 6.86 7.80 17.72
C ASP A 55 6.03 6.65 17.12
N TYR A 56 4.78 6.54 17.53
CA TYR A 56 3.80 5.60 16.95
C TYR A 56 3.30 6.16 15.60
N ILE A 57 3.49 5.41 14.50
CA ILE A 57 3.39 5.98 13.14
C ILE A 57 1.99 5.87 12.51
N ILE A 58 1.16 4.94 13.00
CA ILE A 58 -0.12 4.53 12.43
C ILE A 58 -1.17 4.39 13.53
N ARG A 59 -2.32 5.03 13.35
CA ARG A 59 -3.55 4.80 14.14
C ARG A 59 -4.79 5.00 13.24
N GLU A 60 -5.27 3.90 12.67
CA GLU A 60 -6.36 3.87 11.68
C GLU A 60 -7.75 3.85 12.37
N GLY A 61 -8.77 4.29 11.64
CA GLY A 61 -10.13 4.54 12.14
C GLY A 61 -11.19 4.77 11.05
N THR A 62 -10.81 5.14 9.82
CA THR A 62 -11.77 5.43 8.72
C THR A 62 -11.86 4.32 7.68
N ILE A 63 -13.01 4.25 7.03
CA ILE A 63 -13.37 3.20 6.06
C ILE A 63 -12.79 3.56 4.68
N GLY A 64 -11.85 2.75 4.19
CA GLY A 64 -11.33 2.82 2.82
C GLY A 64 -10.31 3.95 2.62
N LYS A 65 -9.30 4.05 3.50
CA LYS A 65 -8.27 5.10 3.44
C LYS A 65 -7.33 4.92 2.22
N LYS A 66 -6.38 5.84 2.05
CA LYS A 66 -5.32 5.85 1.02
C LYS A 66 -4.10 5.06 1.52
N MET A 67 -3.21 4.58 0.62
CA MET A 67 -2.16 3.62 1.01
C MET A 67 -0.86 4.26 1.53
N TYR A 68 -0.17 3.54 2.43
CA TYR A 68 1.07 3.98 3.10
C TYR A 68 2.24 3.00 2.87
N PHE A 69 3.44 3.55 2.70
CA PHE A 69 4.67 2.77 2.48
C PHE A 69 5.95 3.49 2.92
N ILE A 70 7.08 2.78 2.95
CA ILE A 70 8.34 3.28 3.52
C ILE A 70 9.32 3.75 2.41
N GLN A 71 9.56 5.07 2.29
CA GLN A 71 10.49 5.64 1.30
C GLN A 71 11.97 5.60 1.74
N HIS A 72 12.29 5.91 3.01
CA HIS A 72 13.62 5.68 3.60
C HIS A 72 13.57 5.61 5.13
N GLY A 73 14.04 4.50 5.74
CA GLY A 73 14.28 4.41 7.18
C GLY A 73 14.05 2.99 7.70
N VAL A 74 13.77 2.88 9.00
CA VAL A 74 13.52 1.60 9.69
C VAL A 74 12.34 1.75 10.67
N VAL A 75 11.51 0.73 10.82
CA VAL A 75 10.36 0.70 11.74
C VAL A 75 10.26 -0.59 12.53
N SER A 76 9.76 -0.51 13.76
CA SER A 76 9.42 -1.67 14.61
C SER A 76 7.89 -1.91 14.65
N VAL A 77 7.45 -3.04 14.09
CA VAL A 77 6.06 -3.55 14.14
C VAL A 77 5.85 -4.38 15.40
N LEU A 78 4.67 -4.27 16.01
CA LEU A 78 4.15 -5.24 16.99
C LEU A 78 2.97 -6.00 16.37
N THR A 79 2.87 -7.33 16.58
CA THR A 79 1.69 -8.11 16.15
C THR A 79 0.90 -8.65 17.33
N LYS A 80 -0.44 -8.54 17.27
CA LYS A 80 -1.34 -9.08 18.31
C LYS A 80 -1.14 -10.58 18.51
N GLY A 81 -1.12 -11.02 19.77
CA GLY A 81 -0.70 -12.38 20.18
C GLY A 81 0.81 -12.62 20.25
N ASN A 82 1.62 -11.77 19.61
CA ASN A 82 2.84 -12.20 18.97
C ASN A 82 4.04 -11.25 19.22
N LYS A 83 4.92 -11.14 18.21
CA LYS A 83 6.28 -10.61 18.31
C LYS A 83 6.44 -9.18 17.82
N GLU A 84 7.57 -8.59 18.23
CA GLU A 84 8.14 -7.37 17.66
C GLU A 84 9.06 -7.68 16.46
N MET A 85 8.92 -6.91 15.36
CA MET A 85 9.52 -7.18 14.04
C MET A 85 10.01 -5.90 13.35
N LYS A 86 11.23 -5.93 12.80
CA LYS A 86 11.84 -4.83 12.07
C LYS A 86 11.59 -4.87 10.55
N LEU A 87 11.07 -3.76 10.01
CA LEU A 87 10.87 -3.49 8.57
C LEU A 87 11.67 -2.23 8.15
N SER A 88 11.96 -2.09 6.85
CA SER A 88 12.73 -0.98 6.28
C SER A 88 12.25 -0.61 4.87
N ASP A 89 12.91 0.35 4.24
CA ASP A 89 12.43 1.03 3.02
C ASP A 89 12.16 0.10 1.84
N GLY A 90 11.14 0.45 1.06
CA GLY A 90 10.51 -0.44 0.08
C GLY A 90 9.42 -1.36 0.64
N SER A 91 9.35 -1.56 1.95
CA SER A 91 8.20 -2.19 2.60
C SER A 91 6.97 -1.26 2.55
N TYR A 92 5.77 -1.84 2.63
CA TYR A 92 4.49 -1.13 2.58
C TYR A 92 3.48 -1.72 3.57
N PHE A 93 2.64 -0.89 4.17
CA PHE A 93 1.86 -1.32 5.36
C PHE A 93 0.51 -0.61 5.55
N GLY A 94 -0.28 -1.11 6.50
CA GLY A 94 -1.73 -1.03 6.50
C GLY A 94 -2.33 -1.96 5.43
N GLU A 95 -3.25 -2.85 5.80
CA GLU A 95 -3.76 -3.94 4.93
C GLU A 95 -4.73 -3.46 3.81
N ILE A 96 -4.61 -2.21 3.36
CA ILE A 96 -5.50 -1.56 2.40
C ILE A 96 -5.27 -2.12 0.99
N CYS A 97 -6.26 -2.85 0.49
CA CYS A 97 -6.32 -3.36 -0.89
C CYS A 97 -6.91 -2.32 -1.86
N LEU A 98 -6.48 -2.33 -3.12
CA LEU A 98 -7.02 -1.47 -4.20
C LEU A 98 -8.47 -1.79 -4.61
N LEU A 99 -9.12 -2.77 -3.96
CA LEU A 99 -10.56 -3.02 -3.99
C LEU A 99 -11.22 -3.22 -2.59
N THR A 100 -10.53 -2.83 -1.53
CA THR A 100 -10.87 -3.09 -0.11
C THR A 100 -12.27 -2.63 0.36
N ARG A 101 -12.68 -3.14 1.54
CA ARG A 101 -13.84 -2.69 2.32
C ARG A 101 -13.48 -2.49 3.79
N GLY A 102 -14.11 -1.51 4.44
CA GLY A 102 -14.00 -1.25 5.88
C GLY A 102 -12.76 -0.47 6.34
N ARG A 103 -12.63 -0.28 7.67
CA ARG A 103 -11.42 0.24 8.35
C ARG A 103 -10.47 -0.91 8.73
N ARG A 104 -9.28 -0.57 9.23
CA ARG A 104 -8.28 -1.48 9.83
C ARG A 104 -7.76 -0.94 11.17
N THR A 105 -6.96 -1.73 11.87
CA THR A 105 -6.11 -1.26 12.98
C THR A 105 -4.77 -2.02 13.01
N ALA A 106 -3.72 -1.36 13.48
CA ALA A 106 -2.35 -1.87 13.57
C ALA A 106 -1.59 -1.21 14.74
N SER A 107 -0.43 -1.79 15.08
CA SER A 107 0.45 -1.40 16.19
C SER A 107 1.91 -1.34 15.73
N VAL A 108 2.39 -0.17 15.30
CA VAL A 108 3.73 -0.01 14.75
C VAL A 108 4.35 1.38 15.00
N ARG A 109 5.65 1.43 15.30
CA ARG A 109 6.41 2.62 15.74
C ARG A 109 7.77 2.77 15.07
N ALA A 110 8.33 3.96 15.11
CA ALA A 110 9.56 4.35 14.41
C ALA A 110 10.84 3.97 15.19
N ASP A 111 11.74 3.21 14.55
CA ASP A 111 13.06 2.88 15.12
C ASP A 111 14.00 4.10 15.14
N THR A 112 13.74 5.03 14.23
CA THR A 112 14.64 6.08 13.69
C THR A 112 13.83 7.16 12.97
N TYR A 113 14.43 8.28 12.54
CA TYR A 113 13.77 9.26 11.66
C TYR A 113 13.48 8.58 10.30
N CYS A 114 12.21 8.32 10.02
CA CYS A 114 11.75 7.47 8.91
C CYS A 114 10.79 8.22 7.99
N ARG A 115 11.11 8.26 6.69
CA ARG A 115 10.31 8.87 5.61
C ARG A 115 9.31 7.87 5.07
N LEU A 116 8.03 8.19 5.20
CA LEU A 116 6.89 7.42 4.70
C LEU A 116 6.16 8.19 3.60
N TYR A 117 5.52 7.50 2.67
CA TYR A 117 4.70 8.14 1.63
C TYR A 117 3.20 8.06 1.96
N SER A 118 2.34 8.83 1.29
CA SER A 118 0.91 8.51 1.21
C SER A 118 0.34 8.71 -0.22
N LEU A 119 -0.12 7.64 -0.87
CA LEU A 119 -0.63 7.64 -2.26
C LEU A 119 -2.11 7.17 -2.30
N SER A 120 -2.95 7.94 -2.98
CA SER A 120 -4.39 7.71 -3.08
C SER A 120 -4.80 6.64 -4.09
N VAL A 121 -5.67 5.70 -3.64
CA VAL A 121 -6.33 4.76 -4.55
C VAL A 121 -7.29 5.46 -5.50
N ASP A 122 -7.88 6.60 -5.13
CA ASP A 122 -8.78 7.34 -6.02
C ASP A 122 -8.01 7.71 -7.30
N ASN A 123 -6.76 8.15 -7.15
CA ASN A 123 -5.88 8.42 -8.28
C ASN A 123 -5.42 7.16 -9.01
N PHE A 124 -5.16 6.04 -8.33
CA PHE A 124 -4.86 4.74 -8.98
C PHE A 124 -6.01 4.32 -9.93
N ASN A 125 -7.25 4.42 -9.45
CA ASN A 125 -8.47 4.12 -10.20
C ASN A 125 -8.80 5.17 -11.29
N GLU A 126 -8.27 6.40 -11.19
CA GLU A 126 -8.33 7.46 -12.21
C GLU A 126 -7.40 7.20 -13.41
N VAL A 127 -6.09 7.11 -13.13
CA VAL A 127 -4.98 7.00 -14.10
C VAL A 127 -4.99 5.67 -14.87
N LEU A 128 -5.52 4.61 -14.26
CA LEU A 128 -5.73 3.30 -14.91
C LEU A 128 -6.38 3.38 -16.31
N GLU A 129 -7.36 4.26 -16.55
CA GLU A 129 -8.05 4.38 -17.83
C GLU A 129 -7.19 4.90 -19.00
N GLU A 130 -6.04 5.53 -18.73
CA GLU A 130 -5.08 5.97 -19.76
C GLU A 130 -4.26 4.80 -20.33
N TYR A 131 -4.19 3.69 -19.58
CA TYR A 131 -3.36 2.50 -19.84
C TYR A 131 -4.25 1.23 -19.87
N PRO A 132 -5.11 1.07 -20.88
CA PRO A 132 -6.16 0.04 -20.93
C PRO A 132 -5.70 -1.42 -20.70
N MET A 133 -4.45 -1.78 -21.04
CA MET A 133 -3.85 -3.09 -20.72
C MET A 133 -3.78 -3.34 -19.20
N MET A 134 -3.40 -2.32 -18.43
CA MET A 134 -3.37 -2.39 -16.97
C MET A 134 -4.79 -2.35 -16.40
N ARG A 135 -5.71 -1.57 -17.00
CA ARG A 135 -7.11 -1.52 -16.52
C ARG A 135 -7.75 -2.91 -16.49
N ARG A 136 -7.64 -3.70 -17.57
CA ARG A 136 -8.13 -5.10 -17.59
C ARG A 136 -7.41 -6.04 -16.62
N ALA A 137 -6.11 -5.83 -16.43
CA ALA A 137 -5.28 -6.61 -15.49
C ALA A 137 -5.73 -6.50 -14.02
N PHE A 138 -6.42 -5.41 -13.65
CA PHE A 138 -7.09 -5.24 -12.35
C PHE A 138 -8.57 -5.70 -12.35
N GLU A 139 -9.17 -5.92 -13.51
CA GLU A 139 -10.55 -6.42 -13.65
C GLU A 139 -10.64 -7.96 -13.58
N THR A 140 -9.54 -8.68 -13.80
CA THR A 140 -9.44 -10.15 -13.66
C THR A 140 -9.33 -10.60 -12.20
N VAL A 141 -8.48 -9.92 -11.42
CA VAL A 141 -8.33 -10.16 -9.96
C VAL A 141 -9.65 -9.94 -9.23
N ALA A 142 -10.43 -8.95 -9.68
CA ALA A 142 -11.78 -8.64 -9.21
C ALA A 142 -12.84 -9.75 -9.45
N ILE A 143 -12.48 -10.88 -10.08
CA ILE A 143 -13.29 -12.11 -10.13
C ILE A 143 -12.49 -13.37 -9.70
N ASP A 144 -11.16 -13.42 -9.86
CA ASP A 144 -10.33 -14.51 -9.33
C ASP A 144 -10.31 -14.54 -7.78
N ARG A 145 -10.30 -13.36 -7.16
CA ARG A 145 -10.24 -13.14 -5.70
C ARG A 145 -11.61 -13.24 -5.01
N LEU A 146 -12.69 -13.19 -5.80
CA LEU A 146 -14.09 -13.25 -5.32
C LEU A 146 -14.66 -14.68 -5.32
N ASP A 147 -13.91 -15.63 -5.88
CA ASP A 147 -14.31 -17.03 -6.13
C ASP A 147 -15.50 -17.18 -7.10
N ARG A 148 -15.81 -18.42 -7.49
CA ARG A 148 -16.84 -18.80 -8.47
C ARG A 148 -18.20 -18.18 -8.18
N ILE A 149 -18.77 -18.49 -7.00
CA ILE A 149 -20.10 -18.12 -6.50
C ILE A 149 -21.25 -18.58 -7.43
N GLY A 150 -22.41 -18.91 -6.85
CA GLY A 150 -23.62 -19.23 -7.60
C GLY A 150 -24.21 -17.97 -8.23
N LYS A 151 -23.90 -17.71 -9.51
CA LYS A 151 -24.35 -16.50 -10.21
C LYS A 151 -25.67 -16.70 -10.96
N LYS A 152 -26.44 -15.62 -11.12
CA LYS A 152 -27.57 -15.52 -12.05
C LYS A 152 -27.13 -15.20 -13.49
N ASN A 153 -28.02 -15.41 -14.47
CA ASN A 153 -27.69 -15.31 -15.90
C ASN A 153 -27.24 -13.91 -16.33
N SER A 154 -27.95 -12.84 -15.96
CA SER A 154 -27.61 -11.45 -16.27
C SER A 154 -27.40 -11.16 -17.78
N ILE A 155 -26.74 -10.04 -18.09
CA ILE A 155 -26.57 -9.45 -19.43
C ILE A 155 -25.67 -10.26 -20.38
N LEU A 156 -25.84 -10.06 -21.68
CA LEU A 156 -25.01 -10.65 -22.73
C LEU A 156 -23.70 -9.88 -22.97
N LEU A 157 -22.87 -10.39 -23.89
CA LEU A 157 -21.73 -9.66 -24.46
C LEU A 157 -21.57 -10.00 -25.96
N HIS A 158 -21.56 -8.95 -26.80
CA HIS A 158 -21.34 -8.96 -28.26
C HIS A 158 -22.35 -9.80 -29.05
N ASN A 20 14.80 5.93 -6.98
CA ASN A 20 14.21 4.98 -6.04
C ASN A 20 12.68 5.09 -5.93
N CYS A 21 12.11 6.29 -6.07
CA CYS A 21 10.66 6.52 -6.01
C CYS A 21 9.87 5.62 -6.99
N ARG A 22 10.37 5.44 -8.22
CA ARG A 22 9.77 4.55 -9.25
C ARG A 22 10.14 3.08 -9.02
N LYS A 23 11.27 2.79 -8.37
CA LYS A 23 11.72 1.41 -8.05
C LYS A 23 10.92 0.76 -6.92
N LEU A 24 10.51 1.56 -5.93
CA LEU A 24 9.83 1.07 -4.72
C LEU A 24 8.35 0.79 -4.96
N VAL A 25 7.65 1.68 -5.67
CA VAL A 25 6.27 1.41 -6.11
C VAL A 25 6.22 0.17 -7.03
N ALA A 26 7.23 -0.01 -7.89
CA ALA A 26 7.40 -1.19 -8.74
C ALA A 26 7.87 -2.47 -8.00
N SER A 27 8.17 -2.38 -6.70
CA SER A 27 8.66 -3.53 -5.90
C SER A 27 7.49 -4.39 -5.42
N MET A 28 6.28 -3.84 -5.46
CA MET A 28 5.03 -4.56 -5.26
C MET A 28 4.81 -5.60 -6.38
N PRO A 29 4.37 -6.84 -6.07
CA PRO A 29 4.03 -7.85 -7.10
C PRO A 29 2.82 -7.42 -7.94
N LEU A 30 1.95 -6.57 -7.36
CA LEU A 30 0.84 -5.88 -8.02
C LEU A 30 1.30 -4.92 -9.13
N PHE A 31 2.54 -4.44 -9.10
CA PHE A 31 3.18 -3.56 -10.08
C PHE A 31 4.28 -4.27 -10.92
N ALA A 32 4.46 -5.59 -10.80
CA ALA A 32 5.56 -6.35 -11.41
C ALA A 32 5.61 -6.25 -12.94
N ASN A 33 4.42 -6.08 -13.49
CA ASN A 33 4.06 -6.19 -14.89
C ASN A 33 3.42 -4.88 -15.40
N ALA A 34 3.47 -3.83 -14.56
CA ALA A 34 2.94 -2.50 -14.84
C ALA A 34 3.64 -1.79 -16.01
N ASP A 35 2.93 -0.87 -16.69
CA ASP A 35 3.53 0.06 -17.64
C ASP A 35 4.37 1.14 -16.89
N PRO A 36 5.65 1.36 -17.26
CA PRO A 36 6.57 2.26 -16.55
C PRO A 36 6.16 3.75 -16.54
N ASN A 37 5.16 4.12 -17.33
CA ASN A 37 4.58 5.47 -17.38
C ASN A 37 3.41 5.60 -16.41
N PHE A 38 2.55 4.58 -16.34
CA PHE A 38 1.42 4.48 -15.39
C PHE A 38 1.92 4.54 -13.94
N VAL A 39 2.95 3.76 -13.61
CA VAL A 39 3.53 3.72 -12.25
C VAL A 39 4.15 5.06 -11.82
N THR A 40 4.64 5.79 -12.81
CA THR A 40 5.31 7.10 -12.70
C THR A 40 4.32 8.26 -12.62
N ALA A 41 3.16 8.15 -13.29
CA ALA A 41 2.14 9.19 -13.30
C ALA A 41 1.52 9.41 -11.91
N MET A 42 1.67 8.44 -11.01
CA MET A 42 1.30 8.60 -9.58
C MET A 42 2.15 9.65 -8.85
N LEU A 43 3.45 9.70 -9.17
CA LEU A 43 4.50 10.24 -8.30
C LEU A 43 4.49 11.77 -8.18
N THR A 44 3.81 12.45 -9.11
CA THR A 44 3.69 13.91 -9.17
C THR A 44 2.51 14.48 -8.35
N LYS A 45 1.50 13.66 -7.98
CA LYS A 45 0.33 14.06 -7.18
C LYS A 45 0.09 13.21 -5.93
N LEU A 46 1.17 12.59 -5.45
CA LEU A 46 1.27 12.02 -4.11
C LEU A 46 1.86 13.01 -3.08
N LYS A 47 1.87 12.63 -1.80
CA LYS A 47 2.57 13.35 -0.72
C LYS A 47 3.74 12.54 -0.12
N PHE A 48 4.75 13.23 0.38
CA PHE A 48 5.71 12.71 1.36
C PHE A 48 5.64 13.49 2.67
N GLU A 49 5.84 12.79 3.79
CA GLU A 49 5.75 13.33 5.16
C GLU A 49 6.69 12.58 6.12
N VAL A 50 7.03 13.19 7.25
CA VAL A 50 7.90 12.59 8.28
C VAL A 50 7.12 12.30 9.56
N PHE A 51 7.56 11.26 10.28
CA PHE A 51 7.20 11.05 11.69
C PHE A 51 8.47 11.05 12.57
N GLN A 52 8.40 11.56 13.79
CA GLN A 52 9.52 11.55 14.75
C GLN A 52 9.63 10.20 15.49
N PRO A 53 10.79 9.88 16.11
CA PRO A 53 11.00 8.60 16.80
C PRO A 53 9.99 8.41 17.94
N GLY A 54 9.20 7.33 17.90
CA GLY A 54 8.26 6.91 18.93
C GLY A 54 6.79 7.21 18.61
N ASP A 55 6.49 7.84 17.47
CA ASP A 55 5.13 8.05 17.02
C ASP A 55 4.65 6.84 16.19
N TYR A 56 3.41 6.41 16.43
CA TYR A 56 2.77 5.37 15.62
C TYR A 56 2.38 5.96 14.26
N ILE A 57 2.88 5.37 13.18
CA ILE A 57 2.71 5.90 11.82
C ILE A 57 1.33 5.57 11.23
N ILE A 58 0.69 4.50 11.73
CA ILE A 58 -0.55 3.91 11.20
C ILE A 58 -1.44 3.43 12.37
N ARG A 59 -2.72 3.79 12.33
CA ARG A 59 -3.84 3.24 13.14
C ARG A 59 -5.11 3.13 12.27
N GLU A 60 -6.16 2.48 12.77
CA GLU A 60 -7.50 2.49 12.15
C GLU A 60 -8.13 3.90 12.15
N GLY A 61 -9.04 4.14 11.20
CA GLY A 61 -9.80 5.40 11.14
C GLY A 61 -10.81 5.52 9.99
N THR A 62 -10.70 4.73 8.92
CA THR A 62 -11.64 4.82 7.78
C THR A 62 -11.65 3.54 6.94
N ILE A 63 -12.65 3.40 6.08
CA ILE A 63 -12.70 2.41 5.00
C ILE A 63 -11.84 2.88 3.83
N GLY A 64 -10.98 1.98 3.32
CA GLY A 64 -10.06 2.30 2.22
C GLY A 64 -8.80 2.98 2.75
N LYS A 65 -8.10 2.35 3.71
CA LYS A 65 -6.88 2.90 4.33
C LYS A 65 -5.74 2.94 3.30
N LYS A 66 -4.97 4.03 3.33
CA LYS A 66 -4.05 4.40 2.24
C LYS A 66 -2.70 3.70 2.32
N MET A 67 -1.93 3.82 1.24
CA MET A 67 -0.64 3.15 1.06
C MET A 67 0.48 4.02 1.62
N TYR A 68 1.40 3.42 2.36
CA TYR A 68 2.59 4.06 2.92
C TYR A 68 3.83 3.24 2.57
N PHE A 69 4.96 3.89 2.27
CA PHE A 69 6.22 3.20 2.06
C PHE A 69 7.40 4.03 2.52
N ILE A 70 8.51 3.36 2.85
CA ILE A 70 9.58 3.94 3.69
C ILE A 70 10.69 4.51 2.80
N GLN A 71 10.72 5.83 2.60
CA GLN A 71 11.71 6.50 1.75
C GLN A 71 13.10 6.56 2.39
N HIS A 72 13.18 6.94 3.67
CA HIS A 72 14.37 6.73 4.52
C HIS A 72 13.98 6.60 6.01
N GLY A 73 14.39 5.54 6.69
CA GLY A 73 14.09 5.35 8.11
C GLY A 73 14.08 3.88 8.50
N VAL A 74 13.85 3.65 9.78
CA VAL A 74 13.60 2.32 10.37
C VAL A 74 12.30 2.40 11.18
N VAL A 75 11.55 1.29 11.25
CA VAL A 75 10.28 1.18 12.00
C VAL A 75 10.24 -0.11 12.81
N SER A 76 9.57 -0.08 13.96
CA SER A 76 9.12 -1.30 14.66
C SER A 76 7.62 -1.59 14.43
N VAL A 77 7.33 -2.76 13.86
CA VAL A 77 5.98 -3.30 13.58
C VAL A 77 5.53 -4.21 14.72
N LEU A 78 4.25 -4.15 15.09
CA LEU A 78 3.54 -5.19 15.86
C LEU A 78 2.49 -5.84 14.94
N THR A 79 2.18 -7.12 15.15
CA THR A 79 1.31 -7.92 14.25
C THR A 79 0.04 -8.38 14.96
N LYS A 80 -0.99 -8.83 14.23
CA LYS A 80 -2.30 -9.31 14.76
C LYS A 80 -2.21 -10.47 15.78
N GLY A 81 -1.93 -10.13 17.03
CA GLY A 81 -1.59 -11.06 18.11
C GLY A 81 -0.08 -11.30 18.30
N ASN A 82 0.82 -10.48 17.73
CA ASN A 82 2.25 -10.72 17.70
C ASN A 82 3.17 -9.50 17.93
N LYS A 83 4.43 -9.84 18.25
CA LYS A 83 5.55 -9.01 18.75
C LYS A 83 6.64 -8.68 17.74
N GLU A 84 7.56 -7.83 18.19
CA GLU A 84 8.01 -6.78 17.30
C GLU A 84 8.92 -7.22 16.13
N MET A 85 8.79 -6.56 14.98
CA MET A 85 9.66 -6.70 13.80
C MET A 85 10.25 -5.35 13.38
N LYS A 86 11.58 -5.30 13.21
CA LYS A 86 12.31 -4.17 12.69
C LYS A 86 12.37 -4.18 11.16
N LEU A 87 11.81 -3.15 10.51
CA LEU A 87 11.79 -2.96 9.04
C LEU A 87 12.53 -1.67 8.66
N SER A 88 13.05 -1.63 7.43
CA SER A 88 13.97 -0.61 6.91
C SER A 88 13.41 0.15 5.70
N ASP A 89 14.12 1.20 5.26
CA ASP A 89 13.82 1.90 4.02
C ASP A 89 13.78 0.96 2.80
N GLY A 90 12.78 1.17 1.93
CA GLY A 90 12.40 0.25 0.86
C GLY A 90 11.30 -0.77 1.21
N SER A 91 10.91 -0.87 2.48
CA SER A 91 9.74 -1.62 2.95
C SER A 91 8.44 -0.85 2.70
N TYR A 92 7.30 -1.57 2.69
CA TYR A 92 5.99 -0.98 2.34
C TYR A 92 4.78 -1.64 3.02
N PHE A 93 3.75 -0.84 3.33
CA PHE A 93 2.52 -1.28 4.01
C PHE A 93 1.29 -0.37 3.78
N GLY A 94 0.14 -0.75 4.37
CA GLY A 94 -1.18 -0.15 4.07
C GLY A 94 -2.35 -1.00 4.60
N GLU A 95 -3.44 -1.10 3.84
CA GLU A 95 -4.59 -1.99 4.16
C GLU A 95 -4.28 -3.48 3.81
N ILE A 96 -5.31 -4.33 3.72
CA ILE A 96 -5.21 -5.77 3.40
C ILE A 96 -4.66 -5.99 1.98
N CYS A 97 -5.17 -5.23 1.00
CA CYS A 97 -4.59 -5.10 -0.34
C CYS A 97 -5.04 -3.77 -0.99
N LEU A 98 -4.33 -3.25 -2.00
CA LEU A 98 -4.77 -2.10 -2.82
C LEU A 98 -6.16 -2.35 -3.47
N LEU A 99 -6.56 -3.63 -3.63
CA LEU A 99 -7.87 -4.06 -4.12
C LEU A 99 -9.00 -3.99 -3.08
N THR A 100 -8.68 -4.06 -1.79
CA THR A 100 -9.66 -4.06 -0.68
C THR A 100 -10.03 -2.64 -0.20
N ARG A 101 -11.16 -2.53 0.52
CA ARG A 101 -11.54 -1.36 1.32
C ARG A 101 -12.23 -1.78 2.62
N GLY A 102 -11.75 -1.34 3.79
CA GLY A 102 -12.33 -1.64 5.10
C GLY A 102 -11.47 -1.11 6.27
N ARG A 103 -12.06 -0.93 7.45
CA ARG A 103 -11.36 -0.43 8.66
C ARG A 103 -10.37 -1.44 9.25
N ARG A 104 -9.20 -1.55 8.61
CA ARG A 104 -8.05 -2.36 9.06
C ARG A 104 -7.49 -1.79 10.37
N THR A 105 -7.35 -2.63 11.40
CA THR A 105 -6.65 -2.27 12.65
C THR A 105 -5.16 -2.61 12.55
N ALA A 106 -4.31 -1.78 13.16
CA ALA A 106 -2.86 -1.82 12.98
C ALA A 106 -2.10 -1.28 14.22
N SER A 107 -0.81 -1.56 14.32
CA SER A 107 0.08 -1.04 15.36
C SER A 107 1.54 -1.08 14.88
N VAL A 108 2.00 -0.01 14.22
CA VAL A 108 3.40 0.13 13.79
C VAL A 108 3.92 1.55 14.05
N ARG A 109 5.14 1.66 14.58
CA ARG A 109 5.74 2.92 15.05
C ARG A 109 7.12 3.22 14.49
N ALA A 110 7.42 4.51 14.40
CA ALA A 110 8.70 5.03 13.91
C ALA A 110 9.82 4.72 14.91
N ASP A 111 10.86 4.00 14.49
CA ASP A 111 12.05 3.75 15.33
C ASP A 111 12.96 4.97 15.41
N THR A 112 12.87 5.79 14.36
CA THR A 112 13.69 6.99 14.13
C THR A 112 12.83 8.08 13.48
N TYR A 113 13.38 9.26 13.19
CA TYR A 113 12.73 10.28 12.35
C TYR A 113 12.58 9.68 10.94
N CYS A 114 11.40 9.13 10.63
CA CYS A 114 11.17 8.28 9.46
C CYS A 114 10.49 9.09 8.34
N ARG A 115 11.16 9.15 7.18
CA ARG A 115 10.70 9.77 5.93
C ARG A 115 9.85 8.78 5.16
N LEU A 116 8.56 9.04 5.11
CA LEU A 116 7.57 8.15 4.50
C LEU A 116 6.89 8.82 3.29
N TYR A 117 6.35 8.01 2.39
CA TYR A 117 5.42 8.42 1.34
C TYR A 117 3.97 8.13 1.80
N SER A 118 2.97 8.81 1.24
CA SER A 118 1.56 8.44 1.43
C SER A 118 0.69 8.72 0.20
N LEU A 119 -0.08 7.70 -0.22
CA LEU A 119 -0.85 7.69 -1.47
C LEU A 119 -2.19 6.94 -1.26
N SER A 120 -3.33 7.61 -1.48
CA SER A 120 -4.66 6.98 -1.37
C SER A 120 -4.98 6.05 -2.55
N VAL A 121 -5.68 4.93 -2.31
CA VAL A 121 -6.13 4.07 -3.42
C VAL A 121 -7.19 4.72 -4.29
N ASP A 122 -7.87 5.78 -3.83
CA ASP A 122 -8.73 6.56 -4.71
C ASP A 122 -7.90 7.22 -5.83
N ASN A 123 -6.68 7.66 -5.52
CA ASN A 123 -5.69 8.25 -6.42
C ASN A 123 -4.91 7.21 -7.26
N PHE A 124 -4.89 5.92 -6.88
CA PHE A 124 -4.54 4.74 -7.71
C PHE A 124 -5.66 4.41 -8.72
N ASN A 125 -6.90 4.29 -8.25
CA ASN A 125 -8.07 3.98 -9.09
C ASN A 125 -8.42 5.14 -10.05
N GLU A 126 -7.99 6.36 -9.74
CA GLU A 126 -8.01 7.56 -10.59
C GLU A 126 -7.02 7.50 -11.75
N VAL A 127 -5.78 7.04 -11.50
CA VAL A 127 -4.72 6.95 -12.52
C VAL A 127 -4.89 5.73 -13.44
N LEU A 128 -5.48 4.65 -12.94
CA LEU A 128 -5.87 3.49 -13.76
C LEU A 128 -6.69 3.90 -15.01
N GLU A 129 -7.59 4.86 -14.85
CA GLU A 129 -8.50 5.32 -15.90
C GLU A 129 -7.83 5.95 -17.13
N GLU A 130 -6.55 6.36 -17.02
CA GLU A 130 -5.75 6.88 -18.13
C GLU A 130 -5.13 5.79 -19.02
N TYR A 131 -5.11 4.55 -18.53
CA TYR A 131 -4.45 3.38 -19.11
C TYR A 131 -5.45 2.21 -19.24
N PRO A 132 -6.38 2.25 -20.21
CA PRO A 132 -7.50 1.32 -20.30
C PRO A 132 -7.19 -0.19 -20.28
N MET A 133 -5.98 -0.68 -20.63
CA MET A 133 -5.65 -2.10 -20.40
C MET A 133 -5.31 -2.41 -18.92
N MET A 134 -4.69 -1.46 -18.23
CA MET A 134 -4.38 -1.55 -16.80
C MET A 134 -5.67 -1.38 -15.99
N ARG A 135 -6.56 -0.46 -16.42
CA ARG A 135 -7.92 -0.32 -15.90
C ARG A 135 -8.65 -1.67 -15.90
N ARG A 136 -8.69 -2.34 -17.06
CA ARG A 136 -9.26 -3.68 -17.24
C ARG A 136 -8.63 -4.72 -16.30
N ALA A 137 -7.30 -4.71 -16.14
CA ALA A 137 -6.56 -5.66 -15.32
C ALA A 137 -7.00 -5.72 -13.84
N PHE A 138 -7.56 -4.63 -13.29
CA PHE A 138 -8.13 -4.59 -11.94
C PHE A 138 -9.66 -4.81 -11.85
N GLU A 139 -10.45 -4.42 -12.85
CA GLU A 139 -11.90 -4.70 -12.82
C GLU A 139 -12.23 -6.18 -13.12
N THR A 140 -11.36 -6.85 -13.89
CA THR A 140 -11.51 -8.27 -14.32
C THR A 140 -11.24 -9.26 -13.18
N VAL A 141 -10.63 -8.76 -12.10
CA VAL A 141 -10.36 -9.45 -10.83
C VAL A 141 -11.31 -8.99 -9.72
N ALA A 142 -11.69 -7.71 -9.70
CA ALA A 142 -12.67 -7.15 -8.75
C ALA A 142 -14.05 -7.82 -8.80
N ILE A 143 -14.46 -8.32 -9.98
CA ILE A 143 -15.70 -9.08 -10.20
C ILE A 143 -15.62 -10.55 -9.73
N ASP A 144 -14.40 -11.08 -9.54
CA ASP A 144 -14.08 -12.50 -9.54
C ASP A 144 -13.48 -13.00 -8.21
N ARG A 145 -12.61 -12.22 -7.57
CA ARG A 145 -11.79 -12.61 -6.42
C ARG A 145 -12.56 -12.83 -5.11
N LEU A 146 -13.72 -12.18 -4.94
CA LEU A 146 -14.32 -11.92 -3.62
C LEU A 146 -15.43 -12.91 -3.25
N ASP A 147 -16.29 -13.28 -4.21
CA ASP A 147 -17.44 -14.16 -3.97
C ASP A 147 -17.03 -15.60 -3.58
N ARG A 148 -17.97 -16.31 -2.94
CA ARG A 148 -17.82 -17.53 -2.14
C ARG A 148 -17.38 -18.83 -2.85
N ILE A 149 -17.02 -18.75 -4.13
CA ILE A 149 -16.50 -19.84 -4.95
C ILE A 149 -15.00 -20.05 -4.65
N GLY A 150 -14.59 -21.30 -4.65
CA GLY A 150 -13.21 -21.75 -4.49
C GLY A 150 -12.38 -21.49 -5.76
N LYS A 151 -11.31 -20.71 -5.66
CA LYS A 151 -10.56 -20.19 -6.81
C LYS A 151 -9.37 -21.11 -7.15
N LYS A 152 -9.22 -21.54 -8.41
CA LYS A 152 -8.07 -22.36 -8.82
C LYS A 152 -6.75 -21.56 -8.85
N ASN A 153 -6.83 -20.27 -9.13
CA ASN A 153 -5.72 -19.32 -9.10
C ASN A 153 -5.17 -19.10 -7.67
N SER A 154 -3.86 -19.27 -7.52
CA SER A 154 -3.11 -19.03 -6.27
C SER A 154 -2.69 -17.55 -6.12
N ILE A 155 -1.82 -17.25 -5.14
CA ILE A 155 -1.40 -15.88 -4.82
C ILE A 155 -0.58 -15.22 -5.95
N LEU A 156 -0.63 -13.89 -6.01
CA LEU A 156 0.01 -13.06 -7.02
C LEU A 156 1.51 -12.86 -6.71
N LEU A 157 2.33 -12.88 -7.76
CA LEU A 157 3.79 -12.77 -7.73
C LEU A 157 4.32 -12.01 -8.96
N HIS A 158 5.66 -11.85 -9.05
CA HIS A 158 6.40 -11.30 -10.18
C HIS A 158 6.60 -12.33 -11.29
N ASN A 20 14.91 7.82 -4.86
CA ASN A 20 14.45 6.63 -5.58
C ASN A 20 12.94 6.29 -5.46
N CYS A 21 12.06 7.29 -5.39
CA CYS A 21 10.61 7.07 -5.25
C CYS A 21 9.99 6.26 -6.42
N ARG A 22 10.50 6.40 -7.65
CA ARG A 22 10.04 5.64 -8.82
C ARG A 22 10.36 4.15 -8.68
N LYS A 23 11.60 3.78 -8.32
CA LYS A 23 11.99 2.40 -7.97
C LYS A 23 11.15 1.82 -6.83
N LEU A 24 10.74 2.66 -5.87
CA LEU A 24 10.05 2.21 -4.65
C LEU A 24 8.59 1.85 -4.91
N VAL A 25 7.88 2.56 -5.80
CA VAL A 25 6.55 2.12 -6.28
C VAL A 25 6.68 0.95 -7.26
N ALA A 26 7.68 0.97 -8.15
CA ALA A 26 7.90 -0.06 -9.17
C ALA A 26 8.32 -1.45 -8.62
N SER A 27 8.66 -1.55 -7.34
CA SER A 27 9.21 -2.76 -6.69
C SER A 27 8.18 -3.56 -5.89
N MET A 28 7.00 -2.98 -5.67
CA MET A 28 5.87 -3.61 -5.02
C MET A 28 5.39 -4.85 -5.80
N PRO A 29 4.89 -5.91 -5.14
CA PRO A 29 4.43 -7.12 -5.81
C PRO A 29 3.18 -6.89 -6.70
N LEU A 30 2.45 -5.80 -6.45
CA LEU A 30 1.34 -5.33 -7.29
C LEU A 30 1.81 -4.66 -8.59
N PHE A 31 3.10 -4.30 -8.67
CA PHE A 31 3.75 -3.55 -9.76
C PHE A 31 4.79 -4.39 -10.53
N ALA A 32 4.87 -5.69 -10.23
CA ALA A 32 5.80 -6.68 -10.80
C ALA A 32 5.97 -6.62 -12.33
N ASN A 33 4.87 -6.35 -13.07
CA ASN A 33 4.83 -6.27 -14.53
C ASN A 33 4.32 -4.91 -15.04
N ALA A 34 4.32 -3.90 -14.15
CA ALA A 34 3.81 -2.56 -14.44
C ALA A 34 4.48 -1.89 -15.66
N ASP A 35 3.67 -1.09 -16.37
CA ASP A 35 4.12 -0.20 -17.45
C ASP A 35 4.97 0.97 -16.87
N PRO A 36 6.20 1.21 -17.34
CA PRO A 36 7.13 2.19 -16.75
C PRO A 36 6.67 3.66 -16.84
N ASN A 37 5.62 3.96 -17.61
CA ASN A 37 4.99 5.28 -17.70
C ASN A 37 3.77 5.40 -16.77
N PHE A 38 3.03 4.29 -16.55
CA PHE A 38 1.93 4.20 -15.57
C PHE A 38 2.42 4.46 -14.15
N VAL A 39 3.52 3.81 -13.76
CA VAL A 39 4.09 3.90 -12.40
C VAL A 39 4.55 5.31 -12.04
N THR A 40 4.98 6.04 -13.07
CA THR A 40 5.41 7.44 -13.00
C THR A 40 4.23 8.41 -13.00
N ALA A 41 3.18 8.14 -13.79
CA ALA A 41 1.98 8.97 -13.85
C ALA A 41 1.25 9.04 -12.50
N MET A 42 1.49 8.05 -11.63
CA MET A 42 0.90 7.96 -10.29
C MET A 42 1.46 8.98 -9.29
N LEU A 43 2.65 9.52 -9.54
CA LEU A 43 3.40 10.38 -8.61
C LEU A 43 3.09 11.88 -8.78
N THR A 44 2.34 12.25 -9.83
CA THR A 44 2.24 13.64 -10.34
C THR A 44 1.69 14.69 -9.35
N LYS A 45 0.90 14.31 -8.33
CA LYS A 45 0.48 15.18 -7.21
C LYS A 45 0.79 14.63 -5.81
N LEU A 46 1.73 13.69 -5.70
CA LEU A 46 2.04 12.86 -4.53
C LEU A 46 2.58 13.67 -3.33
N LYS A 47 2.46 13.08 -2.14
CA LYS A 47 2.83 13.69 -0.86
C LYS A 47 3.61 12.73 0.05
N PHE A 48 4.42 13.28 0.96
CA PHE A 48 5.14 12.52 1.97
C PHE A 48 4.99 13.10 3.39
N GLU A 49 5.17 12.25 4.41
CA GLU A 49 4.99 12.54 5.84
C GLU A 49 6.11 11.87 6.67
N VAL A 50 6.55 12.52 7.75
CA VAL A 50 7.71 12.03 8.56
C VAL A 50 7.33 11.76 10.01
N PHE A 51 7.91 10.70 10.58
CA PHE A 51 7.87 10.37 12.01
C PHE A 51 9.27 10.30 12.62
N GLN A 52 9.41 10.74 13.88
CA GLN A 52 10.64 10.68 14.67
C GLN A 52 10.79 9.31 15.40
N PRO A 53 11.98 8.97 15.94
CA PRO A 53 12.24 7.68 16.57
C PRO A 53 11.30 7.35 17.75
N GLY A 54 10.69 6.17 17.73
CA GLY A 54 9.86 5.59 18.80
C GLY A 54 8.36 5.73 18.54
N ASP A 55 7.95 6.57 17.59
CA ASP A 55 6.57 7.03 17.46
C ASP A 55 5.69 6.01 16.71
N TYR A 56 4.52 5.71 17.27
CA TYR A 56 3.51 4.84 16.64
C TYR A 56 2.89 5.53 15.41
N ILE A 57 3.11 4.99 14.22
CA ILE A 57 2.83 5.67 12.94
C ILE A 57 1.36 5.58 12.48
N ILE A 58 0.64 4.54 12.88
CA ILE A 58 -0.68 4.15 12.36
C ILE A 58 -1.66 3.84 13.50
N ARG A 59 -2.88 4.38 13.41
CA ARG A 59 -4.04 3.99 14.22
C ARG A 59 -5.32 4.11 13.39
N GLU A 60 -5.85 2.96 12.95
CA GLU A 60 -7.08 2.85 12.17
C GLU A 60 -8.33 3.15 13.00
N GLY A 61 -9.33 3.74 12.36
CA GLY A 61 -10.62 4.09 12.95
C GLY A 61 -11.77 4.31 11.95
N THR A 62 -11.56 4.28 10.62
CA THR A 62 -12.65 4.57 9.68
C THR A 62 -12.42 4.00 8.26
N ILE A 63 -13.52 3.88 7.53
CA ILE A 63 -13.60 3.30 6.19
C ILE A 63 -12.74 4.06 5.17
N GLY A 64 -12.17 3.33 4.20
CA GLY A 64 -11.57 3.88 2.98
C GLY A 64 -10.05 4.01 3.03
N LYS A 65 -9.33 3.10 3.72
CA LYS A 65 -7.91 3.28 4.05
C LYS A 65 -7.01 3.38 2.79
N LYS A 66 -6.23 4.47 2.70
CA LYS A 66 -5.30 4.73 1.59
C LYS A 66 -3.90 4.13 1.80
N MET A 67 -3.03 4.29 0.79
CA MET A 67 -1.67 3.71 0.80
C MET A 67 -0.67 4.64 1.49
N TYR A 68 0.06 4.09 2.45
CA TYR A 68 1.26 4.67 3.04
C TYR A 68 2.42 3.68 2.90
N PHE A 69 3.62 4.14 2.56
CA PHE A 69 4.76 3.26 2.35
C PHE A 69 6.08 3.85 2.82
N ILE A 70 7.13 3.05 2.92
CA ILE A 70 8.40 3.50 3.50
C ILE A 70 9.29 4.09 2.41
N GLN A 71 9.45 5.41 2.43
CA GLN A 71 10.17 6.19 1.44
C GLN A 71 11.67 6.33 1.81
N HIS A 72 12.03 6.64 3.06
CA HIS A 72 13.40 6.46 3.57
C HIS A 72 13.45 6.31 5.11
N GLY A 73 13.80 5.13 5.63
CA GLY A 73 14.06 4.88 7.05
C GLY A 73 13.74 3.44 7.45
N VAL A 74 13.55 3.21 8.74
CA VAL A 74 13.35 1.88 9.35
C VAL A 74 12.20 1.93 10.37
N VAL A 75 11.43 0.86 10.49
CA VAL A 75 10.30 0.71 11.42
C VAL A 75 10.35 -0.61 12.18
N SER A 76 9.81 -0.62 13.40
CA SER A 76 9.43 -1.84 14.10
C SER A 76 7.91 -2.08 14.02
N VAL A 77 7.52 -3.12 13.30
CA VAL A 77 6.15 -3.66 13.30
C VAL A 77 5.95 -4.48 14.58
N LEU A 78 4.75 -4.45 15.13
CA LEU A 78 4.29 -5.41 16.14
C LEU A 78 3.23 -6.31 15.49
N THR A 79 3.23 -7.62 15.76
CA THR A 79 2.04 -8.45 15.53
C THR A 79 1.43 -8.85 16.87
N LYS A 80 0.10 -8.69 17.00
CA LYS A 80 -0.62 -8.65 18.29
C LYS A 80 -0.50 -9.89 19.17
N GLY A 81 -0.27 -11.07 18.59
CA GLY A 81 0.03 -12.31 19.32
C GLY A 81 1.49 -12.49 19.73
N ASN A 82 2.39 -11.66 19.20
CA ASN A 82 3.73 -12.07 18.78
C ASN A 82 4.80 -10.99 19.07
N LYS A 83 5.82 -10.89 18.21
CA LYS A 83 7.08 -10.14 18.39
C LYS A 83 7.19 -8.83 17.61
N GLU A 84 8.23 -8.07 17.91
CA GLU A 84 8.74 -6.99 17.06
C GLU A 84 9.38 -7.52 15.77
N MET A 85 9.08 -6.88 14.65
CA MET A 85 9.64 -7.18 13.31
C MET A 85 10.16 -5.92 12.60
N LYS A 86 11.45 -5.94 12.21
CA LYS A 86 12.15 -4.79 11.64
C LYS A 86 12.08 -4.71 10.11
N LEU A 87 11.48 -3.65 9.59
CA LEU A 87 11.27 -3.36 8.15
C LEU A 87 11.89 -2.01 7.76
N SER A 88 12.16 -1.80 6.46
CA SER A 88 12.89 -0.64 5.92
C SER A 88 12.29 -0.13 4.60
N ASP A 89 12.90 0.88 3.96
CA ASP A 89 12.53 1.38 2.64
C ASP A 89 12.16 0.28 1.64
N GLY A 90 11.03 0.47 0.93
CA GLY A 90 10.48 -0.52 0.01
C GLY A 90 9.52 -1.55 0.63
N SER A 91 9.28 -1.44 1.94
CA SER A 91 8.14 -2.04 2.63
C SER A 91 6.94 -1.08 2.61
N TYR A 92 5.72 -1.59 2.80
CA TYR A 92 4.50 -0.79 2.71
C TYR A 92 3.37 -1.30 3.61
N PHE A 93 2.46 -0.39 3.97
CA PHE A 93 1.30 -0.66 4.84
C PHE A 93 0.03 0.11 4.42
N GLY A 94 -1.04 -0.02 5.20
CA GLY A 94 -2.40 0.38 4.82
C GLY A 94 -3.13 -0.77 4.11
N GLU A 95 -2.76 -1.04 2.85
CA GLU A 95 -3.14 -2.20 2.00
C GLU A 95 -4.61 -2.69 2.06
N ILE A 96 -5.48 -2.17 1.19
CA ILE A 96 -6.78 -2.79 0.83
C ILE A 96 -6.97 -2.69 -0.70
N CYS A 97 -7.81 -3.54 -1.31
CA CYS A 97 -8.08 -3.51 -2.76
C CYS A 97 -8.67 -2.18 -3.24
N LEU A 98 -8.24 -1.73 -4.42
CA LEU A 98 -8.45 -0.35 -4.90
C LEU A 98 -9.92 0.00 -5.08
N LEU A 99 -10.74 -0.97 -5.46
CA LEU A 99 -12.19 -0.84 -5.57
C LEU A 99 -12.93 -0.80 -4.22
N THR A 100 -12.29 -1.19 -3.10
CA THR A 100 -12.99 -1.29 -1.80
C THR A 100 -13.35 0.05 -1.14
N ARG A 101 -14.25 -0.04 -0.15
CA ARG A 101 -14.41 0.90 0.98
C ARG A 101 -14.47 0.12 2.30
N GLY A 102 -13.41 0.15 3.12
CA GLY A 102 -13.32 -0.57 4.40
C GLY A 102 -12.20 -0.07 5.33
N ARG A 103 -12.23 -0.47 6.62
CA ARG A 103 -11.10 -0.37 7.57
C ARG A 103 -10.03 -1.45 7.33
N ARG A 104 -8.76 -1.15 7.61
CA ARG A 104 -7.72 -2.15 7.94
C ARG A 104 -6.82 -1.70 9.10
N THR A 105 -6.72 -2.48 10.18
CA THR A 105 -5.97 -2.11 11.40
C THR A 105 -4.58 -2.75 11.50
N ALA A 106 -3.65 -2.06 12.19
CA ALA A 106 -2.28 -2.51 12.46
C ALA A 106 -1.69 -1.90 13.75
N SER A 107 -0.55 -2.42 14.21
CA SER A 107 0.26 -1.86 15.30
C SER A 107 1.73 -1.78 14.89
N VAL A 108 2.24 -0.57 14.63
CA VAL A 108 3.61 -0.36 14.14
C VAL A 108 4.17 1.01 14.56
N ARG A 109 5.47 1.07 14.88
CA ARG A 109 6.20 2.29 15.33
C ARG A 109 7.56 2.46 14.63
N ALA A 110 8.10 3.67 14.63
CA ALA A 110 9.34 4.01 13.94
C ALA A 110 10.60 3.64 14.75
N ASP A 111 11.62 3.05 14.11
CA ASP A 111 12.93 2.77 14.76
C ASP A 111 13.78 4.04 14.89
N THR A 112 13.51 4.99 14.00
CA THR A 112 14.40 6.07 13.54
C THR A 112 13.56 7.20 12.93
N TYR A 113 14.15 8.35 12.59
CA TYR A 113 13.48 9.42 11.86
C TYR A 113 13.18 8.93 10.42
N CYS A 114 11.92 8.54 10.17
CA CYS A 114 11.51 7.81 8.97
C CYS A 114 10.58 8.65 8.09
N ARG A 115 10.93 8.75 6.80
CA ARG A 115 10.09 9.33 5.74
C ARG A 115 9.16 8.27 5.18
N LEU A 116 7.86 8.51 5.29
CA LEU A 116 6.81 7.74 4.66
C LEU A 116 6.21 8.53 3.49
N TYR A 117 5.61 7.84 2.52
CA TYR A 117 4.81 8.47 1.46
C TYR A 117 3.30 8.37 1.79
N SER A 118 2.44 9.15 1.13
CA SER A 118 0.98 9.05 1.26
C SER A 118 0.26 9.29 -0.09
N LEU A 119 -0.41 8.27 -0.64
CA LEU A 119 -1.13 8.35 -1.92
C LEU A 119 -2.55 7.77 -1.83
N SER A 120 -3.56 8.52 -2.30
CA SER A 120 -4.97 8.08 -2.29
C SER A 120 -5.29 7.05 -3.38
N VAL A 121 -6.10 6.03 -3.05
CA VAL A 121 -6.62 5.07 -4.05
C VAL A 121 -7.53 5.73 -5.07
N ASP A 122 -8.15 6.87 -4.76
CA ASP A 122 -8.95 7.62 -5.76
C ASP A 122 -8.07 8.29 -6.83
N ASN A 123 -6.78 8.50 -6.56
CA ASN A 123 -5.77 8.87 -7.56
C ASN A 123 -5.19 7.62 -8.25
N PHE A 124 -5.02 6.52 -7.52
CA PHE A 124 -4.56 5.22 -8.05
C PHE A 124 -5.55 4.66 -9.09
N ASN A 125 -6.85 4.62 -8.78
CA ASN A 125 -7.93 4.22 -9.70
C ASN A 125 -8.10 5.20 -10.90
N GLU A 126 -7.60 6.43 -10.76
CA GLU A 126 -7.63 7.51 -11.76
C GLU A 126 -6.50 7.34 -12.79
N VAL A 127 -5.28 7.02 -12.33
CA VAL A 127 -4.16 6.65 -13.22
C VAL A 127 -4.38 5.28 -13.86
N LEU A 128 -5.14 4.40 -13.20
CA LEU A 128 -5.69 3.15 -13.78
C LEU A 128 -6.44 3.36 -15.11
N GLU A 129 -7.14 4.48 -15.25
CA GLU A 129 -7.89 4.84 -16.47
C GLU A 129 -7.01 5.46 -17.57
N GLU A 130 -5.77 5.88 -17.29
CA GLU A 130 -4.82 6.38 -18.30
C GLU A 130 -4.09 5.23 -19.04
N TYR A 131 -4.08 4.04 -18.42
CA TYR A 131 -3.41 2.81 -18.87
C TYR A 131 -4.32 1.58 -18.60
N PRO A 132 -5.52 1.48 -19.22
CA PRO A 132 -6.57 0.52 -18.87
C PRO A 132 -6.19 -0.98 -18.93
N MET A 133 -5.08 -1.35 -19.56
CA MET A 133 -4.46 -2.68 -19.41
C MET A 133 -4.17 -3.01 -17.92
N MET A 134 -3.64 -2.05 -17.16
CA MET A 134 -3.28 -2.26 -15.75
C MET A 134 -4.52 -2.46 -14.87
N ARG A 135 -5.69 -1.93 -15.26
CA ARG A 135 -6.93 -2.01 -14.46
C ARG A 135 -7.36 -3.46 -14.24
N ARG A 136 -7.44 -4.27 -15.30
CA ARG A 136 -7.80 -5.71 -15.20
C ARG A 136 -6.80 -6.52 -14.35
N ALA A 137 -5.53 -6.16 -14.38
CA ALA A 137 -4.44 -6.75 -13.59
C ALA A 137 -4.57 -6.49 -12.08
N PHE A 138 -5.24 -5.40 -11.68
CA PHE A 138 -5.63 -5.09 -10.30
C PHE A 138 -7.03 -5.63 -9.89
N GLU A 139 -7.91 -5.91 -10.86
CA GLU A 139 -9.24 -6.51 -10.62
C GLU A 139 -9.22 -8.03 -10.45
N THR A 140 -8.25 -8.71 -11.06
CA THR A 140 -8.07 -10.17 -11.03
C THR A 140 -7.49 -10.64 -9.68
N VAL A 141 -6.47 -9.92 -9.19
CA VAL A 141 -5.85 -10.10 -7.87
C VAL A 141 -6.85 -9.83 -6.74
N ALA A 142 -7.74 -8.86 -6.91
CA ALA A 142 -8.79 -8.51 -5.96
C ALA A 142 -9.92 -9.57 -5.80
N ILE A 143 -9.78 -10.74 -6.43
CA ILE A 143 -10.48 -11.98 -6.04
C ILE A 143 -9.52 -13.16 -5.85
N ASP A 144 -8.49 -13.35 -6.68
CA ASP A 144 -7.53 -14.46 -6.54
C ASP A 144 -6.80 -14.44 -5.18
N ARG A 145 -6.45 -13.25 -4.67
CA ARG A 145 -5.77 -13.01 -3.38
C ARG A 145 -6.69 -13.17 -2.15
N LEU A 146 -7.99 -13.40 -2.37
CA LEU A 146 -9.02 -13.49 -1.32
C LEU A 146 -9.40 -14.93 -0.97
N ASP A 147 -8.94 -15.93 -1.74
CA ASP A 147 -9.31 -17.35 -1.58
C ASP A 147 -10.85 -17.57 -1.70
N ARG A 148 -11.41 -18.71 -1.22
CA ARG A 148 -12.83 -19.05 -1.41
C ARG A 148 -13.82 -18.09 -0.73
N ILE A 149 -13.36 -17.23 0.18
CA ILE A 149 -14.19 -16.27 0.91
C ILE A 149 -14.47 -14.98 0.13
N GLY A 150 -13.76 -14.75 -0.99
CA GLY A 150 -14.16 -13.78 -2.02
C GLY A 150 -15.38 -14.30 -2.79
N LYS A 151 -16.58 -13.89 -2.37
CA LYS A 151 -17.85 -14.58 -2.66
C LYS A 151 -19.06 -13.67 -2.97
N LYS A 152 -18.81 -12.45 -3.46
CA LYS A 152 -19.85 -11.43 -3.74
C LYS A 152 -20.93 -11.91 -4.72
N ASN A 153 -20.58 -12.70 -5.73
CA ASN A 153 -21.52 -13.25 -6.71
C ASN A 153 -21.04 -14.58 -7.31
N SER A 154 -21.96 -15.52 -7.56
CA SER A 154 -21.65 -16.78 -8.25
C SER A 154 -21.65 -16.64 -9.78
N ILE A 155 -22.78 -16.22 -10.36
CA ILE A 155 -23.06 -16.27 -11.81
C ILE A 155 -23.79 -15.01 -12.33
N LEU A 156 -23.77 -14.79 -13.65
CA LEU A 156 -24.37 -13.62 -14.31
C LEU A 156 -24.85 -13.90 -15.74
N LEU A 157 -25.67 -12.98 -16.27
CA LEU A 157 -26.32 -13.07 -17.59
C LEU A 157 -25.33 -13.03 -18.77
N HIS A 158 -25.79 -13.55 -19.91
CA HIS A 158 -25.19 -13.52 -21.24
C HIS A 158 -24.93 -12.09 -21.75
#